data_6XUL
#
_entry.id   6XUL
#
_cell.length_a   155.018
_cell.length_b   155.018
_cell.length_c   121.781
_cell.angle_alpha   90.000
_cell.angle_beta   90.000
_cell.angle_gamma   120.000
#
_symmetry.space_group_name_H-M   'P 32'
#
loop_
_entity.id
_entity.type
_entity.pdbx_description
1 polymer 'Heavy chain'
2 polymer 'Light chain'
3 water water
#
loop_
_entity_poly.entity_id
_entity_poly.type
_entity_poly.pdbx_seq_one_letter_code
_entity_poly.pdbx_strand_id
1 'polypeptide(L)'
;QVQLVESGGGSVQPGRSLRLSCEASGFTFEAYAMHWVRQPPGKGLEWVSSINWNSGRIAYADSVKGRFTISRDNARNSLY
LQMNSLRLEDTAFYYCAKDIRRFSTGGAEFEYWGQGTLVTVSSASTKGPSVFPLAPSSKSTSGGTAALGCLVKDYFPEPV
TVSWNSGALTSGVHTFPAVLQSSGLYSLSSVVTVPSSSLGTQTYICNVNHKPSNTKVDKRVEPKSCDKTH
;
A,C,E,G,J,H
2 'polypeptide(L)'
;QSVLTQPPSASGTPGQRVTISCSGSSSNIGSNFVYWYQQLPGTAPKLLIYRNNQRPSGVPDRFSGSRSGTSASLAISGLR
SEDEADYYCAAWDDSLGGHYVFGTGTKVTVLRTVAAPSVFIFPPSDEQLKSGTASVVCLLNNFYPREAKVQWKVDNALQS
GNSQESVTEQDSKDSTYSLSSTLTLSKADYEKHKVYACEVTHQGLSSPVTKSFNRGEC
;
B,D,F,I,K,L
#
# COMPACT_ATOMS: atom_id res chain seq x y z
N GLN A 1 3.47 18.55 -11.90
CA GLN A 1 2.15 18.56 -11.28
C GLN A 1 1.54 19.98 -11.21
N VAL A 2 0.27 20.04 -11.62
CA VAL A 2 -0.43 21.31 -11.69
C VAL A 2 -0.54 21.90 -10.30
N GLN A 3 -0.37 23.22 -10.23
CA GLN A 3 -0.47 23.98 -8.98
C GLN A 3 -1.19 25.28 -9.27
N LEU A 4 -2.08 25.67 -8.36
CA LEU A 4 -2.85 26.90 -8.49
C LEU A 4 -2.92 27.52 -7.10
N VAL A 5 -2.41 28.73 -6.96
CA VAL A 5 -2.43 29.42 -5.67
C VAL A 5 -3.07 30.77 -5.81
N GLU A 6 -4.26 30.91 -5.24
CA GLU A 6 -4.96 32.17 -5.12
C GLU A 6 -4.41 32.99 -3.98
N SER A 7 -4.53 34.31 -4.10
CA SER A 7 -4.23 35.20 -3.00
C SER A 7 -5.06 36.46 -3.19
N GLY A 8 -4.93 37.39 -2.25
CA GLY A 8 -5.65 38.63 -2.27
C GLY A 8 -6.85 38.68 -1.33
N GLY A 9 -7.23 37.54 -0.75
CA GLY A 9 -8.33 37.49 0.19
C GLY A 9 -8.00 38.18 1.51
N GLY A 10 -8.98 38.19 2.38
CA GLY A 10 -8.96 38.93 3.61
C GLY A 10 -10.31 39.56 3.82
N SER A 11 -10.39 40.57 4.70
CA SER A 11 -11.66 41.26 4.85
C SER A 11 -11.61 42.58 4.09
N VAL A 12 -12.78 43.02 3.67
CA VAL A 12 -12.96 44.26 2.94
C VAL A 12 -14.34 44.80 3.32
N GLN A 13 -14.44 46.12 3.36
CA GLN A 13 -15.68 46.79 3.72
C GLN A 13 -16.69 46.68 2.57
N PRO A 14 -17.98 46.55 2.90
CA PRO A 14 -19.01 46.56 1.86
C PRO A 14 -18.94 47.84 1.03
N GLY A 15 -19.16 47.70 -0.27
CA GLY A 15 -19.07 48.81 -1.19
C GLY A 15 -17.70 49.03 -1.78
N ARG A 16 -16.68 48.42 -1.21
CA ARG A 16 -15.33 48.69 -1.68
C ARG A 16 -14.87 47.59 -2.65
N SER A 17 -13.59 47.61 -2.99
CA SER A 17 -13.00 46.84 -4.07
C SER A 17 -11.95 45.88 -3.51
N LEU A 18 -11.69 44.81 -4.25
CA LEU A 18 -10.66 43.84 -3.89
C LEU A 18 -10.23 43.09 -5.14
N ARG A 19 -8.93 42.95 -5.36
CA ARG A 19 -8.43 42.26 -6.54
C ARG A 19 -7.79 40.95 -6.14
N LEU A 20 -8.31 39.85 -6.67
CA LEU A 20 -7.76 38.54 -6.39
C LEU A 20 -6.85 38.09 -7.51
N SER A 21 -5.86 37.28 -7.18
CA SER A 21 -4.91 36.74 -8.13
C SER A 21 -4.75 35.24 -7.95
N CYS A 22 -4.32 34.60 -9.03
CA CYS A 22 -4.04 33.19 -9.01
C CYS A 22 -2.71 32.95 -9.72
N GLU A 23 -1.81 32.26 -9.05
CA GLU A 23 -0.55 31.86 -9.66
C GLU A 23 -0.64 30.40 -10.09
N ALA A 24 -0.23 30.12 -11.33
CA ALA A 24 -0.32 28.80 -11.93
C ALA A 24 1.06 28.29 -12.32
N SER A 25 1.26 26.98 -12.20
CA SER A 25 2.46 26.31 -12.69
C SER A 25 2.16 24.84 -12.97
N GLY A 26 3.08 24.16 -13.66
CA GLY A 26 2.93 22.77 -13.95
C GLY A 26 2.09 22.44 -15.17
N PHE A 27 1.72 23.44 -15.97
CA PHE A 27 1.10 23.19 -17.26
C PHE A 27 1.35 24.41 -18.13
N THR A 28 0.96 24.32 -19.41
CA THR A 28 1.13 25.43 -20.35
C THR A 28 -0.06 26.38 -20.20
N PHE A 29 0.13 27.37 -19.35
CA PHE A 29 -0.97 28.24 -18.93
C PHE A 29 -1.67 28.89 -20.12
N GLU A 30 -0.89 29.32 -21.12
CA GLU A 30 -1.44 30.05 -22.26
C GLU A 30 -2.22 29.18 -23.22
N ALA A 31 -2.37 27.88 -22.96
CA ALA A 31 -3.17 27.01 -23.81
C ALA A 31 -4.57 26.74 -23.28
N TYR A 32 -4.90 27.23 -22.08
CA TYR A 32 -6.10 26.80 -21.35
C TYR A 32 -6.97 27.97 -20.91
N ALA A 33 -8.27 27.83 -21.12
CA ALA A 33 -9.23 28.72 -20.45
C ALA A 33 -9.15 28.56 -18.95
N MET A 34 -9.39 29.66 -18.24
CA MET A 34 -9.32 29.68 -16.78
C MET A 34 -10.62 30.25 -16.24
N HIS A 35 -10.93 29.88 -14.99
CA HIS A 35 -12.24 30.15 -14.40
C HIS A 35 -12.09 30.53 -12.94
N TRP A 36 -13.05 31.34 -12.47
CA TRP A 36 -13.26 31.58 -11.04
C TRP A 36 -14.56 30.94 -10.61
N VAL A 37 -14.51 30.23 -9.49
CA VAL A 37 -15.67 29.62 -8.84
C VAL A 37 -15.63 30.03 -7.38
N ARG A 38 -16.80 30.29 -6.79
CA ARG A 38 -16.79 30.69 -5.40
C ARG A 38 -17.78 29.86 -4.59
N GLN A 39 -17.57 29.91 -3.28
CA GLN A 39 -18.33 29.14 -2.31
C GLN A 39 -18.41 29.88 -0.98
N PRO A 40 -19.56 30.45 -0.63
CA PRO A 40 -19.67 31.05 0.69
C PRO A 40 -19.54 29.96 1.76
N PRO A 41 -18.90 30.28 2.88
CA PRO A 41 -18.53 29.22 3.83
C PRO A 41 -19.77 28.44 4.29
N GLY A 42 -19.65 27.11 4.28
CA GLY A 42 -20.75 26.23 4.61
C GLY A 42 -21.82 26.09 3.56
N LYS A 43 -21.58 26.53 2.32
CA LYS A 43 -22.65 26.52 1.33
C LYS A 43 -22.14 25.80 0.09
N GLY A 44 -22.87 25.98 -1.02
CA GLY A 44 -22.55 25.33 -2.27
C GLY A 44 -21.65 26.17 -3.14
N LEU A 45 -21.63 25.82 -4.43
CA LEU A 45 -20.69 26.30 -5.40
C LEU A 45 -21.39 27.15 -6.45
N GLU A 46 -20.70 28.19 -6.91
CA GLU A 46 -21.28 29.12 -7.87
C GLU A 46 -20.17 29.59 -8.79
N TRP A 47 -20.34 29.32 -10.08
CA TRP A 47 -19.36 29.81 -11.04
C TRP A 47 -19.43 31.33 -11.12
N VAL A 48 -18.27 31.96 -11.16
CA VAL A 48 -18.18 33.42 -11.19
C VAL A 48 -17.86 33.94 -12.59
N SER A 49 -16.82 33.42 -13.23
CA SER A 49 -16.33 34.03 -14.46
C SER A 49 -15.37 33.09 -15.17
N SER A 50 -15.25 33.29 -16.51
CA SER A 50 -14.39 32.50 -17.38
C SER A 50 -13.66 33.39 -18.39
N ILE A 51 -12.43 33.01 -18.73
CA ILE A 51 -11.68 33.71 -19.76
C ILE A 51 -10.86 32.69 -20.54
N ASN A 52 -10.93 32.76 -21.86
CA ASN A 52 -10.25 31.77 -22.68
C ASN A 52 -8.77 32.14 -22.85
N TRP A 53 -8.05 31.27 -23.56
CA TRP A 53 -6.58 31.30 -23.57
C TRP A 53 -6.02 32.65 -24.00
N ASN A 54 -6.68 33.33 -24.93
CA ASN A 54 -6.13 34.57 -25.48
C ASN A 54 -6.94 35.79 -25.08
N SER A 55 -7.81 35.66 -24.08
CA SER A 55 -8.69 36.70 -23.55
C SER A 55 -9.70 37.20 -24.58
N GLY A 56 -9.80 36.58 -25.75
CA GLY A 56 -10.82 36.97 -26.73
C GLY A 56 -12.26 36.65 -26.33
N ARG A 57 -12.45 35.74 -25.37
CA ARG A 57 -13.77 35.35 -24.93
C ARG A 57 -13.85 35.44 -23.41
N ILE A 58 -14.85 36.16 -22.91
CA ILE A 58 -15.02 36.39 -21.48
C ILE A 58 -16.49 36.26 -21.13
N ALA A 59 -16.78 35.55 -20.05
CA ALA A 59 -18.15 35.36 -19.57
C ALA A 59 -18.23 35.63 -18.07
N TYR A 60 -19.41 36.09 -17.61
CA TYR A 60 -19.68 36.34 -16.19
C TYR A 60 -21.04 35.79 -15.81
N ALA A 61 -21.16 35.34 -14.57
CA ALA A 61 -22.48 35.04 -13.99
C ALA A 61 -23.26 36.33 -13.77
N ASP A 62 -24.58 36.24 -13.89
CA ASP A 62 -25.40 37.45 -13.77
C ASP A 62 -25.20 38.13 -12.43
N SER A 63 -24.94 37.36 -11.38
CA SER A 63 -24.80 37.92 -10.05
C SER A 63 -23.60 38.85 -9.93
N VAL A 64 -22.66 38.80 -10.86
CA VAL A 64 -21.48 39.65 -10.78
C VAL A 64 -21.28 40.53 -12.01
N LYS A 65 -22.03 40.32 -13.08
CA LYS A 65 -21.85 41.09 -14.31
C LYS A 65 -21.99 42.58 -13.99
N GLY A 66 -21.06 43.37 -14.54
CA GLY A 66 -21.01 44.78 -14.28
C GLY A 66 -20.17 45.17 -13.09
N ARG A 67 -19.86 44.24 -12.20
CA ARG A 67 -19.06 44.53 -11.00
C ARG A 67 -17.68 43.93 -11.04
N PHE A 68 -17.54 42.75 -11.63
CA PHE A 68 -16.28 42.02 -11.61
C PHE A 68 -15.64 42.10 -12.99
N THR A 69 -14.32 42.12 -13.03
CA THR A 69 -13.59 42.07 -14.29
C THR A 69 -12.51 40.99 -14.15
N ILE A 70 -12.55 40.01 -15.07
CA ILE A 70 -11.59 38.92 -15.14
C ILE A 70 -10.53 39.28 -16.19
N SER A 71 -9.32 38.78 -15.99
CA SER A 71 -8.23 39.08 -16.90
C SER A 71 -7.10 38.13 -16.58
N ARG A 72 -6.12 38.07 -17.47
CA ARG A 72 -5.01 37.16 -17.28
C ARG A 72 -3.77 37.75 -17.90
N ASP A 73 -2.61 37.25 -17.49
CA ASP A 73 -1.33 37.66 -18.04
C ASP A 73 -0.58 36.36 -18.34
N ASN A 74 -0.59 35.96 -19.61
CA ASN A 74 0.07 34.72 -19.96
C ASN A 74 1.56 34.75 -19.68
N ALA A 75 2.20 35.91 -19.85
CA ALA A 75 3.65 35.98 -19.59
C ALA A 75 3.98 35.70 -18.12
N ARG A 76 3.05 35.94 -17.20
CA ARG A 76 3.28 35.75 -15.79
C ARG A 76 2.48 34.60 -15.20
N ASN A 77 1.89 33.73 -16.03
CA ASN A 77 1.13 32.56 -15.58
C ASN A 77 0.11 32.92 -14.52
N SER A 78 -0.63 34.00 -14.76
CA SER A 78 -1.42 34.61 -13.71
C SER A 78 -2.82 34.92 -14.19
N LEU A 79 -3.80 34.65 -13.34
CA LEU A 79 -5.19 34.96 -13.56
C LEU A 79 -5.66 35.95 -12.48
N TYR A 80 -6.51 36.90 -12.86
CA TYR A 80 -6.89 38.01 -11.99
C TYR A 80 -8.41 38.19 -11.94
N LEU A 81 -8.90 38.70 -10.83
CA LEU A 81 -10.32 38.98 -10.72
C LEU A 81 -10.44 40.26 -9.90
N GLN A 82 -10.76 41.35 -10.60
CA GLN A 82 -11.00 42.63 -9.95
C GLN A 82 -12.47 42.68 -9.53
N MET A 83 -12.71 42.78 -8.23
CA MET A 83 -14.07 42.82 -7.71
C MET A 83 -14.37 44.20 -7.15
N ASN A 84 -15.47 44.80 -7.60
CA ASN A 84 -15.90 46.12 -7.18
C ASN A 84 -17.27 46.04 -6.54
N SER A 85 -17.62 47.11 -5.82
CA SER A 85 -18.89 47.23 -5.13
C SER A 85 -19.28 45.93 -4.43
N LEU A 86 -18.39 45.48 -3.54
CA LEU A 86 -18.59 44.20 -2.86
C LEU A 86 -19.73 44.30 -1.86
N ARG A 87 -20.52 43.23 -1.78
CA ARG A 87 -21.61 43.12 -0.83
C ARG A 87 -21.33 41.95 0.09
N LEU A 88 -22.04 41.93 1.23
CA LEU A 88 -21.84 40.84 2.19
C LEU A 88 -22.00 39.49 1.52
N GLU A 89 -22.98 39.35 0.64
CA GLU A 89 -23.24 38.04 0.05
C GLU A 89 -22.15 37.61 -0.93
N ASP A 90 -21.17 38.47 -1.23
CA ASP A 90 -19.98 38.08 -1.98
C ASP A 90 -18.94 37.38 -1.10
N THR A 91 -19.19 37.30 0.22
CA THR A 91 -18.30 36.58 1.13
C THR A 91 -18.23 35.12 0.72
N ALA A 92 -17.01 34.60 0.55
CA ALA A 92 -16.84 33.30 -0.08
C ALA A 92 -15.38 32.94 -0.26
N PHE A 93 -15.10 31.65 -0.32
CA PHE A 93 -13.84 31.17 -0.85
C PHE A 93 -13.88 31.35 -2.37
N TYR A 94 -12.88 32.04 -2.91
CA TYR A 94 -12.74 32.20 -4.34
C TYR A 94 -11.70 31.20 -4.85
N TYR A 95 -12.12 30.34 -5.78
CA TYR A 95 -11.25 29.33 -6.37
C TYR A 95 -10.93 29.65 -7.81
N CYS A 96 -9.67 29.44 -8.13
CA CYS A 96 -9.13 29.44 -9.47
C CYS A 96 -9.21 28.03 -10.05
N ALA A 97 -9.61 27.91 -11.31
CA ALA A 97 -9.76 26.59 -11.93
C ALA A 97 -9.26 26.58 -13.37
N LYS A 98 -8.56 25.51 -13.73
CA LYS A 98 -8.02 25.30 -15.05
C LYS A 98 -8.94 24.38 -15.83
N ASP A 99 -9.26 24.76 -17.07
CA ASP A 99 -10.13 23.96 -17.90
C ASP A 99 -9.43 22.64 -18.29
N ILE A 100 -10.25 21.63 -18.61
CA ILE A 100 -9.73 20.35 -19.07
C ILE A 100 -9.30 20.39 -20.54
N ARG A 101 -9.96 21.23 -21.35
CA ARG A 101 -9.73 21.32 -22.79
C ARG A 101 -8.70 22.40 -23.13
N ARG A 102 -7.88 22.13 -24.14
CA ARG A 102 -6.99 23.14 -24.71
C ARG A 102 -7.74 24.00 -25.74
N PHE A 103 -7.57 25.32 -25.64
CA PHE A 103 -7.97 26.30 -26.69
C PHE A 103 -9.49 26.33 -26.92
N SER A 104 -10.28 25.96 -25.92
CA SER A 104 -11.73 26.02 -26.03
C SER A 104 -12.18 27.48 -26.09
N THR A 105 -13.46 27.70 -26.44
CA THR A 105 -13.96 29.07 -26.38
C THR A 105 -15.22 29.22 -25.55
N GLY A 106 -16.06 28.20 -25.47
CA GLY A 106 -17.32 28.31 -24.79
C GLY A 106 -17.37 27.39 -23.58
N GLY A 107 -18.36 27.66 -22.73
CA GLY A 107 -18.61 26.86 -21.56
C GLY A 107 -17.43 26.82 -20.62
N ALA A 108 -17.25 25.68 -19.98
CA ALA A 108 -16.39 25.59 -18.81
C ALA A 108 -16.38 24.16 -18.29
N GLU A 109 -15.21 23.54 -18.24
CA GLU A 109 -15.05 22.25 -17.59
C GLU A 109 -13.89 22.38 -16.62
N PHE A 110 -14.17 22.18 -15.33
CA PHE A 110 -13.21 22.48 -14.27
C PHE A 110 -12.40 21.24 -13.94
N GLU A 111 -11.12 21.25 -14.34
CA GLU A 111 -10.24 20.11 -14.08
C GLU A 111 -9.49 20.22 -12.76
N TYR A 112 -8.72 21.29 -12.56
CA TYR A 112 -7.96 21.51 -11.33
C TYR A 112 -8.35 22.81 -10.66
N TRP A 113 -8.39 22.80 -9.34
CA TRP A 113 -8.77 23.97 -8.56
C TRP A 113 -7.63 24.31 -7.61
N GLY A 114 -7.38 25.61 -7.42
CA GLY A 114 -6.59 26.03 -6.28
C GLY A 114 -7.34 25.82 -4.99
N GLN A 115 -6.60 25.85 -3.87
CA GLN A 115 -7.25 25.65 -2.57
C GLN A 115 -8.11 26.84 -2.15
N GLY A 116 -8.00 27.98 -2.82
CA GLY A 116 -8.93 29.08 -2.64
C GLY A 116 -8.43 30.14 -1.67
N THR A 117 -8.91 31.36 -1.84
CA THR A 117 -8.64 32.45 -0.91
C THR A 117 -9.97 32.97 -0.37
N LEU A 118 -10.06 33.15 0.94
CA LEU A 118 -11.33 33.53 1.57
C LEU A 118 -11.49 35.05 1.56
N VAL A 119 -12.60 35.51 1.00
CA VAL A 119 -12.94 36.92 0.98
C VAL A 119 -14.08 37.15 1.98
N THR A 120 -13.82 37.99 2.98
CA THR A 120 -14.80 38.32 4.00
C THR A 120 -15.24 39.75 3.79
N VAL A 121 -16.48 39.96 3.37
CA VAL A 121 -17.01 41.30 3.21
C VAL A 121 -17.74 41.68 4.49
N SER A 122 -17.22 42.69 5.21
CA SER A 122 -17.69 43.02 6.55
C SER A 122 -17.35 44.45 6.92
N SER A 123 -18.15 45.00 7.84
CA SER A 123 -17.85 46.25 8.51
C SER A 123 -16.78 46.11 9.58
N ALA A 124 -16.55 44.91 10.08
CA ALA A 124 -15.59 44.73 11.16
C ALA A 124 -14.17 44.97 10.64
N SER A 125 -13.30 45.40 11.53
CA SER A 125 -11.91 45.61 11.16
C SER A 125 -11.07 44.37 11.48
N THR A 126 -9.96 44.25 10.77
CA THR A 126 -9.05 43.12 10.93
C THR A 126 -8.39 43.15 12.29
N LYS A 127 -8.32 42.00 12.94
CA LYS A 127 -7.73 41.91 14.29
C LYS A 127 -7.03 40.57 14.46
N GLY A 128 -5.78 40.62 14.93
CA GLY A 128 -5.03 39.42 15.21
C GLY A 128 -5.51 38.70 16.45
N PRO A 129 -5.22 37.41 16.54
CA PRO A 129 -5.67 36.60 17.68
C PRO A 129 -4.76 36.72 18.89
N SER A 130 -5.31 36.32 20.03
CA SER A 130 -4.50 35.93 21.17
C SER A 130 -4.45 34.42 21.25
N VAL A 131 -3.33 33.89 21.72
CA VAL A 131 -3.13 32.44 21.82
C VAL A 131 -2.88 32.08 23.27
N PHE A 132 -3.76 31.25 23.83
CA PHE A 132 -3.64 30.83 25.22
C PHE A 132 -3.45 29.32 25.28
N PRO A 133 -2.77 28.81 26.29
CA PRO A 133 -2.57 27.36 26.39
C PRO A 133 -3.78 26.69 27.04
N LEU A 134 -4.12 25.53 26.51
CA LEU A 134 -5.01 24.59 27.18
C LEU A 134 -4.06 23.54 27.78
N ALA A 135 -3.72 23.72 29.06
CA ALA A 135 -2.64 22.91 29.65
C ALA A 135 -3.16 21.54 30.07
N PRO A 136 -2.36 20.47 29.86
CA PRO A 136 -2.69 19.06 30.15
C PRO A 136 -3.37 18.85 31.51
N GLY A 144 -4.49 6.93 30.82
CA GLY A 144 -3.26 6.79 30.06
C GLY A 144 -2.98 7.91 29.07
N THR A 145 -4.05 8.59 28.62
CA THR A 145 -3.97 9.61 27.60
C THR A 145 -4.20 10.99 28.20
N ALA A 146 -3.44 11.99 27.71
CA ALA A 146 -3.59 13.37 28.12
C ALA A 146 -3.97 14.24 26.93
N ALA A 147 -4.83 15.22 27.19
CA ALA A 147 -5.20 16.21 26.20
C ALA A 147 -4.56 17.55 26.53
N LEU A 148 -4.09 18.23 25.50
CA LEU A 148 -3.64 19.61 25.61
C LEU A 148 -3.99 20.32 24.32
N GLY A 149 -3.85 21.64 24.32
CA GLY A 149 -4.09 22.36 23.09
C GLY A 149 -3.80 23.83 23.28
N CYS A 150 -4.24 24.62 22.30
CA CYS A 150 -4.21 26.05 22.49
CA CYS A 150 -4.17 26.07 22.36
C CYS A 150 -5.56 26.63 22.07
N LEU A 151 -5.86 27.76 22.69
CA LEU A 151 -7.08 28.52 22.46
C LEU A 151 -6.69 29.79 21.70
N VAL A 152 -7.26 29.96 20.51
CA VAL A 152 -6.95 31.04 19.59
C VAL A 152 -8.19 31.93 19.54
N LYS A 153 -8.15 33.05 20.27
CA LYS A 153 -9.33 33.81 20.63
C LYS A 153 -9.28 35.24 20.09
N ASP A 154 -10.44 35.72 19.64
CA ASP A 154 -10.68 37.14 19.40
C ASP A 154 -9.93 37.68 18.18
N TYR A 155 -10.14 37.06 17.02
CA TYR A 155 -9.52 37.51 15.78
C TYR A 155 -10.58 37.78 14.72
N PHE A 156 -10.17 38.49 13.68
CA PHE A 156 -11.06 38.72 12.55
C PHE A 156 -10.25 39.14 11.35
N PRO A 157 -10.59 38.67 10.13
CA PRO A 157 -11.61 37.69 9.79
C PRO A 157 -11.02 36.29 9.81
N GLU A 158 -11.82 35.29 9.44
CA GLU A 158 -11.26 33.99 9.19
C GLU A 158 -10.27 34.06 8.01
N PRO A 159 -9.36 33.09 7.88
CA PRO A 159 -9.11 31.89 8.67
C PRO A 159 -7.85 31.98 9.53
N VAL A 160 -7.75 31.11 10.53
CA VAL A 160 -6.47 30.76 11.12
C VAL A 160 -6.20 29.31 10.78
N THR A 161 -4.93 29.00 10.59
CA THR A 161 -4.44 27.63 10.50
C THR A 161 -3.61 27.34 11.74
N VAL A 162 -3.59 26.08 12.15
CA VAL A 162 -2.84 25.66 13.34
C VAL A 162 -2.09 24.37 13.02
N SER A 163 -0.78 24.37 13.23
CA SER A 163 -0.02 23.15 13.20
C SER A 163 0.57 22.89 14.59
N TRP A 164 1.09 21.69 14.78
CA TRP A 164 1.75 21.34 16.02
C TRP A 164 3.16 20.85 15.75
N ASN A 165 4.10 21.33 16.56
CA ASN A 165 5.52 21.06 16.40
C ASN A 165 5.90 21.16 14.93
N SER A 166 5.35 22.21 14.28
CA SER A 166 5.70 22.57 12.92
C SER A 166 5.37 21.47 11.92
N GLY A 167 4.30 20.72 12.17
CA GLY A 167 3.90 19.66 11.27
C GLY A 167 4.46 18.30 11.62
N ALA A 168 5.36 18.23 12.60
CA ALA A 168 5.84 16.93 13.06
C ALA A 168 4.80 16.17 13.89
N LEU A 169 3.76 16.84 14.37
CA LEU A 169 2.72 16.21 15.19
C LEU A 169 1.38 16.42 14.50
N THR A 170 0.85 15.35 13.92
CA THR A 170 -0.46 15.35 13.27
C THR A 170 -1.42 14.34 13.89
N SER A 171 -0.91 13.22 14.36
CA SER A 171 -1.79 12.19 14.89
C SER A 171 -2.44 12.70 16.17
N GLY A 172 -3.76 12.58 16.26
CA GLY A 172 -4.50 12.98 17.43
C GLY A 172 -4.96 14.43 17.45
N VAL A 173 -4.70 15.20 16.40
CA VAL A 173 -4.96 16.63 16.43
C VAL A 173 -6.39 16.91 15.98
N HIS A 174 -7.12 17.72 16.74
CA HIS A 174 -8.40 18.25 16.29
C HIS A 174 -8.35 19.76 16.38
N THR A 175 -8.33 20.41 15.23
CA THR A 175 -8.48 21.86 15.18
C THR A 175 -9.94 22.13 14.84
N PHE A 176 -10.64 22.78 15.76
CA PHE A 176 -12.08 22.89 15.63
C PHE A 176 -12.47 24.03 14.68
N PRO A 177 -13.56 23.87 13.96
CA PRO A 177 -14.10 24.99 13.17
C PRO A 177 -14.30 26.22 14.06
N ALA A 178 -13.98 27.38 13.51
CA ALA A 178 -14.12 28.58 14.30
C ALA A 178 -15.58 28.87 14.51
N VAL A 179 -15.87 29.63 15.57
CA VAL A 179 -17.20 30.12 15.84
C VAL A 179 -17.12 31.63 16.03
N LEU A 180 -18.16 32.32 15.58
CA LEU A 180 -18.27 33.76 15.79
C LEU A 180 -18.87 34.02 17.17
N GLN A 181 -18.15 34.78 17.99
CA GLN A 181 -18.62 35.13 19.31
C GLN A 181 -19.63 36.28 19.24
N SER A 182 -20.38 36.48 20.32
CA SER A 182 -21.33 37.59 20.33
C SER A 182 -20.64 38.93 20.14
N SER A 183 -19.34 39.02 20.43
CA SER A 183 -18.53 40.22 20.24
C SER A 183 -18.21 40.54 18.79
N GLY A 184 -18.53 39.67 17.85
CA GLY A 184 -18.13 39.87 16.47
C GLY A 184 -16.74 39.37 16.14
N LEU A 185 -16.00 38.84 17.10
CA LEU A 185 -14.70 38.24 16.85
C LEU A 185 -14.81 36.71 16.82
N TYR A 186 -13.94 36.06 16.05
CA TYR A 186 -13.89 34.61 16.00
C TYR A 186 -13.05 34.04 17.13
N SER A 187 -13.28 32.76 17.40
CA SER A 187 -12.49 32.01 18.36
C SER A 187 -12.45 30.54 17.91
N LEU A 188 -11.35 29.85 18.22
CA LEU A 188 -11.31 28.40 18.02
C LEU A 188 -10.27 27.77 18.94
N SER A 189 -10.38 26.46 19.07
CA SER A 189 -9.38 25.68 19.78
C SER A 189 -8.80 24.61 18.86
N SER A 190 -7.50 24.36 19.01
CA SER A 190 -6.86 23.18 18.48
C SER A 190 -6.35 22.34 19.65
N VAL A 191 -6.73 21.07 19.69
CA VAL A 191 -6.29 20.18 20.76
C VAL A 191 -5.63 18.96 20.15
N VAL A 192 -4.89 18.25 21.00
CA VAL A 192 -4.27 16.98 20.63
C VAL A 192 -4.21 16.10 21.87
N THR A 193 -4.47 14.80 21.66
CA THR A 193 -4.29 13.79 22.69
C THR A 193 -2.97 13.09 22.44
N VAL A 194 -2.21 12.88 23.52
CA VAL A 194 -0.86 12.35 23.48
C VAL A 194 -0.67 11.44 24.69
N PRO A 195 0.36 10.60 24.69
CA PRO A 195 0.62 9.76 25.87
C PRO A 195 0.95 10.61 27.09
N SER A 196 0.38 10.24 28.24
CA SER A 196 0.74 10.90 29.48
C SER A 196 2.23 10.75 29.78
N SER A 197 2.82 9.63 29.38
CA SER A 197 4.23 9.38 29.69
C SER A 197 5.16 10.40 29.06
N SER A 198 4.70 11.10 28.02
CA SER A 198 5.56 11.96 27.23
C SER A 198 5.67 13.38 27.77
N LEU A 199 4.85 13.75 28.76
CA LEU A 199 4.68 15.16 29.08
C LEU A 199 5.93 15.81 29.69
N GLY A 200 6.78 15.03 30.34
CA GLY A 200 7.97 15.62 30.93
C GLY A 200 9.14 15.63 29.95
N THR A 201 9.01 14.84 28.90
CA THR A 201 10.09 14.62 27.95
C THR A 201 9.86 15.34 26.62
N GLN A 202 8.63 15.33 26.09
CA GLN A 202 8.32 15.83 24.75
C GLN A 202 7.78 17.26 24.80
N THR A 203 8.28 18.10 23.89
CA THR A 203 7.92 19.51 23.82
C THR A 203 6.74 19.70 22.88
N TYR A 204 5.75 20.50 23.28
CA TYR A 204 4.54 20.71 22.48
C TYR A 204 4.37 22.19 22.16
N ILE A 205 4.38 22.51 20.88
CA ILE A 205 4.27 23.88 20.42
C ILE A 205 3.20 23.93 19.33
N CYS A 206 2.20 24.78 19.52
CA CYS A 206 1.24 25.04 18.47
C CYS A 206 1.65 26.31 17.70
N ASN A 207 1.58 26.20 16.39
CA ASN A 207 2.01 27.22 15.45
C ASN A 207 0.71 27.78 14.87
N VAL A 208 0.45 29.05 15.19
CA VAL A 208 -0.81 29.70 14.83
C VAL A 208 -0.49 30.72 13.75
N ASN A 209 -1.28 30.72 12.70
CA ASN A 209 -1.06 31.53 11.52
C ASN A 209 -2.35 32.26 11.21
N HIS A 210 -2.31 33.60 11.21
CA HIS A 210 -3.46 34.43 10.82
C HIS A 210 -3.02 35.43 9.75
N LYS A 211 -3.02 34.98 8.49
CA LYS A 211 -2.50 35.80 7.39
C LYS A 211 -3.17 37.16 7.29
N PRO A 212 -4.49 37.32 7.41
CA PRO A 212 -5.07 38.66 7.26
C PRO A 212 -4.41 39.72 8.12
N SER A 213 -3.90 39.35 9.28
CA SER A 213 -3.20 40.30 10.16
C SER A 213 -1.69 40.08 10.18
N ASN A 214 -1.16 39.21 9.33
CA ASN A 214 0.29 38.95 9.29
C ASN A 214 0.82 38.52 10.66
N THR A 215 0.02 37.74 11.39
CA THR A 215 0.37 37.23 12.71
C THR A 215 0.76 35.75 12.62
N LYS A 216 1.92 35.43 13.18
CA LYS A 216 2.39 34.05 13.32
C LYS A 216 2.87 33.87 14.75
N VAL A 217 2.35 32.85 15.44
CA VAL A 217 2.63 32.66 16.87
C VAL A 217 3.01 31.20 17.13
N ASP A 218 4.13 31.00 17.79
CA ASP A 218 4.55 29.69 18.30
C ASP A 218 4.30 29.69 19.79
N LYS A 219 3.31 28.94 20.25
CA LYS A 219 2.96 28.90 21.67
C LYS A 219 3.39 27.57 22.28
N ARG A 220 4.33 27.62 23.22
CA ARG A 220 4.69 26.45 23.98
C ARG A 220 3.63 26.19 25.04
N VAL A 221 3.14 24.95 25.10
CA VAL A 221 2.09 24.56 26.03
C VAL A 221 2.68 23.53 26.98
N GLU A 222 2.80 23.90 28.24
CA GLU A 222 3.45 23.08 29.25
C GLU A 222 2.46 22.69 30.32
N PRO A 223 2.72 21.63 31.08
CA PRO A 223 1.95 21.39 32.30
C PRO A 223 2.15 22.52 33.29
N LYS A 224 1.08 22.88 34.01
CA LYS A 224 1.11 24.03 34.89
C LYS A 224 1.77 23.65 36.23
N SER A 225 1.95 24.65 37.10
CA SER A 225 2.45 24.43 38.46
C SER A 225 1.30 24.47 39.49
N GLN B 1 -32.67 31.20 -9.38
CA GLN B 1 -31.61 30.74 -10.27
C GLN B 1 -31.73 29.22 -10.54
N SER B 2 -31.20 28.76 -11.67
CA SER B 2 -31.23 27.35 -12.02
C SER B 2 -30.33 26.53 -11.08
N VAL B 3 -30.77 25.32 -10.74
CA VAL B 3 -29.96 24.40 -9.96
C VAL B 3 -30.34 22.97 -10.31
N LEU B 4 -29.39 22.06 -10.08
CA LEU B 4 -29.61 20.63 -10.18
C LEU B 4 -29.79 20.06 -8.79
N THR B 5 -30.88 19.33 -8.59
CA THR B 5 -31.29 18.89 -7.26
C THR B 5 -30.61 17.57 -6.92
N GLN B 6 -29.91 17.54 -5.79
CA GLN B 6 -29.31 16.39 -5.13
C GLN B 6 -29.92 16.22 -3.76
N PRO B 7 -29.94 15.00 -3.23
CA PRO B 7 -30.37 14.83 -1.84
C PRO B 7 -29.38 15.50 -0.91
N PRO B 8 -29.83 16.10 0.19
CA PRO B 8 -28.88 16.72 1.12
C PRO B 8 -27.88 15.73 1.72
N SER B 9 -28.24 14.48 1.92
CA SER B 9 -27.29 13.55 2.53
C SER B 9 -27.42 12.14 1.97
N ALA B 10 -26.41 11.34 2.25
CA ALA B 10 -26.44 9.93 1.95
C ALA B 10 -25.49 9.23 2.89
N SER B 11 -25.79 7.98 3.20
CA SER B 11 -24.96 7.24 4.12
C SER B 11 -24.81 5.79 3.67
N GLY B 12 -23.78 5.14 4.19
CA GLY B 12 -23.67 3.70 4.09
C GLY B 12 -22.66 3.20 5.10
N THR B 13 -22.72 1.90 5.35
CA THR B 13 -21.71 1.20 6.12
C THR B 13 -20.49 0.95 5.23
N PRO B 14 -19.32 0.78 5.83
CA PRO B 14 -18.11 0.55 5.02
C PRO B 14 -18.25 -0.65 4.10
N GLY B 15 -17.74 -0.48 2.88
CA GLY B 15 -17.80 -1.52 1.87
C GLY B 15 -19.09 -1.55 1.10
N GLN B 16 -20.11 -0.84 1.55
CA GLN B 16 -21.36 -0.78 0.81
C GLN B 16 -21.25 0.18 -0.38
N ARG B 17 -22.33 0.23 -1.15
CA ARG B 17 -22.40 1.04 -2.36
C ARG B 17 -23.42 2.15 -2.14
N VAL B 18 -22.95 3.38 -2.05
CA VAL B 18 -23.81 4.57 -1.97
C VAL B 18 -23.97 5.17 -3.35
N THR B 19 -25.20 5.57 -3.68
CA THR B 19 -25.47 6.29 -4.92
C THR B 19 -26.12 7.64 -4.62
N ILE B 20 -25.73 8.64 -5.39
CA ILE B 20 -26.22 10.01 -5.24
C ILE B 20 -26.90 10.40 -6.54
N SER B 21 -28.14 10.83 -6.44
CA SER B 21 -28.86 11.28 -7.62
C SER B 21 -28.65 12.77 -7.87
N CYS B 22 -28.98 13.18 -9.08
CA CYS B 22 -28.79 14.57 -9.51
C CYS B 22 -29.79 14.77 -10.64
N SER B 23 -30.82 15.56 -10.39
CA SER B 23 -31.84 15.79 -11.39
C SER B 23 -31.80 17.24 -11.83
N GLY B 24 -31.85 17.46 -13.14
CA GLY B 24 -31.89 18.78 -13.69
C GLY B 24 -32.94 18.85 -14.77
N SER B 25 -32.59 19.39 -15.93
CA SER B 25 -33.57 19.79 -16.92
C SER B 25 -33.08 19.41 -18.31
N SER B 26 -33.91 19.69 -19.31
CA SER B 26 -33.55 19.36 -20.67
C SER B 26 -32.44 20.26 -21.22
N SER B 27 -32.28 21.47 -20.69
CA SER B 27 -31.31 22.43 -21.21
C SER B 27 -29.96 22.35 -20.52
N ASN B 28 -29.84 21.63 -19.40
CA ASN B 28 -28.52 21.40 -18.84
C ASN B 28 -28.13 19.92 -18.96
N ILE B 29 -28.61 19.05 -18.05
CA ILE B 29 -28.22 17.65 -18.09
C ILE B 29 -28.67 17.01 -19.40
N GLY B 30 -29.87 17.38 -19.87
CA GLY B 30 -30.39 16.87 -21.12
C GLY B 30 -29.59 17.25 -22.35
N SER B 31 -28.68 18.23 -22.23
CA SER B 31 -27.94 18.70 -23.40
C SER B 31 -26.42 18.65 -23.27
N ASN B 32 -25.87 18.62 -22.06
CA ASN B 32 -24.45 18.85 -21.89
C ASN B 32 -23.86 17.81 -20.96
N PHE B 33 -22.53 17.74 -20.94
CA PHE B 33 -21.86 16.79 -20.07
C PHE B 33 -22.13 17.12 -18.60
N VAL B 34 -22.14 16.07 -17.79
CA VAL B 34 -22.24 16.17 -16.34
C VAL B 34 -20.87 15.94 -15.73
N TYR B 35 -20.53 16.76 -14.75
CA TYR B 35 -19.31 16.61 -13.98
C TYR B 35 -19.67 16.35 -12.54
N TRP B 36 -18.78 15.66 -11.83
CA TRP B 36 -18.91 15.42 -10.39
C TRP B 36 -17.66 15.89 -9.67
N TYR B 37 -17.84 16.48 -8.49
CA TYR B 37 -16.72 16.97 -7.70
C TYR B 37 -16.85 16.51 -6.27
N GLN B 38 -15.70 16.15 -5.69
CA GLN B 38 -15.59 15.68 -4.33
C GLN B 38 -14.90 16.77 -3.53
N GLN B 39 -15.49 17.13 -2.38
CA GLN B 39 -14.92 18.15 -1.50
C GLN B 39 -14.74 17.53 -0.12
N LEU B 40 -13.51 17.15 0.19
CA LEU B 40 -13.16 16.75 1.54
C LEU B 40 -13.13 17.96 2.46
N PRO B 41 -13.42 17.78 3.75
CA PRO B 41 -13.42 18.93 4.67
C PRO B 41 -12.09 19.65 4.66
N GLY B 42 -12.17 20.98 4.65
CA GLY B 42 -10.99 21.82 4.65
C GLY B 42 -10.29 21.97 3.32
N THR B 43 -10.89 21.52 2.21
CA THR B 43 -10.20 21.49 0.92
C THR B 43 -11.14 21.97 -0.18
N ALA B 44 -10.54 22.30 -1.31
CA ALA B 44 -11.27 22.70 -2.50
C ALA B 44 -11.93 21.51 -3.17
N PRO B 45 -13.01 21.74 -3.92
CA PRO B 45 -13.54 20.69 -4.81
C PRO B 45 -12.44 20.11 -5.69
N LYS B 46 -12.48 18.78 -5.86
CA LYS B 46 -11.57 18.06 -6.73
C LYS B 46 -12.36 17.33 -7.80
N LEU B 47 -11.86 17.32 -9.04
CA LEU B 47 -12.56 16.63 -10.12
C LEU B 47 -12.67 15.15 -9.82
N LEU B 48 -13.88 14.62 -9.86
CA LEU B 48 -14.14 13.22 -9.57
C LEU B 48 -14.62 12.43 -10.79
N ILE B 49 -15.54 12.99 -11.56
CA ILE B 49 -15.99 12.40 -12.81
C ILE B 49 -16.10 13.54 -13.81
N TYR B 50 -15.61 13.32 -15.02
CA TYR B 50 -15.86 14.25 -16.10
C TYR B 50 -16.59 13.54 -17.23
N ARG B 51 -17.29 14.34 -18.02
CA ARG B 51 -17.99 13.89 -19.23
C ARG B 51 -18.89 12.69 -18.98
N ASN B 52 -19.69 12.79 -17.90
CA ASN B 52 -20.71 11.81 -17.50
C ASN B 52 -20.11 10.59 -16.82
N ASN B 53 -19.06 10.03 -17.39
CA ASN B 53 -18.58 8.77 -16.87
C ASN B 53 -17.06 8.59 -16.96
N GLN B 54 -16.28 9.59 -17.33
CA GLN B 54 -14.83 9.45 -17.39
C GLN B 54 -14.21 9.74 -16.02
N ARG B 55 -13.26 8.89 -15.62
CA ARG B 55 -12.50 8.98 -14.39
C ARG B 55 -11.16 9.60 -14.66
N PRO B 56 -10.77 10.68 -13.99
CA PRO B 56 -9.38 11.11 -14.09
C PRO B 56 -8.49 10.04 -13.47
N SER B 57 -7.28 9.91 -14.00
CA SER B 57 -6.33 8.99 -13.40
C SER B 57 -6.00 9.46 -11.99
N GLY B 58 -5.87 8.52 -11.08
CA GLY B 58 -5.80 8.85 -9.67
C GLY B 58 -7.12 8.73 -8.95
N VAL B 59 -8.24 8.64 -9.66
CA VAL B 59 -9.53 8.42 -9.04
C VAL B 59 -9.86 6.93 -9.11
N PRO B 60 -10.08 6.25 -7.97
CA PRO B 60 -10.32 4.80 -7.99
C PRO B 60 -11.55 4.41 -8.81
N ASP B 61 -11.50 3.21 -9.38
CA ASP B 61 -12.57 2.72 -10.23
C ASP B 61 -13.86 2.39 -9.48
N ARG B 62 -13.85 2.38 -8.15
CA ARG B 62 -15.10 2.29 -7.40
C ARG B 62 -15.97 3.54 -7.51
N PHE B 63 -15.45 4.65 -8.03
CA PHE B 63 -16.29 5.79 -8.40
C PHE B 63 -16.74 5.65 -9.85
N SER B 64 -18.06 5.70 -10.07
CA SER B 64 -18.62 5.68 -11.42
C SER B 64 -19.80 6.63 -11.49
N GLY B 65 -20.01 7.19 -12.69
CA GLY B 65 -21.12 8.08 -12.92
C GLY B 65 -21.85 7.70 -14.20
N SER B 66 -23.08 8.17 -14.29
CA SER B 66 -23.99 7.84 -15.39
C SER B 66 -24.96 8.98 -15.61
N ARG B 67 -25.43 9.13 -16.85
CA ARG B 67 -26.40 10.15 -17.24
C ARG B 67 -27.53 9.47 -17.99
N SER B 68 -28.75 9.88 -17.70
CA SER B 68 -29.91 9.36 -18.40
C SER B 68 -31.01 10.41 -18.45
N GLY B 69 -31.35 10.83 -19.66
CA GLY B 69 -32.36 11.85 -19.82
C GLY B 69 -31.93 13.16 -19.18
N THR B 70 -32.72 13.64 -18.23
CA THR B 70 -32.38 14.85 -17.49
C THR B 70 -31.82 14.53 -16.10
N SER B 71 -31.42 13.29 -15.88
CA SER B 71 -30.88 12.84 -14.59
C SER B 71 -29.48 12.26 -14.75
N ALA B 72 -28.74 12.34 -13.67
CA ALA B 72 -27.40 11.81 -13.56
C ALA B 72 -27.27 11.11 -12.22
N SER B 73 -26.22 10.31 -12.08
CA SER B 73 -26.08 9.55 -10.86
C SER B 73 -24.62 9.24 -10.64
N LEU B 74 -24.20 9.36 -9.38
CA LEU B 74 -22.89 8.92 -8.92
C LEU B 74 -23.07 7.70 -8.01
N ALA B 75 -22.16 6.74 -8.13
CA ALA B 75 -22.17 5.53 -7.35
C ALA B 75 -20.78 5.39 -6.76
N ILE B 76 -20.72 5.24 -5.45
CA ILE B 76 -19.48 4.99 -4.75
C ILE B 76 -19.56 3.55 -4.27
N SER B 77 -18.81 2.67 -4.94
CA SER B 77 -18.69 1.28 -4.52
C SER B 77 -17.63 1.16 -3.44
N GLY B 78 -17.77 0.14 -2.62
CA GLY B 78 -16.79 -0.12 -1.58
C GLY B 78 -16.53 1.07 -0.68
N LEU B 79 -17.60 1.61 -0.07
CA LEU B 79 -17.50 2.86 0.68
C LEU B 79 -16.43 2.78 1.75
N ARG B 80 -15.61 3.82 1.82
CA ARG B 80 -14.51 3.91 2.78
C ARG B 80 -14.65 5.21 3.54
N SER B 81 -14.05 5.27 4.72
CA SER B 81 -14.20 6.46 5.54
C SER B 81 -13.51 7.66 4.89
N GLU B 82 -12.51 7.42 4.06
CA GLU B 82 -11.91 8.48 3.27
C GLU B 82 -12.88 9.10 2.28
N ASP B 83 -14.02 8.47 2.02
CA ASP B 83 -14.99 9.03 1.09
C ASP B 83 -15.98 9.96 1.76
N GLU B 84 -15.93 10.11 3.10
CA GLU B 84 -16.72 11.12 3.77
C GLU B 84 -16.38 12.50 3.19
N ALA B 85 -17.34 13.13 2.54
CA ALA B 85 -17.10 14.38 1.84
C ALA B 85 -18.43 14.88 1.30
N ASP B 86 -18.39 16.10 0.76
CA ASP B 86 -19.49 16.65 -0.02
C ASP B 86 -19.26 16.39 -1.50
N TYR B 87 -20.30 15.99 -2.20
CA TYR B 87 -20.23 15.67 -3.61
C TYR B 87 -21.15 16.61 -4.36
N TYR B 88 -20.65 17.20 -5.44
CA TYR B 88 -21.47 18.07 -6.27
C TYR B 88 -21.48 17.53 -7.69
N CYS B 89 -22.65 17.51 -8.31
CA CYS B 89 -22.73 17.39 -9.75
C CYS B 89 -22.79 18.78 -10.36
N ALA B 90 -22.56 18.85 -11.66
CA ALA B 90 -22.58 20.13 -12.36
C ALA B 90 -22.72 19.89 -13.85
N ALA B 91 -23.38 20.82 -14.53
CA ALA B 91 -23.45 20.75 -15.99
C ALA B 91 -23.69 22.16 -16.53
N TRP B 92 -23.32 22.35 -17.80
CA TRP B 92 -23.62 23.59 -18.49
C TRP B 92 -25.10 23.65 -18.85
N ASP B 93 -25.69 24.84 -18.77
CA ASP B 93 -27.09 25.07 -19.09
C ASP B 93 -27.20 26.05 -20.26
N ASP B 94 -27.79 25.59 -21.37
CA ASP B 94 -27.88 26.37 -22.60
C ASP B 94 -28.89 27.52 -22.51
N SER B 95 -29.80 27.50 -21.54
CA SER B 95 -30.83 28.53 -21.48
C SER B 95 -30.22 29.90 -21.17
N LEU B 96 -30.92 30.94 -21.59
CA LEU B 96 -30.59 32.31 -21.20
C LEU B 96 -29.18 32.71 -21.65
N GLY B 97 -28.79 32.23 -22.83
CA GLY B 97 -27.48 32.54 -23.34
C GLY B 97 -26.33 31.78 -22.70
N GLY B 98 -26.63 30.75 -21.90
CA GLY B 98 -25.58 29.89 -21.37
C GLY B 98 -25.07 30.30 -20.00
N HIS B 99 -24.95 29.34 -19.09
CA HIS B 99 -24.45 29.56 -17.74
C HIS B 99 -24.17 28.20 -17.12
N TYR B 100 -23.24 28.18 -16.17
CA TYR B 100 -22.81 26.95 -15.51
C TYR B 100 -23.64 26.70 -14.26
N VAL B 101 -24.16 25.47 -14.13
CA VAL B 101 -25.03 25.14 -13.00
C VAL B 101 -24.38 24.05 -12.17
N PHE B 102 -24.31 24.29 -10.85
CA PHE B 102 -23.84 23.31 -9.87
C PHE B 102 -25.03 22.67 -9.15
N GLY B 103 -24.87 21.39 -8.78
CA GLY B 103 -25.81 20.75 -7.90
C GLY B 103 -25.79 21.33 -6.48
N THR B 104 -26.88 21.07 -5.75
CA THR B 104 -26.98 21.56 -4.38
C THR B 104 -26.06 20.83 -3.41
N GLY B 105 -25.61 19.63 -3.73
CA GLY B 105 -24.57 18.99 -2.95
C GLY B 105 -25.10 17.95 -1.95
N THR B 106 -24.32 16.90 -1.78
CA THR B 106 -24.68 15.79 -0.90
C THR B 106 -23.53 15.49 0.05
N LYS B 107 -23.81 15.43 1.34
CA LYS B 107 -22.81 15.03 2.32
C LYS B 107 -22.91 13.52 2.54
N VAL B 108 -21.80 12.82 2.36
CA VAL B 108 -21.79 11.38 2.56
C VAL B 108 -21.21 11.09 3.93
N THR B 109 -21.94 10.30 4.71
CA THR B 109 -21.60 9.92 6.07
C THR B 109 -21.40 8.41 6.11
N VAL B 110 -20.29 7.98 6.69
CA VAL B 110 -20.02 6.55 6.87
C VAL B 110 -20.62 6.12 8.20
N LEU B 111 -21.56 5.17 8.18
CA LEU B 111 -22.18 4.68 9.39
C LEU B 111 -21.25 3.70 10.10
N ARG B 112 -21.15 3.84 11.42
CA ARG B 112 -20.31 2.97 12.24
C ARG B 112 -21.00 2.71 13.56
N THR B 113 -20.29 2.03 14.46
CA THR B 113 -20.83 1.68 15.77
C THR B 113 -20.75 2.84 16.75
N VAL B 114 -21.71 2.86 17.69
CA VAL B 114 -21.74 3.88 18.74
C VAL B 114 -20.40 3.86 19.48
N ALA B 115 -19.90 5.05 19.79
CA ALA B 115 -18.67 5.20 20.56
C ALA B 115 -18.82 6.37 21.52
N ALA B 116 -18.61 6.11 22.80
CA ALA B 116 -18.68 7.15 23.79
C ALA B 116 -17.50 8.11 23.62
N PRO B 117 -17.67 9.37 24.03
CA PRO B 117 -16.55 10.33 23.99
C PRO B 117 -15.61 10.14 25.18
N SER B 118 -14.38 10.61 24.99
CA SER B 118 -13.46 10.88 26.09
C SER B 118 -13.62 12.34 26.45
N VAL B 119 -13.81 12.65 27.73
CA VAL B 119 -14.08 14.01 28.16
C VAL B 119 -12.89 14.58 28.92
N PHE B 120 -12.47 15.78 28.52
CA PHE B 120 -11.44 16.54 29.20
C PHE B 120 -12.00 17.92 29.51
N ILE B 121 -11.50 18.54 30.58
CA ILE B 121 -11.89 19.91 30.91
C ILE B 121 -10.62 20.74 31.14
N PHE B 122 -10.60 21.96 30.60
CA PHE B 122 -9.44 22.85 30.70
C PHE B 122 -9.83 24.14 31.40
N PRO B 123 -9.33 24.41 32.59
CA PRO B 123 -9.57 25.71 33.23
C PRO B 123 -8.94 26.83 32.42
N PRO B 124 -9.34 28.08 32.65
CA PRO B 124 -8.69 29.20 31.97
C PRO B 124 -7.24 29.37 32.42
N SER B 125 -6.40 29.84 31.50
CA SER B 125 -5.02 30.10 31.86
C SER B 125 -4.92 31.40 32.63
N ASP B 126 -3.84 31.53 33.38
CA ASP B 126 -3.65 32.78 34.10
C ASP B 126 -3.32 33.90 33.13
N GLU B 127 -2.67 33.58 32.01
CA GLU B 127 -2.40 34.60 31.00
C GLU B 127 -3.70 35.23 30.50
N GLN B 128 -4.73 34.41 30.27
CA GLN B 128 -6.02 34.96 29.85
C GLN B 128 -6.68 35.74 30.98
N LEU B 129 -6.74 35.15 32.17
CA LEU B 129 -7.34 35.82 33.32
C LEU B 129 -6.77 37.21 33.51
N LYS B 130 -5.47 37.37 33.26
CA LYS B 130 -4.82 38.66 33.49
C LYS B 130 -5.28 39.72 32.50
N SER B 131 -6.10 39.39 31.51
CA SER B 131 -6.70 40.37 30.62
C SER B 131 -8.21 40.53 30.82
N GLY B 132 -8.76 39.90 31.88
CA GLY B 132 -10.12 40.18 32.31
C GLY B 132 -11.17 39.16 31.96
N THR B 133 -10.82 38.09 31.25
CA THR B 133 -11.80 37.13 30.74
C THR B 133 -11.35 35.71 31.08
N ALA B 134 -12.32 34.81 31.21
CA ALA B 134 -12.08 33.41 31.49
C ALA B 134 -12.87 32.55 30.50
N SER B 135 -12.15 31.75 29.72
CA SER B 135 -12.77 30.70 28.91
C SER B 135 -12.50 29.34 29.54
N VAL B 136 -13.57 28.59 29.79
CA VAL B 136 -13.47 27.21 30.25
C VAL B 136 -13.87 26.29 29.10
N VAL B 137 -13.01 25.33 28.78
CA VAL B 137 -13.16 24.51 27.59
C VAL B 137 -13.39 23.05 28.00
N CYS B 138 -14.44 22.47 27.43
CA CYS B 138 -14.79 21.06 27.60
C CYS B 138 -14.58 20.38 26.26
N LEU B 139 -13.78 19.31 26.26
CA LEU B 139 -13.45 18.59 25.04
C LEU B 139 -14.09 17.21 25.06
N LEU B 140 -14.83 16.89 23.99
CA LEU B 140 -15.36 15.55 23.72
C LEU B 140 -14.58 14.97 22.56
N ASN B 141 -13.86 13.88 22.82
CA ASN B 141 -12.93 13.31 21.85
C ASN B 141 -13.47 12.01 21.24
N ASN B 142 -13.68 12.02 19.91
CA ASN B 142 -13.93 10.83 19.10
C ASN B 142 -15.13 10.01 19.53
N PHE B 143 -16.33 10.43 19.15
CA PHE B 143 -17.54 9.76 19.61
C PHE B 143 -18.49 9.62 18.44
N TYR B 144 -19.48 8.75 18.57
CA TYR B 144 -20.42 8.52 17.49
C TYR B 144 -21.70 8.02 18.13
N PRO B 145 -22.87 8.53 17.71
CA PRO B 145 -23.04 9.50 16.62
C PRO B 145 -22.78 10.93 17.06
N ARG B 146 -23.21 11.87 16.20
CA ARG B 146 -22.85 13.27 16.38
C ARG B 146 -23.65 13.94 17.49
N GLU B 147 -24.92 13.56 17.68
CA GLU B 147 -25.75 14.21 18.68
C GLU B 147 -25.17 13.96 20.07
N ALA B 148 -25.12 15.02 20.87
CA ALA B 148 -24.61 14.94 22.23
C ALA B 148 -25.14 16.11 23.05
N LYS B 149 -25.36 15.88 24.34
CA LYS B 149 -25.86 16.90 25.27
C LYS B 149 -24.73 17.31 26.20
N VAL B 150 -24.34 18.58 26.13
CA VAL B 150 -23.16 19.07 26.84
C VAL B 150 -23.58 20.30 27.64
N GLN B 151 -23.59 20.18 28.95
CA GLN B 151 -24.10 21.24 29.80
C GLN B 151 -23.04 21.68 30.80
N TRP B 152 -23.16 22.91 31.26
CA TRP B 152 -22.22 23.49 32.21
C TRP B 152 -22.92 23.74 33.55
N LYS B 153 -22.26 23.37 34.64
CA LYS B 153 -22.72 23.71 35.98
C LYS B 153 -21.60 24.41 36.71
N VAL B 154 -21.93 25.59 37.28
CA VAL B 154 -21.01 26.39 38.08
C VAL B 154 -21.58 26.44 39.49
N ASP B 155 -20.88 25.78 40.43
CA ASP B 155 -21.41 25.58 41.79
C ASP B 155 -22.80 24.96 41.73
N ASN B 156 -22.96 23.99 40.82
CA ASN B 156 -24.14 23.18 40.58
C ASN B 156 -25.32 23.95 39.99
N ALA B 157 -25.10 25.18 39.51
CA ALA B 157 -26.12 25.94 38.82
C ALA B 157 -25.97 25.78 37.31
N LEU B 158 -27.04 25.34 36.65
CA LEU B 158 -27.03 25.14 35.20
C LEU B 158 -26.83 26.47 34.48
N GLN B 159 -25.96 26.45 33.47
CA GLN B 159 -25.62 27.66 32.74
C GLN B 159 -26.44 27.75 31.45
N SER B 160 -26.70 28.98 31.02
CA SER B 160 -27.37 29.20 29.74
C SER B 160 -26.92 30.52 29.13
N GLY B 161 -26.76 30.50 27.81
CA GLY B 161 -26.49 31.71 27.07
C GLY B 161 -25.06 32.22 27.13
N ASN B 162 -24.14 31.46 27.73
CA ASN B 162 -22.74 31.87 27.87
C ASN B 162 -21.78 30.77 27.41
N SER B 163 -22.23 29.88 26.53
CA SER B 163 -21.36 28.86 25.98
C SER B 163 -21.64 28.68 24.49
N GLN B 164 -20.61 28.26 23.77
CA GLN B 164 -20.68 27.99 22.34
C GLN B 164 -20.02 26.66 22.05
N GLU B 165 -20.61 25.90 21.14
CA GLU B 165 -20.13 24.59 20.76
C GLU B 165 -19.54 24.62 19.36
N SER B 166 -18.53 23.79 19.15
CA SER B 166 -17.98 23.52 17.84
C SER B 166 -17.79 22.01 17.66
N VAL B 167 -18.09 21.50 16.48
CA VAL B 167 -18.01 20.08 16.17
C VAL B 167 -17.19 19.90 14.90
N THR B 168 -16.21 18.98 14.93
CA THR B 168 -15.49 18.62 13.72
C THR B 168 -16.40 17.87 12.75
N GLU B 169 -15.97 17.82 11.48
CA GLU B 169 -16.55 16.92 10.50
C GLU B 169 -16.12 15.48 10.80
N GLN B 170 -16.84 14.53 10.20
CA GLN B 170 -16.52 13.13 10.42
C GLN B 170 -15.05 12.83 10.09
N ASP B 171 -14.37 12.16 11.02
CA ASP B 171 -12.95 11.84 10.86
C ASP B 171 -12.72 10.91 9.67
N SER B 172 -11.65 11.17 8.91
CA SER B 172 -11.44 10.37 7.70
C SER B 172 -10.88 8.97 7.98
N LYS B 173 -10.34 8.70 9.18
CA LYS B 173 -9.84 7.36 9.47
C LYS B 173 -10.77 6.52 10.34
N ASP B 174 -11.40 7.09 11.37
CA ASP B 174 -12.21 6.30 12.28
C ASP B 174 -13.70 6.66 12.29
N SER B 175 -14.12 7.64 11.50
CA SER B 175 -15.51 8.02 11.30
C SER B 175 -16.19 8.56 12.55
N THR B 176 -15.42 9.08 13.50
CA THR B 176 -16.01 9.68 14.69
C THR B 176 -16.04 11.20 14.57
N TYR B 177 -16.67 11.81 15.58
CA TYR B 177 -16.78 13.24 15.74
C TYR B 177 -16.07 13.65 17.01
N SER B 178 -15.57 14.88 17.01
CA SER B 178 -15.11 15.55 18.21
C SER B 178 -15.90 16.84 18.42
N LEU B 179 -15.95 17.31 19.66
CA LEU B 179 -16.72 18.51 19.98
C LEU B 179 -16.05 19.27 21.10
N SER B 180 -15.99 20.59 20.96
CA SER B 180 -15.59 21.49 22.03
C SER B 180 -16.79 22.29 22.50
N SER B 181 -16.88 22.53 23.79
CA SER B 181 -17.85 23.47 24.32
C SER B 181 -17.10 24.43 25.21
N THR B 182 -17.33 25.72 25.01
CA THR B 182 -16.53 26.77 25.61
C THR B 182 -17.47 27.68 26.38
N LEU B 183 -17.27 27.76 27.69
CA LEU B 183 -18.01 28.67 28.56
C LEU B 183 -17.18 29.93 28.78
N THR B 184 -17.80 31.10 28.62
CA THR B 184 -17.08 32.37 28.79
C THR B 184 -17.69 33.21 29.90
N LEU B 185 -16.81 33.73 30.76
CA LEU B 185 -17.16 34.55 31.90
C LEU B 185 -16.16 35.69 31.99
N SER B 186 -16.61 36.81 32.52
CA SER B 186 -15.67 37.83 32.94
C SER B 186 -14.83 37.30 34.09
N LYS B 187 -13.65 37.90 34.26
CA LYS B 187 -12.79 37.56 35.41
C LYS B 187 -13.55 37.67 36.72
N ALA B 188 -14.37 38.71 36.86
CA ALA B 188 -15.04 38.96 38.14
C ALA B 188 -16.09 37.89 38.43
N ASP B 189 -16.84 37.45 37.41
CA ASP B 189 -17.79 36.37 37.65
C ASP B 189 -17.08 35.02 37.86
N TYR B 190 -16.06 34.75 37.06
CA TYR B 190 -15.27 33.55 37.29
C TYR B 190 -14.74 33.49 38.70
N GLU B 191 -14.37 34.64 39.29
CA GLU B 191 -13.73 34.64 40.59
C GLU B 191 -14.69 34.48 41.75
N LYS B 192 -15.99 34.62 41.53
CA LYS B 192 -16.95 34.50 42.60
C LYS B 192 -17.53 33.10 42.73
N HIS B 193 -17.05 32.11 41.99
CA HIS B 193 -17.53 30.74 42.14
C HIS B 193 -16.37 29.76 42.23
N LYS B 194 -16.68 28.55 42.70
CA LYS B 194 -15.65 27.58 43.06
C LYS B 194 -15.59 26.35 42.16
N VAL B 195 -16.72 25.69 41.91
CA VAL B 195 -16.72 24.43 41.17
C VAL B 195 -17.21 24.66 39.75
N TYR B 196 -16.41 24.22 38.78
CA TYR B 196 -16.75 24.33 37.38
C TYR B 196 -16.86 22.92 36.82
N ALA B 197 -17.97 22.63 36.15
CA ALA B 197 -18.22 21.27 35.70
C ALA B 197 -18.96 21.26 34.39
N CYS B 198 -18.48 20.44 33.46
CA CYS B 198 -19.23 20.12 32.25
CA CYS B 198 -19.18 20.11 32.23
C CYS B 198 -19.69 18.68 32.34
N GLU B 199 -20.98 18.47 32.05
CA GLU B 199 -21.57 17.14 32.04
C GLU B 199 -22.00 16.79 30.63
N VAL B 200 -21.72 15.55 30.26
CA VAL B 200 -21.90 15.03 28.91
C VAL B 200 -22.81 13.82 28.99
N THR B 201 -23.97 13.89 28.34
CA THR B 201 -24.81 12.71 28.16
C THR B 201 -24.82 12.35 26.67
N HIS B 202 -24.56 11.07 26.37
CA HIS B 202 -24.36 10.59 25.01
C HIS B 202 -24.79 9.13 24.90
N GLN B 203 -25.18 8.73 23.69
CA GLN B 203 -25.71 7.38 23.45
C GLN B 203 -24.71 6.26 23.79
N GLY B 204 -23.42 6.55 23.80
CA GLY B 204 -22.41 5.58 24.15
C GLY B 204 -22.13 5.51 25.63
N LEU B 205 -22.87 6.26 26.43
CA LEU B 205 -22.70 6.30 27.87
C LEU B 205 -23.96 5.77 28.51
N SER B 206 -23.79 4.94 29.55
CA SER B 206 -24.94 4.41 30.27
C SER B 206 -25.51 5.43 31.25
N SER B 207 -24.74 6.46 31.57
CA SER B 207 -25.15 7.53 32.46
C SER B 207 -24.17 8.68 32.28
N PRO B 208 -24.56 9.90 32.62
CA PRO B 208 -23.74 11.06 32.25
C PRO B 208 -22.38 11.07 32.94
N VAL B 209 -21.38 11.49 32.20
CA VAL B 209 -20.02 11.70 32.68
C VAL B 209 -19.85 13.17 33.03
N THR B 210 -19.16 13.45 34.13
CA THR B 210 -18.84 14.81 34.56
C THR B 210 -17.33 14.92 34.69
N LYS B 211 -16.77 16.01 34.17
CA LYS B 211 -15.42 16.43 34.49
C LYS B 211 -15.49 17.80 35.12
N SER B 212 -14.77 18.00 36.22
CA SER B 212 -14.89 19.23 36.97
C SER B 212 -13.56 19.60 37.60
N PHE B 213 -13.42 20.88 37.95
CA PHE B 213 -12.28 21.35 38.72
C PHE B 213 -12.76 22.41 39.71
N ASN B 214 -11.91 22.65 40.72
CA ASN B 214 -12.10 23.74 41.67
C ASN B 214 -11.18 24.87 41.28
N ARG B 215 -11.74 26.08 41.18
CA ARG B 215 -10.93 27.24 40.86
C ARG B 215 -9.81 27.38 41.87
N GLY B 216 -8.58 27.48 41.37
CA GLY B 216 -7.40 27.47 42.22
C GLY B 216 -7.17 26.14 42.88
N GLU B 217 -6.49 25.23 42.18
CA GLU B 217 -6.05 23.97 42.78
C GLU B 217 -4.75 23.49 42.11
N GLN C 1 28.90 63.35 -8.45
CA GLN C 1 27.92 62.47 -9.09
C GLN C 1 26.81 62.10 -8.10
N VAL C 2 25.59 62.43 -8.47
CA VAL C 2 24.44 62.06 -7.68
C VAL C 2 24.25 60.56 -7.77
N GLN C 3 24.03 59.92 -6.62
CA GLN C 3 23.91 58.48 -6.59
C GLN C 3 22.76 58.08 -5.69
N LEU C 4 21.90 57.21 -6.22
CA LEU C 4 20.77 56.64 -5.48
C LEU C 4 20.79 55.12 -5.63
N VAL C 5 20.86 54.39 -4.52
CA VAL C 5 20.95 52.93 -4.54
C VAL C 5 19.84 52.36 -3.68
N GLU C 6 18.87 51.67 -4.30
CA GLU C 6 17.78 51.04 -3.58
C GLU C 6 18.16 49.62 -3.18
N SER C 7 17.67 49.20 -2.02
CA SER C 7 17.84 47.81 -1.60
C SER C 7 16.56 47.35 -0.92
N GLY C 8 16.49 46.06 -0.65
CA GLY C 8 15.39 45.47 0.09
C GLY C 8 14.46 44.65 -0.77
N GLY C 9 14.60 44.68 -2.09
CA GLY C 9 13.78 43.90 -2.97
C GLY C 9 14.06 42.40 -2.85
N GLY C 10 13.46 41.65 -3.77
CA GLY C 10 13.51 40.20 -3.75
C GLY C 10 12.09 39.70 -3.73
N SER C 11 11.86 38.46 -3.31
CA SER C 11 10.50 37.98 -3.24
C SER C 11 9.97 38.00 -1.80
N VAL C 12 8.66 38.13 -1.69
CA VAL C 12 7.93 38.16 -0.42
C VAL C 12 6.56 37.55 -0.68
N GLN C 13 6.02 36.84 0.30
CA GLN C 13 4.72 36.23 0.05
C GLN C 13 3.60 37.26 0.15
N PRO C 14 2.54 37.07 -0.62
CA PRO C 14 1.40 38.02 -0.54
C PRO C 14 0.82 38.04 0.85
N GLY C 15 0.52 39.24 1.33
CA GLY C 15 0.04 39.46 2.67
C GLY C 15 1.12 39.88 3.64
N ARG C 16 2.37 39.57 3.34
CA ARG C 16 3.45 39.91 4.25
C ARG C 16 3.95 41.32 3.94
N SER C 17 4.92 41.77 4.75
CA SER C 17 5.51 43.10 4.72
C SER C 17 6.92 43.06 4.18
N LEU C 18 7.36 44.20 3.67
CA LEU C 18 8.69 44.35 3.08
C LEU C 18 9.08 45.82 3.18
N ARG C 19 10.31 46.08 3.64
CA ARG C 19 10.78 47.46 3.82
C ARG C 19 11.90 47.76 2.84
N LEU C 20 11.71 48.77 2.01
CA LEU C 20 12.72 49.18 1.06
C LEU C 20 13.49 50.36 1.61
N SER C 21 14.76 50.44 1.21
CA SER C 21 15.63 51.54 1.55
C SER C 21 16.24 52.11 0.28
N CYS C 22 16.75 53.32 0.40
CA CYS C 22 17.45 54.02 -0.67
C CYS C 22 18.56 54.82 -0.03
N GLU C 23 19.79 54.62 -0.50
CA GLU C 23 20.94 55.37 -0.02
C GLU C 23 21.33 56.42 -1.04
N ALA C 24 21.41 57.67 -0.59
CA ALA C 24 21.68 58.81 -1.45
C ALA C 24 23.08 59.33 -1.18
N SER C 25 23.75 59.77 -2.24
CA SER C 25 25.00 60.52 -2.07
C SER C 25 25.21 61.43 -3.28
N GLY C 26 26.20 62.32 -3.15
CA GLY C 26 26.53 63.26 -4.21
C GLY C 26 25.67 64.52 -4.25
N PHE C 27 24.86 64.76 -3.23
CA PHE C 27 24.09 66.00 -3.13
C PHE C 27 23.63 66.17 -1.69
N THR C 28 23.05 67.32 -1.40
CA THR C 28 22.63 67.64 -0.05
C THR C 28 21.26 67.01 0.19
N PHE C 29 21.28 65.73 0.57
CA PHE C 29 20.05 64.95 0.75
C PHE C 29 18.97 65.72 1.50
N GLU C 30 19.35 66.42 2.56
CA GLU C 30 18.36 67.03 3.45
C GLU C 30 17.71 68.28 2.86
N ALA C 31 18.03 68.67 1.63
CA ALA C 31 17.43 69.83 0.99
C ALA C 31 16.39 69.48 -0.05
N TYR C 32 16.19 68.20 -0.36
CA TYR C 32 15.36 67.80 -1.49
C TYR C 32 14.25 66.87 -1.04
N ALA C 33 13.03 67.14 -1.51
CA ALA C 33 11.98 66.13 -1.48
C ALA C 33 12.42 64.88 -2.23
N MET C 34 12.00 63.73 -1.74
CA MET C 34 12.34 62.46 -2.34
C MET C 34 11.07 61.67 -2.62
N HIS C 35 11.15 60.77 -3.61
CA HIS C 35 9.97 60.10 -4.09
C HIS C 35 10.24 58.64 -4.38
N TRP C 36 9.17 57.84 -4.31
CA TRP C 36 9.17 56.47 -4.78
C TRP C 36 8.28 56.37 -6.00
N VAL C 37 8.78 55.69 -7.04
CA VAL C 37 8.05 55.41 -8.27
C VAL C 37 8.22 53.94 -8.58
N ARG C 38 7.17 53.29 -9.07
CA ARG C 38 7.27 51.86 -9.33
C ARG C 38 6.83 51.52 -10.76
N GLN C 39 7.26 50.34 -11.20
CA GLN C 39 7.01 49.84 -12.55
C GLN C 39 6.90 48.31 -12.55
N PRO C 40 5.72 47.76 -12.75
CA PRO C 40 5.62 46.32 -12.96
C PRO C 40 6.39 45.93 -14.20
N PRO C 41 7.08 44.80 -14.18
CA PRO C 41 7.93 44.40 -15.32
C PRO C 41 7.16 44.34 -16.63
N GLY C 42 7.71 44.99 -17.65
CA GLY C 42 7.10 45.05 -18.96
C GLY C 42 5.96 46.04 -19.09
N LYS C 43 5.68 46.80 -18.04
CA LYS C 43 4.57 47.75 -18.08
C LYS C 43 5.09 49.18 -17.90
N GLY C 44 4.20 50.08 -17.51
CA GLY C 44 4.52 51.49 -17.41
C GLY C 44 4.90 51.90 -16.00
N LEU C 45 4.78 53.20 -15.73
CA LEU C 45 5.27 53.82 -14.51
C LEU C 45 4.11 54.29 -13.66
N GLU C 46 4.24 54.14 -12.33
CA GLU C 46 3.23 54.60 -11.37
C GLU C 46 3.94 55.30 -10.22
N TRP C 47 3.61 56.56 -9.99
CA TRP C 47 4.12 57.25 -8.82
C TRP C 47 3.51 56.64 -7.57
N VAL C 48 4.34 56.42 -6.55
CA VAL C 48 3.90 55.76 -5.33
C VAL C 48 3.76 56.74 -4.17
N SER C 49 4.84 57.45 -3.84
CA SER C 49 4.84 58.27 -2.63
C SER C 49 5.88 59.38 -2.73
N SER C 50 5.67 60.41 -1.91
CA SER C 50 6.54 61.57 -1.84
C SER C 50 6.69 62.03 -0.39
N ILE C 51 7.86 62.57 -0.06
CA ILE C 51 8.10 63.18 1.24
C ILE C 51 9.03 64.38 1.06
N ASN C 52 8.68 65.50 1.68
CA ASN C 52 9.48 66.71 1.50
C ASN C 52 10.69 66.70 2.42
N TRP C 53 11.48 67.78 2.35
CA TRP C 53 12.84 67.77 2.92
C TRP C 53 12.83 67.47 4.41
N ASN C 54 11.83 67.97 5.16
CA ASN C 54 11.81 67.77 6.62
C ASN C 54 10.66 66.87 7.10
N SER C 55 10.11 66.01 6.25
CA SER C 55 9.03 65.07 6.57
C SER C 55 7.74 65.76 7.00
N GLY C 56 7.63 67.09 6.82
CA GLY C 56 6.39 67.78 7.14
C GLY C 56 5.26 67.53 6.15
N ARG C 57 5.60 67.21 4.90
CA ARG C 57 4.60 66.97 3.88
C ARG C 57 4.82 65.59 3.27
N ILE C 58 3.77 64.79 3.26
CA ILE C 58 3.81 63.42 2.75
C ILE C 58 2.58 63.18 1.88
N ALA C 59 2.76 62.43 0.80
CA ALA C 59 1.67 62.10 -0.10
C ALA C 59 1.80 60.64 -0.52
N TYR C 60 0.66 60.04 -0.87
CA TYR C 60 0.56 58.64 -1.29
C TYR C 60 -0.40 58.52 -2.46
N ALA C 61 -0.10 57.62 -3.39
CA ALA C 61 -1.11 57.26 -4.38
C ALA C 61 -2.24 56.45 -3.74
N ASP C 62 -3.45 56.64 -4.26
CA ASP C 62 -4.63 55.96 -3.70
C ASP C 62 -4.45 54.46 -3.64
N SER C 63 -3.65 53.89 -4.55
CA SER C 63 -3.53 52.44 -4.64
C SER C 63 -2.68 51.85 -3.52
N VAL C 64 -1.90 52.66 -2.80
CA VAL C 64 -1.12 52.19 -1.66
C VAL C 64 -1.48 52.91 -0.36
N LYS C 65 -2.34 53.91 -0.40
CA LYS C 65 -2.66 54.65 0.82
C LYS C 65 -3.20 53.69 1.86
N GLY C 66 -2.73 53.85 3.10
CA GLY C 66 -3.13 52.99 4.20
C GLY C 66 -2.37 51.69 4.31
N ARG C 67 -1.57 51.32 3.31
CA ARG C 67 -0.74 50.13 3.35
C ARG C 67 0.75 50.43 3.34
N PHE C 68 1.19 51.52 2.72
CA PHE C 68 2.61 51.85 2.65
C PHE C 68 2.91 53.00 3.59
N THR C 69 4.19 53.14 3.95
CA THR C 69 4.63 54.28 4.74
C THR C 69 5.99 54.77 4.27
N ILE C 70 6.08 56.06 4.00
CA ILE C 70 7.33 56.65 3.58
C ILE C 70 7.93 57.42 4.75
N SER C 71 9.25 57.33 4.89
CA SER C 71 9.97 58.11 5.88
C SER C 71 11.37 58.34 5.34
N ARG C 72 12.11 59.21 6.01
CA ARG C 72 13.49 59.49 5.64
C ARG C 72 14.28 59.73 6.91
N ASP C 73 15.58 59.46 6.85
CA ASP C 73 16.52 59.80 7.94
C ASP C 73 17.61 60.69 7.36
N ASN C 74 17.51 62.00 7.59
CA ASN C 74 18.46 62.90 6.93
C ASN C 74 19.87 62.73 7.47
N ALA C 75 20.02 62.32 8.72
CA ALA C 75 21.37 62.06 9.23
C ALA C 75 22.00 60.82 8.61
N ARG C 76 21.21 59.96 7.96
CA ARG C 76 21.74 58.78 7.28
C ARG C 76 21.60 58.88 5.76
N ASN C 77 21.14 60.02 5.24
CA ASN C 77 20.94 60.20 3.79
C ASN C 77 20.12 59.05 3.19
N SER C 78 19.11 58.63 3.94
CA SER C 78 18.34 57.44 3.59
C SER C 78 16.87 57.76 3.44
N LEU C 79 16.26 57.12 2.44
CA LEU C 79 14.81 57.11 2.23
C LEU C 79 14.28 55.68 2.42
N TYR C 80 13.07 55.57 2.95
CA TYR C 80 12.50 54.28 3.28
C TYR C 80 11.08 54.15 2.76
N LEU C 81 10.64 52.92 2.54
CA LEU C 81 9.26 52.63 2.14
C LEU C 81 8.83 51.35 2.85
N GLN C 82 8.01 51.48 3.88
CA GLN C 82 7.49 50.33 4.61
C GLN C 82 6.23 49.86 3.91
N MET C 83 6.24 48.63 3.41
CA MET C 83 5.14 48.11 2.61
C MET C 83 4.44 47.01 3.40
N ASN C 84 3.16 47.19 3.71
CA ASN C 84 2.42 46.13 4.40
C ASN C 84 1.35 45.56 3.48
N SER C 85 0.82 44.41 3.89
CA SER C 85 -0.23 43.68 3.16
C SER C 85 -0.01 43.71 1.65
N LEU C 86 1.16 43.21 1.25
CA LEU C 86 1.53 43.22 -0.16
C LEU C 86 0.63 42.29 -0.97
N ARG C 87 0.42 42.66 -2.24
CA ARG C 87 -0.39 41.94 -3.19
C ARG C 87 0.41 41.69 -4.45
N LEU C 88 -0.07 40.75 -5.26
CA LEU C 88 0.64 40.47 -6.50
C LEU C 88 0.78 41.70 -7.38
N GLU C 89 -0.26 42.53 -7.45
CA GLU C 89 -0.20 43.72 -8.26
C GLU C 89 0.80 44.75 -7.74
N ASP C 90 1.40 44.52 -6.57
CA ASP C 90 2.51 45.33 -6.09
C ASP C 90 3.87 44.90 -6.66
N THR C 91 3.92 43.80 -7.42
CA THR C 91 5.17 43.40 -8.07
C THR C 91 5.64 44.49 -9.01
N ALA C 92 6.90 44.93 -8.84
CA ALA C 92 7.38 46.10 -9.55
C ALA C 92 8.84 46.39 -9.23
N PHE C 93 9.54 47.01 -10.17
CA PHE C 93 10.75 47.75 -9.86
C PHE C 93 10.37 49.00 -9.06
N TYR C 94 11.06 49.22 -7.96
CA TYR C 94 10.87 50.38 -7.12
C TYR C 94 12.11 51.26 -7.24
N TYR C 95 11.89 52.50 -7.69
CA TYR C 95 12.93 53.51 -7.83
C TYR C 95 12.73 54.62 -6.80
N CYS C 96 13.84 55.09 -6.22
CA CYS C 96 13.80 56.37 -5.51
C CYS C 96 14.21 57.48 -6.47
N ALA C 97 13.58 58.63 -6.30
CA ALA C 97 13.76 59.75 -7.20
C ALA C 97 14.02 61.00 -6.38
N LYS C 98 15.06 61.75 -6.75
CA LYS C 98 15.34 63.04 -6.12
C LYS C 98 14.66 64.16 -6.91
N ASP C 99 14.10 65.12 -6.18
CA ASP C 99 13.45 66.26 -6.81
C ASP C 99 14.45 67.19 -7.48
N ILE C 100 13.99 67.91 -8.51
CA ILE C 100 14.79 68.99 -9.06
C ILE C 100 14.95 70.12 -8.04
N ARG C 101 13.87 70.45 -7.35
CA ARG C 101 13.82 71.65 -6.53
C ARG C 101 14.35 71.41 -5.11
N ARG C 102 14.88 72.48 -4.52
CA ARG C 102 15.25 72.49 -3.11
C ARG C 102 14.07 73.01 -2.27
N PHE C 103 13.80 72.33 -1.16
CA PHE C 103 12.85 72.79 -0.14
C PHE C 103 11.42 72.94 -0.67
N SER C 104 11.05 72.22 -1.72
CA SER C 104 9.67 72.27 -2.19
C SER C 104 8.75 71.66 -1.14
N THR C 105 7.46 71.95 -1.26
CA THR C 105 6.47 71.38 -0.34
C THR C 105 5.53 70.40 -1.02
N GLY C 106 4.99 70.74 -2.18
CA GLY C 106 4.07 69.87 -2.90
C GLY C 106 4.56 69.53 -4.30
N GLY C 107 3.80 68.68 -4.95
CA GLY C 107 4.13 68.33 -6.31
C GLY C 107 5.26 67.34 -6.38
N ALA C 108 5.83 67.21 -7.58
CA ALA C 108 6.85 66.20 -7.82
C ALA C 108 7.57 66.44 -9.15
N GLU C 109 8.90 66.45 -9.12
CA GLU C 109 9.71 66.62 -10.33
C GLU C 109 10.88 65.66 -10.21
N PHE C 110 10.87 64.57 -11.00
CA PHE C 110 11.84 63.49 -10.81
C PHE C 110 13.11 63.80 -11.60
N GLU C 111 14.13 64.30 -10.90
CA GLU C 111 15.37 64.66 -11.58
C GLU C 111 16.28 63.46 -11.79
N TYR C 112 16.60 62.74 -10.72
CA TYR C 112 17.48 61.60 -10.79
C TYR C 112 16.84 60.39 -10.11
N TRP C 113 16.95 59.24 -10.77
CA TRP C 113 16.34 57.99 -10.33
C TRP C 113 17.43 56.95 -10.04
N GLY C 114 17.27 56.22 -8.95
CA GLY C 114 18.09 55.06 -8.75
C GLY C 114 17.77 53.98 -9.77
N GLN C 115 18.67 53.00 -9.88
CA GLN C 115 18.42 51.95 -10.85
C GLN C 115 17.30 51.02 -10.43
N GLY C 116 16.88 51.07 -9.18
CA GLY C 116 15.67 50.35 -8.81
C GLY C 116 15.95 49.00 -8.18
N THR C 117 14.99 48.55 -7.36
CA THR C 117 15.03 47.23 -6.74
C THR C 117 13.73 46.49 -7.09
N LEU C 118 13.86 45.23 -7.52
CA LEU C 118 12.70 44.47 -8.01
C LEU C 118 12.03 43.68 -6.89
N VAL C 119 10.77 43.98 -6.65
CA VAL C 119 9.98 43.36 -5.60
C VAL C 119 9.02 42.41 -6.28
N THR C 120 9.19 41.11 -6.04
CA THR C 120 8.32 40.07 -6.60
C THR C 120 7.45 39.56 -5.46
N VAL C 121 6.17 39.86 -5.53
CA VAL C 121 5.21 39.36 -4.56
C VAL C 121 4.65 38.05 -5.10
N SER C 122 4.90 36.95 -4.40
CA SER C 122 4.58 35.68 -5.01
C SER C 122 4.53 34.60 -3.92
N SER C 123 3.70 33.58 -4.14
CA SER C 123 3.72 32.46 -3.21
C SER C 123 4.85 31.48 -3.50
N ALA C 124 5.63 31.71 -4.56
CA ALA C 124 6.73 30.82 -4.89
C ALA C 124 7.97 31.16 -4.05
N SER C 125 8.82 30.16 -3.90
CA SER C 125 9.99 30.21 -3.05
C SER C 125 11.23 30.57 -3.86
N THR C 126 12.18 31.21 -3.20
CA THR C 126 13.44 31.57 -3.84
C THR C 126 14.25 30.33 -4.20
N LYS C 127 14.79 30.32 -5.41
CA LYS C 127 15.62 29.24 -5.93
C LYS C 127 16.73 29.83 -6.79
N GLY C 128 17.96 29.45 -6.48
CA GLY C 128 19.12 29.79 -7.28
C GLY C 128 19.20 28.97 -8.57
N PRO C 129 19.84 29.53 -9.57
CA PRO C 129 19.87 28.90 -10.89
C PRO C 129 20.96 27.86 -11.07
N SER C 130 20.69 26.94 -11.99
CA SER C 130 21.75 26.15 -12.61
C SER C 130 22.26 26.87 -13.86
N VAL C 131 23.55 26.68 -14.13
CA VAL C 131 24.23 27.36 -15.23
C VAL C 131 24.94 26.32 -16.07
N PHE C 132 24.56 26.24 -17.35
CA PHE C 132 25.09 25.25 -18.26
C PHE C 132 25.71 25.91 -19.49
N PRO C 133 26.83 25.41 -19.98
CA PRO C 133 27.47 26.04 -21.15
C PRO C 133 26.74 25.72 -22.44
N LEU C 134 26.64 26.73 -23.30
CA LEU C 134 26.26 26.56 -24.69
C LEU C 134 27.55 26.54 -25.50
N ALA C 135 27.95 25.35 -25.96
CA ALA C 135 29.30 25.10 -26.47
C ALA C 135 29.40 25.42 -27.95
N PRO C 136 30.54 25.98 -28.39
CA PRO C 136 30.76 26.36 -29.80
C PRO C 136 30.64 25.19 -30.77
N GLY C 144 33.64 31.27 -39.83
CA GLY C 144 34.41 32.46 -39.53
C GLY C 144 34.19 33.03 -38.13
N THR C 145 32.93 33.20 -37.75
CA THR C 145 32.60 33.61 -36.40
C THR C 145 31.98 32.45 -35.65
N ALA C 146 32.23 32.42 -34.35
CA ALA C 146 31.72 31.36 -33.47
C ALA C 146 30.81 31.95 -32.40
N ALA C 147 29.68 31.29 -32.18
CA ALA C 147 28.77 31.65 -31.10
C ALA C 147 28.97 30.72 -29.92
N LEU C 148 28.84 31.26 -28.71
CA LEU C 148 28.78 30.45 -27.50
C LEU C 148 28.08 31.25 -26.40
N GLY C 149 27.81 30.57 -25.30
CA GLY C 149 27.07 31.21 -24.23
C GLY C 149 26.84 30.27 -23.08
N CYS C 150 26.00 30.71 -22.14
CA CYS C 150 25.58 29.84 -21.06
CA CYS C 150 25.59 29.93 -20.98
C CYS C 150 24.08 29.96 -20.84
N LEU C 151 23.53 28.87 -20.36
CA LEU C 151 22.10 28.73 -20.11
C LEU C 151 21.90 28.82 -18.60
N VAL C 152 21.10 29.80 -18.18
CA VAL C 152 20.83 30.09 -16.76
C VAL C 152 19.40 29.65 -16.48
N LYS C 153 19.26 28.53 -15.77
CA LYS C 153 18.00 27.80 -15.75
C LYS C 153 17.47 27.64 -14.34
N ASP C 154 16.15 27.82 -14.19
CA ASP C 154 15.40 27.36 -13.03
C ASP C 154 15.69 28.17 -11.78
N TYR C 155 15.50 29.48 -11.85
CA TYR C 155 15.68 30.35 -10.70
C TYR C 155 14.39 31.12 -10.41
N PHE C 156 14.36 31.72 -9.21
CA PHE C 156 13.24 32.56 -8.79
C PHE C 156 13.62 33.40 -7.57
N PRO C 157 13.29 34.70 -7.58
CA PRO C 157 12.58 35.33 -8.66
C PRO C 157 13.57 36.00 -9.60
N GLU C 158 13.08 36.85 -10.50
CA GLU C 158 13.95 37.77 -11.19
C GLU C 158 14.59 38.72 -10.17
N PRO C 159 15.77 39.26 -10.47
CA PRO C 159 16.57 39.12 -11.67
C PRO C 159 17.85 38.34 -11.50
N VAL C 160 18.44 37.89 -12.61
CA VAL C 160 19.83 37.50 -12.64
C VAL C 160 20.58 38.51 -13.50
N THR C 161 21.88 38.60 -13.27
CA THR C 161 22.78 39.41 -14.10
C THR C 161 23.86 38.51 -14.67
N VAL C 162 24.28 38.79 -15.89
CA VAL C 162 25.30 38.00 -16.54
C VAL C 162 26.34 38.94 -17.13
N SER C 163 27.61 38.66 -16.86
CA SER C 163 28.73 39.33 -17.47
C SER C 163 29.65 38.29 -18.09
N TRP C 164 30.61 38.74 -18.89
CA TRP C 164 31.56 37.82 -19.51
C TRP C 164 32.98 38.26 -19.20
N ASN C 165 33.81 37.30 -18.78
CA ASN C 165 35.20 37.55 -18.38
C ASN C 165 35.28 38.71 -17.37
N SER C 166 34.43 38.64 -16.36
CA SER C 166 34.41 39.62 -15.26
C SER C 166 34.27 41.04 -15.80
N GLY C 167 33.44 41.21 -16.82
CA GLY C 167 33.20 42.50 -17.40
C GLY C 167 34.07 42.85 -18.59
N ALA C 168 35.12 42.07 -18.86
CA ALA C 168 36.04 42.42 -19.95
C ALA C 168 35.35 42.37 -21.30
N LEU C 169 34.51 41.37 -21.53
CA LEU C 169 33.92 41.08 -22.82
C LEU C 169 32.50 41.63 -22.86
N THR C 170 32.24 42.57 -23.77
CA THR C 170 30.90 43.13 -23.91
C THR C 170 30.40 43.12 -25.35
N SER C 171 31.27 43.35 -26.33
CA SER C 171 30.79 43.46 -27.70
C SER C 171 30.39 42.07 -28.20
N GLY C 172 29.27 42.01 -28.91
CA GLY C 172 28.73 40.74 -29.36
C GLY C 172 27.93 39.97 -28.32
N VAL C 173 27.72 40.50 -27.15
CA VAL C 173 26.98 39.82 -26.11
C VAL C 173 25.50 40.07 -26.30
N HIS C 174 24.70 39.04 -26.03
CA HIS C 174 23.24 39.11 -26.06
C HIS C 174 22.77 38.33 -24.84
N THR C 175 22.33 39.04 -23.81
CA THR C 175 21.73 38.40 -22.64
C THR C 175 20.22 38.47 -22.79
N PHE C 176 19.60 37.34 -23.09
CA PHE C 176 18.21 37.37 -23.46
C PHE C 176 17.33 37.72 -22.26
N PRO C 177 16.18 38.35 -22.50
CA PRO C 177 15.20 38.48 -21.42
C PRO C 177 14.80 37.11 -20.89
N ALA C 178 14.64 37.03 -19.58
CA ALA C 178 14.22 35.78 -18.98
C ALA C 178 12.77 35.49 -19.37
N VAL C 179 12.45 34.21 -19.46
CA VAL C 179 11.08 33.79 -19.73
C VAL C 179 10.65 32.85 -18.61
N LEU C 180 9.38 32.94 -18.24
CA LEU C 180 8.83 32.07 -17.21
C LEU C 180 8.46 30.73 -17.85
N GLN C 181 9.08 29.66 -17.37
CA GLN C 181 8.74 28.33 -17.87
C GLN C 181 7.46 27.84 -17.21
N SER C 182 6.87 26.78 -17.80
CA SER C 182 5.63 26.26 -17.24
C SER C 182 5.78 25.73 -15.81
N SER C 183 7.01 25.41 -15.40
CA SER C 183 7.25 24.98 -14.03
C SER C 183 7.16 26.12 -13.01
N GLY C 184 7.14 27.37 -13.45
CA GLY C 184 7.12 28.48 -12.53
C GLY C 184 8.48 29.07 -12.23
N LEU C 185 9.55 28.54 -12.81
CA LEU C 185 10.87 29.12 -12.65
C LEU C 185 11.29 29.84 -13.93
N TYR C 186 12.22 30.75 -13.78
CA TYR C 186 12.68 31.51 -14.92
C TYR C 186 13.88 30.84 -15.57
N SER C 187 14.11 31.21 -16.82
CA SER C 187 15.26 30.72 -17.54
C SER C 187 15.69 31.80 -18.52
N LEU C 188 17.00 31.89 -18.76
CA LEU C 188 17.46 32.72 -19.86
C LEU C 188 18.77 32.16 -20.37
N SER C 189 19.17 32.63 -21.56
CA SER C 189 20.50 32.41 -22.07
C SER C 189 21.20 33.74 -22.27
N SER C 190 22.50 33.72 -22.11
CA SER C 190 23.41 34.77 -22.56
C SER C 190 24.36 34.15 -23.56
N VAL C 191 24.46 34.74 -24.75
CA VAL C 191 25.33 34.25 -25.80
C VAL C 191 26.29 35.36 -26.23
N VAL C 192 27.36 34.94 -26.89
CA VAL C 192 28.32 35.88 -27.45
C VAL C 192 28.89 35.27 -28.74
N THR C 193 29.22 36.14 -29.68
CA THR C 193 29.89 35.74 -30.91
C THR C 193 31.32 36.24 -30.87
N VAL C 194 32.26 35.34 -31.14
CA VAL C 194 33.69 35.63 -31.04
C VAL C 194 34.37 35.11 -32.30
N PRO C 195 35.55 35.62 -32.61
CA PRO C 195 36.34 35.04 -33.71
C PRO C 195 36.73 33.60 -33.41
N SER C 196 36.60 32.75 -34.43
CA SER C 196 37.01 31.35 -34.30
C SER C 196 38.49 31.19 -34.00
N SER C 197 39.30 32.24 -34.17
CA SER C 197 40.73 32.16 -33.92
C SER C 197 41.06 31.93 -32.45
N SER C 198 40.18 32.37 -31.55
CA SER C 198 40.51 32.55 -30.14
C SER C 198 40.04 31.39 -29.26
N LEU C 199 39.53 30.30 -29.84
CA LEU C 199 38.99 29.24 -29.01
C LEU C 199 40.08 28.38 -28.37
N GLY C 200 41.31 28.43 -28.90
CA GLY C 200 42.43 27.88 -28.17
C GLY C 200 43.16 28.89 -27.32
N THR C 201 42.86 30.16 -27.53
CA THR C 201 43.54 31.26 -26.85
C THR C 201 42.72 31.78 -25.67
N GLN C 202 41.73 32.59 -25.97
CA GLN C 202 40.95 33.27 -24.94
C GLN C 202 40.13 32.27 -24.14
N THR C 203 40.27 32.32 -22.82
CA THR C 203 39.34 31.62 -21.95
C THR C 203 38.05 32.44 -21.87
N TYR C 204 36.91 31.75 -21.95
CA TYR C 204 35.60 32.39 -21.94
C TYR C 204 34.83 31.94 -20.71
N ILE C 205 34.52 32.87 -19.83
CA ILE C 205 33.81 32.59 -18.60
C ILE C 205 32.63 33.54 -18.48
N CYS C 206 31.44 32.99 -18.28
CA CYS C 206 30.25 33.79 -17.98
C CYS C 206 30.06 33.84 -16.47
N ASN C 207 29.80 35.04 -15.95
CA ASN C 207 29.63 35.26 -14.53
C ASN C 207 28.14 35.50 -14.27
N VAL C 208 27.50 34.54 -13.63
CA VAL C 208 26.08 34.60 -13.31
C VAL C 208 25.91 35.00 -11.85
N ASN C 209 25.11 36.05 -11.64
CA ASN C 209 24.84 36.55 -10.30
C ASN C 209 23.31 36.62 -10.08
N HIS C 210 22.83 35.94 -9.04
CA HIS C 210 21.41 35.96 -8.63
C HIS C 210 21.33 36.39 -7.16
N LYS C 211 21.21 37.69 -6.92
CA LYS C 211 21.25 38.16 -5.53
C LYS C 211 20.07 37.73 -4.64
N PRO C 212 18.84 37.59 -5.15
CA PRO C 212 17.77 37.10 -4.25
C PRO C 212 18.14 35.85 -3.48
N SER C 213 18.94 34.98 -4.08
CA SER C 213 19.41 33.75 -3.44
C SER C 213 20.89 33.79 -3.17
N ASN C 214 21.49 34.97 -3.17
CA ASN C 214 22.88 35.17 -2.76
C ASN C 214 23.81 34.21 -3.50
N THR C 215 23.50 33.97 -4.78
CA THR C 215 24.19 32.99 -5.60
C THR C 215 25.06 33.70 -6.62
N LYS C 216 26.31 33.23 -6.76
CA LYS C 216 27.26 33.74 -7.73
C LYS C 216 27.90 32.54 -8.41
N VAL C 217 28.00 32.58 -9.73
CA VAL C 217 28.47 31.42 -10.48
C VAL C 217 29.29 31.89 -11.67
N ASP C 218 30.52 31.40 -11.76
CA ASP C 218 31.34 31.59 -12.94
C ASP C 218 31.50 30.24 -13.62
N LYS C 219 31.20 30.19 -14.91
CA LYS C 219 31.16 28.95 -15.67
C LYS C 219 32.05 29.08 -16.89
N ARG C 220 33.16 28.34 -16.90
CA ARG C 220 34.02 28.36 -18.07
C ARG C 220 33.34 27.60 -19.20
N VAL C 221 33.30 28.21 -20.37
CA VAL C 221 32.71 27.63 -21.57
C VAL C 221 33.85 27.20 -22.48
N GLU C 222 33.95 25.89 -22.72
CA GLU C 222 34.98 25.24 -23.54
C GLU C 222 34.31 24.41 -24.64
N PRO C 223 34.89 24.36 -25.84
CA PRO C 223 34.37 23.44 -26.86
C PRO C 223 34.45 21.99 -26.39
N LYS C 224 33.62 21.15 -27.00
CA LYS C 224 33.40 19.78 -26.53
C LYS C 224 34.30 18.77 -27.24
N SER C 225 34.63 17.70 -26.51
CA SER C 225 35.46 16.58 -26.96
C SER C 225 35.30 16.21 -28.45
N GLN D 1 -8.58 55.78 -12.94
CA GLN D 1 -7.62 56.89 -12.99
C GLN D 1 -7.71 57.62 -14.33
N SER D 2 -6.90 58.67 -14.49
CA SER D 2 -6.80 59.37 -15.77
C SER D 2 -5.46 59.04 -16.41
N VAL D 3 -5.42 59.17 -17.74
CA VAL D 3 -4.30 58.67 -18.53
C VAL D 3 -3.81 59.78 -19.45
N LEU D 4 -2.50 59.98 -19.48
CA LEU D 4 -1.87 60.70 -20.58
C LEU D 4 -1.66 59.68 -21.69
N THR D 5 -2.40 59.84 -22.79
CA THR D 5 -2.35 58.89 -23.89
C THR D 5 -1.14 59.17 -24.78
N GLN D 6 -0.41 58.12 -25.10
CA GLN D 6 0.65 58.15 -26.09
C GLN D 6 0.41 57.06 -27.12
N PRO D 7 0.87 57.25 -28.36
CA PRO D 7 0.91 56.13 -29.30
C PRO D 7 1.82 55.05 -28.74
N PRO D 8 1.38 53.79 -28.76
CA PRO D 8 2.23 52.72 -28.22
C PRO D 8 3.62 52.65 -28.85
N SER D 9 3.79 53.18 -30.06
CA SER D 9 5.06 53.05 -30.76
C SER D 9 5.24 54.16 -31.80
N ALA D 10 6.49 54.31 -32.23
CA ALA D 10 6.90 55.31 -33.20
C ALA D 10 8.26 54.89 -33.71
N SER D 11 8.57 55.30 -34.94
CA SER D 11 9.75 54.82 -35.62
C SER D 11 10.18 55.83 -36.67
N GLY D 12 11.45 55.76 -37.03
CA GLY D 12 11.98 56.56 -38.11
C GLY D 12 13.32 56.01 -38.53
N THR D 13 13.80 56.51 -39.65
CA THR D 13 15.12 56.14 -40.14
C THR D 13 16.17 57.01 -39.49
N PRO D 14 17.41 56.51 -39.42
CA PRO D 14 18.49 57.31 -38.83
C PRO D 14 18.56 58.70 -39.45
N GLY D 15 18.79 59.70 -38.58
CA GLY D 15 18.84 61.08 -39.00
C GLY D 15 17.50 61.76 -39.18
N GLN D 16 16.41 61.00 -39.27
CA GLN D 16 15.09 61.60 -39.39
C GLN D 16 14.68 62.27 -38.07
N ARG D 17 13.51 62.89 -38.06
CA ARG D 17 12.99 63.57 -36.87
C ARG D 17 11.65 62.95 -36.49
N VAL D 18 11.67 62.10 -35.47
CA VAL D 18 10.48 61.44 -34.94
C VAL D 18 9.87 62.32 -33.87
N THR D 19 8.56 62.39 -33.85
CA THR D 19 7.86 63.11 -32.79
C THR D 19 6.85 62.18 -32.14
N ILE D 20 6.63 62.40 -30.85
CA ILE D 20 5.78 61.57 -30.00
C ILE D 20 4.74 62.48 -29.37
N SER D 21 3.48 62.19 -29.62
CA SER D 21 2.41 62.99 -29.04
C SER D 21 2.00 62.44 -27.69
N CYS D 22 1.37 63.32 -26.90
CA CYS D 22 0.96 62.99 -25.54
C CYS D 22 -0.29 63.81 -25.26
N SER D 23 -1.44 63.15 -25.19
CA SER D 23 -2.73 63.82 -25.10
C SER D 23 -3.27 63.69 -23.68
N GLY D 24 -3.51 64.82 -23.03
CA GLY D 24 -4.09 64.82 -21.70
C GLY D 24 -5.38 65.61 -21.61
N SER D 25 -5.68 66.14 -20.44
CA SER D 25 -6.92 66.88 -20.21
C SER D 25 -6.60 68.24 -19.59
N SER D 26 -7.65 69.06 -19.42
CA SER D 26 -7.46 70.40 -18.91
C SER D 26 -6.89 70.40 -17.50
N SER D 27 -7.24 69.38 -16.70
CA SER D 27 -6.84 69.31 -15.30
C SER D 27 -5.43 68.78 -15.10
N ASN D 28 -4.75 68.29 -16.15
CA ASN D 28 -3.34 67.95 -15.97
C ASN D 28 -2.44 68.78 -16.88
N ILE D 29 -2.39 68.46 -18.18
CA ILE D 29 -1.48 69.19 -19.08
C ILE D 29 -1.93 70.65 -19.25
N GLY D 30 -3.22 70.91 -19.16
CA GLY D 30 -3.69 72.28 -19.28
C GLY D 30 -3.31 73.19 -18.13
N SER D 31 -2.82 72.63 -17.02
CA SER D 31 -2.54 73.39 -15.82
C SER D 31 -1.12 73.26 -15.30
N ASN D 32 -0.39 72.21 -15.65
CA ASN D 32 0.89 71.91 -15.03
C ASN D 32 1.95 71.62 -16.08
N PHE D 33 3.20 71.61 -15.64
CA PHE D 33 4.32 71.35 -16.53
C PHE D 33 4.31 69.91 -17.03
N VAL D 34 4.94 69.70 -18.18
CA VAL D 34 5.10 68.38 -18.77
C VAL D 34 6.57 67.99 -18.67
N TYR D 35 6.82 66.73 -18.34
CA TYR D 35 8.16 66.17 -18.25
C TYR D 35 8.25 64.97 -19.17
N TRP D 36 9.43 64.73 -19.71
CA TRP D 36 9.67 63.54 -20.50
C TRP D 36 10.79 62.73 -19.87
N TYR D 37 10.58 61.42 -19.82
CA TYR D 37 11.59 60.50 -19.36
C TYR D 37 11.90 59.48 -20.45
N GLN D 38 13.18 59.17 -20.60
CA GLN D 38 13.66 58.15 -21.52
C GLN D 38 14.08 56.92 -20.73
N GLN D 39 13.65 55.75 -21.17
CA GLN D 39 14.02 54.50 -20.53
C GLN D 39 14.70 53.59 -21.53
N LEU D 40 15.99 53.42 -21.37
CA LEU D 40 16.71 52.46 -22.17
C LEU D 40 16.56 51.05 -21.60
N PRO D 41 16.65 50.03 -22.46
CA PRO D 41 16.44 48.66 -22.00
C PRO D 41 17.37 48.30 -20.85
N GLY D 42 16.79 47.69 -19.82
CA GLY D 42 17.53 47.29 -18.63
C GLY D 42 17.92 48.40 -17.68
N THR D 43 17.35 49.60 -17.81
CA THR D 43 17.76 50.73 -16.97
C THR D 43 16.54 51.47 -16.46
N ALA D 44 16.76 52.27 -15.42
CA ALA D 44 15.73 53.13 -14.87
C ALA D 44 15.41 54.30 -15.83
N PRO D 45 14.21 54.87 -15.74
CA PRO D 45 13.93 56.09 -16.50
C PRO D 45 14.93 57.18 -16.16
N LYS D 46 15.14 58.07 -17.14
CA LYS D 46 16.11 59.15 -17.02
C LYS D 46 15.46 60.42 -17.52
N LEU D 47 15.59 61.50 -16.73
CA LEU D 47 14.97 62.77 -17.06
C LEU D 47 15.52 63.31 -18.36
N LEU D 48 14.60 63.57 -19.29
CA LEU D 48 14.92 64.02 -20.64
C LEU D 48 14.52 65.47 -20.88
N ILE D 49 13.29 65.81 -20.53
CA ILE D 49 12.75 67.15 -20.67
C ILE D 49 12.01 67.47 -19.38
N TYR D 50 12.27 68.64 -18.80
CA TYR D 50 11.45 69.11 -17.70
C TYR D 50 10.80 70.43 -18.06
N ARG D 51 9.70 70.73 -17.39
CA ARG D 51 9.01 72.00 -17.52
C ARG D 51 8.76 72.33 -18.98
N ASN D 52 8.08 71.39 -19.65
CA ASN D 52 7.66 71.47 -21.04
C ASN D 52 8.81 71.43 -22.04
N ASN D 53 9.90 72.17 -21.80
CA ASN D 53 10.91 72.26 -22.86
C ASN D 53 12.35 72.45 -22.36
N GLN D 54 12.62 72.36 -21.07
CA GLN D 54 13.97 72.56 -20.58
C GLN D 54 14.79 71.28 -20.70
N ARG D 55 16.09 71.45 -20.86
CA ARG D 55 16.99 70.32 -21.05
C ARG D 55 18.00 70.24 -19.92
N PRO D 56 18.09 69.09 -19.23
CA PRO D 56 19.20 68.87 -18.30
C PRO D 56 20.53 68.81 -19.03
N SER D 57 21.59 69.21 -18.33
CA SER D 57 22.95 68.93 -18.77
C SER D 57 23.10 67.48 -19.21
N GLY D 58 23.88 67.26 -20.28
CA GLY D 58 24.09 65.93 -20.84
C GLY D 58 23.07 65.49 -21.86
N VAL D 59 21.90 66.14 -21.87
CA VAL D 59 20.85 65.80 -22.85
C VAL D 59 21.08 66.62 -24.08
N PRO D 60 21.32 65.99 -25.26
CA PRO D 60 21.56 66.73 -26.50
C PRO D 60 20.42 67.70 -26.82
N ASP D 61 20.71 68.63 -27.74
CA ASP D 61 19.74 69.64 -28.14
C ASP D 61 18.77 69.10 -29.18
N ARG D 62 19.12 68.04 -29.89
CA ARG D 62 18.17 67.40 -30.79
C ARG D 62 16.92 66.88 -30.07
N PHE D 63 16.90 66.85 -28.74
CA PHE D 63 15.66 66.56 -28.01
C PHE D 63 14.98 67.88 -27.66
N SER D 64 13.69 67.98 -27.98
CA SER D 64 12.92 69.20 -27.70
C SER D 64 11.51 68.83 -27.28
N GLY D 65 10.92 69.65 -26.42
CA GLY D 65 9.58 69.40 -25.94
C GLY D 65 8.68 70.60 -26.13
N SER D 66 7.40 70.30 -26.37
CA SER D 66 6.38 71.32 -26.61
C SER D 66 5.14 70.98 -25.80
N ARG D 67 4.44 72.01 -25.37
CA ARG D 67 3.10 71.91 -24.82
C ARG D 67 2.20 72.85 -25.61
N SER D 68 0.95 72.42 -25.81
CA SER D 68 -0.03 73.25 -26.52
C SER D 68 -1.43 72.86 -26.03
N GLY D 69 -1.97 73.66 -25.10
CA GLY D 69 -3.27 73.39 -24.55
C GLY D 69 -3.34 72.10 -23.76
N THR D 70 -4.12 71.14 -24.27
CA THR D 70 -4.37 69.90 -23.54
C THR D 70 -3.41 68.78 -23.92
N SER D 71 -2.46 69.02 -24.81
CA SER D 71 -1.55 67.98 -25.24
C SER D 71 -0.11 68.48 -25.18
N ALA D 72 0.82 67.55 -25.36
CA ALA D 72 2.25 67.82 -25.36
C ALA D 72 2.89 67.02 -26.47
N SER D 73 4.16 67.30 -26.72
CA SER D 73 4.82 66.59 -27.80
C SER D 73 6.32 66.64 -27.62
N LEU D 74 6.97 65.54 -27.93
CA LEU D 74 8.43 65.40 -27.89
C LEU D 74 8.94 65.10 -29.29
N ALA D 75 9.96 65.83 -29.72
CA ALA D 75 10.60 65.61 -31.01
C ALA D 75 12.01 65.11 -30.77
N ILE D 76 12.36 64.01 -31.41
CA ILE D 76 13.74 63.54 -31.44
C ILE D 76 14.29 63.89 -32.81
N SER D 77 15.24 64.81 -32.84
CA SER D 77 15.86 65.22 -34.10
C SER D 77 17.14 64.42 -34.32
N GLY D 78 17.45 64.16 -35.59
CA GLY D 78 18.62 63.39 -35.93
C GLY D 78 18.65 62.05 -35.23
N LEU D 79 17.62 61.23 -35.49
CA LEU D 79 17.43 59.99 -34.77
C LEU D 79 18.63 59.07 -34.97
N ARG D 80 18.98 58.35 -33.89
CA ARG D 80 20.11 57.42 -33.87
C ARG D 80 19.69 56.16 -33.15
N SER D 81 20.49 55.11 -33.32
CA SER D 81 20.12 53.82 -32.74
C SER D 81 20.24 53.82 -31.23
N GLU D 82 21.00 54.75 -30.65
CA GLU D 82 21.02 54.88 -29.20
C GLU D 82 19.73 55.47 -28.65
N ASP D 83 18.87 56.02 -29.50
CA ASP D 83 17.58 56.55 -29.09
C ASP D 83 16.50 55.48 -28.96
N GLU D 84 16.80 54.22 -29.28
CA GLU D 84 15.83 53.14 -29.14
C GLU D 84 15.56 52.93 -27.64
N ALA D 85 14.33 53.19 -27.23
CA ALA D 85 13.97 53.31 -25.82
C ALA D 85 12.47 53.55 -25.73
N ASP D 86 11.95 53.41 -24.53
CA ASP D 86 10.61 53.88 -24.24
C ASP D 86 10.67 55.31 -23.74
N TYR D 87 9.70 56.12 -24.17
CA TYR D 87 9.61 57.52 -23.76
C TYR D 87 8.27 57.72 -23.08
N TYR D 88 8.29 58.30 -21.89
CA TYR D 88 7.08 58.58 -21.13
C TYR D 88 6.96 60.08 -20.94
N CYS D 89 5.77 60.62 -21.23
CA CYS D 89 5.44 61.94 -20.72
C CYS D 89 4.85 61.80 -19.32
N ALA D 90 4.71 62.94 -18.65
CA ALA D 90 4.21 62.91 -17.29
C ALA D 90 3.84 64.33 -16.90
N ALA D 91 2.91 64.44 -15.96
CA ALA D 91 2.48 65.76 -15.53
C ALA D 91 1.66 65.62 -14.25
N TRP D 92 1.84 66.57 -13.34
CA TRP D 92 0.97 66.66 -12.18
C TRP D 92 -0.47 66.87 -12.65
N ASP D 93 -1.41 66.25 -11.97
CA ASP D 93 -2.83 66.41 -12.23
C ASP D 93 -3.46 67.10 -11.02
N ASP D 94 -4.04 68.29 -11.26
CA ASP D 94 -4.69 69.07 -10.21
C ASP D 94 -5.93 68.40 -9.65
N SER D 95 -6.55 67.51 -10.43
CA SER D 95 -7.79 66.86 -10.03
C SER D 95 -7.53 65.79 -8.97
N LEU D 96 -8.63 65.30 -8.37
CA LEU D 96 -8.57 64.21 -7.40
C LEU D 96 -7.64 64.53 -6.24
N GLY D 97 -7.52 65.82 -5.91
CA GLY D 97 -6.67 66.25 -4.82
C GLY D 97 -5.17 66.27 -5.10
N GLY D 98 -4.75 66.19 -6.36
CA GLY D 98 -3.34 66.32 -6.69
C GLY D 98 -2.57 65.02 -6.78
N HIS D 99 -2.25 64.59 -8.00
CA HIS D 99 -1.48 63.37 -8.18
C HIS D 99 -0.61 63.52 -9.42
N TYR D 100 0.33 62.60 -9.58
CA TYR D 100 1.32 62.65 -10.65
C TYR D 100 0.98 61.57 -11.66
N VAL D 101 0.77 61.96 -12.91
CA VAL D 101 0.28 61.06 -13.95
C VAL D 101 1.39 60.86 -14.96
N PHE D 102 1.69 59.60 -15.24
CA PHE D 102 2.59 59.18 -16.31
C PHE D 102 1.79 58.85 -17.56
N GLY D 103 2.38 59.14 -18.72
CA GLY D 103 1.82 58.67 -19.96
C GLY D 103 1.92 57.17 -20.10
N THR D 104 1.21 56.64 -21.10
CA THR D 104 1.22 55.20 -21.33
C THR D 104 2.51 54.71 -21.99
N GLY D 105 3.36 55.61 -22.45
CA GLY D 105 4.66 55.23 -22.97
C GLY D 105 4.65 54.98 -24.46
N THR D 106 5.80 55.23 -25.09
CA THR D 106 5.97 55.04 -26.53
C THR D 106 7.33 54.40 -26.76
N LYS D 107 7.34 53.28 -27.45
CA LYS D 107 8.58 52.61 -27.83
C LYS D 107 9.03 53.11 -29.20
N VAL D 108 10.27 53.57 -29.30
CA VAL D 108 10.79 54.11 -30.54
C VAL D 108 11.67 53.05 -31.19
N THR D 109 11.41 52.78 -32.46
CA THR D 109 12.16 51.82 -33.27
C THR D 109 12.99 52.57 -34.31
N VAL D 110 14.22 52.13 -34.55
CA VAL D 110 15.01 52.62 -35.66
C VAL D 110 14.81 51.68 -36.86
N LEU D 111 14.36 52.24 -37.99
CA LEU D 111 14.06 51.44 -39.17
C LEU D 111 15.32 51.31 -40.02
N ARG D 112 15.84 50.08 -40.13
CA ARG D 112 17.04 49.81 -40.89
C ARG D 112 16.71 48.94 -42.11
N THR D 113 17.72 48.34 -42.70
CA THR D 113 17.52 47.44 -43.84
C THR D 113 17.34 45.99 -43.38
N VAL D 114 16.73 45.18 -44.26
CA VAL D 114 16.53 43.78 -43.92
C VAL D 114 17.90 43.14 -43.76
N ALA D 115 18.02 42.31 -42.73
CA ALA D 115 19.26 41.61 -42.41
C ALA D 115 18.90 40.20 -41.97
N ALA D 116 19.56 39.23 -42.56
CA ALA D 116 19.28 37.83 -42.32
C ALA D 116 19.99 37.36 -41.05
N PRO D 117 19.39 36.44 -40.31
CA PRO D 117 19.99 36.00 -39.05
C PRO D 117 21.14 35.03 -39.27
N SER D 118 22.07 35.04 -38.33
CA SER D 118 23.06 33.99 -38.21
C SER D 118 22.47 32.94 -37.27
N VAL D 119 22.39 31.69 -37.73
CA VAL D 119 21.68 30.65 -37.00
C VAL D 119 22.71 29.72 -36.38
N PHE D 120 22.56 29.45 -35.09
CA PHE D 120 23.42 28.53 -34.36
C PHE D 120 22.56 27.62 -33.49
N ILE D 121 22.98 26.36 -33.37
CA ILE D 121 22.31 25.35 -32.56
C ILE D 121 23.26 24.85 -31.48
N PHE D 122 22.71 24.51 -30.33
CA PHE D 122 23.48 24.05 -29.17
C PHE D 122 22.82 22.82 -28.60
N PRO D 123 23.50 21.67 -28.56
CA PRO D 123 22.93 20.49 -27.92
C PRO D 123 22.99 20.62 -26.40
N PRO D 124 22.20 19.84 -25.67
CA PRO D 124 22.26 19.91 -24.21
C PRO D 124 23.65 19.54 -23.71
N SER D 125 24.07 20.20 -22.64
CA SER D 125 25.38 19.89 -22.07
C SER D 125 25.33 18.55 -21.34
N ASP D 126 26.52 17.99 -21.11
CA ASP D 126 26.60 16.73 -20.37
C ASP D 126 26.18 16.90 -18.92
N GLU D 127 26.56 18.03 -18.30
CA GLU D 127 26.17 18.26 -16.90
C GLU D 127 24.66 18.29 -16.74
N GLN D 128 23.97 18.93 -17.68
CA GLN D 128 22.52 19.01 -17.58
C GLN D 128 21.89 17.63 -17.70
N LEU D 129 22.44 16.78 -18.58
CA LEU D 129 21.87 15.46 -18.79
C LEU D 129 22.04 14.54 -17.60
N LYS D 130 22.98 14.83 -16.70
CA LYS D 130 23.02 14.08 -15.45
C LYS D 130 21.81 14.39 -14.60
N SER D 131 21.28 15.62 -14.72
CA SER D 131 20.09 16.01 -13.98
C SER D 131 18.83 15.29 -14.46
N GLY D 132 18.79 14.88 -15.71
CA GLY D 132 17.60 14.27 -16.28
C GLY D 132 16.79 15.17 -17.18
N THR D 133 17.32 16.32 -17.55
CA THR D 133 16.66 17.29 -18.41
C THR D 133 17.59 17.67 -19.54
N ALA D 134 17.02 17.91 -20.72
CA ALA D 134 17.79 18.27 -21.89
C ALA D 134 17.21 19.55 -22.48
N SER D 135 18.03 20.59 -22.56
CA SER D 135 17.67 21.84 -23.22
C SER D 135 18.42 21.94 -24.55
N VAL D 136 17.68 22.13 -25.65
CA VAL D 136 18.26 22.37 -26.96
C VAL D 136 18.00 23.82 -27.32
N VAL D 137 19.05 24.56 -27.66
CA VAL D 137 18.97 26.00 -27.87
C VAL D 137 19.33 26.31 -29.31
N CYS D 138 18.43 27.00 -30.00
CA CYS D 138 18.69 27.51 -31.34
C CYS D 138 18.81 29.03 -31.23
N LEU D 139 19.89 29.59 -31.78
CA LEU D 139 20.16 31.02 -31.73
C LEU D 139 19.98 31.64 -33.11
N LEU D 140 19.20 32.72 -33.18
CA LEU D 140 19.12 33.60 -34.34
C LEU D 140 19.79 34.90 -33.96
N ASN D 141 20.88 35.24 -34.64
CA ASN D 141 21.69 36.39 -34.24
C ASN D 141 21.59 37.51 -35.27
N ASN D 142 21.21 38.71 -34.80
CA ASN D 142 21.45 39.98 -35.49
C ASN D 142 20.74 40.05 -36.85
N PHE D 143 19.41 40.11 -36.76
CA PHE D 143 18.56 40.10 -37.94
C PHE D 143 17.50 41.20 -37.85
N TYR D 144 16.78 41.37 -38.95
CA TYR D 144 15.80 42.43 -39.12
C TYR D 144 14.93 42.14 -40.33
N PRO D 145 13.59 42.26 -40.21
CA PRO D 145 12.91 42.74 -39.02
C PRO D 145 12.67 41.67 -37.95
N ARG D 146 11.83 42.02 -36.98
CA ARG D 146 11.65 41.22 -35.77
C ARG D 146 10.98 39.87 -36.04
N GLU D 147 10.06 39.80 -36.99
CA GLU D 147 9.21 38.63 -37.16
C GLU D 147 10.00 37.48 -37.79
N ALA D 148 9.85 36.29 -37.21
CA ALA D 148 10.62 35.16 -37.72
C ALA D 148 9.89 33.87 -37.37
N LYS D 149 10.16 32.82 -38.16
CA LYS D 149 9.50 31.53 -38.02
C LYS D 149 10.55 30.51 -37.68
N VAL D 150 10.50 29.99 -36.45
CA VAL D 150 11.49 29.08 -35.91
C VAL D 150 10.79 27.81 -35.45
N GLN D 151 11.09 26.70 -36.09
CA GLN D 151 10.44 25.44 -35.74
C GLN D 151 11.49 24.39 -35.44
N TRP D 152 11.11 23.45 -34.59
CA TRP D 152 11.97 22.35 -34.18
C TRP D 152 11.51 21.07 -34.84
N LYS D 153 12.46 20.26 -35.26
CA LYS D 153 12.16 18.96 -35.85
C LYS D 153 13.08 17.95 -35.20
N VAL D 154 12.49 16.92 -34.59
CA VAL D 154 13.24 15.84 -33.98
C VAL D 154 12.95 14.61 -34.82
N ASP D 155 13.97 14.15 -35.56
CA ASP D 155 13.81 13.08 -36.55
C ASP D 155 12.70 13.41 -37.54
N ASN D 156 12.76 14.64 -38.05
CA ASN D 156 11.85 15.20 -39.05
C ASN D 156 10.43 15.40 -38.54
N ALA D 157 10.19 15.11 -37.25
CA ALA D 157 8.89 15.35 -36.64
C ALA D 157 8.84 16.78 -36.08
N LEU D 158 7.92 17.58 -36.60
CA LEU D 158 7.77 18.96 -36.14
C LEU D 158 7.31 18.96 -34.68
N GLN D 159 8.15 19.51 -33.81
CA GLN D 159 7.81 19.63 -32.40
C GLN D 159 6.78 20.72 -32.17
N SER D 160 6.12 20.64 -31.03
CA SER D 160 5.00 21.52 -30.75
C SER D 160 4.77 21.54 -29.24
N GLY D 161 4.59 22.75 -28.70
CA GLY D 161 4.23 22.91 -27.30
C GLY D 161 5.33 22.61 -26.29
N ASN D 162 6.55 22.32 -26.73
CA ASN D 162 7.64 22.07 -25.79
C ASN D 162 8.79 23.04 -26.00
N SER D 163 8.50 24.26 -26.47
CA SER D 163 9.56 25.23 -26.70
C SER D 163 9.07 26.63 -26.35
N GLN D 164 10.03 27.50 -26.04
CA GLN D 164 9.78 28.90 -25.78
C GLN D 164 10.83 29.76 -26.46
N GLU D 165 10.41 30.92 -26.94
CA GLU D 165 11.31 31.88 -27.56
C GLU D 165 11.50 33.10 -26.67
N SER D 166 12.63 33.77 -26.87
CA SER D 166 12.92 35.07 -26.27
C SER D 166 13.62 35.94 -27.30
N VAL D 167 13.22 37.20 -27.38
CA VAL D 167 13.74 38.15 -28.37
C VAL D 167 14.36 39.32 -27.63
N THR D 168 15.53 39.77 -28.08
CA THR D 168 16.15 40.92 -27.45
C THR D 168 15.43 42.21 -27.86
N GLU D 169 15.67 43.25 -27.07
CA GLU D 169 15.33 44.59 -27.53
C GLU D 169 16.28 45.02 -28.66
N GLN D 170 15.82 45.95 -29.49
CA GLN D 170 16.61 46.38 -30.63
C GLN D 170 18.01 46.81 -30.20
N ASP D 171 19.03 46.32 -30.90
CA ASP D 171 20.41 46.61 -30.55
C ASP D 171 20.73 48.09 -30.73
N SER D 172 21.47 48.66 -29.78
CA SER D 172 21.66 50.11 -29.77
C SER D 172 22.74 50.58 -30.74
N LYS D 173 23.41 49.70 -31.49
CA LYS D 173 24.34 50.16 -32.51
C LYS D 173 23.91 49.75 -33.92
N ASP D 174 23.62 48.48 -34.18
CA ASP D 174 23.23 48.07 -35.53
C ASP D 174 21.72 47.88 -35.71
N SER D 175 20.93 48.16 -34.69
CA SER D 175 19.48 48.21 -34.75
C SER D 175 18.87 46.86 -35.13
N THR D 176 19.55 45.75 -34.85
CA THR D 176 18.99 44.43 -35.13
C THR D 176 18.42 43.80 -33.87
N TYR D 177 17.63 42.75 -34.07
CA TYR D 177 17.16 41.89 -33.00
C TYR D 177 17.91 40.57 -33.03
N SER D 178 17.89 39.89 -31.91
CA SER D 178 18.31 38.51 -31.80
C SER D 178 17.24 37.75 -31.04
N LEU D 179 17.24 36.43 -31.22
CA LEU D 179 16.19 35.56 -30.74
C LEU D 179 16.78 34.22 -30.32
N SER D 180 16.24 33.64 -29.26
CA SER D 180 16.59 32.29 -28.88
C SER D 180 15.32 31.46 -28.82
N SER D 181 15.47 30.18 -29.12
CA SER D 181 14.35 29.26 -29.00
C SER D 181 14.89 28.02 -28.32
N THR D 182 14.29 27.65 -27.21
CA THR D 182 14.80 26.60 -26.34
C THR D 182 13.81 25.45 -26.32
N LEU D 183 14.28 24.27 -26.71
CA LEU D 183 13.47 23.07 -26.72
C LEU D 183 13.84 22.25 -25.50
N THR D 184 12.84 21.84 -24.71
CA THR D 184 13.09 21.09 -23.49
C THR D 184 12.44 19.72 -23.55
N LEU D 185 13.24 18.69 -23.29
CA LEU D 185 12.79 17.31 -23.22
C LEU D 185 13.40 16.66 -22.00
N SER D 186 12.73 15.63 -21.50
CA SER D 186 13.35 14.78 -20.50
C SER D 186 14.58 14.10 -21.10
N LYS D 187 15.54 13.76 -20.23
CA LYS D 187 16.66 12.92 -20.66
C LYS D 187 16.15 11.64 -21.31
N ALA D 188 15.11 11.04 -20.75
CA ALA D 188 14.51 9.86 -21.36
C ALA D 188 14.13 10.14 -22.82
N ASP D 189 13.34 11.18 -23.04
CA ASP D 189 12.87 11.49 -24.39
C ASP D 189 14.01 11.92 -25.30
N TYR D 190 14.94 12.71 -24.77
CA TYR D 190 16.07 13.13 -25.58
C TYR D 190 16.86 11.93 -26.12
N GLU D 191 16.97 10.86 -25.35
CA GLU D 191 17.76 9.73 -25.79
C GLU D 191 17.03 8.83 -26.77
N LYS D 192 15.74 9.05 -26.99
CA LYS D 192 14.97 8.22 -27.91
C LYS D 192 15.01 8.72 -29.35
N HIS D 193 15.83 9.72 -29.67
CA HIS D 193 15.89 10.22 -31.05
C HIS D 193 17.32 10.63 -31.40
N LYS D 194 17.56 10.72 -32.71
CA LYS D 194 18.90 10.96 -33.24
C LYS D 194 19.11 12.37 -33.76
N VAL D 195 18.19 12.89 -34.57
CA VAL D 195 18.40 14.15 -35.29
C VAL D 195 17.61 15.27 -34.63
N TYR D 196 18.32 16.34 -34.22
CA TYR D 196 17.70 17.52 -33.64
C TYR D 196 18.00 18.73 -34.52
N ALA D 197 16.95 19.38 -34.99
CA ALA D 197 17.12 20.41 -36.00
C ALA D 197 16.21 21.60 -35.70
N CYS D 198 16.68 22.78 -36.06
CA CYS D 198 15.87 23.98 -35.98
CA CYS D 198 15.91 24.01 -35.98
C CYS D 198 15.86 24.64 -37.36
N GLU D 199 14.65 24.94 -37.83
CA GLU D 199 14.40 25.51 -39.15
C GLU D 199 13.99 26.97 -38.99
N VAL D 200 14.62 27.84 -39.75
CA VAL D 200 14.44 29.27 -39.60
C VAL D 200 14.00 29.84 -40.95
N THR D 201 12.87 30.51 -40.95
CA THR D 201 12.35 31.22 -42.13
C THR D 201 12.26 32.70 -41.77
N HIS D 202 12.91 33.54 -42.57
CA HIS D 202 12.94 34.96 -42.32
C HIS D 202 12.96 35.70 -43.65
N GLN D 203 12.42 36.92 -43.66
CA GLN D 203 12.33 37.68 -44.90
C GLN D 203 13.69 37.93 -45.54
N GLY D 204 14.77 37.84 -44.77
CA GLY D 204 16.10 38.06 -45.29
C GLY D 204 16.72 36.81 -45.88
N LEU D 205 15.92 35.78 -46.14
CA LEU D 205 16.41 34.50 -46.58
C LEU D 205 15.61 34.03 -47.78
N SER D 206 16.30 33.47 -48.77
CA SER D 206 15.64 33.02 -50.00
C SER D 206 14.88 31.74 -49.78
N SER D 207 15.36 30.92 -48.87
CA SER D 207 14.71 29.67 -48.50
C SER D 207 15.10 29.39 -47.06
N PRO D 208 14.39 28.47 -46.40
CA PRO D 208 14.67 28.24 -44.97
C PRO D 208 16.09 27.74 -44.73
N VAL D 209 16.62 28.05 -43.54
CA VAL D 209 17.93 27.61 -43.09
C VAL D 209 17.74 26.58 -41.98
N THR D 210 18.53 25.50 -42.04
CA THR D 210 18.49 24.45 -41.05
C THR D 210 19.85 24.32 -40.37
N LYS D 211 19.85 24.34 -39.04
CA LYS D 211 21.00 23.91 -38.25
C LYS D 211 20.55 22.70 -37.44
N SER D 212 21.27 21.58 -37.63
CA SER D 212 20.92 20.32 -37.00
C SER D 212 22.16 19.73 -36.34
N PHE D 213 21.93 18.70 -35.53
CA PHE D 213 23.02 17.90 -34.99
C PHE D 213 22.51 16.50 -34.72
N ASN D 214 23.46 15.57 -34.61
CA ASN D 214 23.19 14.19 -34.24
C ASN D 214 23.61 14.00 -32.79
N ARG D 215 22.67 13.52 -31.96
CA ARG D 215 22.96 13.17 -30.57
C ARG D 215 24.17 12.25 -30.47
N GLY D 216 25.28 12.75 -29.93
CA GLY D 216 26.54 12.02 -29.93
C GLY D 216 27.40 12.41 -31.12
N GLU D 217 28.38 13.28 -30.89
CA GLU D 217 29.30 13.71 -31.94
C GLU D 217 30.45 14.52 -31.37
N GLN E 1 -53.68 -24.49 7.59
CA GLN E 1 -52.53 -23.77 8.12
C GLN E 1 -52.03 -24.41 9.42
N VAL E 2 -50.72 -24.58 9.46
CA VAL E 2 -50.09 -25.33 10.53
C VAL E 2 -50.38 -24.74 11.90
N GLN E 3 -50.52 -25.61 12.89
CA GLN E 3 -50.88 -25.18 14.24
C GLN E 3 -50.28 -26.15 15.25
N LEU E 4 -49.52 -25.62 16.19
CA LEU E 4 -48.91 -26.41 17.27
C LEU E 4 -49.24 -25.73 18.57
N VAL E 5 -49.94 -26.43 19.46
CA VAL E 5 -50.41 -25.84 20.72
C VAL E 5 -49.88 -26.68 21.89
N GLU E 6 -48.95 -26.11 22.65
CA GLU E 6 -48.39 -26.76 23.83
C GLU E 6 -49.27 -26.52 25.04
N SER E 7 -49.36 -27.53 25.89
CA SER E 7 -50.08 -27.41 27.15
C SER E 7 -49.27 -28.12 28.23
N GLY E 8 -49.67 -27.90 29.48
CA GLY E 8 -49.09 -28.59 30.62
C GLY E 8 -48.15 -27.78 31.48
N GLY E 9 -47.82 -26.55 31.09
CA GLY E 9 -46.92 -25.73 31.88
C GLY E 9 -47.56 -25.28 33.18
N GLY E 10 -46.87 -24.37 33.86
CA GLY E 10 -47.25 -23.88 35.16
C GLY E 10 -46.08 -23.96 36.11
N SER E 11 -46.36 -23.86 37.40
CA SER E 11 -45.30 -24.01 38.38
C SER E 11 -45.27 -25.43 38.91
N VAL E 12 -44.08 -25.86 39.33
CA VAL E 12 -43.87 -27.21 39.81
C VAL E 12 -42.66 -27.19 40.73
N GLN E 13 -42.74 -27.94 41.83
CA GLN E 13 -41.65 -27.85 42.78
C GLN E 13 -40.46 -28.66 42.28
N PRO E 14 -39.24 -28.27 42.67
CA PRO E 14 -38.04 -28.99 42.21
C PRO E 14 -38.00 -30.42 42.72
N GLY E 15 -37.55 -31.32 41.85
CA GLY E 15 -37.54 -32.73 42.13
C GLY E 15 -38.78 -33.48 41.72
N ARG E 16 -39.89 -32.78 41.52
CA ARG E 16 -41.14 -33.38 41.04
C ARG E 16 -41.13 -33.53 39.51
N SER E 17 -42.19 -34.13 38.98
CA SER E 17 -42.35 -34.45 37.56
C SER E 17 -43.38 -33.54 36.91
N LEU E 18 -43.24 -33.37 35.58
CA LEU E 18 -44.22 -32.66 34.77
C LEU E 18 -44.23 -33.21 33.34
N ARG E 19 -45.42 -33.31 32.76
CA ARG E 19 -45.57 -33.83 31.41
C ARG E 19 -46.16 -32.76 30.49
N LEU E 20 -45.42 -32.39 29.46
CA LEU E 20 -45.90 -31.43 28.46
C LEU E 20 -46.46 -32.15 27.26
N SER E 21 -47.47 -31.55 26.65
CA SER E 21 -48.06 -32.09 25.43
C SER E 21 -48.15 -31.01 24.35
N CYS E 22 -48.22 -31.46 23.11
CA CYS E 22 -48.35 -30.59 21.95
C CYS E 22 -49.35 -31.23 21.00
N GLU E 23 -50.40 -30.49 20.66
CA GLU E 23 -51.39 -30.91 19.68
C GLU E 23 -51.10 -30.21 18.36
N ALA E 24 -51.14 -30.97 17.28
CA ALA E 24 -50.80 -30.49 15.96
C ALA E 24 -52.01 -30.52 15.04
N SER E 25 -52.01 -29.66 14.03
CA SER E 25 -53.01 -29.74 12.97
C SER E 25 -52.51 -28.92 11.79
N GLY E 26 -53.16 -29.11 10.65
CA GLY E 26 -52.81 -28.38 9.45
C GLY E 26 -51.66 -28.97 8.67
N PHE E 27 -51.15 -30.11 9.09
CA PHE E 27 -50.18 -30.86 8.32
C PHE E 27 -50.33 -32.32 8.70
N THR E 28 -49.64 -33.17 7.95
CA THR E 28 -49.71 -34.60 8.20
C THR E 28 -48.74 -34.93 9.32
N PHE E 29 -49.26 -35.00 10.56
CA PHE E 29 -48.41 -35.19 11.72
C PHE E 29 -47.49 -36.40 11.54
N GLU E 30 -48.07 -37.52 11.10
CA GLU E 30 -47.39 -38.81 11.04
C GLU E 30 -46.26 -38.85 10.03
N ALA E 31 -46.05 -37.78 9.26
CA ALA E 31 -44.98 -37.72 8.27
C ALA E 31 -43.75 -36.96 8.73
N TYR E 32 -43.75 -36.35 9.92
CA TYR E 32 -42.71 -35.38 10.29
C TYR E 32 -42.07 -35.70 11.63
N ALA E 33 -40.73 -35.63 11.65
CA ALA E 33 -40.01 -35.52 12.91
C ALA E 33 -40.51 -34.30 13.67
N MET E 34 -40.58 -34.45 15.00
CA MET E 34 -41.01 -33.39 15.89
C MET E 34 -39.94 -33.19 16.96
N HIS E 35 -39.91 -32.00 17.54
CA HIS E 35 -38.82 -31.59 18.39
C HIS E 35 -39.33 -30.74 19.54
N TRP E 36 -38.62 -30.81 20.67
CA TRP E 36 -38.80 -29.86 21.76
C TRP E 36 -37.59 -28.93 21.84
N VAL E 37 -37.86 -27.63 21.99
CA VAL E 37 -36.84 -26.61 22.22
C VAL E 37 -37.28 -25.80 23.44
N ARG E 38 -36.33 -25.35 24.25
CA ARG E 38 -36.71 -24.53 25.40
C ARG E 38 -35.89 -23.25 25.47
N GLN E 39 -36.46 -22.27 26.15
CA GLN E 39 -35.83 -20.97 26.36
C GLN E 39 -36.08 -20.48 27.78
N PRO E 40 -35.08 -20.45 28.63
CA PRO E 40 -35.25 -19.82 29.96
C PRO E 40 -35.61 -18.35 29.79
N PRO E 41 -36.56 -17.84 30.56
CA PRO E 41 -37.05 -16.48 30.30
C PRO E 41 -35.89 -15.50 30.30
N GLY E 42 -35.83 -14.70 29.24
CA GLY E 42 -34.79 -13.71 29.07
C GLY E 42 -33.45 -14.22 28.60
N LYS E 43 -33.35 -15.48 28.17
CA LYS E 43 -32.07 -16.01 27.76
C LYS E 43 -32.23 -16.63 26.38
N GLY E 44 -31.32 -17.53 26.01
CA GLY E 44 -31.23 -18.07 24.67
C GLY E 44 -32.04 -19.33 24.48
N LEU E 45 -31.85 -19.95 23.31
CA LEU E 45 -32.54 -21.17 22.94
C LEU E 45 -31.66 -22.40 23.16
N GLU E 46 -32.27 -23.49 23.60
CA GLU E 46 -31.56 -24.74 23.82
C GLU E 46 -32.43 -25.86 23.29
N TRP E 47 -31.90 -26.59 22.31
CA TRP E 47 -32.58 -27.80 21.83
C TRP E 47 -32.60 -28.84 22.93
N VAL E 48 -33.76 -29.50 23.07
CA VAL E 48 -34.02 -30.45 24.15
C VAL E 48 -34.08 -31.89 23.63
N SER E 49 -34.86 -32.12 22.59
CA SER E 49 -35.14 -33.50 22.20
C SER E 49 -35.79 -33.58 20.82
N SER E 50 -35.60 -34.72 20.17
CA SER E 50 -36.20 -35.01 18.88
C SER E 50 -36.68 -36.44 18.82
N ILE E 51 -37.76 -36.65 18.07
CA ILE E 51 -38.31 -37.96 17.78
C ILE E 51 -38.79 -37.93 16.33
N ASN E 52 -38.47 -38.98 15.55
CA ASN E 52 -38.82 -38.98 14.14
C ASN E 52 -40.23 -39.54 13.96
N TRP E 53 -40.67 -39.73 12.70
CA TRP E 53 -42.09 -39.94 12.42
C TRP E 53 -42.59 -41.25 13.03
N ASN E 54 -41.77 -42.30 13.02
CA ASN E 54 -42.23 -43.59 13.53
C ASN E 54 -41.68 -43.91 14.92
N SER E 55 -41.08 -42.92 15.58
CA SER E 55 -40.49 -43.05 16.93
C SER E 55 -39.35 -44.06 16.96
N GLY E 56 -38.80 -44.41 15.80
CA GLY E 56 -37.63 -45.27 15.78
C GLY E 56 -36.33 -44.57 16.04
N ARG E 57 -36.33 -43.23 16.01
CA ARG E 57 -35.13 -42.44 16.24
C ARG E 57 -35.46 -41.39 17.29
N ILE E 58 -34.71 -41.38 18.38
CA ILE E 58 -34.89 -40.41 19.45
C ILE E 58 -33.51 -39.88 19.83
N ALA E 59 -33.45 -38.59 20.14
CA ALA E 59 -32.21 -37.96 20.56
C ALA E 59 -32.50 -36.98 21.71
N TYR E 60 -31.53 -36.81 22.58
CA TYR E 60 -31.71 -35.92 23.73
C TYR E 60 -30.46 -35.06 23.92
N ALA E 61 -30.67 -33.83 24.36
CA ALA E 61 -29.52 -33.06 24.80
C ALA E 61 -28.97 -33.66 26.08
N ASP E 62 -27.63 -33.62 26.22
CA ASP E 62 -26.98 -34.16 27.40
C ASP E 62 -27.55 -33.59 28.67
N SER E 63 -27.99 -32.33 28.64
CA SER E 63 -28.42 -31.69 29.86
C SER E 63 -29.66 -32.33 30.45
N VAL E 64 -30.46 -33.02 29.64
CA VAL E 64 -31.70 -33.61 30.11
C VAL E 64 -31.75 -35.11 29.92
N LYS E 65 -30.70 -35.71 29.38
CA LYS E 65 -30.69 -37.14 29.16
C LYS E 65 -30.79 -37.87 30.49
N GLY E 66 -31.59 -38.95 30.51
CA GLY E 66 -31.88 -39.67 31.73
C GLY E 66 -33.04 -39.12 32.55
N ARG E 67 -33.48 -37.90 32.28
CA ARG E 67 -34.56 -37.27 33.04
C ARG E 67 -35.79 -37.00 32.20
N PHE E 68 -35.63 -36.79 30.90
CA PHE E 68 -36.73 -36.46 30.01
C PHE E 68 -36.96 -37.61 29.04
N THR E 69 -38.22 -37.80 28.69
CA THR E 69 -38.60 -38.83 27.74
C THR E 69 -39.54 -38.22 26.70
N ILE E 70 -39.12 -38.23 25.45
CA ILE E 70 -39.96 -37.76 24.37
C ILE E 70 -40.72 -38.97 23.82
N SER E 71 -41.94 -38.72 23.35
CA SER E 71 -42.75 -39.75 22.75
C SER E 71 -43.82 -39.04 21.94
N ARG E 72 -44.57 -39.82 21.15
CA ARG E 72 -45.60 -39.23 20.30
C ARG E 72 -46.72 -40.22 20.05
N ASP E 73 -47.89 -39.67 19.75
CA ASP E 73 -49.07 -40.44 19.42
C ASP E 73 -49.59 -39.98 18.06
N ASN E 74 -49.27 -40.71 16.99
CA ASN E 74 -49.69 -40.24 15.67
C ASN E 74 -51.20 -40.28 15.53
N ALA E 75 -51.85 -41.25 16.15
CA ALA E 75 -53.30 -41.32 16.07
C ALA E 75 -53.95 -40.12 16.74
N ARG E 76 -53.27 -39.50 17.70
CA ARG E 76 -53.80 -38.32 18.36
C ARG E 76 -53.10 -37.03 17.93
N ASN E 77 -52.28 -37.08 16.88
CA ASN E 77 -51.55 -35.90 16.41
C ASN E 77 -50.87 -35.18 17.57
N SER E 78 -50.31 -35.95 18.50
CA SER E 78 -49.80 -35.33 19.71
C SER E 78 -48.36 -35.75 19.97
N LEU E 79 -47.58 -34.78 20.46
CA LEU E 79 -46.20 -34.97 20.88
C LEU E 79 -46.11 -34.76 22.39
N TYR E 80 -45.25 -35.52 23.06
CA TYR E 80 -45.21 -35.49 24.53
C TYR E 80 -43.79 -35.33 25.04
N LEU E 81 -43.69 -34.67 26.19
CA LEU E 81 -42.41 -34.59 26.89
C LEU E 81 -42.65 -34.87 28.35
N GLN E 82 -42.10 -35.98 28.85
CA GLN E 82 -42.20 -36.38 30.27
C GLN E 82 -40.91 -35.99 30.95
N MET E 83 -40.97 -35.01 31.83
CA MET E 83 -39.81 -34.47 32.53
C MET E 83 -39.85 -34.91 33.99
N ASN E 84 -38.78 -35.56 34.44
CA ASN E 84 -38.66 -35.99 35.82
C ASN E 84 -37.50 -35.26 36.48
N SER E 85 -37.55 -35.21 37.81
CA SER E 85 -36.44 -34.68 38.62
C SER E 85 -36.10 -33.25 38.20
N LEU E 86 -37.11 -32.39 38.21
CA LEU E 86 -36.94 -31.07 37.65
C LEU E 86 -36.05 -30.22 38.55
N ARG E 87 -35.30 -29.32 37.92
CA ARG E 87 -34.42 -28.40 38.62
C ARG E 87 -34.78 -26.98 38.21
N LEU E 88 -34.43 -26.02 39.07
CA LEU E 88 -34.70 -24.61 38.76
C LEU E 88 -34.22 -24.24 37.36
N GLU E 89 -33.06 -24.75 36.95
CA GLU E 89 -32.53 -24.44 35.63
C GLU E 89 -33.31 -25.12 34.49
N ASP E 90 -34.29 -25.96 34.78
CA ASP E 90 -35.25 -26.41 33.76
C ASP E 90 -36.35 -25.39 33.50
N THR E 91 -36.43 -24.32 34.30
CA THR E 91 -37.41 -23.25 34.07
C THR E 91 -37.22 -22.66 32.68
N ALA E 92 -38.27 -22.70 31.85
CA ALA E 92 -38.19 -22.21 30.48
C ALA E 92 -39.57 -22.22 29.81
N PHE E 93 -39.69 -21.42 28.76
CA PHE E 93 -40.72 -21.69 27.76
C PHE E 93 -40.29 -22.93 27.00
N TYR E 94 -41.20 -23.90 26.89
CA TYR E 94 -40.94 -25.12 26.12
C TYR E 94 -41.71 -25.00 24.80
N TYR E 95 -40.99 -25.13 23.69
CA TYR E 95 -41.57 -24.98 22.36
C TYR E 95 -41.58 -26.32 21.65
N CYS E 96 -42.76 -26.68 21.18
CA CYS E 96 -42.97 -27.72 20.18
C CYS E 96 -42.53 -27.22 18.78
N ALA E 97 -41.84 -28.08 18.03
CA ALA E 97 -41.46 -27.69 16.66
C ALA E 97 -41.58 -28.83 15.66
N LYS E 98 -42.13 -28.49 14.50
CA LYS E 98 -42.26 -29.41 13.36
C LYS E 98 -41.09 -29.27 12.41
N ASP E 99 -40.60 -30.40 11.90
CA ASP E 99 -39.47 -30.40 10.99
C ASP E 99 -39.86 -29.92 9.58
N ILE E 100 -38.85 -29.44 8.86
CA ILE E 100 -39.01 -29.09 7.44
C ILE E 100 -39.26 -30.34 6.61
N ARG E 101 -38.51 -31.40 6.89
CA ARG E 101 -38.43 -32.58 6.04
C ARG E 101 -39.53 -33.58 6.40
N ARG E 102 -39.90 -34.41 5.42
CA ARG E 102 -40.78 -35.54 5.64
C ARG E 102 -39.95 -36.81 5.77
N PHE E 103 -40.20 -37.59 6.84
CA PHE E 103 -39.58 -38.89 7.05
C PHE E 103 -38.07 -38.79 7.22
N SER E 104 -37.59 -37.69 7.77
CA SER E 104 -36.18 -37.65 8.14
C SER E 104 -35.91 -38.65 9.26
N THR E 105 -34.64 -39.03 9.42
CA THR E 105 -34.24 -39.92 10.50
C THR E 105 -33.22 -39.31 11.44
N GLY E 106 -32.35 -38.44 10.97
CA GLY E 106 -31.47 -37.74 11.88
C GLY E 106 -31.64 -36.24 11.85
N GLY E 107 -30.73 -35.54 12.51
CA GLY E 107 -30.69 -34.08 12.52
C GLY E 107 -31.98 -33.44 13.00
N ALA E 108 -32.15 -32.17 12.62
CA ALA E 108 -33.33 -31.41 12.98
C ALA E 108 -33.33 -30.12 12.20
N GLU E 109 -34.49 -29.77 11.62
CA GLU E 109 -34.69 -28.47 10.98
C GLU E 109 -36.04 -27.92 11.43
N PHE E 110 -36.03 -26.86 12.23
CA PHE E 110 -37.22 -26.36 12.90
C PHE E 110 -37.98 -25.42 11.97
N GLU E 111 -39.11 -25.87 11.44
CA GLU E 111 -39.87 -25.09 10.46
C GLU E 111 -40.92 -24.19 11.11
N TYR E 112 -41.92 -24.80 11.76
CA TYR E 112 -42.92 -24.07 12.54
C TYR E 112 -42.73 -24.38 14.02
N TRP E 113 -42.95 -23.38 14.87
CA TRP E 113 -42.87 -23.50 16.32
C TRP E 113 -44.21 -23.13 16.94
N GLY E 114 -44.64 -23.91 17.95
CA GLY E 114 -45.74 -23.47 18.78
C GLY E 114 -45.40 -22.19 19.55
N GLN E 115 -46.41 -21.61 20.20
CA GLN E 115 -46.12 -20.40 20.94
C GLN E 115 -45.42 -20.66 22.28
N GLY E 116 -45.42 -21.90 22.76
CA GLY E 116 -44.68 -22.30 23.93
C GLY E 116 -45.54 -22.35 25.19
N THR E 117 -45.10 -23.17 26.14
CA THR E 117 -45.74 -23.18 27.46
C THR E 117 -44.63 -22.95 28.49
N LEU E 118 -44.90 -22.04 29.43
CA LEU E 118 -43.92 -21.64 30.44
C LEU E 118 -43.96 -22.57 31.65
N VAL E 119 -42.83 -23.20 31.94
CA VAL E 119 -42.66 -24.10 33.07
C VAL E 119 -41.78 -23.39 34.10
N THR E 120 -42.30 -23.18 35.30
CA THR E 120 -41.57 -22.48 36.36
C THR E 120 -41.24 -23.49 37.45
N VAL E 121 -40.01 -23.98 37.46
CA VAL E 121 -39.56 -24.82 38.56
C VAL E 121 -39.18 -23.92 39.73
N SER E 122 -39.94 -24.04 40.82
CA SER E 122 -39.85 -23.14 41.95
C SER E 122 -40.49 -23.84 43.13
N SER E 123 -40.05 -23.46 44.33
CA SER E 123 -40.68 -23.95 45.53
C SER E 123 -41.72 -22.97 46.05
N ALA E 124 -41.95 -21.88 45.33
CA ALA E 124 -42.95 -20.91 45.74
C ALA E 124 -44.34 -21.39 45.34
N SER E 125 -45.34 -20.92 46.09
CA SER E 125 -46.75 -21.27 45.92
C SER E 125 -47.38 -20.41 44.85
N THR E 126 -48.43 -20.94 44.22
CA THR E 126 -49.16 -20.18 43.20
C THR E 126 -50.10 -19.18 43.84
N LYS E 127 -50.07 -17.93 43.34
CA LYS E 127 -50.82 -16.84 43.94
C LYS E 127 -51.34 -15.91 42.85
N GLY E 128 -52.61 -15.54 42.97
CA GLY E 128 -53.25 -14.69 41.99
C GLY E 128 -52.99 -13.22 42.22
N PRO E 129 -53.07 -12.43 41.15
CA PRO E 129 -52.77 -11.00 41.26
C PRO E 129 -53.92 -10.19 41.80
N SER E 130 -53.58 -9.16 42.57
CA SER E 130 -54.49 -8.06 42.86
C SER E 130 -54.30 -7.00 41.76
N VAL E 131 -55.38 -6.32 41.40
CA VAL E 131 -55.39 -5.38 40.27
C VAL E 131 -55.83 -4.02 40.79
N PHE E 132 -54.97 -3.02 40.64
CA PHE E 132 -55.33 -1.69 41.10
C PHE E 132 -55.32 -0.71 39.95
N PRO E 133 -56.13 0.36 40.00
CA PRO E 133 -56.19 1.29 38.88
C PRO E 133 -55.10 2.33 38.94
N LEU E 134 -54.55 2.65 37.78
CA LEU E 134 -53.67 3.79 37.60
C LEU E 134 -54.50 4.87 36.90
N ALA E 135 -55.04 5.81 37.67
CA ALA E 135 -56.02 6.73 37.08
C ALA E 135 -55.43 8.12 36.82
N PRO E 136 -55.94 8.85 35.82
CA PRO E 136 -55.56 10.23 35.48
C PRO E 136 -55.47 11.18 36.67
N GLY E 144 -53.92 17.58 26.77
CA GLY E 144 -54.65 16.90 25.73
C GLY E 144 -54.50 15.38 25.76
N THR E 145 -53.28 14.92 25.97
CA THR E 145 -52.97 13.50 26.08
C THR E 145 -53.00 13.07 27.54
N ALA E 146 -53.73 12.00 27.84
CA ALA E 146 -53.81 11.42 29.16
C ALA E 146 -53.21 10.02 29.17
N ALA E 147 -52.76 9.61 30.34
CA ALA E 147 -52.27 8.26 30.58
C ALA E 147 -53.07 7.64 31.71
N LEU E 148 -53.41 6.36 31.54
CA LEU E 148 -54.05 5.58 32.60
C LEU E 148 -53.60 4.13 32.46
N GLY E 149 -53.94 3.31 33.46
CA GLY E 149 -53.60 1.90 33.37
C GLY E 149 -54.01 1.12 34.61
N CYS E 150 -53.42 -0.08 34.75
CA CYS E 150 -53.66 -0.88 35.94
CA CYS E 150 -53.67 -0.96 35.87
C CYS E 150 -52.36 -1.50 36.42
N LEU E 151 -52.32 -1.70 37.73
CA LEU E 151 -51.19 -2.29 38.44
C LEU E 151 -51.57 -3.72 38.82
N VAL E 152 -50.86 -4.68 38.24
CA VAL E 152 -51.13 -6.11 38.44
C VAL E 152 -50.10 -6.60 39.45
N LYS E 153 -50.50 -6.73 40.71
CA LYS E 153 -49.54 -6.85 41.79
C LYS E 153 -49.63 -8.20 42.49
N ASP E 154 -48.47 -8.67 42.96
CA ASP E 154 -48.34 -9.79 43.90
C ASP E 154 -48.92 -11.09 43.32
N TYR E 155 -48.22 -11.62 42.31
CA TYR E 155 -48.63 -12.89 41.74
C TYR E 155 -47.42 -13.79 41.51
N PHE E 156 -47.73 -15.08 41.24
CA PHE E 156 -46.77 -16.15 40.94
C PHE E 156 -47.55 -17.36 40.46
N PRO E 157 -47.09 -18.04 39.41
CA PRO E 157 -45.90 -17.72 38.64
C PRO E 157 -46.23 -16.83 37.46
N GLU E 158 -45.22 -16.53 36.64
CA GLU E 158 -45.47 -15.98 35.32
C GLU E 158 -46.23 -17.01 34.48
N PRO E 159 -47.04 -16.56 33.51
CA PRO E 159 -47.31 -15.18 33.10
C PRO E 159 -48.70 -14.66 33.44
N VAL E 160 -48.87 -13.33 33.33
CA VAL E 160 -50.19 -12.75 33.17
C VAL E 160 -50.26 -12.20 31.76
N THR E 161 -51.46 -11.89 31.32
CA THR E 161 -51.68 -11.20 30.06
C THR E 161 -52.71 -10.11 30.31
N VAL E 162 -52.52 -8.97 29.65
CA VAL E 162 -53.43 -7.84 29.80
C VAL E 162 -53.99 -7.46 28.44
N SER E 163 -55.29 -7.18 28.43
CA SER E 163 -56.03 -6.62 27.30
C SER E 163 -56.56 -5.25 27.72
N TRP E 164 -56.99 -4.49 26.73
CA TRP E 164 -57.83 -3.33 26.99
C TRP E 164 -59.11 -3.47 26.18
N ASN E 165 -60.25 -3.35 26.85
CA ASN E 165 -61.57 -3.48 26.23
C ASN E 165 -61.60 -4.67 25.27
N SER E 166 -61.32 -5.83 25.82
CA SER E 166 -61.47 -7.12 25.14
C SER E 166 -60.63 -7.22 23.86
N GLY E 167 -59.70 -6.30 23.65
CA GLY E 167 -58.89 -6.28 22.45
C GLY E 167 -59.27 -5.19 21.48
N ALA E 168 -60.38 -4.49 21.71
CA ALA E 168 -60.75 -3.35 20.87
C ALA E 168 -59.67 -2.28 20.91
N LEU E 169 -59.22 -1.90 22.11
CA LEU E 169 -58.28 -0.80 22.30
C LEU E 169 -56.86 -1.36 22.30
N THR E 170 -56.09 -1.02 21.28
CA THR E 170 -54.76 -1.59 21.13
C THR E 170 -53.67 -0.57 20.82
N SER E 171 -54.01 0.58 20.25
CA SER E 171 -53.02 1.60 19.97
C SER E 171 -52.73 2.41 21.23
N GLY E 172 -51.44 2.66 21.48
CA GLY E 172 -51.02 3.45 22.61
C GLY E 172 -50.80 2.70 23.89
N VAL E 173 -50.77 1.36 23.84
CA VAL E 173 -50.71 0.50 25.02
C VAL E 173 -49.27 0.08 25.28
N HIS E 174 -48.89 0.11 26.56
CA HIS E 174 -47.60 -0.42 26.99
C HIS E 174 -47.83 -1.31 28.21
N THR E 175 -47.59 -2.60 28.05
CA THR E 175 -47.63 -3.56 29.14
C THR E 175 -46.20 -3.92 29.51
N PHE E 176 -45.75 -3.44 30.65
CA PHE E 176 -44.35 -3.57 30.99
C PHE E 176 -44.03 -5.02 31.35
N PRO E 177 -42.79 -5.45 31.10
CA PRO E 177 -42.35 -6.76 31.60
C PRO E 177 -42.46 -6.84 33.11
N ALA E 178 -42.86 -8.01 33.60
CA ALA E 178 -42.96 -8.21 35.02
C ALA E 178 -41.59 -8.15 35.67
N VAL E 179 -41.59 -7.66 36.91
CA VAL E 179 -40.40 -7.63 37.74
C VAL E 179 -40.66 -8.45 39.00
N LEU E 180 -39.69 -9.27 39.36
CA LEU E 180 -39.79 -10.02 40.60
C LEU E 180 -39.57 -9.09 41.78
N GLN E 181 -40.55 -9.01 42.66
CA GLN E 181 -40.37 -8.22 43.87
C GLN E 181 -39.55 -8.98 44.89
N SER E 182 -39.04 -8.23 45.89
CA SER E 182 -38.30 -8.83 46.99
C SER E 182 -39.16 -9.78 47.82
N SER E 183 -40.47 -9.58 47.82
CA SER E 183 -41.39 -10.53 48.42
C SER E 183 -41.44 -11.85 47.68
N GLY E 184 -40.75 -11.98 46.54
CA GLY E 184 -40.82 -13.20 45.78
C GLY E 184 -42.02 -13.32 44.87
N LEU E 185 -42.85 -12.28 44.76
CA LEU E 185 -43.97 -12.28 43.86
C LEU E 185 -43.75 -11.24 42.77
N TYR E 186 -44.38 -11.47 41.62
CA TYR E 186 -44.17 -10.61 40.46
C TYR E 186 -45.15 -9.44 40.47
N SER E 187 -44.88 -8.47 39.61
CA SER E 187 -45.79 -7.35 39.47
C SER E 187 -45.45 -6.61 38.18
N LEU E 188 -46.47 -6.08 37.53
CA LEU E 188 -46.28 -5.27 36.33
C LEU E 188 -47.41 -4.27 36.25
N SER E 189 -47.15 -3.22 35.48
CA SER E 189 -48.17 -2.26 35.09
C SER E 189 -48.44 -2.35 33.60
N SER E 190 -49.67 -2.01 33.22
CA SER E 190 -50.04 -1.78 31.83
C SER E 190 -50.60 -0.37 31.73
N VAL E 191 -50.06 0.43 30.81
CA VAL E 191 -50.53 1.79 30.63
C VAL E 191 -51.01 1.96 29.20
N VAL E 192 -51.85 2.96 29.00
CA VAL E 192 -52.27 3.38 27.67
C VAL E 192 -52.42 4.89 27.67
N THR E 193 -52.02 5.52 26.58
CA THR E 193 -52.24 6.95 26.36
C THR E 193 -53.52 7.13 25.55
N VAL E 194 -54.41 7.97 26.04
CA VAL E 194 -55.60 8.35 25.29
C VAL E 194 -55.78 9.86 25.43
N PRO E 195 -56.51 10.48 24.52
CA PRO E 195 -56.82 11.90 24.67
C PRO E 195 -57.85 12.14 25.76
N SER E 196 -57.85 13.35 26.33
CA SER E 196 -58.83 13.70 27.34
C SER E 196 -60.26 13.80 26.78
N SER E 197 -60.39 13.98 25.45
CA SER E 197 -61.66 14.01 24.73
C SER E 197 -62.52 12.77 24.95
N SER E 198 -62.01 11.80 25.69
CA SER E 198 -62.56 10.46 25.75
C SER E 198 -62.84 10.01 27.16
N LEU E 199 -62.40 10.78 28.17
CA LEU E 199 -62.51 10.34 29.56
C LEU E 199 -63.97 10.15 29.95
N GLY E 200 -64.74 11.23 30.05
CA GLY E 200 -66.15 11.08 30.26
C GLY E 200 -66.86 10.69 28.98
N THR E 201 -66.35 9.70 28.25
CA THR E 201 -66.94 9.25 26.99
C THR E 201 -66.79 7.75 26.78
N GLN E 202 -65.56 7.25 26.89
CA GLN E 202 -65.22 5.89 26.49
C GLN E 202 -64.99 5.01 27.71
N THR E 203 -65.50 3.78 27.63
CA THR E 203 -65.22 2.76 28.62
C THR E 203 -63.76 2.34 28.53
N TYR E 204 -63.13 2.10 29.70
CA TYR E 204 -61.71 1.72 29.79
C TYR E 204 -61.57 0.62 30.84
N ILE E 205 -61.64 -0.64 30.41
CA ILE E 205 -61.47 -1.79 31.28
C ILE E 205 -60.27 -2.60 30.81
N CYS E 206 -59.35 -2.86 31.74
CA CYS E 206 -58.20 -3.68 31.45
C CYS E 206 -58.51 -5.13 31.86
N ASN E 207 -58.23 -6.06 30.96
CA ASN E 207 -58.62 -7.46 31.09
C ASN E 207 -57.39 -8.29 31.47
N VAL E 208 -57.27 -8.61 32.75
CA VAL E 208 -56.12 -9.33 33.26
C VAL E 208 -56.45 -10.81 33.41
N ASN E 209 -55.50 -11.66 33.03
CA ASN E 209 -55.74 -13.09 32.86
C ASN E 209 -54.52 -13.84 33.41
N HIS E 210 -54.68 -14.48 34.56
CA HIS E 210 -53.61 -15.28 35.17
C HIS E 210 -54.05 -16.74 35.19
N LYS E 211 -53.85 -17.41 34.05
CA LYS E 211 -54.29 -18.80 33.91
C LYS E 211 -53.76 -19.74 34.98
N PRO E 212 -52.50 -19.67 35.45
CA PRO E 212 -52.03 -20.69 36.42
C PRO E 212 -52.77 -20.70 37.73
N SER E 213 -53.44 -19.61 38.11
CA SER E 213 -54.31 -19.59 39.28
C SER E 213 -55.77 -19.45 38.90
N ASN E 214 -56.09 -19.57 37.61
CA ASN E 214 -57.44 -19.38 37.10
C ASN E 214 -58.03 -18.09 37.66
N THR E 215 -57.28 -17.02 37.46
CA THR E 215 -57.69 -15.68 37.83
C THR E 215 -58.09 -14.91 36.57
N LYS E 216 -59.17 -14.16 36.69
CA LYS E 216 -59.68 -13.38 35.57
C LYS E 216 -60.32 -12.15 36.18
N VAL E 217 -59.72 -10.99 35.96
CA VAL E 217 -60.20 -9.73 36.53
C VAL E 217 -60.37 -8.73 35.39
N ASP E 218 -61.53 -8.09 35.34
CA ASP E 218 -61.82 -7.01 34.39
C ASP E 218 -62.04 -5.75 35.21
N LYS E 219 -61.04 -4.89 35.26
CA LYS E 219 -61.06 -3.69 36.10
C LYS E 219 -61.35 -2.48 35.24
N ARG E 220 -62.35 -1.71 35.63
CA ARG E 220 -62.61 -0.44 34.96
C ARG E 220 -61.78 0.64 35.65
N VAL E 221 -61.09 1.41 34.82
CA VAL E 221 -60.25 2.50 35.29
C VAL E 221 -61.01 3.79 35.01
N GLU E 222 -61.30 4.51 36.08
CA GLU E 222 -62.04 5.75 35.94
C GLU E 222 -61.32 6.88 36.65
N PRO E 223 -61.57 8.12 36.24
CA PRO E 223 -61.06 9.27 37.03
C PRO E 223 -61.85 9.37 38.31
N LYS E 224 -61.14 9.64 39.41
CA LYS E 224 -61.82 9.82 40.70
C LYS E 224 -61.49 11.18 41.29
N SER E 225 -62.47 11.79 41.94
CA SER E 225 -62.43 13.19 42.36
C SER E 225 -61.89 13.34 43.78
N GLN F 1 -19.36 -26.69 26.44
CA GLN F 1 -20.41 -26.83 25.43
C GLN F 1 -19.95 -26.36 24.04
N SER F 2 -20.71 -26.74 23.02
CA SER F 2 -20.55 -26.13 21.72
C SER F 2 -21.38 -24.85 21.69
N VAL F 3 -20.78 -23.78 21.18
CA VAL F 3 -21.44 -22.49 21.12
C VAL F 3 -21.23 -21.90 19.74
N LEU F 4 -22.32 -21.54 19.07
CA LEU F 4 -22.20 -20.60 17.97
C LEU F 4 -22.14 -19.21 18.59
N THR F 5 -21.04 -18.51 18.36
CA THR F 5 -20.81 -17.21 18.95
C THR F 5 -21.39 -16.13 18.06
N GLN F 6 -22.28 -15.32 18.62
CA GLN F 6 -22.85 -14.17 17.94
C GLN F 6 -22.57 -12.93 18.75
N PRO F 7 -22.51 -11.76 18.13
CA PRO F 7 -22.41 -10.54 18.92
C PRO F 7 -23.70 -10.33 19.69
N PRO F 8 -23.63 -9.81 20.91
CA PRO F 8 -24.86 -9.60 21.67
C PRO F 8 -25.78 -8.57 21.05
N SER F 9 -25.24 -7.60 20.30
CA SER F 9 -25.96 -6.41 19.88
C SER F 9 -25.58 -6.04 18.46
N ALA F 10 -26.57 -5.57 17.71
CA ALA F 10 -26.33 -4.90 16.44
C ALA F 10 -27.42 -3.86 16.28
N SER F 11 -27.11 -2.80 15.53
CA SER F 11 -28.09 -1.75 15.35
C SER F 11 -27.73 -0.93 14.12
N GLY F 12 -28.72 -0.23 13.61
CA GLY F 12 -28.51 0.66 12.49
C GLY F 12 -29.59 1.73 12.48
N THR F 13 -29.34 2.78 11.70
CA THR F 13 -30.38 3.75 11.43
C THR F 13 -31.39 3.15 10.46
N PRO F 14 -32.61 3.68 10.44
CA PRO F 14 -33.60 3.17 9.49
C PRO F 14 -33.06 3.23 8.06
N GLY F 15 -33.12 2.10 7.36
CA GLY F 15 -32.58 2.00 6.01
C GLY F 15 -31.17 1.42 5.95
N GLN F 16 -30.43 1.42 7.06
CA GLN F 16 -29.08 0.88 7.11
C GLN F 16 -29.07 -0.63 6.85
N ARG F 17 -27.96 -1.13 6.30
CA ARG F 17 -27.74 -2.57 6.17
C ARG F 17 -27.00 -3.09 7.40
N VAL F 18 -27.61 -4.03 8.11
CA VAL F 18 -27.09 -4.56 9.37
C VAL F 18 -26.70 -6.02 9.17
N THR F 19 -25.53 -6.40 9.69
CA THR F 19 -24.98 -7.74 9.53
C THR F 19 -24.71 -8.37 10.88
N ILE F 20 -24.96 -9.68 10.98
CA ILE F 20 -24.80 -10.45 12.22
C ILE F 20 -23.96 -11.67 11.88
N SER F 21 -22.80 -11.77 12.48
CA SER F 21 -21.92 -12.90 12.24
C SER F 21 -22.23 -14.02 13.21
N CYS F 22 -21.58 -15.16 12.98
CA CYS F 22 -21.90 -16.37 13.71
C CYS F 22 -20.73 -17.33 13.49
N SER F 23 -19.92 -17.52 14.52
CA SER F 23 -18.70 -18.31 14.41
C SER F 23 -18.91 -19.66 15.06
N GLY F 24 -18.62 -20.72 14.30
CA GLY F 24 -18.78 -22.08 14.77
C GLY F 24 -17.49 -22.86 14.67
N SER F 25 -17.59 -24.11 14.24
CA SER F 25 -16.46 -25.02 14.28
C SER F 25 -16.53 -25.95 13.08
N SER F 26 -15.46 -26.74 12.91
CA SER F 26 -15.44 -27.79 11.91
C SER F 26 -16.70 -28.65 11.95
N SER F 27 -17.05 -29.12 13.16
CA SER F 27 -18.08 -30.14 13.33
C SER F 27 -19.50 -29.61 13.22
N ASN F 28 -19.73 -28.30 13.39
CA ASN F 28 -21.09 -27.84 13.12
C ASN F 28 -21.17 -27.06 11.81
N ILE F 29 -20.78 -25.78 11.82
CA ILE F 29 -21.03 -24.91 10.67
C ILE F 29 -20.23 -25.38 9.46
N GLY F 30 -19.02 -25.87 9.67
CA GLY F 30 -18.22 -26.37 8.56
C GLY F 30 -18.88 -27.51 7.81
N SER F 31 -19.73 -28.28 8.49
CA SER F 31 -20.23 -29.53 7.93
C SER F 31 -21.74 -29.61 7.76
N ASN F 32 -22.51 -28.63 8.25
CA ASN F 32 -23.96 -28.71 8.18
C ASN F 32 -24.53 -27.37 7.77
N PHE F 33 -25.81 -27.38 7.38
CA PHE F 33 -26.53 -26.18 7.02
C PHE F 33 -26.64 -25.23 8.20
N VAL F 34 -26.72 -23.92 7.91
CA VAL F 34 -26.97 -22.91 8.93
C VAL F 34 -28.41 -22.46 8.83
N TYR F 35 -29.03 -22.22 9.98
CA TYR F 35 -30.40 -21.72 10.02
C TYR F 35 -30.42 -20.44 10.83
N TRP F 36 -31.40 -19.57 10.55
CA TRP F 36 -31.57 -18.32 11.27
C TRP F 36 -33.02 -18.21 11.73
N TYR F 37 -33.20 -17.80 12.97
CA TYR F 37 -34.53 -17.62 13.54
C TYR F 37 -34.69 -16.18 14.03
N GLN F 38 -35.86 -15.61 13.76
CA GLN F 38 -36.22 -14.30 14.24
C GLN F 38 -37.23 -14.46 15.36
N GLN F 39 -37.00 -13.79 16.49
CA GLN F 39 -37.91 -13.82 17.62
C GLN F 39 -38.30 -12.39 17.96
N LEU F 40 -39.50 -12.00 17.54
CA LEU F 40 -40.05 -10.73 17.96
C LEU F 40 -40.39 -10.80 19.45
N PRO F 41 -40.39 -9.66 20.14
CA PRO F 41 -40.80 -9.63 21.55
C PRO F 41 -42.13 -10.33 21.80
N GLY F 42 -42.19 -11.11 22.88
CA GLY F 42 -43.41 -11.77 23.28
C GLY F 42 -43.85 -12.96 22.45
N THR F 43 -43.05 -13.41 21.48
CA THR F 43 -43.45 -14.48 20.60
C THR F 43 -42.39 -15.57 20.54
N ALA F 44 -42.81 -16.73 20.07
CA ALA F 44 -41.91 -17.83 19.73
C ALA F 44 -40.95 -17.43 18.61
N PRO F 45 -39.78 -18.04 18.54
CA PRO F 45 -38.92 -17.89 17.36
C PRO F 45 -39.67 -18.31 16.10
N LYS F 46 -39.24 -17.73 14.98
CA LYS F 46 -39.82 -17.99 13.67
C LYS F 46 -38.66 -18.18 12.70
N LEU F 47 -38.78 -19.16 11.82
CA LEU F 47 -37.73 -19.42 10.85
C LEU F 47 -37.57 -18.23 9.91
N LEU F 48 -36.33 -17.78 9.74
CA LEU F 48 -35.97 -16.66 8.87
C LEU F 48 -35.18 -17.10 7.66
N ILE F 49 -34.15 -17.92 7.85
CA ILE F 49 -33.33 -18.46 6.78
C ILE F 49 -33.14 -19.94 7.08
N TYR F 50 -33.36 -20.78 6.07
CA TYR F 50 -33.03 -22.20 6.19
C TYR F 50 -32.01 -22.59 5.12
N ARG F 51 -31.19 -23.59 5.45
CA ARG F 51 -30.20 -24.15 4.55
C ARG F 51 -29.31 -23.07 3.95
N ASN F 52 -28.64 -22.33 4.84
CA ASN F 52 -27.62 -21.34 4.53
C ASN F 52 -28.20 -20.05 3.98
N ASN F 53 -29.01 -20.13 2.91
CA ASN F 53 -29.42 -18.90 2.25
C ASN F 53 -30.84 -18.94 1.68
N GLN F 54 -31.67 -19.90 2.07
CA GLN F 54 -33.03 -19.99 1.55
C GLN F 54 -33.98 -19.20 2.43
N ARG F 55 -34.86 -18.47 1.81
CA ARG F 55 -35.90 -17.74 2.51
C ARG F 55 -37.22 -18.49 2.43
N PRO F 56 -37.95 -18.62 3.54
CA PRO F 56 -39.33 -19.11 3.43
C PRO F 56 -40.20 -18.04 2.79
N SER F 57 -41.40 -18.45 2.39
CA SER F 57 -42.43 -17.48 2.05
C SER F 57 -42.74 -16.57 3.23
N GLY F 58 -43.07 -15.32 2.93
CA GLY F 58 -43.36 -14.34 3.95
C GLY F 58 -42.15 -13.57 4.44
N VAL F 59 -40.95 -14.14 4.33
CA VAL F 59 -39.74 -13.45 4.75
C VAL F 59 -39.28 -12.52 3.62
N PRO F 60 -39.16 -11.23 3.88
CA PRO F 60 -38.81 -10.28 2.81
C PRO F 60 -37.43 -10.55 2.21
N ASP F 61 -37.24 -10.04 0.99
CA ASP F 61 -35.98 -10.11 0.28
C ASP F 61 -34.83 -9.38 0.96
N ARG F 62 -35.13 -8.57 1.97
CA ARG F 62 -34.07 -7.80 2.64
C ARG F 62 -33.24 -8.66 3.56
N PHE F 63 -33.71 -9.86 3.89
CA PHE F 63 -32.96 -10.81 4.69
C PHE F 63 -32.24 -11.77 3.76
N SER F 64 -30.93 -11.91 3.96
CA SER F 64 -30.13 -12.87 3.21
C SER F 64 -29.13 -13.54 4.14
N GLY F 65 -28.78 -14.78 3.82
CA GLY F 65 -27.84 -15.53 4.63
C GLY F 65 -26.71 -16.09 3.78
N SER F 66 -25.63 -16.48 4.46
CA SER F 66 -24.46 -17.05 3.79
C SER F 66 -23.63 -17.83 4.79
N ARG F 67 -22.77 -18.72 4.27
CA ARG F 67 -21.89 -19.56 5.08
C ARG F 67 -20.56 -19.71 4.36
N SER F 68 -19.46 -19.48 5.07
CA SER F 68 -18.13 -19.76 4.57
C SER F 68 -17.27 -20.30 5.71
N GLY F 69 -16.63 -21.45 5.47
CA GLY F 69 -15.77 -22.04 6.49
C GLY F 69 -16.57 -22.44 7.71
N THR F 70 -16.08 -22.05 8.89
CA THR F 70 -16.72 -22.33 10.16
C THR F 70 -17.56 -21.16 10.64
N SER F 71 -17.96 -20.28 9.74
CA SER F 71 -18.73 -19.10 10.12
C SER F 71 -19.80 -18.82 9.08
N ALA F 72 -20.76 -17.98 9.48
CA ALA F 72 -21.95 -17.68 8.70
C ALA F 72 -22.39 -16.26 9.04
N SER F 73 -23.44 -15.80 8.37
CA SER F 73 -23.76 -14.40 8.49
C SER F 73 -25.18 -14.13 7.99
N LEU F 74 -25.82 -13.15 8.63
CA LEU F 74 -27.16 -12.73 8.29
C LEU F 74 -27.13 -11.24 7.95
N ALA F 75 -27.66 -10.89 6.79
CA ALA F 75 -27.69 -9.51 6.34
C ALA F 75 -29.13 -8.99 6.35
N ILE F 76 -29.34 -7.83 6.96
CA ILE F 76 -30.65 -7.18 7.02
C ILE F 76 -30.51 -5.86 6.26
N SER F 77 -30.94 -5.83 5.01
CA SER F 77 -30.87 -4.59 4.24
C SER F 77 -32.04 -3.70 4.58
N GLY F 78 -31.80 -2.39 4.54
CA GLY F 78 -32.87 -1.41 4.74
C GLY F 78 -33.61 -1.57 6.04
N LEU F 79 -32.86 -1.61 7.15
CA LEU F 79 -33.42 -1.89 8.47
C LEU F 79 -34.65 -1.06 8.79
N ARG F 80 -35.70 -1.75 9.25
CA ARG F 80 -36.98 -1.16 9.64
C ARG F 80 -37.25 -1.46 11.10
N SER F 81 -38.12 -0.64 11.70
CA SER F 81 -38.45 -0.82 13.11
C SER F 81 -39.15 -2.15 13.37
N GLU F 82 -39.80 -2.74 12.36
CA GLU F 82 -40.39 -4.07 12.52
C GLU F 82 -39.35 -5.18 12.56
N ASP F 83 -38.07 -4.87 12.33
CA ASP F 83 -37.01 -5.86 12.42
C ASP F 83 -36.37 -5.92 13.79
N GLU F 84 -36.69 -4.99 14.68
CA GLU F 84 -36.15 -5.03 16.03
C GLU F 84 -36.61 -6.31 16.70
N ALA F 85 -35.65 -7.12 17.12
CA ALA F 85 -35.92 -8.51 17.45
C ALA F 85 -34.62 -9.12 17.92
N ASP F 86 -34.71 -10.38 18.39
CA ASP F 86 -33.55 -11.21 18.67
C ASP F 86 -33.37 -12.20 17.55
N TYR F 87 -32.13 -12.43 17.15
CA TYR F 87 -31.83 -13.24 15.98
C TYR F 87 -30.85 -14.34 16.38
N TYR F 88 -31.16 -15.59 16.02
CA TYR F 88 -30.33 -16.73 16.38
C TYR F 88 -29.89 -17.45 15.12
N CYS F 89 -28.60 -17.74 15.01
CA CYS F 89 -28.16 -18.77 14.08
C CYS F 89 -28.17 -20.14 14.77
N ALA F 90 -28.17 -21.19 13.97
CA ALA F 90 -28.25 -22.54 14.52
C ALA F 90 -27.70 -23.51 13.50
N ALA F 91 -27.14 -24.59 14.01
CA ALA F 91 -26.67 -25.62 13.10
C ALA F 91 -26.55 -26.93 13.86
N TRP F 92 -26.72 -28.02 13.12
CA TRP F 92 -26.42 -29.34 13.65
C TRP F 92 -24.91 -29.48 13.85
N ASP F 93 -24.52 -30.16 14.91
CA ASP F 93 -23.12 -30.45 15.18
C ASP F 93 -22.92 -31.97 15.16
N ASP F 94 -21.95 -32.41 14.36
CA ASP F 94 -21.70 -33.84 14.19
C ASP F 94 -21.00 -34.47 15.39
N SER F 95 -20.29 -33.66 16.19
CA SER F 95 -19.56 -34.19 17.33
C SER F 95 -20.50 -34.73 18.39
N LEU F 96 -19.94 -35.54 19.31
CA LEU F 96 -20.64 -36.02 20.51
C LEU F 96 -21.92 -36.77 20.19
N GLY F 97 -21.95 -37.48 19.07
CA GLY F 97 -23.11 -38.24 18.66
C GLY F 97 -24.12 -37.46 17.86
N GLY F 98 -23.91 -36.16 17.67
CA GLY F 98 -24.89 -35.35 16.98
C GLY F 98 -25.85 -34.64 17.92
N HIS F 99 -25.79 -33.31 17.93
CA HIS F 99 -26.72 -32.50 18.71
C HIS F 99 -26.90 -31.17 17.97
N TYR F 100 -27.97 -30.48 18.34
CA TYR F 100 -28.36 -29.22 17.70
C TYR F 100 -27.86 -28.05 18.55
N VAL F 101 -27.08 -27.15 17.95
CA VAL F 101 -26.47 -26.04 18.67
C VAL F 101 -27.05 -24.73 18.18
N PHE F 102 -27.51 -23.89 19.10
CA PHE F 102 -27.98 -22.56 18.76
C PHE F 102 -26.88 -21.53 18.96
N GLY F 103 -27.03 -20.40 18.29
CA GLY F 103 -26.22 -19.25 18.60
C GLY F 103 -26.67 -18.57 19.88
N THR F 104 -25.77 -17.76 20.43
CA THR F 104 -26.06 -17.00 21.64
C THR F 104 -27.03 -15.85 21.39
N GLY F 105 -27.29 -15.51 20.13
CA GLY F 105 -28.33 -14.55 19.80
C GLY F 105 -27.85 -13.12 19.83
N THR F 106 -28.49 -12.29 18.99
CA THR F 106 -28.15 -10.89 18.80
C THR F 106 -29.42 -10.05 18.88
N LYS F 107 -29.38 -8.98 19.68
CA LYS F 107 -30.52 -8.08 19.76
C LYS F 107 -30.30 -6.92 18.79
N VAL F 108 -31.23 -6.76 17.86
CA VAL F 108 -31.16 -5.71 16.86
C VAL F 108 -32.04 -4.55 17.30
N THR F 109 -31.48 -3.35 17.32
CA THR F 109 -32.24 -2.14 17.63
C THR F 109 -32.10 -1.14 16.49
N VAL F 110 -33.03 -0.19 16.43
CA VAL F 110 -32.93 0.93 15.50
C VAL F 110 -32.31 2.12 16.23
N LEU F 111 -31.35 2.79 15.57
CA LEU F 111 -30.82 4.06 16.05
C LEU F 111 -31.66 5.17 15.45
N ARG F 112 -32.61 5.70 16.22
CA ARG F 112 -33.45 6.79 15.76
C ARG F 112 -33.01 8.10 16.43
N THR F 113 -33.74 9.18 16.16
CA THR F 113 -33.42 10.45 16.79
C THR F 113 -33.78 10.42 18.28
N VAL F 114 -33.00 11.15 19.06
CA VAL F 114 -33.32 11.37 20.47
C VAL F 114 -34.76 11.87 20.60
N ALA F 115 -35.45 11.42 21.64
CA ALA F 115 -36.81 11.84 21.92
C ALA F 115 -37.00 11.87 23.43
N ALA F 116 -37.43 13.02 23.94
CA ALA F 116 -37.62 13.19 25.36
C ALA F 116 -38.85 12.40 25.81
N PRO F 117 -38.88 11.97 27.06
CA PRO F 117 -40.06 11.27 27.57
C PRO F 117 -41.15 12.22 28.00
N SER F 118 -42.39 11.76 27.85
CA SER F 118 -43.50 12.27 28.61
C SER F 118 -43.54 11.54 29.94
N VAL F 119 -43.81 12.28 31.01
CA VAL F 119 -43.76 11.75 32.36
C VAL F 119 -45.15 11.86 32.98
N PHE F 120 -45.60 10.79 33.62
CA PHE F 120 -46.84 10.78 34.37
C PHE F 120 -46.56 10.12 35.72
N ILE F 121 -47.17 10.65 36.76
CA ILE F 121 -47.09 10.07 38.08
C ILE F 121 -48.49 9.58 38.44
N PHE F 122 -48.54 8.53 39.25
CA PHE F 122 -49.80 7.91 39.66
C PHE F 122 -49.77 7.61 41.14
N PRO F 123 -50.64 8.23 41.92
CA PRO F 123 -50.71 7.94 43.35
C PRO F 123 -51.32 6.56 43.60
N PRO F 124 -51.18 6.01 44.80
CA PRO F 124 -51.71 4.66 45.02
C PRO F 124 -53.22 4.68 45.04
N SER F 125 -53.81 3.60 44.51
CA SER F 125 -55.24 3.42 44.59
C SER F 125 -55.72 3.36 46.05
N ASP F 126 -57.02 3.61 46.26
CA ASP F 126 -57.55 3.53 47.61
C ASP F 126 -57.75 2.09 48.07
N GLU F 127 -58.12 1.19 47.15
CA GLU F 127 -58.14 -0.24 47.46
C GLU F 127 -56.81 -0.69 48.07
N GLN F 128 -55.71 -0.37 47.39
CA GLN F 128 -54.40 -0.85 47.83
C GLN F 128 -54.09 -0.38 49.25
N LEU F 129 -54.40 0.89 49.54
CA LEU F 129 -54.12 1.40 50.88
C LEU F 129 -54.90 0.62 51.94
N LYS F 130 -56.13 0.22 51.64
CA LYS F 130 -56.89 -0.65 52.53
C LYS F 130 -56.09 -1.91 52.86
N SER F 131 -55.53 -2.54 51.82
CA SER F 131 -54.69 -3.71 52.04
C SER F 131 -53.44 -3.38 52.86
N GLY F 132 -53.09 -2.11 53.01
CA GLY F 132 -52.04 -1.71 53.91
C GLY F 132 -50.69 -1.42 53.29
N THR F 133 -50.60 -1.26 51.97
CA THR F 133 -49.36 -0.90 51.30
C THR F 133 -49.68 0.06 50.16
N ALA F 134 -48.72 0.95 49.86
CA ALA F 134 -48.90 1.97 48.82
C ALA F 134 -47.89 1.78 47.70
N SER F 135 -48.37 1.83 46.46
CA SER F 135 -47.52 1.79 45.27
C SER F 135 -47.72 3.06 44.47
N VAL F 136 -46.64 3.82 44.30
CA VAL F 136 -46.64 5.03 43.49
C VAL F 136 -45.86 4.74 42.23
N VAL F 137 -46.48 4.99 41.08
CA VAL F 137 -45.92 4.65 39.78
C VAL F 137 -45.54 5.93 39.05
N CYS F 138 -44.35 5.93 38.47
CA CYS F 138 -43.85 7.00 37.60
C CYS F 138 -43.65 6.41 36.22
N LEU F 139 -44.35 6.95 35.24
CA LEU F 139 -44.33 6.43 33.88
C LEU F 139 -43.56 7.40 32.97
N LEU F 140 -42.61 6.85 32.23
CA LEU F 140 -41.86 7.58 31.20
C LEU F 140 -42.23 6.98 29.86
N ASN F 141 -42.85 7.77 28.99
CA ASN F 141 -43.48 7.26 27.78
C ASN F 141 -42.76 7.73 26.52
N ASN F 142 -42.41 6.78 25.67
CA ASN F 142 -42.00 6.99 24.27
C ASN F 142 -40.80 7.93 24.15
N PHE F 143 -39.63 7.38 24.52
CA PHE F 143 -38.38 8.14 24.50
C PHE F 143 -37.25 7.29 23.95
N TYR F 144 -36.15 7.96 23.64
CA TYR F 144 -34.97 7.37 23.03
C TYR F 144 -33.82 8.33 23.30
N PRO F 145 -32.64 7.84 23.68
CA PRO F 145 -32.35 6.42 23.84
C PRO F 145 -32.87 5.83 25.14
N ARG F 146 -32.45 4.59 25.41
CA ARG F 146 -33.02 3.80 26.50
C ARG F 146 -32.59 4.33 27.86
N GLU F 147 -31.38 4.85 27.98
CA GLU F 147 -30.86 5.25 29.28
C GLU F 147 -31.61 6.47 29.81
N ALA F 148 -32.23 6.32 30.98
CA ALA F 148 -32.87 7.42 31.68
C ALA F 148 -32.62 7.25 33.18
N LYS F 149 -32.57 8.37 33.90
CA LYS F 149 -32.42 8.36 35.35
C LYS F 149 -33.74 8.83 35.97
N VAL F 150 -34.31 7.97 36.82
CA VAL F 150 -35.56 8.27 37.51
C VAL F 150 -35.29 8.24 38.99
N GLN F 151 -35.45 9.38 39.66
CA GLN F 151 -35.22 9.52 41.08
C GLN F 151 -36.52 9.90 41.78
N TRP F 152 -36.78 9.28 42.93
CA TRP F 152 -37.96 9.57 43.74
C TRP F 152 -37.59 10.51 44.88
N LYS F 153 -38.52 11.39 45.21
CA LYS F 153 -38.40 12.29 46.36
C LYS F 153 -39.72 12.27 47.12
N VAL F 154 -39.65 12.06 48.43
CA VAL F 154 -40.82 12.18 49.30
C VAL F 154 -40.54 13.27 50.32
N ASP F 155 -41.28 14.38 50.22
CA ASP F 155 -41.05 15.57 51.04
C ASP F 155 -39.60 16.06 50.91
N ASN F 156 -39.06 15.88 49.71
CA ASN F 156 -37.73 16.21 49.18
C ASN F 156 -36.62 15.33 49.79
N ALA F 157 -36.94 14.27 50.54
CA ALA F 157 -35.94 13.27 50.82
C ALA F 157 -35.77 12.37 49.60
N LEU F 158 -34.52 12.21 49.16
CA LEU F 158 -34.27 11.37 47.99
C LEU F 158 -34.35 9.89 48.36
N GLN F 159 -35.34 9.21 47.81
CA GLN F 159 -35.55 7.80 48.13
C GLN F 159 -34.40 6.94 47.62
N SER F 160 -34.21 5.80 48.27
CA SER F 160 -33.14 4.88 47.93
C SER F 160 -33.53 3.50 48.42
N GLY F 161 -33.36 2.48 47.56
CA GLY F 161 -33.63 1.10 47.93
C GLY F 161 -35.09 0.68 48.01
N ASN F 162 -36.03 1.47 47.50
CA ASN F 162 -37.45 1.14 47.65
C ASN F 162 -38.23 1.30 46.35
N SER F 163 -37.57 1.21 45.20
CA SER F 163 -38.25 1.28 43.91
C SER F 163 -37.74 0.17 43.00
N GLN F 164 -38.51 -0.09 41.96
CA GLN F 164 -38.15 -1.03 40.90
C GLN F 164 -38.56 -0.42 39.55
N GLU F 165 -37.70 -0.59 38.57
CA GLU F 165 -37.96 -0.14 37.21
C GLU F 165 -38.25 -1.32 36.29
N SER F 166 -38.95 -1.02 35.20
CA SER F 166 -39.19 -1.96 34.13
C SER F 166 -39.21 -1.19 32.81
N VAL F 167 -38.57 -1.73 31.79
CA VAL F 167 -38.47 -1.08 30.49
C VAL F 167 -39.11 -1.96 29.43
N THR F 168 -39.85 -1.36 28.51
CA THR F 168 -40.39 -2.10 27.38
C THR F 168 -39.29 -2.46 26.40
N GLU F 169 -39.58 -3.43 25.54
CA GLU F 169 -38.73 -3.62 24.39
C GLU F 169 -38.93 -2.44 23.44
N GLN F 170 -37.97 -2.24 22.53
CA GLN F 170 -38.09 -1.15 21.57
C GLN F 170 -39.38 -1.29 20.78
N ASP F 171 -40.13 -0.20 20.69
CA ASP F 171 -41.38 -0.22 19.96
C ASP F 171 -41.14 -0.52 18.48
N SER F 172 -42.02 -1.35 17.90
CA SER F 172 -41.83 -1.78 16.54
C SER F 172 -42.37 -0.79 15.50
N LYS F 173 -43.10 0.24 15.92
CA LYS F 173 -43.54 1.26 14.99
C LYS F 173 -42.69 2.53 15.07
N ASP F 174 -42.44 3.05 16.28
CA ASP F 174 -41.76 4.33 16.42
C ASP F 174 -40.37 4.21 17.04
N SER F 175 -39.91 2.99 17.30
CA SER F 175 -38.54 2.73 17.79
C SER F 175 -38.23 3.46 19.10
N THR F 176 -39.22 3.69 19.94
CA THR F 176 -38.95 4.27 21.25
C THR F 176 -39.11 3.25 22.37
N TYR F 177 -38.86 3.72 23.58
CA TYR F 177 -38.98 2.96 24.80
C TYR F 177 -39.96 3.67 25.71
N SER F 178 -40.52 2.92 26.64
CA SER F 178 -41.24 3.47 27.78
C SER F 178 -40.75 2.77 29.03
N LEU F 179 -40.83 3.48 30.17
CA LEU F 179 -40.23 2.98 31.40
C LEU F 179 -41.18 3.17 32.58
N SER F 180 -41.18 2.17 33.46
CA SER F 180 -42.00 2.10 34.65
C SER F 180 -41.12 2.19 35.88
N SER F 181 -41.38 3.14 36.75
CA SER F 181 -40.74 3.16 38.07
C SER F 181 -41.82 3.06 39.13
N THR F 182 -41.67 2.12 40.05
CA THR F 182 -42.69 1.83 41.03
C THR F 182 -42.07 1.91 42.42
N LEU F 183 -42.58 2.81 43.23
CA LEU F 183 -42.09 3.04 44.58
C LEU F 183 -43.13 2.48 45.54
N THR F 184 -42.76 1.44 46.28
CA THR F 184 -43.70 0.80 47.19
C THR F 184 -43.39 1.20 48.62
N LEU F 185 -44.45 1.30 49.42
CA LEU F 185 -44.35 1.85 50.77
C LEU F 185 -45.32 1.12 51.68
N SER F 186 -45.00 1.13 52.97
CA SER F 186 -46.04 0.79 53.93
C SER F 186 -47.12 1.88 53.89
N LYS F 187 -48.36 1.50 54.23
CA LYS F 187 -49.41 2.49 54.37
C LYS F 187 -49.06 3.50 55.46
N ALA F 188 -48.32 3.07 56.48
CA ALA F 188 -47.97 3.96 57.59
C ALA F 188 -46.95 5.00 57.14
N ASP F 189 -45.82 4.55 56.58
CA ASP F 189 -44.83 5.50 56.07
C ASP F 189 -45.41 6.40 54.99
N TYR F 190 -46.32 5.86 54.17
CA TYR F 190 -46.97 6.68 53.15
C TYR F 190 -47.71 7.85 53.77
N GLU F 191 -48.44 7.61 54.86
CA GLU F 191 -49.28 8.64 55.44
C GLU F 191 -48.49 9.68 56.23
N LYS F 192 -47.23 9.41 56.55
CA LYS F 192 -46.38 10.39 57.25
C LYS F 192 -45.93 11.55 56.35
N HIS F 193 -46.22 11.54 55.05
CA HIS F 193 -45.69 12.55 54.14
C HIS F 193 -46.77 12.94 53.15
N LYS F 194 -46.56 14.07 52.48
CA LYS F 194 -47.60 14.63 51.62
C LYS F 194 -47.21 14.79 50.17
N VAL F 195 -45.97 15.19 49.86
CA VAL F 195 -45.58 15.42 48.47
C VAL F 195 -44.67 14.28 48.00
N TYR F 196 -45.10 13.58 46.97
CA TYR F 196 -44.37 12.49 46.37
C TYR F 196 -43.98 12.93 44.97
N ALA F 197 -42.71 12.89 44.67
CA ALA F 197 -42.22 13.41 43.41
C ALA F 197 -41.32 12.40 42.73
N CYS F 198 -41.50 12.24 41.44
CA CYS F 198 -40.54 11.52 40.63
CA CYS F 198 -40.58 11.50 40.59
C CYS F 198 -39.87 12.50 39.68
N GLU F 199 -38.54 12.50 39.70
CA GLU F 199 -37.70 13.42 38.94
C GLU F 199 -36.92 12.63 37.88
N VAL F 200 -36.93 13.12 36.65
CA VAL F 200 -36.43 12.38 35.49
C VAL F 200 -35.36 13.20 34.77
N THR F 201 -34.24 12.54 34.47
CA THR F 201 -33.15 13.09 33.68
C THR F 201 -32.99 12.28 32.40
N HIS F 202 -32.79 12.97 31.29
CA HIS F 202 -32.72 12.31 30.00
C HIS F 202 -32.00 13.20 29.00
N GLN F 203 -31.35 12.55 28.04
CA GLN F 203 -30.60 13.30 27.04
C GLN F 203 -31.49 14.26 26.24
N GLY F 204 -32.76 13.90 26.03
CA GLY F 204 -33.68 14.72 25.27
C GLY F 204 -34.29 15.90 26.02
N LEU F 205 -33.91 16.10 27.28
CA LEU F 205 -34.39 17.20 28.10
C LEU F 205 -33.27 18.21 28.32
N SER F 206 -33.61 19.49 28.30
CA SER F 206 -32.59 20.47 28.68
C SER F 206 -32.40 20.52 30.20
N SER F 207 -33.36 20.05 30.96
CA SER F 207 -33.27 20.07 32.42
C SER F 207 -34.16 18.97 32.96
N PRO F 208 -33.96 18.57 34.21
CA PRO F 208 -34.78 17.48 34.77
C PRO F 208 -36.24 17.86 34.91
N VAL F 209 -37.12 16.93 34.59
CA VAL F 209 -38.56 17.09 34.72
C VAL F 209 -39.03 16.42 36.00
N THR F 210 -39.92 17.09 36.75
CA THR F 210 -40.50 16.51 37.96
C THR F 210 -42.02 16.54 37.87
N LYS F 211 -42.64 15.40 38.12
CA LYS F 211 -44.08 15.30 38.27
C LYS F 211 -44.39 14.93 39.71
N SER F 212 -45.42 15.57 40.28
CA SER F 212 -45.72 15.47 41.70
C SER F 212 -47.23 15.39 41.93
N PHE F 213 -47.59 14.82 43.07
CA PHE F 213 -48.93 14.94 43.63
C PHE F 213 -48.78 15.10 45.13
N ASN F 214 -49.81 15.71 45.74
CA ASN F 214 -49.90 15.80 47.19
C ASN F 214 -50.95 14.82 47.70
N ARG F 215 -50.58 14.01 48.68
CA ARG F 215 -51.50 13.04 49.25
C ARG F 215 -52.74 13.75 49.77
N GLY F 216 -53.83 13.69 49.00
CA GLY F 216 -54.98 14.53 49.24
C GLY F 216 -55.24 15.50 48.11
N GLU F 217 -56.07 15.08 47.15
CA GLU F 217 -56.42 15.92 46.00
C GLU F 217 -57.94 15.89 45.73
N GLN G 1 8.25 -31.02 19.26
CA GLN G 1 9.15 -30.25 20.12
C GLN G 1 9.55 -31.06 21.35
N VAL G 2 10.82 -30.98 21.68
CA VAL G 2 11.38 -31.79 22.76
C VAL G 2 11.01 -31.14 24.10
N GLN G 3 10.52 -31.96 25.02
CA GLN G 3 10.17 -31.54 26.36
C GLN G 3 10.73 -32.55 27.36
N LEU G 4 11.28 -32.02 28.45
CA LEU G 4 11.82 -32.79 29.56
C LEU G 4 11.34 -32.09 30.82
N VAL G 5 10.62 -32.80 31.68
CA VAL G 5 10.09 -32.21 32.90
C VAL G 5 10.50 -33.10 34.07
N GLU G 6 11.34 -32.55 34.96
CA GLU G 6 11.79 -33.22 36.18
C GLU G 6 10.86 -32.91 37.36
N SER G 7 10.71 -33.86 38.24
CA SER G 7 9.94 -33.67 39.46
C SER G 7 10.63 -34.46 40.57
N GLY G 8 10.17 -34.25 41.78
CA GLY G 8 10.68 -34.99 42.92
C GLY G 8 11.50 -34.18 43.90
N GLY G 9 11.90 -32.96 43.52
CA GLY G 9 12.66 -32.11 44.40
C GLY G 9 11.82 -31.61 45.58
N GLY G 10 12.45 -30.74 46.37
CA GLY G 10 11.93 -30.28 47.63
C GLY G 10 12.99 -30.49 48.71
N SER G 11 12.56 -30.44 49.96
CA SER G 11 13.47 -30.58 51.08
C SER G 11 13.56 -32.04 51.55
N VAL G 12 14.75 -32.43 51.99
CA VAL G 12 15.01 -33.78 52.44
C VAL G 12 16.11 -33.72 53.50
N GLN G 13 16.00 -34.56 54.53
CA GLN G 13 16.93 -34.44 55.63
C GLN G 13 18.23 -35.15 55.32
N PRO G 14 19.36 -34.69 55.86
CA PRO G 14 20.63 -35.36 55.57
C PRO G 14 20.57 -36.82 55.97
N GLY G 15 21.13 -37.68 55.12
CA GLY G 15 21.15 -39.10 55.35
C GLY G 15 19.98 -39.86 54.76
N ARG G 16 18.91 -39.18 54.38
CA ARG G 16 17.75 -39.88 53.84
C ARG G 16 17.80 -39.94 52.31
N SER G 17 16.72 -40.40 51.69
CA SER G 17 16.64 -40.76 50.28
C SER G 17 15.73 -39.81 49.54
N LEU G 18 15.94 -39.72 48.22
CA LEU G 18 15.01 -39.00 47.37
C LEU G 18 15.09 -39.60 45.98
N ARG G 19 13.95 -39.89 45.37
CA ARG G 19 13.88 -40.41 44.01
C ARG G 19 13.41 -39.31 43.07
N LEU G 20 14.27 -38.94 42.13
CA LEU G 20 13.91 -37.95 41.12
C LEU G 20 13.41 -38.63 39.85
N SER G 21 12.58 -37.91 39.10
CA SER G 21 12.00 -38.44 37.86
C SER G 21 11.99 -37.37 36.77
N CYS G 22 11.91 -37.83 35.52
CA CYS G 22 11.93 -36.95 34.37
C CYS G 22 11.02 -37.51 33.31
N GLU G 23 10.03 -36.74 32.88
CA GLU G 23 9.10 -37.13 31.82
C GLU G 23 9.54 -36.52 30.50
N ALA G 24 9.71 -37.35 29.48
CA ALA G 24 10.19 -36.90 28.18
C ALA G 24 9.09 -37.00 27.14
N SER G 25 9.10 -36.04 26.21
CA SER G 25 8.16 -36.07 25.08
C SER G 25 8.78 -35.34 23.89
N GLY G 26 8.20 -35.55 22.71
CA GLY G 26 8.64 -34.87 21.52
C GLY G 26 9.82 -35.49 20.80
N PHE G 27 10.26 -36.66 21.22
CA PHE G 27 11.27 -37.41 20.49
C PHE G 27 11.09 -38.89 20.83
N THR G 28 11.92 -39.72 20.21
CA THR G 28 11.87 -41.17 20.41
C THR G 28 12.77 -41.52 21.59
N PHE G 29 12.19 -41.52 22.78
CA PHE G 29 12.95 -41.71 24.02
C PHE G 29 13.77 -43.00 24.00
N GLU G 30 13.20 -44.10 23.50
CA GLU G 30 13.93 -45.37 23.50
C GLU G 30 15.12 -45.37 22.56
N ALA G 31 15.46 -44.26 21.91
CA ALA G 31 16.60 -44.26 21.00
C ALA G 31 17.74 -43.39 21.48
N TYR G 32 17.60 -42.69 22.61
CA TYR G 32 18.62 -41.76 23.08
C TYR G 32 19.14 -42.12 24.47
N ALA G 33 20.45 -41.99 24.64
CA ALA G 33 21.00 -41.97 25.98
C ALA G 33 20.44 -40.77 26.74
N MET G 34 20.30 -40.93 28.05
CA MET G 34 19.77 -39.87 28.91
C MET G 34 20.72 -39.65 30.08
N HIS G 35 20.71 -38.42 30.59
CA HIS G 35 21.71 -38.04 31.59
C HIS G 35 21.09 -37.14 32.65
N TRP G 36 21.77 -37.13 33.80
CA TRP G 36 21.50 -36.21 34.90
C TRP G 36 22.72 -35.30 35.08
N VAL G 37 22.46 -33.99 35.15
CA VAL G 37 23.48 -32.99 35.50
C VAL G 37 22.92 -32.20 36.66
N ARG G 38 23.80 -31.73 37.56
CA ARG G 38 23.32 -30.94 38.68
C ARG G 38 24.09 -29.63 38.82
N GLN G 39 23.44 -28.67 39.47
CA GLN G 39 23.98 -27.34 39.68
C GLN G 39 23.57 -26.81 41.04
N PRO G 40 24.50 -26.69 41.97
CA PRO G 40 24.19 -26.04 43.25
C PRO G 40 23.89 -24.57 43.02
N PRO G 41 22.92 -24.00 43.75
CA PRO G 41 22.51 -22.61 43.49
C PRO G 41 23.71 -21.66 43.51
N GLY G 42 23.80 -20.86 42.46
CA GLY G 42 24.88 -19.88 42.32
C GLY G 42 26.23 -20.45 41.99
N LYS G 43 26.31 -21.73 41.65
CA LYS G 43 27.60 -22.36 41.37
C LYS G 43 27.55 -22.97 39.97
N GLY G 44 28.59 -23.73 39.61
CA GLY G 44 28.71 -24.36 38.31
C GLY G 44 28.00 -25.70 38.12
N LEU G 45 28.42 -26.43 37.10
CA LEU G 45 27.72 -27.61 36.62
C LEU G 45 28.56 -28.86 36.84
N GLU G 46 27.89 -29.93 37.22
CA GLU G 46 28.54 -31.21 37.50
C GLU G 46 27.71 -32.31 36.84
N TRP G 47 28.34 -33.10 36.00
CA TRP G 47 27.66 -34.27 35.46
C TRP G 47 27.49 -35.30 36.57
N VAL G 48 26.33 -35.95 36.59
CA VAL G 48 25.97 -36.90 37.64
C VAL G 48 25.97 -38.34 37.13
N SER G 49 25.24 -38.60 36.06
CA SER G 49 25.02 -39.97 35.66
C SER G 49 24.52 -40.01 34.23
N SER G 50 24.77 -41.15 33.57
CA SER G 50 24.39 -41.40 32.19
C SER G 50 23.85 -42.82 32.08
N ILE G 51 22.84 -43.00 31.23
CA ILE G 51 22.29 -44.31 30.94
C ILE G 51 21.91 -44.36 29.46
N ASN G 52 22.39 -45.38 28.75
CA ASN G 52 22.11 -45.45 27.32
C ASN G 52 20.76 -46.10 27.06
N TRP G 53 20.42 -46.23 25.78
CA TRP G 53 19.02 -46.41 25.39
C TRP G 53 18.40 -47.69 25.94
N ASN G 54 19.18 -48.77 26.01
CA ASN G 54 18.63 -50.04 26.46
C ASN G 54 19.05 -50.39 27.90
N SER G 55 19.56 -49.42 28.66
CA SER G 55 20.02 -49.57 30.03
C SER G 55 21.26 -50.45 30.15
N GLY G 56 21.86 -50.89 29.03
CA GLY G 56 23.03 -51.76 29.05
C GLY G 56 24.33 -51.10 29.44
N ARG G 57 24.34 -49.77 29.56
CA ARG G 57 25.54 -49.01 29.90
C ARG G 57 25.15 -47.85 30.81
N ILE G 58 25.83 -47.77 31.95
CA ILE G 58 25.51 -46.84 33.02
C ILE G 58 26.83 -46.28 33.53
N ALA G 59 26.87 -44.98 33.76
CA ALA G 59 28.05 -44.31 34.29
C ALA G 59 27.65 -43.38 35.44
N TYR G 60 28.60 -43.12 36.33
CA TYR G 60 28.39 -42.22 37.47
C TYR G 60 29.65 -41.39 37.72
N ALA G 61 29.46 -40.13 38.06
CA ALA G 61 30.56 -39.36 38.64
C ALA G 61 30.97 -40.00 39.96
N ASP G 62 32.25 -39.84 40.30
CA ASP G 62 32.80 -40.44 41.51
C ASP G 62 32.12 -39.90 42.76
N SER G 63 31.65 -38.64 42.74
CA SER G 63 31.03 -38.05 43.92
C SER G 63 29.70 -38.67 44.28
N VAL G 64 29.08 -39.46 43.40
CA VAL G 64 27.81 -40.07 43.72
C VAL G 64 27.86 -41.59 43.63
N LYS G 65 29.02 -42.15 43.30
CA LYS G 65 29.10 -43.58 43.11
C LYS G 65 28.80 -44.28 44.43
N GLY G 66 28.04 -45.36 44.34
CA GLY G 66 27.59 -46.08 45.52
C GLY G 66 26.38 -45.46 46.21
N ARG G 67 25.92 -44.28 45.84
CA ARG G 67 24.75 -43.73 46.50
C ARG G 67 23.59 -43.49 45.56
N PHE G 68 23.86 -43.17 44.31
CA PHE G 68 22.84 -42.84 43.34
C PHE G 68 22.64 -44.02 42.39
N THR G 69 21.42 -44.17 41.88
CA THR G 69 21.15 -45.21 40.91
C THR G 69 20.30 -44.64 39.78
N ILE G 70 20.85 -44.67 38.58
CA ILE G 70 20.10 -44.20 37.42
C ILE G 70 19.38 -45.39 36.80
N SER G 71 18.21 -45.11 36.22
CA SER G 71 17.41 -46.14 35.57
C SER G 71 16.41 -45.42 34.66
N ARG G 72 15.77 -46.18 33.77
CA ARG G 72 14.87 -45.60 32.79
C ARG G 72 13.76 -46.58 32.48
N ASP G 73 12.59 -46.06 32.11
CA ASP G 73 11.46 -46.90 31.70
C ASP G 73 11.02 -46.44 30.32
N ASN G 74 11.44 -47.18 29.28
CA ASN G 74 11.17 -46.74 27.91
C ASN G 74 9.69 -46.75 27.59
N ALA G 75 8.94 -47.73 28.14
CA ALA G 75 7.50 -47.77 27.95
C ALA G 75 6.78 -46.56 28.56
N ARG G 76 7.38 -45.86 29.51
CA ARG G 76 6.76 -44.68 30.11
C ARG G 76 7.51 -43.38 29.80
N ASN G 77 8.47 -43.42 28.87
CA ASN G 77 9.26 -42.24 28.48
C ASN G 77 9.79 -41.50 29.70
N SER G 78 10.37 -42.23 30.64
CA SER G 78 10.75 -41.64 31.92
C SER G 78 12.17 -42.02 32.31
N LEU G 79 12.87 -41.08 32.94
CA LEU G 79 14.19 -41.29 33.48
C LEU G 79 14.12 -41.12 34.99
N TYR G 80 14.86 -41.95 35.71
CA TYR G 80 14.79 -41.92 37.16
C TYR G 80 16.17 -41.78 37.77
N LEU G 81 16.20 -41.29 39.01
CA LEU G 81 17.45 -41.16 39.75
C LEU G 81 17.12 -41.35 41.22
N GLN G 82 17.51 -42.49 41.78
CA GLN G 82 17.33 -42.80 43.19
C GLN G 82 18.57 -42.34 43.94
N MET G 83 18.38 -41.36 44.83
CA MET G 83 19.46 -40.77 45.61
C MET G 83 19.33 -41.21 47.06
N ASN G 84 20.30 -41.97 47.53
CA ASN G 84 20.36 -42.42 48.91
C ASN G 84 21.48 -41.70 49.63
N SER G 85 21.37 -41.70 50.97
CA SER G 85 22.41 -41.22 51.87
C SER G 85 22.81 -39.80 51.51
N LEU G 86 21.81 -38.92 51.47
CA LEU G 86 22.01 -37.61 50.90
C LEU G 86 22.81 -36.72 51.85
N ARG G 87 23.53 -35.77 51.27
CA ARG G 87 24.38 -34.87 52.04
C ARG G 87 24.10 -33.44 51.62
N LEU G 88 24.52 -32.49 52.46
CA LEU G 88 24.22 -31.08 52.14
C LEU G 88 24.81 -30.69 50.80
N GLU G 89 26.01 -31.18 50.48
CA GLU G 89 26.62 -30.87 49.19
C GLU G 89 25.88 -31.49 48.00
N ASP G 90 24.84 -32.29 48.22
CA ASP G 90 24.00 -32.72 47.11
C ASP G 90 22.87 -31.72 46.82
N THR G 91 22.81 -30.61 47.54
CA THR G 91 21.86 -29.55 47.22
C THR G 91 22.18 -28.97 45.85
N ALA G 92 21.17 -28.89 44.98
CA ALA G 92 21.36 -28.62 43.56
C ALA G 92 20.05 -28.69 42.79
N PHE G 93 19.97 -27.90 41.73
CA PHE G 93 19.06 -28.20 40.64
C PHE G 93 19.56 -29.45 39.95
N TYR G 94 18.66 -30.40 39.74
CA TYR G 94 18.98 -31.60 39.00
C TYR G 94 18.34 -31.48 37.62
N TYR G 95 19.16 -31.58 36.58
CA TYR G 95 18.67 -31.47 35.23
C TYR G 95 18.72 -32.82 34.53
N CYS G 96 17.67 -33.07 33.76
CA CYS G 96 17.56 -34.22 32.89
C CYS G 96 17.99 -33.79 31.49
N ALA G 97 18.87 -34.57 30.85
CA ALA G 97 19.38 -34.19 29.53
C ALA G 97 19.27 -35.32 28.52
N LYS G 98 18.95 -34.96 27.28
CA LYS G 98 18.84 -35.88 26.17
C LYS G 98 20.13 -35.82 25.35
N ASP G 99 20.70 -36.97 25.04
CA ASP G 99 21.89 -37.00 24.23
C ASP G 99 21.60 -36.57 22.79
N ILE G 100 22.63 -36.03 22.15
CA ILE G 100 22.51 -35.62 20.76
C ILE G 100 22.59 -36.80 19.79
N ARG G 101 23.19 -37.92 20.19
CA ARG G 101 23.36 -39.09 19.36
C ARG G 101 22.30 -40.16 19.62
N ARG G 102 21.94 -40.89 18.56
CA ARG G 102 21.07 -42.06 18.66
C ARG G 102 21.90 -43.30 18.90
N PHE G 103 21.47 -44.14 19.85
CA PHE G 103 22.06 -45.45 20.08
C PHE G 103 23.54 -45.39 20.45
N SER G 104 23.94 -44.33 21.15
CA SER G 104 25.30 -44.24 21.64
C SER G 104 25.51 -45.19 22.82
N THR G 105 26.78 -45.50 23.10
CA THR G 105 27.11 -46.41 24.18
C THR G 105 28.03 -45.81 25.25
N GLY G 106 28.82 -44.79 24.92
CA GLY G 106 29.70 -44.17 25.88
C GLY G 106 29.53 -42.66 25.89
N GLY G 107 30.28 -42.02 26.79
CA GLY G 107 30.36 -40.58 26.87
C GLY G 107 29.02 -39.89 26.99
N ALA G 108 29.00 -38.60 26.64
CA ALA G 108 27.78 -37.82 26.80
C ALA G 108 27.88 -36.57 25.93
N GLU G 109 26.78 -36.24 25.25
CA GLU G 109 26.69 -34.99 24.50
C GLU G 109 25.29 -34.46 24.75
N PHE G 110 25.19 -33.45 25.62
CA PHE G 110 23.91 -32.97 26.13
C PHE G 110 23.25 -32.07 25.10
N GLU G 111 22.15 -32.51 24.50
CA GLU G 111 21.45 -31.69 23.51
C GLU G 111 20.39 -30.80 24.17
N TYR G 112 19.34 -31.41 24.73
CA TYR G 112 18.28 -30.67 25.41
C TYR G 112 18.33 -30.94 26.90
N TRP G 113 18.01 -29.89 27.67
CA TRP G 113 17.92 -29.93 29.11
C TRP G 113 16.48 -29.65 29.53
N GLY G 114 16.00 -30.38 30.54
CA GLY G 114 14.79 -29.96 31.23
C GLY G 114 15.07 -28.71 32.04
N GLN G 115 14.01 -28.10 32.58
CA GLN G 115 14.23 -26.91 33.39
C GLN G 115 14.74 -27.21 34.82
N GLY G 116 14.71 -28.46 35.27
CA GLY G 116 15.37 -28.78 36.53
C GLY G 116 14.42 -28.83 37.72
N THR G 117 14.75 -29.69 38.68
CA THR G 117 14.04 -29.74 39.95
C THR G 117 15.05 -29.50 41.05
N LEU G 118 14.71 -28.58 41.97
CA LEU G 118 15.61 -28.19 43.04
C LEU G 118 15.50 -29.14 44.24
N VAL G 119 16.64 -29.70 44.63
CA VAL G 119 16.74 -30.57 45.79
C VAL G 119 17.51 -29.83 46.87
N THR G 120 16.86 -29.56 47.99
CA THR G 120 17.50 -28.92 49.14
C THR G 120 17.70 -29.97 50.20
N VAL G 121 18.95 -30.17 50.63
CA VAL G 121 19.26 -31.12 51.70
C VAL G 121 19.52 -30.32 52.94
N SER G 122 18.68 -30.51 53.96
CA SER G 122 18.63 -29.58 55.08
C SER G 122 17.95 -30.27 56.24
N SER G 123 18.21 -29.77 57.45
CA SER G 123 17.48 -30.17 58.64
C SER G 123 16.24 -29.30 58.88
N ALA G 124 16.12 -28.16 58.22
CA ALA G 124 14.90 -27.38 58.33
C ALA G 124 13.71 -28.18 57.83
N SER G 125 12.53 -27.81 58.30
CA SER G 125 11.28 -28.41 57.87
C SER G 125 10.61 -27.51 56.84
N THR G 126 9.81 -28.12 55.96
CA THR G 126 9.09 -27.36 54.95
C THR G 126 8.08 -26.42 55.59
N LYS G 127 7.94 -25.23 55.02
CA LYS G 127 7.09 -24.20 55.58
C LYS G 127 6.60 -23.28 54.48
N GLY G 128 5.27 -23.12 54.39
CA GLY G 128 4.66 -22.21 53.44
C GLY G 128 4.93 -20.75 53.77
N PRO G 129 4.85 -19.90 52.74
CA PRO G 129 5.13 -18.48 52.94
C PRO G 129 3.94 -17.72 53.50
N SER G 130 4.24 -16.61 54.15
CA SER G 130 3.26 -15.58 54.49
C SER G 130 3.42 -14.45 53.48
N VAL G 131 2.31 -14.00 52.88
CA VAL G 131 2.40 -13.03 51.80
C VAL G 131 1.78 -11.72 52.25
N PHE G 132 2.58 -10.65 52.17
CA PHE G 132 2.15 -9.34 52.63
C PHE G 132 2.22 -8.31 51.51
N PRO G 133 1.29 -7.36 51.46
CA PRO G 133 1.34 -6.33 50.41
C PRO G 133 2.43 -5.30 50.64
N LEU G 134 3.01 -4.83 49.54
CA LEU G 134 3.84 -3.63 49.50
C LEU G 134 2.99 -2.58 48.83
N ALA G 135 2.26 -1.82 49.64
CA ALA G 135 1.26 -0.91 49.14
C ALA G 135 1.90 0.24 48.36
N PRO G 136 1.23 0.74 47.30
CA PRO G 136 1.88 1.70 46.38
C PRO G 136 2.39 3.01 46.95
N SER G 137 1.52 3.94 47.33
CA SER G 137 1.97 5.33 47.46
C SER G 137 2.74 5.61 48.75
N GLY G 144 4.37 10.31 38.07
CA GLY G 144 4.02 9.52 36.91
C GLY G 144 3.99 8.01 37.12
N THR G 145 4.98 7.47 37.82
CA THR G 145 5.06 6.04 38.04
C THR G 145 4.98 5.73 39.53
N ALA G 146 4.24 4.67 39.87
CA ALA G 146 4.15 4.19 41.23
C ALA G 146 4.75 2.78 41.30
N ALA G 147 5.17 2.40 42.51
CA ALA G 147 5.69 1.06 42.77
C ALA G 147 4.83 0.36 43.80
N LEU G 148 4.61 -0.92 43.60
CA LEU G 148 3.82 -1.76 44.48
C LEU G 148 4.39 -3.15 44.39
N GLY G 149 4.04 -4.00 45.35
CA GLY G 149 4.71 -5.27 45.43
C GLY G 149 4.05 -6.24 46.39
N CYS G 150 4.77 -7.35 46.58
CA CYS G 150 4.35 -8.46 47.42
C CYS G 150 5.57 -8.92 48.15
N LEU G 151 5.46 -8.97 49.46
CA LEU G 151 6.53 -9.48 50.32
C LEU G 151 6.17 -10.93 50.65
N VAL G 152 7.00 -11.86 50.15
CA VAL G 152 6.82 -13.30 50.34
C VAL G 152 7.79 -13.71 51.44
N LYS G 153 7.30 -13.93 52.65
CA LYS G 153 8.18 -14.01 53.81
C LYS G 153 8.06 -15.36 54.52
N ASP G 154 9.21 -15.84 55.01
CA ASP G 154 9.31 -16.93 55.98
C ASP G 154 8.88 -18.28 55.42
N TYR G 155 9.57 -18.76 54.38
CA TYR G 155 9.24 -20.06 53.82
C TYR G 155 10.51 -20.88 53.69
N PHE G 156 10.31 -22.17 53.43
CA PHE G 156 11.41 -23.11 53.25
C PHE G 156 10.85 -24.37 52.61
N PRO G 157 11.55 -24.96 51.63
CA PRO G 157 12.80 -24.46 51.06
C PRO G 157 12.51 -23.68 49.78
N GLU G 158 13.54 -23.21 49.10
CA GLU G 158 13.34 -22.69 47.75
C GLU G 158 12.73 -23.79 46.87
N PRO G 159 12.02 -23.40 45.78
CA PRO G 159 11.73 -22.05 45.31
C PRO G 159 10.26 -21.61 45.46
N VAL G 160 10.00 -20.30 45.37
CA VAL G 160 8.68 -19.80 45.05
C VAL G 160 8.77 -19.09 43.70
N THR G 161 7.66 -19.16 42.97
CA THR G 161 7.45 -18.39 41.75
C THR G 161 6.38 -17.34 42.02
N VAL G 162 6.54 -16.16 41.42
CA VAL G 162 5.58 -15.06 41.56
C VAL G 162 5.20 -14.60 40.16
N SER G 163 3.89 -14.49 39.91
CA SER G 163 3.34 -13.82 38.73
C SER G 163 2.40 -12.71 39.19
N TRP G 164 2.07 -11.81 38.27
CA TRP G 164 1.16 -10.70 38.52
C TRP G 164 -0.03 -10.79 37.58
N ASN G 165 -1.23 -10.79 38.15
CA ASN G 165 -2.47 -10.79 37.38
C ASN G 165 -2.54 -12.02 36.48
N SER G 166 -2.23 -13.18 37.08
CA SER G 166 -2.23 -14.45 36.38
C SER G 166 -1.35 -14.39 35.13
N GLY G 167 -0.27 -13.61 35.20
CA GLY G 167 0.67 -13.54 34.10
C GLY G 167 0.36 -12.49 33.06
N ALA G 168 -0.74 -11.73 33.22
CA ALA G 168 -1.06 -10.68 32.26
C ALA G 168 -0.21 -9.42 32.44
N LEU G 169 0.46 -9.28 33.58
CA LEU G 169 1.25 -8.10 33.87
C LEU G 169 2.71 -8.56 33.99
N THR G 170 3.53 -8.19 33.01
CA THR G 170 4.92 -8.65 32.95
C THR G 170 5.93 -7.52 32.85
N SER G 171 5.60 -6.43 32.16
CA SER G 171 6.57 -5.35 31.98
C SER G 171 6.66 -4.55 33.28
N GLY G 172 7.91 -4.29 33.71
CA GLY G 172 8.18 -3.57 34.93
C GLY G 172 8.20 -4.43 36.18
N VAL G 173 8.07 -5.76 36.05
CA VAL G 173 8.05 -6.65 37.20
C VAL G 173 9.48 -7.01 37.56
N HIS G 174 9.81 -6.94 38.85
CA HIS G 174 11.12 -7.34 39.36
C HIS G 174 10.92 -8.24 40.56
N THR G 175 11.17 -9.53 40.38
CA THR G 175 11.10 -10.48 41.46
C THR G 175 12.52 -10.80 41.90
N PHE G 176 12.85 -10.45 43.14
CA PHE G 176 14.22 -10.53 43.61
C PHE G 176 14.60 -11.95 44.02
N PRO G 177 15.89 -12.28 43.97
CA PRO G 177 16.34 -13.57 44.51
C PRO G 177 16.03 -13.65 45.99
N ALA G 178 15.67 -14.85 46.44
CA ALA G 178 15.37 -15.02 47.85
C ALA G 178 16.66 -14.93 48.65
N VAL G 179 16.56 -14.35 49.85
CA VAL G 179 17.68 -14.35 50.78
C VAL G 179 17.28 -15.22 51.95
N LEU G 180 18.24 -15.94 52.48
CA LEU G 180 18.03 -16.74 53.68
C LEU G 180 18.22 -15.86 54.91
N GLN G 181 17.23 -15.84 55.79
CA GLN G 181 17.28 -15.01 56.99
C GLN G 181 18.02 -15.71 58.12
N SER G 182 18.23 -14.98 59.21
CA SER G 182 18.88 -15.57 60.40
C SER G 182 18.02 -16.69 61.01
N SER G 183 16.71 -16.61 60.84
CA SER G 183 15.79 -17.64 61.31
C SER G 183 15.95 -18.96 60.59
N GLY G 184 16.70 -19.00 59.48
CA GLY G 184 16.76 -20.18 58.65
C GLY G 184 15.66 -20.28 57.63
N LEU G 185 14.85 -19.23 57.49
CA LEU G 185 13.75 -19.18 56.53
C LEU G 185 14.07 -18.18 55.42
N TYR G 186 13.54 -18.44 54.24
CA TYR G 186 13.73 -17.54 53.12
C TYR G 186 12.69 -16.42 53.14
N SER G 187 13.07 -15.31 52.52
CA SER G 187 12.16 -14.21 52.22
C SER G 187 12.48 -13.68 50.83
N LEU G 188 11.47 -13.23 50.10
CA LEU G 188 11.76 -12.43 48.91
C LEU G 188 10.67 -11.38 48.71
N SER G 189 10.90 -10.50 47.73
CA SER G 189 9.93 -9.50 47.34
C SER G 189 9.80 -9.49 45.82
N SER G 190 8.59 -9.25 45.34
CA SER G 190 8.33 -8.99 43.94
C SER G 190 7.69 -7.63 43.83
N VAL G 191 8.20 -6.80 42.93
CA VAL G 191 7.72 -5.43 42.77
C VAL G 191 7.39 -5.18 41.31
N VAL G 192 6.51 -4.21 41.08
CA VAL G 192 6.21 -3.79 39.72
C VAL G 192 5.98 -2.28 39.73
N THR G 193 6.48 -1.59 38.71
CA THR G 193 6.19 -0.17 38.53
C THR G 193 5.10 -0.04 37.49
N VAL G 194 4.00 0.58 37.89
CA VAL G 194 2.86 0.82 37.01
C VAL G 194 2.56 2.31 37.05
N PRO G 195 1.87 2.84 36.03
CA PRO G 195 1.47 4.26 36.09
C PRO G 195 0.54 4.52 37.27
N SER G 196 0.68 5.70 37.85
CA SER G 196 -0.24 6.11 38.92
C SER G 196 -1.67 6.25 38.43
N SER G 197 -1.86 6.44 37.12
CA SER G 197 -3.20 6.58 36.56
C SER G 197 -4.11 5.45 36.97
N SER G 198 -3.55 4.23 37.03
CA SER G 198 -4.31 2.99 37.15
C SER G 198 -4.59 2.58 38.58
N LEU G 199 -4.15 3.35 39.58
CA LEU G 199 -4.32 2.88 40.94
C LEU G 199 -5.75 3.02 41.45
N GLY G 200 -6.65 3.60 40.67
CA GLY G 200 -8.07 3.50 40.97
C GLY G 200 -8.70 2.45 40.09
N THR G 201 -8.25 2.39 38.84
CA THR G 201 -8.83 1.49 37.85
C THR G 201 -8.36 0.06 38.00
N GLN G 202 -7.06 -0.17 37.87
CA GLN G 202 -6.53 -1.50 37.65
C GLN G 202 -6.36 -2.27 38.96
N THR G 203 -6.85 -3.50 38.97
CA THR G 203 -6.60 -4.42 40.07
C THR G 203 -5.24 -5.06 39.92
N TYR G 204 -4.51 -5.17 41.02
CA TYR G 204 -3.18 -5.78 41.03
C TYR G 204 -3.19 -6.92 42.02
N ILE G 205 -2.88 -8.12 41.55
CA ILE G 205 -2.86 -9.32 42.37
C ILE G 205 -1.59 -10.06 42.09
N CYS G 206 -0.87 -10.44 43.14
CA CYS G 206 0.31 -11.27 42.95
C CYS G 206 -0.05 -12.71 43.26
N ASN G 207 0.31 -13.61 42.36
CA ASN G 207 -0.03 -15.03 42.43
C ASN G 207 1.23 -15.76 42.84
N VAL G 208 1.24 -16.25 44.09
CA VAL G 208 2.42 -16.78 44.75
C VAL G 208 2.25 -18.28 44.83
N ASN G 209 3.22 -19.01 44.30
CA ASN G 209 3.21 -20.47 44.27
C ASN G 209 4.43 -21.02 45.01
N HIS G 210 4.20 -21.84 46.02
CA HIS G 210 5.25 -22.53 46.74
C HIS G 210 4.98 -24.04 46.68
N LYS G 211 5.46 -24.69 45.61
CA LYS G 211 5.20 -26.11 45.41
C LYS G 211 5.62 -27.02 46.57
N PRO G 212 6.78 -26.82 47.25
CA PRO G 212 7.14 -27.75 48.34
C PRO G 212 6.09 -27.86 49.43
N SER G 213 5.37 -26.79 49.74
CA SER G 213 4.31 -26.84 50.73
C SER G 213 2.93 -26.93 50.09
N ASN G 214 2.85 -27.07 48.76
CA ASN G 214 1.58 -27.17 48.06
C ASN G 214 0.71 -25.95 48.37
N THR G 215 1.32 -24.76 48.34
CA THR G 215 0.69 -23.51 48.71
C THR G 215 0.53 -22.62 47.48
N LYS G 216 -0.67 -22.11 47.26
CA LYS G 216 -0.95 -21.19 46.16
C LYS G 216 -1.74 -20.03 46.76
N VAL G 217 -1.21 -18.81 46.63
CA VAL G 217 -1.81 -17.64 47.27
C VAL G 217 -1.95 -16.53 46.25
N ASP G 218 -3.13 -15.93 46.18
CA ASP G 218 -3.39 -14.76 45.35
C ASP G 218 -3.63 -13.59 46.28
N LYS G 219 -2.78 -12.57 46.19
CA LYS G 219 -2.78 -11.49 47.18
C LYS G 219 -3.15 -10.18 46.48
N ARG G 220 -4.36 -9.70 46.74
CA ARG G 220 -4.78 -8.40 46.26
C ARG G 220 -3.97 -7.32 46.96
N VAL G 221 -3.41 -6.41 46.16
CA VAL G 221 -2.57 -5.31 46.64
C VAL G 221 -3.26 -4.02 46.24
N GLU G 222 -3.59 -3.19 47.24
CA GLU G 222 -4.42 -2.01 47.10
C GLU G 222 -3.78 -0.81 47.79
N PRO G 223 -4.05 0.40 47.31
CA PRO G 223 -3.71 1.60 48.09
C PRO G 223 -4.39 1.61 49.44
N LYS G 224 -3.78 2.31 50.40
CA LYS G 224 -4.25 2.33 51.78
C LYS G 224 -5.13 3.57 52.04
N SER G 225 -5.51 3.72 53.31
CA SER G 225 -6.12 4.91 53.91
C SER G 225 -5.83 6.21 53.16
N GLN H 1 37.72 -32.79 40.97
CA GLN H 1 38.11 -33.49 39.75
C GLN H 1 38.86 -32.53 38.82
N SER H 2 38.97 -32.92 37.55
CA SER H 2 39.54 -32.06 36.53
C SER H 2 38.53 -30.98 36.15
N VAL H 3 39.03 -29.89 35.60
CA VAL H 3 38.19 -28.74 35.32
C VAL H 3 38.71 -28.03 34.07
N LEU H 4 37.78 -27.47 33.29
CA LEU H 4 38.14 -26.59 32.21
C LEU H 4 38.12 -25.16 32.74
N THR H 5 39.24 -24.46 32.57
CA THR H 5 39.41 -23.15 33.16
C THR H 5 38.84 -22.08 32.24
N GLN H 6 37.89 -21.29 32.75
CA GLN H 6 37.34 -20.14 32.07
C GLN H 6 37.52 -18.91 32.94
N PRO H 7 37.52 -17.71 32.35
CA PRO H 7 37.55 -16.50 33.17
C PRO H 7 36.24 -16.33 33.91
N PRO H 8 36.28 -15.86 35.16
CA PRO H 8 35.02 -15.69 35.90
C PRO H 8 34.03 -14.78 35.18
N SER H 9 34.51 -13.78 34.45
CA SER H 9 33.58 -12.84 33.86
C SER H 9 34.12 -12.28 32.55
N ALA H 10 33.22 -11.71 31.78
CA ALA H 10 33.52 -10.96 30.57
C ALA H 10 32.40 -9.96 30.37
N SER H 11 32.71 -8.87 29.67
CA SER H 11 31.73 -7.83 29.45
C SER H 11 32.08 -7.05 28.20
N GLY H 12 31.09 -6.33 27.68
CA GLY H 12 31.35 -5.43 26.58
C GLY H 12 30.24 -4.41 26.38
N THR H 13 30.59 -3.34 25.68
CA THR H 13 29.59 -2.40 25.22
C THR H 13 28.63 -3.11 24.26
N PRO H 14 27.41 -2.59 24.10
CA PRO H 14 26.51 -3.16 23.10
C PRO H 14 27.17 -3.16 21.73
N GLY H 15 27.10 -4.29 21.04
CA GLY H 15 27.69 -4.43 19.73
C GLY H 15 29.15 -4.86 19.71
N GLN H 16 29.79 -4.96 20.87
CA GLN H 16 31.18 -5.38 20.98
C GLN H 16 31.32 -6.88 20.69
N ARG H 17 32.51 -7.27 20.22
CA ARG H 17 32.87 -8.68 20.13
C ARG H 17 33.53 -9.09 21.44
N VAL H 18 32.89 -10.04 22.14
CA VAL H 18 33.37 -10.57 23.41
C VAL H 18 33.79 -12.01 23.18
N THR H 19 35.00 -12.37 23.62
CA THR H 19 35.41 -13.76 23.54
C THR H 19 35.64 -14.34 24.93
N ILE H 20 35.41 -15.64 25.04
CA ILE H 20 35.57 -16.41 26.28
C ILE H 20 36.47 -17.58 25.96
N SER H 21 37.62 -17.66 26.63
CA SER H 21 38.47 -18.80 26.41
C SER H 21 38.17 -19.90 27.43
N CYS H 22 38.86 -21.02 27.23
CA CYS H 22 38.53 -22.28 27.88
C CYS H 22 39.75 -23.18 27.74
N SER H 23 40.48 -23.40 28.83
CA SER H 23 41.76 -24.09 28.81
C SER H 23 41.64 -25.46 29.46
N GLY H 24 42.11 -26.50 28.77
CA GLY H 24 41.92 -27.86 29.21
C GLY H 24 43.21 -28.66 29.17
N SER H 25 43.07 -29.98 29.00
CA SER H 25 44.19 -30.90 28.89
C SER H 25 44.06 -31.74 27.62
N SER H 26 45.10 -32.52 27.37
CA SER H 26 45.14 -33.34 26.16
C SER H 26 44.13 -34.49 26.22
N SER H 27 43.73 -34.91 27.42
CA SER H 27 42.75 -35.99 27.57
C SER H 27 41.31 -35.52 27.39
N ASN H 28 41.02 -34.24 27.61
CA ASN H 28 39.67 -33.77 27.31
C ASN H 28 39.66 -32.95 26.01
N ILE H 29 39.93 -31.64 26.08
CA ILE H 29 39.81 -30.78 24.90
C ILE H 29 40.71 -31.29 23.77
N GLY H 30 41.90 -31.79 24.10
CA GLY H 30 42.81 -32.28 23.09
C GLY H 30 42.44 -33.62 22.48
N SER H 31 41.34 -34.23 22.92
CA SER H 31 40.89 -35.48 22.31
C SER H 31 39.41 -35.51 21.96
N ASN H 32 38.58 -34.66 22.53
CA ASN H 32 37.15 -34.80 22.38
C ASN H 32 36.52 -33.47 21.99
N PHE H 33 35.28 -33.57 21.54
CA PHE H 33 34.53 -32.42 21.08
C PHE H 33 34.22 -31.46 22.21
N VAL H 34 34.38 -30.17 21.95
CA VAL H 34 34.04 -29.12 22.91
C VAL H 34 32.61 -28.64 22.66
N TYR H 35 31.88 -28.42 23.75
CA TYR H 35 30.51 -27.92 23.71
C TYR H 35 30.40 -26.62 24.48
N TRP H 36 29.37 -25.85 24.18
CA TRP H 36 29.11 -24.58 24.86
C TRP H 36 27.65 -24.50 25.21
N TYR H 37 27.38 -24.05 26.43
CA TYR H 37 26.03 -23.90 26.92
C TYR H 37 25.81 -22.48 27.43
N GLN H 38 24.67 -21.92 27.10
CA GLN H 38 24.28 -20.60 27.57
C GLN H 38 23.20 -20.77 28.64
N GLN H 39 23.43 -20.19 29.80
CA GLN H 39 22.42 -20.21 30.87
C GLN H 39 21.97 -18.79 31.11
N LEU H 40 20.78 -18.46 30.60
CA LEU H 40 20.12 -17.22 30.94
C LEU H 40 19.64 -17.26 32.39
N PRO H 41 19.43 -16.09 33.00
CA PRO H 41 18.99 -16.05 34.40
C PRO H 41 17.65 -16.74 34.61
N GLY H 42 17.57 -17.55 35.66
CA GLY H 42 16.35 -18.25 36.00
C GLY H 42 16.01 -19.44 35.12
N THR H 43 16.90 -19.85 34.22
CA THR H 43 16.65 -20.99 33.33
C THR H 43 17.80 -21.98 33.39
N ALA H 44 17.54 -23.13 32.79
CA ALA H 44 18.49 -24.20 32.61
C ALA H 44 19.48 -23.88 31.47
N PRO H 45 20.69 -24.42 31.56
CA PRO H 45 21.61 -24.39 30.41
C PRO H 45 20.93 -24.85 29.12
N LYS H 46 21.31 -24.22 28.01
CA LYS H 46 20.78 -24.53 26.69
C LYS H 46 21.95 -24.61 25.71
N LEU H 47 21.88 -25.57 24.79
CA LEU H 47 23.00 -25.85 23.91
C LEU H 47 23.24 -24.71 22.94
N LEU H 48 24.48 -24.22 22.92
CA LEU H 48 24.84 -23.06 22.13
C LEU H 48 25.75 -23.41 20.96
N ILE H 49 26.82 -24.16 21.22
CA ILE H 49 27.72 -24.70 20.20
C ILE H 49 27.93 -26.18 20.47
N TYR H 50 27.82 -27.02 19.43
CA TYR H 50 28.16 -28.43 19.53
C TYR H 50 29.26 -28.79 18.55
N ARG H 51 30.03 -29.81 18.91
CA ARG H 51 31.12 -30.35 18.10
C ARG H 51 32.07 -29.24 17.63
N ASN H 52 32.67 -28.57 18.62
CA ASN H 52 33.66 -27.50 18.43
C ASN H 52 33.05 -26.21 17.88
N ASN H 53 32.27 -26.29 16.77
CA ASN H 53 31.91 -25.04 16.10
C ASN H 53 30.58 -25.09 15.36
N GLN H 54 29.74 -26.09 15.59
CA GLN H 54 28.42 -26.16 14.99
C GLN H 54 27.39 -25.39 15.82
N ARG H 55 26.49 -24.69 15.12
CA ARG H 55 25.41 -23.93 15.74
C ARG H 55 24.11 -24.71 15.63
N PRO H 56 23.41 -24.97 16.73
CA PRO H 56 22.02 -25.47 16.63
C PRO H 56 21.15 -24.49 15.86
N SER H 57 20.02 -24.98 15.38
CA SER H 57 19.02 -24.07 14.85
C SER H 57 18.53 -23.14 15.94
N GLY H 58 18.31 -21.88 15.59
CA GLY H 58 17.87 -20.89 16.53
C GLY H 58 18.97 -20.19 17.29
N VAL H 59 20.21 -20.66 17.21
CA VAL H 59 21.36 -19.92 17.71
C VAL H 59 21.79 -18.94 16.63
N PRO H 60 21.79 -17.63 16.89
CA PRO H 60 22.23 -16.66 15.87
C PRO H 60 23.67 -16.93 15.44
N ASP H 61 23.99 -16.50 14.22
CA ASP H 61 25.33 -16.70 13.67
C ASP H 61 26.38 -15.78 14.29
N ARG H 62 26.02 -14.89 15.21
CA ARG H 62 27.04 -14.13 15.93
C ARG H 62 27.77 -14.93 17.00
N PHE H 63 27.32 -16.15 17.30
CA PHE H 63 28.02 -17.06 18.20
C PHE H 63 28.87 -18.00 17.36
N SER H 64 30.17 -18.06 17.65
CA SER H 64 31.01 -19.03 16.98
C SER H 64 31.92 -19.68 17.99
N GLY H 65 32.32 -20.91 17.68
CA GLY H 65 33.20 -21.67 18.53
C GLY H 65 34.46 -22.05 17.81
N SER H 66 35.53 -22.30 18.57
CA SER H 66 36.77 -22.76 17.98
C SER H 66 37.54 -23.58 19.01
N ARG H 67 38.38 -24.47 18.50
CA ARG H 67 39.19 -25.35 19.32
C ARG H 67 40.55 -25.52 18.66
N SER H 68 41.62 -25.38 19.45
CA SER H 68 42.96 -25.66 18.96
C SER H 68 43.81 -26.18 20.10
N GLY H 69 44.39 -27.37 19.91
CA GLY H 69 45.19 -28.00 20.94
C GLY H 69 44.38 -28.39 22.16
N THR H 70 44.79 -27.88 23.33
CA THR H 70 44.09 -28.10 24.59
C THR H 70 43.21 -26.91 24.98
N SER H 71 42.87 -26.05 24.03
CA SER H 71 42.15 -24.83 24.34
C SER H 71 40.98 -24.65 23.39
N ALA H 72 39.94 -24.01 23.90
CA ALA H 72 38.72 -23.72 23.17
C ALA H 72 38.37 -22.26 23.37
N SER H 73 37.53 -21.74 22.48
CA SER H 73 37.18 -20.34 22.53
C SER H 73 35.76 -20.12 22.01
N LEU H 74 35.08 -19.17 22.62
CA LEU H 74 33.76 -18.74 22.17
C LEU H 74 33.80 -17.26 21.85
N ALA H 75 33.18 -16.89 20.74
CA ALA H 75 33.11 -15.50 20.29
C ALA H 75 31.66 -15.09 20.17
N ILE H 76 31.31 -13.98 20.81
CA ILE H 76 29.98 -13.39 20.67
C ILE H 76 30.14 -12.12 19.85
N SER H 77 29.73 -12.15 18.59
CA SER H 77 29.69 -10.94 17.79
C SER H 77 28.55 -10.06 18.26
N GLY H 78 28.66 -8.77 17.94
CA GLY H 78 27.69 -7.75 18.33
C GLY H 78 26.88 -8.05 19.57
N LEU H 79 27.54 -8.01 20.74
CA LEU H 79 26.91 -8.30 22.02
C LEU H 79 25.58 -7.54 22.19
N ARG H 80 24.55 -8.27 22.57
CA ARG H 80 23.20 -7.77 22.83
CA ARG H 80 23.24 -7.71 22.85
C ARG H 80 22.88 -7.96 24.31
N SER H 81 21.94 -7.17 24.81
CA SER H 81 21.57 -7.35 26.21
C SER H 81 20.94 -8.72 26.44
N GLU H 82 20.37 -9.32 25.40
CA GLU H 82 19.83 -10.67 25.50
C GLU H 82 20.93 -11.73 25.62
N ASP H 83 22.18 -11.36 25.46
CA ASP H 83 23.27 -12.31 25.63
C ASP H 83 23.79 -12.36 27.06
N GLU H 84 23.37 -11.44 27.92
CA GLU H 84 23.75 -11.51 29.34
C GLU H 84 23.32 -12.86 29.92
N ALA H 85 24.30 -13.63 30.40
CA ALA H 85 24.09 -15.02 30.75
C ALA H 85 25.42 -15.57 31.24
N ASP H 86 25.36 -16.76 31.81
CA ASP H 86 26.55 -17.53 32.12
C ASP H 86 26.83 -18.49 30.96
N TYR H 87 28.12 -18.70 30.67
CA TYR H 87 28.52 -19.53 29.54
C TYR H 87 29.47 -20.60 30.01
N TYR H 88 29.17 -21.85 29.66
CA TYR H 88 29.99 -22.96 30.09
C TYR H 88 30.51 -23.67 28.85
N CYS H 89 31.81 -23.95 28.83
CA CYS H 89 32.32 -24.91 27.88
C CYS H 89 32.41 -26.26 28.59
N ALA H 90 32.51 -27.33 27.81
CA ALA H 90 32.48 -28.68 28.36
C ALA H 90 33.06 -29.63 27.33
N ALA H 91 33.58 -30.75 27.83
CA ALA H 91 34.17 -31.76 26.97
C ALA H 91 34.30 -33.07 27.75
N TRP H 92 34.29 -34.18 27.01
CA TRP H 92 34.57 -35.49 27.60
C TRP H 92 36.06 -35.65 27.87
N ASP H 93 36.39 -36.33 28.96
CA ASP H 93 37.78 -36.52 29.34
C ASP H 93 38.08 -38.01 29.36
N ASP H 94 39.00 -38.43 28.48
CA ASP H 94 39.34 -39.85 28.37
C ASP H 94 40.04 -40.39 29.61
N SER H 95 40.52 -39.52 30.50
CA SER H 95 41.38 -39.98 31.59
C SER H 95 40.55 -40.65 32.69
N LEU H 96 41.22 -41.50 33.47
CA LEU H 96 40.64 -42.11 34.66
C LEU H 96 39.37 -42.89 34.32
N GLY H 97 39.44 -43.74 33.30
CA GLY H 97 38.30 -44.50 32.85
C GLY H 97 37.23 -43.70 32.14
N GLY H 98 37.36 -42.37 32.08
CA GLY H 98 36.47 -41.53 31.28
C GLY H 98 35.39 -40.84 32.08
N HIS H 99 35.30 -39.51 31.95
CA HIS H 99 34.33 -38.72 32.71
C HIS H 99 34.05 -37.42 31.97
N TYR H 100 32.93 -36.80 32.30
CA TYR H 100 32.54 -35.54 31.67
C TYR H 100 33.01 -34.36 32.50
N VAL H 101 33.56 -33.33 31.84
CA VAL H 101 34.12 -32.16 32.52
C VAL H 101 33.43 -30.89 32.04
N PHE H 102 32.99 -30.07 33.00
CA PHE H 102 32.43 -28.77 32.68
C PHE H 102 33.48 -27.68 32.90
N GLY H 103 33.36 -26.61 32.12
CA GLY H 103 34.10 -25.40 32.42
C GLY H 103 33.59 -24.73 33.69
N THR H 104 34.41 -23.80 34.20
CA THR H 104 34.06 -23.14 35.45
C THR H 104 33.02 -22.06 35.28
N GLY H 105 32.72 -21.64 34.06
CA GLY H 105 31.64 -20.69 33.86
C GLY H 105 32.13 -19.27 33.75
N THR H 106 31.55 -18.51 32.81
CA THR H 106 31.86 -17.11 32.61
C THR H 106 30.57 -16.31 32.61
N LYS H 107 30.47 -15.33 33.49
CA LYS H 107 29.29 -14.46 33.50
C LYS H 107 29.55 -13.26 32.61
N VAL H 108 28.67 -13.03 31.65
CA VAL H 108 28.83 -11.97 30.67
C VAL H 108 27.80 -10.87 30.97
N THR H 109 28.28 -9.64 31.09
CA THR H 109 27.43 -8.48 31.33
C THR H 109 27.66 -7.45 30.23
N VAL H 110 26.70 -6.54 30.07
CA VAL H 110 26.82 -5.45 29.10
C VAL H 110 27.21 -4.19 29.85
N LEU H 111 28.23 -3.50 29.36
CA LEU H 111 28.59 -2.17 29.83
C LEU H 111 27.67 -1.18 29.14
N ARG H 112 26.67 -0.66 29.85
CA ARG H 112 25.82 0.38 29.32
C ARG H 112 26.19 1.72 29.96
N THR H 113 25.42 2.77 29.68
CA THR H 113 25.67 4.07 30.27
C THR H 113 25.22 4.08 31.74
N VAL H 114 25.81 5.00 32.50
CA VAL H 114 25.44 5.11 33.90
C VAL H 114 23.99 5.57 34.02
N ALA H 115 23.24 4.95 34.92
CA ALA H 115 21.86 5.35 35.17
C ALA H 115 21.56 5.28 36.66
N ALA H 116 21.00 6.36 37.19
CA ALA H 116 20.69 6.51 38.59
C ALA H 116 19.44 5.71 38.97
N PRO H 117 19.35 5.23 40.20
CA PRO H 117 18.16 4.48 40.62
C PRO H 117 16.99 5.40 40.95
N SER H 118 15.80 4.89 40.68
CA SER H 118 14.58 5.43 41.27
C SER H 118 14.36 4.72 42.61
N VAL H 119 14.08 5.50 43.66
CA VAL H 119 14.08 4.98 45.02
C VAL H 119 12.67 5.05 45.59
N PHE H 120 12.22 3.93 46.16
CA PHE H 120 10.91 3.79 46.78
C PHE H 120 11.08 3.15 48.13
N ILE H 121 10.31 3.61 49.12
CA ILE H 121 10.34 3.01 50.44
C ILE H 121 8.94 2.47 50.74
N PHE H 122 8.88 1.31 51.40
CA PHE H 122 7.60 0.68 51.73
C PHE H 122 7.52 0.44 53.23
N PRO H 123 6.58 1.05 53.94
CA PRO H 123 6.36 0.69 55.37
C PRO H 123 5.80 -0.71 55.49
N PRO H 124 5.93 -1.31 56.67
CA PRO H 124 5.27 -2.60 56.93
C PRO H 124 3.77 -2.47 56.84
N SER H 125 3.13 -3.51 56.33
CA SER H 125 1.68 -3.59 56.35
C SER H 125 1.18 -3.78 57.79
N ASP H 126 -0.10 -3.44 58.00
CA ASP H 126 -0.69 -3.72 59.32
C ASP H 126 -0.86 -5.21 59.54
N GLU H 127 -1.09 -5.99 58.48
CA GLU H 127 -1.17 -7.44 58.61
C GLU H 127 0.12 -8.02 59.17
N GLN H 128 1.26 -7.53 58.68
CA GLN H 128 2.50 -8.08 59.18
C GLN H 128 2.73 -7.69 60.63
N LEU H 129 2.55 -6.40 60.95
CA LEU H 129 2.62 -5.94 62.33
C LEU H 129 1.80 -6.82 63.28
N LYS H 130 0.62 -7.25 62.83
CA LYS H 130 -0.22 -8.10 63.66
C LYS H 130 0.49 -9.38 64.11
N SER H 131 1.35 -9.94 63.27
CA SER H 131 2.13 -11.13 63.62
C SER H 131 3.39 -10.80 64.41
N GLY H 132 3.64 -9.55 64.76
CA GLY H 132 4.72 -9.21 65.65
C GLY H 132 6.02 -8.76 65.00
N THR H 133 6.03 -8.60 63.68
CA THR H 133 7.26 -8.25 62.97
C THR H 133 6.95 -7.14 61.97
N ALA H 134 7.93 -6.29 61.75
CA ALA H 134 7.84 -5.21 60.78
C ALA H 134 9.01 -5.32 59.81
N SER H 135 8.71 -5.39 58.53
CA SER H 135 9.71 -5.32 57.46
C SER H 135 9.55 -3.97 56.78
N VAL H 136 10.65 -3.26 56.59
CA VAL H 136 10.69 -2.04 55.78
C VAL H 136 11.54 -2.30 54.55
N VAL H 137 11.01 -1.95 53.38
CA VAL H 137 11.61 -2.28 52.09
C VAL H 137 11.99 -1.01 51.35
N CYS H 138 13.27 -0.87 51.06
CA CYS H 138 13.79 0.14 50.16
C CYS H 138 14.03 -0.52 48.81
N LEU H 139 13.42 0.02 47.76
CA LEU H 139 13.56 -0.49 46.40
C LEU H 139 14.39 0.48 45.55
N LEU H 140 15.46 -0.02 44.93
CA LEU H 140 16.25 0.74 43.98
C LEU H 140 15.98 0.16 42.60
N ASN H 141 15.38 0.96 41.72
CA ASN H 141 14.88 0.44 40.45
C ASN H 141 15.71 0.94 39.27
N ASN H 142 16.17 -0.01 38.45
CA ASN H 142 16.60 0.23 37.07
C ASN H 142 17.81 1.16 37.00
N PHE H 143 18.92 0.69 37.59
CA PHE H 143 20.11 1.50 37.72
C PHE H 143 21.32 0.73 37.20
N TYR H 144 22.41 1.47 36.97
CA TYR H 144 23.68 0.98 36.45
C TYR H 144 24.79 1.99 36.74
N PRO H 145 25.96 1.55 37.24
CA PRO H 145 26.39 0.16 37.43
C PRO H 145 25.85 -0.47 38.71
N ARG H 146 26.28 -1.71 38.94
CA ARG H 146 25.65 -2.55 39.94
C ARG H 146 25.94 -2.07 41.36
N GLU H 147 27.05 -1.40 41.59
CA GLU H 147 27.45 -1.03 42.95
C GLU H 147 26.58 0.11 43.45
N ALA H 148 26.04 -0.07 44.65
CA ALA H 148 25.18 0.92 45.27
C ALA H 148 25.29 0.76 46.78
N LYS H 149 25.18 1.87 47.49
CA LYS H 149 25.22 1.89 48.94
C LYS H 149 23.86 2.31 49.48
N VAL H 150 23.34 1.55 50.44
CA VAL H 150 22.03 1.77 50.98
C VAL H 150 22.14 1.77 52.49
N GLN H 151 21.85 2.90 53.13
CA GLN H 151 21.85 3.00 54.58
C GLN H 151 20.43 3.22 55.09
N TRP H 152 20.11 2.58 56.21
CA TRP H 152 18.88 2.81 56.95
C TRP H 152 19.15 3.71 58.14
N LYS H 153 18.28 4.70 58.34
CA LYS H 153 18.33 5.56 59.51
C LYS H 153 16.96 5.54 60.16
N VAL H 154 16.92 5.29 61.46
CA VAL H 154 15.72 5.24 62.25
C VAL H 154 15.82 6.35 63.28
N ASP H 155 14.90 7.33 63.21
CA ASP H 155 15.03 8.58 63.94
C ASP H 155 16.47 9.12 63.86
N ASN H 156 17.00 9.14 62.63
CA ASN H 156 18.31 9.67 62.29
C ASN H 156 19.48 8.88 62.86
N ALA H 157 19.25 7.74 63.49
CA ALA H 157 20.33 6.86 63.93
C ALA H 157 20.61 5.80 62.85
N LEU H 158 21.88 5.65 62.49
CA LEU H 158 22.25 4.70 61.46
C LEU H 158 22.09 3.26 61.96
N GLN H 159 21.46 2.43 61.13
CA GLN H 159 21.20 1.04 61.49
C GLN H 159 22.31 0.14 61.01
N SER H 160 22.47 -0.98 61.71
CA SER H 160 23.61 -1.85 61.46
C SER H 160 23.26 -3.28 61.80
N GLY H 161 23.41 -4.19 60.83
CA GLY H 161 23.19 -5.60 61.12
C GLY H 161 21.74 -6.00 61.33
N ASN H 162 20.79 -5.32 60.68
CA ASN H 162 19.39 -5.73 60.76
C ASN H 162 18.71 -5.55 59.42
N SER H 163 19.48 -5.51 58.35
CA SER H 163 18.99 -5.35 56.98
C SER H 163 19.64 -6.39 56.10
N GLN H 164 18.94 -6.80 55.04
CA GLN H 164 19.49 -7.72 54.06
C GLN H 164 19.18 -7.19 52.68
N GLU H 165 20.06 -7.47 51.73
CA GLU H 165 19.95 -6.91 50.39
C GLU H 165 19.80 -8.02 49.36
N SER H 166 19.11 -7.69 48.28
CA SER H 166 19.02 -8.62 47.17
C SER H 166 19.05 -7.81 45.89
N VAL H 167 19.87 -8.27 44.93
CA VAL H 167 20.04 -7.62 43.64
C VAL H 167 19.59 -8.55 42.52
N THR H 168 18.99 -7.96 41.48
CA THR H 168 18.64 -8.71 40.30
C THR H 168 19.88 -9.00 39.44
N GLU H 169 19.76 -10.02 38.59
CA GLU H 169 20.66 -10.12 37.46
C GLU H 169 20.37 -8.98 36.48
N GLN H 170 21.37 -8.65 35.67
CA GLN H 170 21.21 -7.57 34.69
C GLN H 170 19.98 -7.80 33.81
N ASP H 171 19.16 -6.75 33.67
CA ASP H 171 17.94 -6.86 32.88
C ASP H 171 18.27 -7.25 31.44
N SER H 172 17.45 -8.14 30.87
CA SER H 172 17.77 -8.65 29.54
C SER H 172 17.46 -7.64 28.43
N LYS H 173 16.72 -6.57 28.73
CA LYS H 173 16.38 -5.60 27.69
C LYS H 173 17.07 -4.27 27.84
N ASP H 174 17.20 -3.71 29.05
CA ASP H 174 17.86 -2.41 29.20
C ASP H 174 19.16 -2.49 30.00
N SER H 175 19.62 -3.69 30.34
CA SER H 175 20.90 -3.91 31.01
C SER H 175 21.05 -3.14 32.33
N THR H 176 19.96 -2.86 33.02
CA THR H 176 20.10 -2.25 34.33
C THR H 176 19.94 -3.30 35.42
N TYR H 177 20.04 -2.85 36.67
CA TYR H 177 19.82 -3.66 37.85
C TYR H 177 18.72 -3.05 38.72
N SER H 178 18.17 -3.86 39.61
CA SER H 178 17.37 -3.37 40.71
C SER H 178 17.81 -4.10 41.96
N LEU H 179 17.52 -3.48 43.10
CA LEU H 179 18.01 -3.95 44.38
C LEU H 179 16.95 -3.64 45.44
N SER H 180 16.75 -4.58 46.35
CA SER H 180 15.90 -4.36 47.50
C SER H 180 16.77 -4.47 48.75
N SER H 181 16.53 -3.57 49.69
CA SER H 181 17.10 -3.67 51.02
C SER H 181 15.93 -3.74 51.98
N THR H 182 15.95 -4.73 52.85
CA THR H 182 14.83 -4.98 53.75
C THR H 182 15.33 -4.82 55.18
N LEU H 183 14.73 -3.89 55.90
CA LEU H 183 15.02 -3.67 57.32
C LEU H 183 13.99 -4.41 58.16
N THR H 184 14.48 -5.21 59.12
CA THR H 184 13.61 -6.06 59.92
C THR H 184 13.73 -5.67 61.39
N LEU H 185 12.57 -5.46 62.02
CA LEU H 185 12.46 -5.06 63.41
C LEU H 185 11.31 -5.80 64.04
N SER H 186 11.33 -5.89 65.36
CA SER H 186 10.15 -6.39 66.04
C SER H 186 9.08 -5.31 66.01
N LYS H 187 7.83 -5.73 66.14
CA LYS H 187 6.74 -4.77 66.21
C LYS H 187 6.99 -3.73 67.29
N ALA H 188 7.43 -4.20 68.46
CA ALA H 188 7.64 -3.30 69.59
C ALA H 188 8.69 -2.26 69.26
N ASP H 189 9.87 -2.68 68.79
CA ASP H 189 10.90 -1.73 68.41
C ASP H 189 10.40 -0.80 67.33
N TYR H 190 9.63 -1.32 66.37
CA TYR H 190 9.15 -0.51 65.27
C TYR H 190 8.32 0.65 65.78
N GLU H 191 7.49 0.41 66.78
CA GLU H 191 6.58 1.43 67.28
C GLU H 191 7.23 2.37 68.29
N LYS H 192 8.49 2.14 68.67
CA LYS H 192 9.22 3.09 69.49
C LYS H 192 9.71 4.30 68.70
N HIS H 193 9.53 4.33 67.38
CA HIS H 193 10.27 5.26 66.56
C HIS H 193 9.37 5.82 65.47
N LYS H 194 9.69 7.04 65.02
CA LYS H 194 8.82 7.77 64.12
C LYS H 194 9.30 7.73 62.67
N VAL H 195 10.53 8.16 62.43
CA VAL H 195 11.03 8.44 61.09
C VAL H 195 11.85 7.25 60.61
N TYR H 196 11.44 6.65 59.49
CA TYR H 196 12.16 5.53 58.89
C TYR H 196 12.65 5.99 57.52
N ALA H 197 13.96 5.97 57.32
CA ALA H 197 14.57 6.51 56.11
C ALA H 197 15.60 5.55 55.54
N CYS H 198 15.66 5.49 54.21
CA CYS H 198 16.73 4.78 53.52
CA CYS H 198 16.71 4.77 53.50
C CYS H 198 17.49 5.76 52.65
N GLU H 199 18.81 5.73 52.75
CA GLU H 199 19.69 6.66 52.03
C GLU H 199 20.54 5.89 51.03
N VAL H 200 20.51 6.36 49.78
CA VAL H 200 21.09 5.66 48.64
C VAL H 200 22.24 6.48 48.06
N THR H 201 23.37 5.80 47.82
CA THR H 201 24.52 6.41 47.18
C THR H 201 24.85 5.61 45.93
N HIS H 202 25.04 6.30 44.81
CA HIS H 202 25.28 5.68 43.51
C HIS H 202 26.04 6.63 42.62
N GLN H 203 26.88 6.06 41.76
CA GLN H 203 27.67 6.86 40.82
C GLN H 203 26.80 7.80 40.00
N GLY H 204 25.55 7.42 39.76
CA GLY H 204 24.60 8.18 38.96
C GLY H 204 23.96 9.36 39.65
N LEU H 205 24.20 9.56 40.95
CA LEU H 205 23.60 10.65 41.71
C LEU H 205 24.69 11.62 42.16
N SER H 206 24.37 12.92 42.13
CA SER H 206 25.32 13.92 42.59
C SER H 206 25.41 13.93 44.10
N SER H 207 24.29 13.78 44.77
CA SER H 207 24.22 13.74 46.22
C SER H 207 23.47 12.48 46.62
N PRO H 208 23.65 12.03 47.85
CA PRO H 208 22.87 10.88 48.31
C PRO H 208 21.39 11.24 48.35
N VAL H 209 20.55 10.26 48.02
CA VAL H 209 19.12 10.44 47.93
C VAL H 209 18.45 9.71 49.10
N THR H 210 17.51 10.38 49.76
CA THR H 210 16.83 9.83 50.92
C THR H 210 15.34 9.71 50.63
N LYS H 211 14.79 8.52 50.87
CA LYS H 211 13.36 8.31 50.91
C LYS H 211 12.98 7.92 52.33
N SER H 212 11.87 8.46 52.80
CA SER H 212 11.56 8.41 54.22
C SER H 212 10.06 8.29 54.39
N PHE H 213 9.66 7.96 55.63
CA PHE H 213 8.25 8.07 55.99
C PHE H 213 8.17 8.20 57.51
N ASN H 214 7.02 8.69 57.96
CA ASN H 214 6.68 8.75 59.39
C ASN H 214 5.68 7.65 59.70
N ARG H 215 6.01 6.81 60.68
CA ARG H 215 5.10 5.76 61.15
C ARG H 215 3.71 6.32 61.41
N GLY H 216 2.70 5.71 60.79
CA GLY H 216 1.34 6.22 60.84
C GLY H 216 1.15 7.53 60.11
N GLU H 217 0.84 7.48 58.81
CA GLU H 217 0.62 8.69 58.04
C GLU H 217 -0.66 8.65 57.19
N GLN I 1 -28.04 -3.91 -52.42
CA GLN I 1 -27.21 -4.24 -51.28
C GLN I 1 -26.32 -5.45 -51.59
N VAL I 2 -25.05 -5.35 -51.24
CA VAL I 2 -24.09 -6.39 -51.61
C VAL I 2 -24.34 -7.64 -50.77
N GLN I 3 -24.40 -8.78 -51.45
CA GLN I 3 -24.68 -10.06 -50.82
C GLN I 3 -23.63 -11.07 -51.29
N LEU I 4 -23.04 -11.77 -50.33
CA LEU I 4 -22.20 -12.93 -50.59
C LEU I 4 -22.67 -14.06 -49.68
N VAL I 5 -22.97 -15.21 -50.26
CA VAL I 5 -23.52 -16.34 -49.52
C VAL I 5 -22.71 -17.58 -49.89
N GLU I 6 -21.88 -18.03 -48.96
CA GLU I 6 -21.09 -19.23 -49.16
C GLU I 6 -21.89 -20.47 -48.78
N SER I 7 -21.61 -21.56 -49.46
CA SER I 7 -22.21 -22.83 -49.08
C SER I 7 -21.21 -23.91 -49.40
N GLY I 8 -21.58 -25.14 -49.09
CA GLY I 8 -20.74 -26.28 -49.33
C GLY I 8 -20.05 -26.79 -48.09
N GLY I 9 -20.05 -26.00 -47.02
CA GLY I 9 -19.45 -26.46 -45.77
C GLY I 9 -20.22 -27.60 -45.12
N GLY I 10 -19.63 -28.11 -44.05
CA GLY I 10 -20.11 -29.29 -43.37
C GLY I 10 -18.91 -30.08 -42.92
N SER I 11 -19.18 -31.32 -42.52
CA SER I 11 -18.15 -32.24 -42.06
C SER I 11 -17.58 -33.03 -43.22
N VAL I 12 -16.28 -33.33 -43.15
CA VAL I 12 -15.60 -34.09 -44.19
C VAL I 12 -14.42 -34.82 -43.57
N GLN I 13 -14.13 -36.04 -44.07
CA GLN I 13 -13.07 -36.90 -43.53
C GLN I 13 -11.71 -36.42 -43.99
N PRO I 14 -10.69 -36.49 -43.13
CA PRO I 14 -9.34 -36.11 -43.57
C PRO I 14 -8.93 -36.93 -44.78
N GLY I 15 -8.38 -36.26 -45.79
CA GLY I 15 -8.00 -36.90 -47.02
C GLY I 15 -8.99 -36.77 -48.15
N ARG I 16 -10.27 -36.61 -47.85
CA ARG I 16 -11.25 -36.46 -48.92
C ARG I 16 -11.20 -35.02 -49.45
N SER I 17 -12.16 -34.70 -50.31
CA SER I 17 -12.26 -33.44 -51.04
C SER I 17 -13.58 -32.76 -50.71
N LEU I 18 -13.62 -31.44 -50.92
CA LEU I 18 -14.84 -30.65 -50.66
C LEU I 18 -14.80 -29.38 -51.51
N ARG I 19 -15.92 -29.06 -52.14
CA ARG I 19 -15.98 -27.91 -53.04
C ARG I 19 -16.90 -26.84 -52.46
N LEU I 20 -16.35 -25.67 -52.17
CA LEU I 20 -17.13 -24.54 -51.67
C LEU I 20 -17.59 -23.65 -52.82
N SER I 21 -18.71 -22.99 -52.61
CA SER I 21 -19.29 -22.07 -53.57
C SER I 21 -19.66 -20.77 -52.87
N CYS I 22 -19.79 -19.70 -53.65
CA CYS I 22 -20.15 -18.41 -53.12
C CYS I 22 -21.01 -17.73 -54.19
N GLU I 23 -22.25 -17.40 -53.84
CA GLU I 23 -23.13 -16.68 -54.73
C GLU I 23 -23.12 -15.19 -54.40
N ALA I 24 -22.94 -14.35 -55.43
CA ALA I 24 -22.79 -12.91 -55.27
C ALA I 24 -23.95 -12.20 -55.95
N SER I 25 -24.49 -11.19 -55.26
CA SER I 25 -25.49 -10.30 -55.84
C SER I 25 -25.30 -8.90 -55.26
N GLY I 26 -25.90 -7.91 -55.94
CA GLY I 26 -25.87 -6.53 -55.46
C GLY I 26 -24.69 -5.71 -55.93
N PHE I 27 -23.83 -6.25 -56.77
CA PHE I 27 -22.77 -5.49 -57.43
C PHE I 27 -22.50 -6.15 -58.78
N THR I 28 -21.47 -5.66 -59.48
CA THR I 28 -21.16 -6.16 -60.81
C THR I 28 -20.04 -7.16 -60.71
N PHE I 29 -20.43 -8.43 -60.55
CA PHE I 29 -19.51 -9.48 -60.15
C PHE I 29 -18.29 -9.56 -61.07
N GLU I 30 -18.48 -9.39 -62.38
CA GLU I 30 -17.40 -9.59 -63.33
C GLU I 30 -16.44 -8.41 -63.39
N ALA I 31 -16.60 -7.41 -62.54
CA ALA I 31 -15.65 -6.31 -62.51
C ALA I 31 -14.68 -6.38 -61.34
N TYR I 32 -14.81 -7.39 -60.48
CA TYR I 32 -14.05 -7.42 -59.24
C TYR I 32 -13.27 -8.71 -59.07
N ALA I 33 -12.04 -8.59 -58.59
CA ALA I 33 -11.33 -9.74 -58.06
C ALA I 33 -12.03 -10.24 -56.81
N MET I 34 -11.99 -11.57 -56.62
CA MET I 34 -12.64 -12.20 -55.49
C MET I 34 -11.65 -13.07 -54.75
N HIS I 35 -11.87 -13.23 -53.45
CA HIS I 35 -10.90 -13.89 -52.58
C HIS I 35 -11.61 -14.84 -51.63
N TRP I 36 -10.84 -15.83 -51.16
CA TRP I 36 -11.23 -16.70 -50.06
C TRP I 36 -10.31 -16.43 -48.87
N VAL I 37 -10.92 -16.21 -47.71
CA VAL I 37 -10.18 -16.09 -46.45
C VAL I 37 -10.79 -17.10 -45.49
N ARG I 38 -9.95 -17.66 -44.61
CA ARG I 38 -10.44 -18.67 -43.68
C ARG I 38 -10.04 -18.31 -42.26
N GLN I 39 -10.82 -18.82 -41.34
CA GLN I 39 -10.62 -18.59 -39.92
C GLN I 39 -11.00 -19.83 -39.10
N PRO I 40 -10.03 -20.54 -38.55
CA PRO I 40 -10.37 -21.66 -37.66
C PRO I 40 -11.05 -21.13 -36.40
N PRO I 41 -12.09 -21.82 -35.93
CA PRO I 41 -12.84 -21.32 -34.75
C PRO I 41 -11.95 -20.84 -33.62
N GLY I 42 -12.26 -19.65 -33.11
CA GLY I 42 -11.53 -19.09 -31.99
C GLY I 42 -10.11 -18.68 -32.28
N LYS I 43 -9.73 -18.58 -33.55
CA LYS I 43 -8.34 -18.29 -33.92
C LYS I 43 -8.35 -17.07 -34.84
N GLY I 44 -7.28 -16.90 -35.62
CA GLY I 44 -7.08 -15.72 -36.44
C GLY I 44 -7.51 -15.90 -37.89
N LEU I 45 -7.08 -14.99 -38.74
CA LEU I 45 -7.46 -14.97 -40.15
C LEU I 45 -6.31 -15.42 -41.02
N GLU I 46 -6.64 -16.12 -42.10
CA GLU I 46 -5.64 -16.58 -43.05
C GLU I 46 -6.19 -16.44 -44.45
N TRP I 47 -5.52 -15.66 -45.27
CA TRP I 47 -5.89 -15.55 -46.68
C TRP I 47 -5.60 -16.88 -47.38
N VAL I 48 -6.50 -17.28 -48.27
CA VAL I 48 -6.42 -18.58 -48.93
C VAL I 48 -6.05 -18.44 -50.42
N SER I 49 -6.88 -17.74 -51.19
CA SER I 49 -6.73 -17.72 -52.64
C SER I 49 -7.32 -16.45 -53.23
N SER I 50 -6.86 -16.10 -54.43
CA SER I 50 -7.37 -14.92 -55.11
C SER I 50 -7.56 -15.25 -56.58
N ILE I 51 -8.62 -14.71 -57.16
CA ILE I 51 -8.85 -14.79 -58.60
C ILE I 51 -9.36 -13.43 -59.09
N ASN I 52 -8.79 -12.95 -60.19
CA ASN I 52 -9.17 -11.64 -60.71
C ASN I 52 -10.36 -11.77 -61.66
N TRP I 53 -10.86 -10.62 -62.13
CA TRP I 53 -12.15 -10.55 -62.79
C TRP I 53 -12.29 -11.54 -63.95
N ASN I 54 -11.25 -11.71 -64.77
CA ASN I 54 -11.35 -12.59 -65.92
C ASN I 54 -10.64 -13.93 -65.74
N SER I 55 -10.35 -14.30 -64.49
CA SER I 55 -9.61 -15.52 -64.16
C SER I 55 -8.24 -15.57 -64.80
N GLY I 56 -7.70 -14.45 -65.28
CA GLY I 56 -6.36 -14.48 -65.83
C GLY I 56 -5.27 -14.53 -64.80
N ARG I 57 -5.55 -14.12 -63.57
CA ARG I 57 -4.59 -14.12 -62.48
C ARG I 57 -5.16 -14.85 -61.27
N ILE I 58 -4.43 -15.86 -60.78
CA ILE I 58 -4.85 -16.72 -59.68
C ILE I 58 -3.68 -16.81 -58.72
N ALA I 59 -3.98 -16.83 -57.42
CA ALA I 59 -2.94 -16.81 -56.39
C ALA I 59 -3.37 -17.66 -55.19
N TYR I 60 -2.39 -18.27 -54.53
CA TYR I 60 -2.64 -19.19 -53.43
C TYR I 60 -1.66 -18.97 -52.29
N ALA I 61 -2.16 -19.03 -51.06
CA ALA I 61 -1.28 -19.20 -49.91
C ALA I 61 -0.51 -20.52 -50.00
N ASP I 62 0.71 -20.51 -49.47
CA ASP I 62 1.58 -21.67 -49.51
C ASP I 62 0.94 -22.89 -48.87
N SER I 63 0.15 -22.69 -47.81
CA SER I 63 -0.42 -23.82 -47.10
C SER I 63 -1.48 -24.55 -47.89
N VAL I 64 -1.94 -24.03 -49.02
CA VAL I 64 -2.95 -24.71 -49.82
C VAL I 64 -2.53 -24.92 -51.28
N LYS I 65 -1.38 -24.39 -51.70
CA LYS I 65 -0.92 -24.59 -53.06
C LYS I 65 -0.76 -26.08 -53.36
N GLY I 66 -1.30 -26.51 -54.50
CA GLY I 66 -1.26 -27.89 -54.90
C GLY I 66 -2.55 -28.64 -54.62
N ARG I 67 -3.27 -28.27 -53.56
CA ARG I 67 -4.47 -28.98 -53.15
C ARG I 67 -5.76 -28.26 -53.47
N PHE I 68 -5.72 -26.93 -53.54
CA PHE I 68 -6.90 -26.09 -53.70
C PHE I 68 -6.90 -25.47 -55.09
N THR I 69 -8.08 -25.37 -55.68
CA THR I 69 -8.27 -24.72 -56.97
C THR I 69 -9.39 -23.70 -56.83
N ILE I 70 -9.07 -22.42 -57.13
CA ILE I 70 -10.06 -21.35 -57.17
C ILE I 70 -10.53 -21.17 -58.59
N SER I 71 -11.80 -20.84 -58.74
CA SER I 71 -12.37 -20.56 -60.04
C SER I 71 -13.64 -19.74 -59.84
N ARG I 72 -14.14 -19.19 -60.95
CA ARG I 72 -15.32 -18.33 -60.96
C ARG I 72 -16.10 -18.58 -62.25
N ASP I 73 -17.41 -18.31 -62.19
CA ASP I 73 -18.28 -18.35 -63.37
C ASP I 73 -19.04 -17.04 -63.35
N ASN I 74 -18.57 -16.06 -64.14
CA ASN I 74 -19.19 -14.74 -64.11
C ASN I 74 -20.65 -14.80 -64.55
N ALA I 75 -20.99 -15.69 -65.49
CA ALA I 75 -22.39 -15.76 -65.90
C ALA I 75 -23.30 -16.24 -64.78
N ARG I 76 -22.77 -16.94 -63.79
CA ARG I 76 -23.58 -17.39 -62.67
C ARG I 76 -23.33 -16.57 -61.42
N ASN I 77 -22.55 -15.49 -61.51
CA ASN I 77 -22.17 -14.65 -60.35
C ASN I 77 -21.67 -15.48 -59.19
N SER I 78 -20.74 -16.41 -59.47
CA SER I 78 -20.43 -17.48 -58.53
C SER I 78 -18.92 -17.68 -58.42
N LEU I 79 -18.45 -17.85 -57.18
CA LEU I 79 -17.05 -18.12 -56.87
C LEU I 79 -16.90 -19.54 -56.28
N TYR I 80 -15.79 -20.21 -56.61
CA TYR I 80 -15.63 -21.61 -56.23
C TYR I 80 -14.28 -21.87 -55.60
N LEU I 81 -14.23 -22.89 -54.75
CA LEU I 81 -13.00 -23.34 -54.13
C LEU I 81 -13.04 -24.85 -54.03
N GLN I 82 -12.27 -25.55 -54.87
CA GLN I 82 -12.14 -27.00 -54.80
C GLN I 82 -10.99 -27.33 -53.85
N MET I 83 -11.31 -27.96 -52.73
CA MET I 83 -10.35 -28.33 -51.70
C MET I 83 -10.12 -29.83 -51.74
N ASN I 84 -8.88 -30.25 -52.05
CA ASN I 84 -8.49 -31.66 -52.03
C ASN I 84 -7.53 -31.95 -50.88
N SER I 85 -7.39 -33.24 -50.56
CA SER I 85 -6.48 -33.75 -49.52
C SER I 85 -6.62 -32.93 -48.24
N LEU I 86 -7.84 -32.91 -47.71
CA LEU I 86 -8.11 -32.06 -46.56
C LEU I 86 -7.47 -32.64 -45.31
N ARG I 87 -6.98 -31.76 -44.44
CA ARG I 87 -6.41 -32.10 -43.15
C ARG I 87 -7.16 -31.38 -42.04
N LEU I 88 -6.99 -31.85 -40.80
CA LEU I 88 -7.74 -31.28 -39.68
C LEU I 88 -7.46 -29.79 -39.55
N GLU I 89 -6.22 -29.39 -39.79
CA GLU I 89 -5.89 -27.98 -39.73
C GLU I 89 -6.54 -27.17 -40.86
N ASP I 90 -7.22 -27.80 -41.80
CA ASP I 90 -8.03 -27.05 -42.75
C ASP I 90 -9.38 -26.64 -42.18
N THR I 91 -9.72 -27.14 -41.00
CA THR I 91 -11.00 -26.82 -40.36
C THR I 91 -11.07 -25.34 -40.05
N ALA I 92 -12.14 -24.68 -40.49
CA ALA I 92 -12.19 -23.22 -40.46
C ALA I 92 -13.50 -22.73 -41.08
N PHE I 93 -13.89 -21.53 -40.65
CA PHE I 93 -14.84 -20.71 -41.41
C PHE I 93 -14.15 -20.22 -42.68
N TYR I 94 -14.81 -20.39 -43.83
CA TYR I 94 -14.30 -19.94 -45.12
C TYR I 94 -15.20 -18.82 -45.64
N TYR I 95 -14.59 -17.67 -45.95
CA TYR I 95 -15.33 -16.50 -46.44
C TYR I 95 -14.93 -16.19 -47.87
N CYS I 96 -15.90 -15.85 -48.72
CA CYS I 96 -15.56 -15.08 -49.92
C CYS I 96 -15.60 -13.60 -49.60
N ALA I 97 -14.73 -12.87 -50.28
CA ALA I 97 -14.59 -11.43 -50.11
C ALA I 97 -14.48 -10.79 -51.48
N LYS I 98 -15.16 -9.66 -51.63
CA LYS I 98 -15.07 -8.88 -52.85
C LYS I 98 -13.96 -7.85 -52.66
N ASP I 99 -13.20 -7.58 -53.73
CA ASP I 99 -12.14 -6.61 -53.65
C ASP I 99 -12.71 -5.19 -53.58
N ILE I 100 -11.91 -4.27 -53.02
CA ILE I 100 -12.22 -2.84 -53.11
C ILE I 100 -12.18 -2.37 -54.57
N ARG I 101 -11.16 -2.80 -55.31
CA ARG I 101 -10.85 -2.30 -56.64
C ARG I 101 -11.62 -3.06 -57.72
N ARG I 102 -11.87 -2.38 -58.84
CA ARG I 102 -12.36 -3.01 -60.07
C ARG I 102 -11.17 -3.33 -60.99
N PHE I 103 -11.21 -4.51 -61.61
CA PHE I 103 -10.26 -4.88 -62.66
C PHE I 103 -8.81 -4.86 -62.20
N SER I 104 -8.59 -5.03 -60.90
CA SER I 104 -7.23 -5.12 -60.40
C SER I 104 -6.62 -6.45 -60.80
N THR I 105 -5.29 -6.55 -60.73
CA THR I 105 -4.63 -7.78 -61.14
C THR I 105 -3.73 -8.40 -60.07
N GLY I 106 -3.19 -7.59 -59.15
CA GLY I 106 -2.38 -8.11 -58.07
C GLY I 106 -2.93 -7.76 -56.70
N GLY I 107 -2.36 -8.43 -55.69
CA GLY I 107 -2.62 -8.13 -54.31
C GLY I 107 -4.03 -8.52 -53.89
N ALA I 108 -4.54 -7.79 -52.90
CA ALA I 108 -5.87 -8.04 -52.38
C ALA I 108 -6.28 -6.94 -51.39
N GLU I 109 -7.45 -6.35 -51.61
CA GLU I 109 -8.08 -5.46 -50.64
C GLU I 109 -9.50 -5.96 -50.40
N PHE I 110 -9.74 -6.55 -49.23
CA PHE I 110 -11.01 -7.22 -48.93
C PHE I 110 -12.07 -6.22 -48.48
N GLU I 111 -13.08 -5.97 -49.32
CA GLU I 111 -14.06 -4.95 -49.00
C GLU I 111 -15.30 -5.48 -48.27
N TYR I 112 -16.06 -6.38 -48.89
CA TYR I 112 -17.21 -6.99 -48.24
C TYR I 112 -16.97 -8.49 -48.11
N TRP I 113 -17.32 -9.05 -46.94
CA TRP I 113 -17.14 -10.46 -46.66
C TRP I 113 -18.49 -11.14 -46.50
N GLY I 114 -18.62 -12.35 -47.04
CA GLY I 114 -19.78 -13.15 -46.75
C GLY I 114 -19.74 -13.65 -45.32
N GLN I 115 -20.87 -14.16 -44.85
CA GLN I 115 -20.90 -14.58 -43.45
C GLN I 115 -20.15 -15.89 -43.21
N GLY I 116 -19.70 -16.58 -44.25
CA GLY I 116 -18.83 -17.72 -44.05
C GLY I 116 -19.54 -19.06 -43.95
N THR I 117 -18.89 -20.12 -44.47
CA THR I 117 -19.39 -21.48 -44.31
C THR I 117 -18.34 -22.31 -43.58
N LEU I 118 -18.78 -23.02 -42.55
CA LEU I 118 -17.86 -23.68 -41.64
C LEU I 118 -17.53 -25.08 -42.16
N VAL I 119 -16.23 -25.33 -42.35
CA VAL I 119 -15.74 -26.62 -42.80
C VAL I 119 -15.07 -27.30 -41.61
N THR I 120 -15.57 -28.47 -41.27
CA THR I 120 -15.05 -29.28 -40.18
C THR I 120 -14.45 -30.54 -40.79
N VAL I 121 -13.13 -30.63 -40.80
CA VAL I 121 -12.45 -31.84 -41.23
C VAL I 121 -12.28 -32.75 -40.00
N SER I 122 -12.95 -33.89 -40.01
CA SER I 122 -12.90 -34.75 -38.85
C SER I 122 -13.27 -36.17 -39.27
N SER I 123 -12.77 -37.14 -38.52
CA SER I 123 -13.12 -38.54 -38.80
C SER I 123 -14.46 -38.92 -38.21
N ALA I 124 -15.05 -38.09 -37.35
CA ALA I 124 -16.38 -38.32 -36.83
C ALA I 124 -17.44 -38.08 -37.92
N SER I 125 -18.60 -38.72 -37.73
CA SER I 125 -19.70 -38.66 -38.69
C SER I 125 -20.78 -37.69 -38.22
N THR I 126 -21.53 -37.17 -39.20
CA THR I 126 -22.62 -36.25 -38.95
C THR I 126 -23.72 -36.92 -38.13
N LYS I 127 -24.25 -36.18 -37.16
CA LYS I 127 -25.38 -36.64 -36.38
C LYS I 127 -26.27 -35.44 -36.11
N GLY I 128 -27.56 -35.58 -36.40
CA GLY I 128 -28.53 -34.58 -36.05
C GLY I 128 -28.70 -34.46 -34.54
N PRO I 129 -29.13 -33.29 -34.09
CA PRO I 129 -29.28 -33.06 -32.66
C PRO I 129 -30.64 -33.52 -32.13
N SER I 130 -30.68 -33.71 -30.82
CA SER I 130 -31.95 -33.87 -30.10
C SER I 130 -32.28 -32.55 -29.43
N VAL I 131 -33.52 -32.10 -29.58
CA VAL I 131 -33.99 -30.85 -28.97
C VAL I 131 -34.91 -31.19 -27.81
N PHE I 132 -34.56 -30.69 -26.62
CA PHE I 132 -35.33 -30.92 -25.40
C PHE I 132 -35.76 -29.58 -24.79
N PRO I 133 -36.89 -29.53 -24.10
CA PRO I 133 -37.37 -28.27 -23.53
C PRO I 133 -36.68 -27.89 -22.23
N LEU I 134 -36.52 -26.59 -22.04
CA LEU I 134 -36.16 -25.98 -20.75
C LEU I 134 -37.41 -25.23 -20.28
N ALA I 135 -38.29 -25.96 -19.60
CA ALA I 135 -39.61 -25.44 -19.25
C ALA I 135 -39.50 -24.36 -18.17
N PRO I 136 -40.25 -23.26 -18.28
CA PRO I 136 -40.27 -22.10 -17.37
C PRO I 136 -40.13 -22.44 -15.88
N GLY I 144 -42.03 -11.63 -11.50
CA GLY I 144 -42.29 -10.76 -12.64
C GLY I 144 -41.65 -11.26 -13.92
N THR I 145 -40.53 -11.98 -13.77
CA THR I 145 -39.74 -12.42 -14.92
C THR I 145 -39.35 -13.89 -14.77
N ALA I 146 -39.25 -14.58 -15.91
CA ALA I 146 -39.02 -16.03 -15.94
C ALA I 146 -38.17 -16.39 -17.16
N ALA I 147 -37.47 -17.52 -17.06
CA ALA I 147 -36.52 -17.97 -18.08
C ALA I 147 -36.94 -19.33 -18.62
N LEU I 148 -36.92 -19.47 -19.95
CA LEU I 148 -37.20 -20.73 -20.63
C LEU I 148 -36.26 -20.87 -21.81
N GLY I 149 -36.18 -22.08 -22.36
CA GLY I 149 -35.33 -22.28 -23.51
C GLY I 149 -35.46 -23.68 -24.07
N CYS I 150 -34.58 -23.99 -25.02
CA CYS I 150 -34.44 -25.34 -25.51
CA CYS I 150 -34.42 -25.31 -25.59
C CYS I 150 -32.99 -25.77 -25.37
N LEU I 151 -32.80 -27.09 -25.34
CA LEU I 151 -31.50 -27.71 -25.19
C LEU I 151 -31.27 -28.59 -26.40
N VAL I 152 -30.22 -28.28 -27.16
CA VAL I 152 -29.94 -28.89 -28.46
C VAL I 152 -28.73 -29.79 -28.26
N LYS I 153 -28.95 -31.10 -28.22
CA LYS I 153 -28.00 -32.03 -27.65
C LYS I 153 -27.50 -33.03 -28.70
N ASP I 154 -26.21 -33.32 -28.64
CA ASP I 154 -25.59 -34.47 -29.30
C ASP I 154 -25.68 -34.38 -30.82
N TYR I 155 -25.01 -33.37 -31.37
CA TYR I 155 -24.87 -33.21 -32.81
C TYR I 155 -23.41 -33.08 -33.19
N PHE I 156 -23.15 -33.22 -34.48
CA PHE I 156 -21.85 -33.07 -35.11
C PHE I 156 -22.12 -32.92 -36.59
N PRO I 157 -21.47 -31.98 -37.27
CA PRO I 157 -20.51 -31.04 -36.68
C PRO I 157 -21.22 -29.75 -36.30
N GLU I 158 -20.47 -28.71 -35.92
CA GLU I 158 -21.03 -27.37 -35.85
C GLU I 158 -21.37 -26.90 -37.27
N PRO I 159 -22.29 -25.91 -37.41
CA PRO I 159 -23.02 -25.14 -36.39
C PRO I 159 -24.48 -25.52 -36.21
N VAL I 160 -25.08 -25.09 -35.10
CA VAL I 160 -26.52 -25.02 -34.95
C VAL I 160 -26.92 -23.54 -34.95
N THR I 161 -28.06 -23.23 -35.56
CA THR I 161 -28.72 -21.93 -35.32
C THR I 161 -30.08 -22.18 -34.69
N VAL I 162 -30.49 -21.26 -33.81
CA VAL I 162 -31.74 -21.31 -33.07
C VAL I 162 -32.38 -19.94 -33.10
N SER I 163 -33.64 -19.87 -33.51
CA SER I 163 -34.45 -18.66 -33.36
C SER I 163 -35.62 -18.96 -32.44
N TRP I 164 -36.44 -17.94 -32.21
CA TRP I 164 -37.58 -18.03 -31.29
C TRP I 164 -38.79 -17.41 -31.94
N ASN I 165 -39.90 -18.15 -31.95
CA ASN I 165 -41.15 -17.76 -32.62
C ASN I 165 -40.88 -17.33 -34.06
N SER I 166 -39.93 -18.02 -34.70
CA SER I 166 -39.53 -17.76 -36.08
C SER I 166 -38.99 -16.34 -36.27
N GLY I 167 -38.27 -15.81 -35.26
CA GLY I 167 -37.65 -14.51 -35.35
C GLY I 167 -38.44 -13.38 -34.70
N ALA I 168 -39.70 -13.62 -34.34
CA ALA I 168 -40.50 -12.58 -33.70
C ALA I 168 -39.98 -12.23 -32.31
N LEU I 169 -39.44 -13.22 -31.59
CA LEU I 169 -38.88 -12.99 -30.26
C LEU I 169 -37.35 -12.98 -30.36
N THR I 170 -36.75 -11.81 -30.17
CA THR I 170 -35.29 -11.65 -30.19
C THR I 170 -34.72 -11.07 -28.91
N SER I 171 -35.40 -10.10 -28.31
CA SER I 171 -34.85 -9.46 -27.11
C SER I 171 -34.77 -10.46 -25.97
N GLY I 172 -33.74 -10.33 -25.14
CA GLY I 172 -33.59 -11.21 -24.00
C GLY I 172 -33.16 -12.63 -24.33
N VAL I 173 -32.90 -12.94 -25.61
CA VAL I 173 -32.58 -14.28 -26.07
C VAL I 173 -31.08 -14.50 -25.99
N HIS I 174 -30.67 -15.68 -25.50
CA HIS I 174 -29.26 -16.06 -25.44
C HIS I 174 -29.06 -17.47 -25.99
N THR I 175 -28.45 -17.57 -27.17
CA THR I 175 -27.91 -18.84 -27.66
C THR I 175 -26.42 -18.93 -27.31
N PHE I 176 -26.07 -19.95 -26.69
CA PHE I 176 -24.74 -20.15 -26.14
C PHE I 176 -23.80 -20.76 -27.16
N PRO I 177 -22.50 -20.45 -27.04
CA PRO I 177 -21.50 -21.19 -27.80
C PRO I 177 -21.63 -22.69 -27.50
N ALA I 178 -21.35 -23.50 -28.53
CA ALA I 178 -21.44 -24.93 -28.32
C ALA I 178 -20.20 -25.44 -27.60
N VAL I 179 -20.32 -26.61 -26.98
CA VAL I 179 -19.20 -27.24 -26.33
C VAL I 179 -19.03 -28.67 -26.84
N LEU I 180 -17.79 -29.06 -27.01
CA LEU I 180 -17.42 -30.44 -27.30
C LEU I 180 -17.54 -31.26 -26.03
N GLN I 181 -18.52 -32.16 -25.99
CA GLN I 181 -18.62 -33.10 -24.89
C GLN I 181 -17.55 -34.18 -25.00
N SER I 182 -17.34 -34.87 -23.89
CA SER I 182 -16.36 -35.96 -23.87
C SER I 182 -16.69 -37.04 -24.90
N SER I 183 -17.97 -37.19 -25.25
CA SER I 183 -18.37 -38.17 -26.25
C SER I 183 -17.87 -37.81 -27.65
N GLY I 184 -17.32 -36.60 -27.83
CA GLY I 184 -17.01 -36.09 -29.14
C GLY I 184 -18.17 -35.47 -29.87
N LEU I 185 -19.32 -35.36 -29.22
CA LEU I 185 -20.48 -34.67 -29.77
C LEU I 185 -20.58 -33.27 -29.18
N TYR I 186 -21.36 -32.42 -29.85
CA TYR I 186 -21.57 -31.06 -29.40
C TYR I 186 -22.94 -30.92 -28.75
N SER I 187 -23.10 -29.85 -27.98
CA SER I 187 -24.39 -29.50 -27.40
C SER I 187 -24.40 -28.03 -27.06
N LEU I 188 -25.53 -27.38 -27.29
CA LEU I 188 -25.72 -26.01 -26.83
C LEU I 188 -27.10 -25.85 -26.21
N SER I 189 -27.29 -24.70 -25.58
CA SER I 189 -28.55 -24.30 -24.96
C SER I 189 -28.90 -22.88 -25.40
N SER I 190 -30.15 -22.69 -25.83
CA SER I 190 -30.69 -21.38 -26.16
C SER I 190 -31.79 -21.03 -25.18
N VAL I 191 -31.71 -19.84 -24.59
CA VAL I 191 -32.64 -19.43 -23.54
C VAL I 191 -33.19 -18.03 -23.86
N VAL I 192 -34.20 -17.64 -23.10
CA VAL I 192 -34.85 -16.33 -23.26
C VAL I 192 -35.57 -16.00 -21.96
N THR I 193 -35.43 -14.77 -21.51
CA THR I 193 -36.20 -14.27 -20.38
C THR I 193 -37.47 -13.59 -20.88
N VAL I 194 -38.60 -13.95 -20.29
CA VAL I 194 -39.90 -13.43 -20.67
C VAL I 194 -40.61 -12.98 -19.39
N PRO I 195 -41.74 -12.26 -19.48
CA PRO I 195 -42.49 -11.93 -18.26
C PRO I 195 -43.37 -13.10 -17.81
N SER I 196 -43.36 -13.35 -16.49
CA SER I 196 -44.16 -14.43 -15.92
C SER I 196 -45.61 -14.35 -16.40
N SER I 197 -46.15 -13.14 -16.49
CA SER I 197 -47.52 -12.92 -16.95
C SER I 197 -47.86 -13.66 -18.25
N SER I 198 -46.89 -13.78 -19.17
CA SER I 198 -47.16 -14.26 -20.52
C SER I 198 -47.17 -15.79 -20.66
N LEU I 199 -47.08 -16.55 -19.56
CA LEU I 199 -46.83 -17.98 -19.69
C LEU I 199 -48.08 -18.78 -20.04
N GLY I 200 -49.26 -18.34 -19.59
CA GLY I 200 -50.47 -19.01 -20.02
C GLY I 200 -51.04 -18.48 -21.31
N THR I 201 -50.54 -17.32 -21.76
CA THR I 201 -51.14 -16.56 -22.85
C THR I 201 -50.32 -16.56 -24.13
N GLN I 202 -49.00 -16.66 -24.03
CA GLN I 202 -48.10 -16.53 -25.16
C GLN I 202 -47.41 -17.86 -25.45
N THR I 203 -47.23 -18.16 -26.73
CA THR I 203 -46.61 -19.39 -27.18
C THR I 203 -45.13 -19.13 -27.51
N TYR I 204 -44.27 -20.04 -27.07
CA TYR I 204 -42.82 -19.93 -27.26
C TYR I 204 -42.32 -21.19 -27.98
N ILE I 205 -42.09 -21.06 -29.28
CA ILE I 205 -41.49 -22.10 -30.10
C ILE I 205 -40.06 -21.69 -30.44
N CYS I 206 -39.10 -22.58 -30.20
CA CYS I 206 -37.75 -22.39 -30.69
C CYS I 206 -37.52 -23.24 -31.93
N ASN I 207 -36.85 -22.66 -32.92
CA ASN I 207 -36.71 -23.27 -34.24
C ASN I 207 -35.23 -23.59 -34.43
N VAL I 208 -34.92 -24.88 -34.40
CA VAL I 208 -33.54 -25.33 -34.40
C VAL I 208 -33.18 -25.78 -35.81
N ASN I 209 -32.01 -25.35 -36.27
CA ASN I 209 -31.53 -25.61 -37.62
C ASN I 209 -30.14 -26.22 -37.53
N HIS I 210 -29.98 -27.39 -38.17
CA HIS I 210 -28.69 -28.07 -38.30
C HIS I 210 -28.53 -28.49 -39.75
N LYS I 211 -28.10 -27.54 -40.60
CA LYS I 211 -27.97 -27.79 -42.02
C LYS I 211 -27.11 -29.00 -42.38
N PRO I 212 -25.99 -29.31 -41.67
CA PRO I 212 -25.22 -30.53 -42.03
C PRO I 212 -26.02 -31.82 -42.12
N SER I 213 -26.99 -32.04 -41.23
CA SER I 213 -27.81 -33.25 -41.29
C SER I 213 -29.19 -32.98 -41.86
N ASN I 214 -29.42 -31.76 -42.39
CA ASN I 214 -30.74 -31.37 -42.91
C ASN I 214 -31.83 -31.51 -41.87
N THR I 215 -31.53 -31.10 -40.64
CA THR I 215 -32.47 -31.15 -39.54
C THR I 215 -33.09 -29.77 -39.30
N LYS I 216 -34.43 -29.73 -39.26
CA LYS I 216 -35.19 -28.52 -38.94
C LYS I 216 -36.24 -28.89 -37.91
N VAL I 217 -36.10 -28.41 -36.67
CA VAL I 217 -36.95 -28.83 -35.56
C VAL I 217 -37.57 -27.60 -34.88
N ASP I 218 -38.91 -27.58 -34.80
CA ASP I 218 -39.67 -26.57 -34.07
C ASP I 218 -40.13 -27.18 -32.73
N LYS I 219 -39.61 -26.67 -31.62
CA LYS I 219 -39.88 -27.23 -30.30
C LYS I 219 -40.76 -26.27 -29.49
N ARG I 220 -41.95 -26.76 -29.10
CA ARG I 220 -42.84 -26.01 -28.22
C ARG I 220 -42.37 -26.16 -26.79
N VAL I 221 -41.95 -25.06 -26.18
CA VAL I 221 -41.58 -25.04 -24.77
C VAL I 221 -42.79 -24.51 -24.00
N GLU I 222 -43.28 -25.30 -23.05
CA GLU I 222 -44.49 -25.00 -22.32
C GLU I 222 -44.28 -25.30 -20.84
N PRO I 223 -44.97 -24.57 -19.97
CA PRO I 223 -44.89 -24.89 -18.53
C PRO I 223 -45.40 -26.29 -18.26
N LYS I 224 -44.85 -26.93 -17.23
CA LYS I 224 -45.20 -28.31 -16.89
C LYS I 224 -46.15 -28.35 -15.70
N SER I 225 -46.94 -29.43 -15.63
CA SER I 225 -47.96 -29.70 -14.60
C SER I 225 -47.60 -29.29 -13.17
N GLN J 1 5.35 -17.86 -40.26
CA GLN J 1 6.00 -17.06 -41.29
C GLN J 1 6.43 -15.72 -40.71
N SER J 2 6.04 -14.62 -41.34
CA SER J 2 6.25 -13.30 -40.76
C SER J 2 4.95 -12.80 -40.15
N VAL J 3 5.09 -11.98 -39.09
CA VAL J 3 4.01 -11.72 -38.16
C VAL J 3 3.67 -10.24 -38.18
N LEU J 4 2.40 -9.94 -37.92
CA LEU J 4 1.94 -8.61 -37.54
C LEU J 4 1.46 -8.69 -36.10
N THR J 5 2.22 -8.12 -35.17
CA THR J 5 1.96 -8.32 -33.75
C THR J 5 1.07 -7.20 -33.20
N GLN J 6 -0.10 -7.58 -32.72
CA GLN J 6 -1.01 -6.75 -31.96
C GLN J 6 -1.09 -7.24 -30.52
N PRO J 7 -1.45 -6.37 -29.58
CA PRO J 7 -1.74 -6.84 -28.22
C PRO J 7 -2.95 -7.75 -28.23
N PRO J 8 -2.93 -8.81 -27.43
CA PRO J 8 -4.07 -9.74 -27.44
C PRO J 8 -5.37 -9.09 -26.97
N SER J 9 -5.29 -8.08 -26.11
CA SER J 9 -6.50 -7.50 -25.55
C SER J 9 -6.38 -5.99 -25.45
N ALA J 10 -7.53 -5.35 -25.29
CA ALA J 10 -7.64 -3.90 -25.07
C ALA J 10 -9.01 -3.60 -24.46
N SER J 11 -9.07 -2.52 -23.68
CA SER J 11 -10.29 -2.21 -22.95
C SER J 11 -10.38 -0.71 -22.69
N GLY J 12 -11.57 -0.28 -22.32
CA GLY J 12 -11.84 1.09 -21.92
C GLY J 12 -13.26 1.19 -21.41
N THR J 13 -13.60 2.39 -20.87
CA THR J 13 -14.98 2.63 -20.44
C THR J 13 -15.73 3.44 -21.50
N PRO J 14 -17.07 3.34 -21.53
CA PRO J 14 -17.84 3.99 -22.60
C PRO J 14 -17.56 5.46 -22.77
N GLY J 15 -16.98 5.84 -23.91
CA GLY J 15 -16.55 7.20 -24.15
C GLY J 15 -15.05 7.41 -24.07
N GLN J 16 -14.32 6.43 -23.55
CA GLN J 16 -12.88 6.47 -23.56
C GLN J 16 -12.35 6.33 -24.99
N ARG J 17 -11.14 6.84 -25.19
CA ARG J 17 -10.38 6.55 -26.40
C ARG J 17 -9.57 5.29 -26.13
N VAL J 18 -9.61 4.35 -27.08
CA VAL J 18 -8.86 3.10 -27.01
C VAL J 18 -8.00 3.00 -28.27
N THR J 19 -6.73 2.65 -28.11
CA THR J 19 -5.82 2.50 -29.24
C THR J 19 -5.31 1.07 -29.34
N ILE J 20 -4.95 0.67 -30.55
CA ILE J 20 -4.45 -0.68 -30.83
C ILE J 20 -3.25 -0.55 -31.74
N SER J 21 -2.09 -1.01 -31.27
CA SER J 21 -0.88 -0.97 -32.07
C SER J 21 -0.75 -2.26 -32.88
N CYS J 22 0.10 -2.17 -33.91
CA CYS J 22 0.29 -3.26 -34.87
C CYS J 22 1.70 -3.07 -35.42
N SER J 23 2.60 -4.00 -35.11
CA SER J 23 3.99 -3.86 -35.50
C SER J 23 4.34 -4.95 -36.51
N GLY J 24 5.02 -4.56 -37.59
CA GLY J 24 5.46 -5.48 -38.62
C GLY J 24 6.91 -5.23 -39.02
N SER J 25 7.23 -5.62 -40.23
CA SER J 25 8.58 -5.48 -40.75
C SER J 25 8.59 -4.53 -41.95
N SER J 26 9.79 -4.10 -42.34
CA SER J 26 9.92 -3.26 -43.52
C SER J 26 9.40 -3.96 -44.77
N SER J 27 9.23 -5.28 -44.72
CA SER J 27 8.75 -6.05 -45.85
C SER J 27 7.27 -5.78 -46.12
N ASN J 28 6.47 -5.64 -45.06
CA ASN J 28 5.04 -5.53 -45.21
C ASN J 28 4.63 -4.08 -44.93
N ILE J 29 4.35 -3.72 -43.67
CA ILE J 29 3.90 -2.37 -43.34
C ILE J 29 4.90 -1.32 -43.81
N GLY J 30 6.17 -1.69 -43.88
CA GLY J 30 7.18 -0.80 -44.41
C GLY J 30 7.12 -0.57 -45.90
N SER J 31 6.24 -1.25 -46.61
CA SER J 31 6.20 -1.10 -48.06
C SER J 31 4.81 -1.11 -48.67
N ASN J 32 3.75 -1.43 -47.93
CA ASN J 32 2.42 -1.56 -48.51
C ASN J 32 1.39 -0.86 -47.62
N PHE J 33 0.14 -0.87 -48.08
CA PHE J 33 -0.97 -0.30 -47.34
C PHE J 33 -1.37 -1.18 -46.16
N VAL J 34 -1.87 -0.52 -45.12
CA VAL J 34 -2.40 -1.19 -43.94
C VAL J 34 -3.91 -1.13 -43.99
N TYR J 35 -4.54 -2.21 -43.53
CA TYR J 35 -5.99 -2.32 -43.46
C TYR J 35 -6.37 -2.77 -42.06
N TRP J 36 -7.61 -2.47 -41.69
CA TRP J 36 -8.14 -2.85 -40.39
C TRP J 36 -9.52 -3.45 -40.56
N TYR J 37 -9.76 -4.55 -39.86
CA TYR J 37 -11.01 -5.28 -39.96
C TYR J 37 -11.61 -5.46 -38.57
N GLN J 38 -12.91 -5.25 -38.47
CA GLN J 38 -13.66 -5.40 -37.24
C GLN J 38 -14.54 -6.65 -37.36
N GLN J 39 -14.48 -7.52 -36.35
CA GLN J 39 -15.29 -8.73 -36.34
C GLN J 39 -16.09 -8.72 -35.03
N LEU J 40 -17.37 -8.42 -35.14
CA LEU J 40 -18.27 -8.60 -34.02
C LEU J 40 -18.45 -10.09 -33.80
N PRO J 41 -18.90 -10.50 -32.62
CA PRO J 41 -18.96 -11.93 -32.32
C PRO J 41 -20.00 -12.64 -33.18
N GLY J 42 -19.65 -13.84 -33.64
CA GLY J 42 -20.52 -14.62 -34.49
C GLY J 42 -20.77 -14.03 -35.85
N THR J 43 -19.94 -13.10 -36.29
CA THR J 43 -20.12 -12.46 -37.58
C THR J 43 -18.81 -12.50 -38.34
N ALA J 44 -18.89 -12.21 -39.62
CA ALA J 44 -17.69 -12.18 -40.43
C ALA J 44 -16.99 -10.83 -40.29
N PRO J 45 -15.69 -10.79 -40.54
CA PRO J 45 -14.96 -9.51 -40.55
C PRO J 45 -15.62 -8.46 -41.46
N LYS J 46 -15.58 -7.21 -41.00
CA LYS J 46 -16.04 -6.06 -41.77
C LYS J 46 -14.89 -5.07 -41.91
N LEU J 47 -14.73 -4.52 -43.13
CA LEU J 47 -13.67 -3.56 -43.40
C LEU J 47 -13.91 -2.27 -42.60
N LEU J 48 -12.95 -1.93 -41.75
CA LEU J 48 -13.02 -0.74 -40.91
C LEU J 48 -12.18 0.41 -41.46
N ILE J 49 -10.93 0.11 -41.85
CA ILE J 49 -10.00 1.11 -42.39
C ILE J 49 -9.30 0.48 -43.58
N TYR J 50 -9.17 1.22 -44.67
CA TYR J 50 -8.34 0.76 -45.77
C TYR J 50 -7.30 1.83 -46.10
N ARG J 51 -6.23 1.39 -46.76
CA ARG J 51 -5.13 2.25 -47.19
C ARG J 51 -4.69 3.19 -46.07
N ASN J 52 -4.35 2.57 -44.94
CA ASN J 52 -3.79 3.23 -43.76
C ASN J 52 -4.79 4.13 -43.02
N ASN J 53 -5.54 4.99 -43.72
CA ASN J 53 -6.33 5.98 -43.01
C ASN J 53 -7.72 6.22 -43.57
N GLN J 54 -8.15 5.51 -44.59
CA GLN J 54 -9.45 5.77 -45.19
C GLN J 54 -10.57 5.02 -44.47
N ARG J 55 -11.71 5.70 -44.33
CA ARG J 55 -12.87 5.12 -43.69
C ARG J 55 -13.93 4.81 -44.73
N PRO J 56 -14.33 3.57 -44.94
CA PRO J 56 -15.48 3.29 -45.81
C PRO J 56 -16.70 4.07 -45.36
N SER J 57 -17.67 4.19 -46.26
CA SER J 57 -18.94 4.75 -45.82
C SER J 57 -19.58 3.81 -44.81
N GLY J 58 -20.36 4.38 -43.90
CA GLY J 58 -20.99 3.59 -42.87
C GLY J 58 -20.12 3.28 -41.67
N VAL J 59 -18.86 3.72 -41.66
CA VAL J 59 -18.00 3.58 -40.49
C VAL J 59 -17.82 4.96 -39.88
N PRO J 60 -18.25 5.19 -38.64
CA PRO J 60 -18.27 6.55 -38.09
C PRO J 60 -16.87 7.12 -37.91
N ASP J 61 -16.82 8.45 -37.77
CA ASP J 61 -15.58 9.20 -37.63
C ASP J 61 -14.75 8.78 -36.42
N ARG J 62 -15.31 8.01 -35.49
CA ARG J 62 -14.62 7.68 -34.24
C ARG J 62 -13.49 6.68 -34.44
N PHE J 63 -13.54 5.87 -35.48
CA PHE J 63 -12.40 5.02 -35.81
C PHE J 63 -11.47 5.77 -36.75
N SER J 64 -10.17 5.63 -36.52
CA SER J 64 -9.20 6.28 -37.39
C SER J 64 -7.90 5.51 -37.31
N GLY J 65 -7.19 5.44 -38.45
CA GLY J 65 -5.96 4.69 -38.53
C GLY J 65 -4.75 5.55 -38.86
N SER J 66 -3.56 5.08 -38.51
CA SER J 66 -2.33 5.76 -38.87
C SER J 66 -1.23 4.74 -39.08
N ARG J 67 -0.24 5.11 -39.90
CA ARG J 67 0.88 4.24 -40.23
C ARG J 67 2.16 5.07 -40.27
N SER J 68 3.20 4.57 -39.61
CA SER J 68 4.51 5.22 -39.69
C SER J 68 5.56 4.18 -39.37
N GLY J 69 6.59 4.10 -40.21
CA GLY J 69 7.61 3.10 -39.99
C GLY J 69 7.07 1.72 -40.30
N THR J 70 7.63 0.73 -39.61
CA THR J 70 7.18 -0.65 -39.75
C THR J 70 5.96 -0.96 -38.89
N SER J 71 5.26 0.05 -38.38
CA SER J 71 4.13 -0.19 -37.50
C SER J 71 2.98 0.76 -37.86
N ALA J 72 1.80 0.43 -37.31
CA ALA J 72 0.53 1.06 -37.64
C ALA J 72 -0.33 1.05 -36.39
N SER J 73 -1.41 1.83 -36.42
CA SER J 73 -2.21 2.00 -35.22
C SER J 73 -3.65 2.32 -35.58
N LEU J 74 -4.59 1.72 -34.85
CA LEU J 74 -6.00 2.07 -34.90
C LEU J 74 -6.38 2.79 -33.60
N ALA J 75 -7.25 3.79 -33.73
CA ALA J 75 -7.73 4.54 -32.58
C ALA J 75 -9.25 4.61 -32.62
N ILE J 76 -9.89 4.19 -31.54
CA ILE J 76 -11.34 4.31 -31.36
C ILE J 76 -11.59 5.40 -30.35
N SER J 77 -12.09 6.54 -30.77
CA SER J 77 -12.51 7.54 -29.81
C SER J 77 -13.99 7.33 -29.48
N GLY J 78 -14.39 7.70 -28.26
CA GLY J 78 -15.76 7.55 -27.82
C GLY J 78 -16.28 6.14 -27.89
N LEU J 79 -15.62 5.24 -27.17
CA LEU J 79 -15.93 3.82 -27.26
C LEU J 79 -17.36 3.53 -26.83
N ARG J 80 -18.06 2.71 -27.64
CA ARG J 80 -19.42 2.26 -27.37
C ARG J 80 -19.43 0.74 -27.20
N SER J 81 -20.48 0.24 -26.55
CA SER J 81 -20.55 -1.22 -26.36
C SER J 81 -20.74 -1.97 -27.68
N GLU J 82 -21.32 -1.34 -28.70
CA GLU J 82 -21.33 -1.96 -30.02
C GLU J 82 -19.94 -2.14 -30.62
N ASP J 83 -18.91 -1.54 -30.01
CA ASP J 83 -17.55 -1.69 -30.51
C ASP J 83 -16.87 -2.93 -29.95
N GLU J 84 -17.46 -3.60 -28.96
CA GLU J 84 -16.99 -4.89 -28.48
C GLU J 84 -16.76 -5.85 -29.64
N ALA J 85 -15.51 -6.14 -29.98
CA ALA J 85 -15.18 -6.90 -31.17
C ALA J 85 -13.71 -7.27 -31.15
N ASP J 86 -13.34 -8.20 -32.05
CA ASP J 86 -11.95 -8.43 -32.43
C ASP J 86 -11.59 -7.52 -33.61
N TYR J 87 -10.40 -6.92 -33.52
CA TYR J 87 -9.87 -6.02 -34.53
C TYR J 87 -8.55 -6.53 -35.06
N TYR J 88 -8.45 -6.66 -36.39
CA TYR J 88 -7.27 -7.19 -37.06
C TYR J 88 -6.70 -6.11 -37.97
N CYS J 89 -5.38 -5.94 -37.93
CA CYS J 89 -4.68 -5.19 -38.96
C CYS J 89 -4.16 -6.15 -40.02
N ALA J 90 -3.91 -5.62 -41.22
CA ALA J 90 -3.46 -6.48 -42.30
C ALA J 90 -2.66 -5.68 -43.33
N ALA J 91 -1.74 -6.37 -43.99
CA ALA J 91 -0.93 -5.80 -45.04
C ALA J 91 -0.38 -6.91 -45.92
N TRP J 92 -0.01 -6.54 -47.13
CA TRP J 92 0.72 -7.39 -48.05
C TRP J 92 2.20 -7.44 -47.69
N ASP J 93 2.85 -8.55 -48.03
CA ASP J 93 4.27 -8.74 -47.74
C ASP J 93 4.97 -9.20 -49.01
N ASP J 94 5.96 -8.42 -49.46
CA ASP J 94 6.69 -8.70 -50.69
C ASP J 94 7.67 -9.87 -50.55
N SER J 95 8.04 -10.24 -49.33
CA SER J 95 8.89 -11.37 -49.08
C SER J 95 8.35 -12.64 -49.75
N LEU J 96 9.25 -13.62 -49.91
CA LEU J 96 8.97 -14.99 -50.31
C LEU J 96 8.15 -15.08 -51.59
N GLY J 97 8.05 -14.00 -52.36
CA GLY J 97 7.22 -13.96 -53.53
C GLY J 97 5.85 -13.33 -53.34
N GLY J 98 5.57 -12.76 -52.17
CA GLY J 98 4.29 -12.13 -51.95
C GLY J 98 3.30 -12.99 -51.19
N HIS J 99 2.82 -12.49 -50.05
CA HIS J 99 1.74 -13.14 -49.32
C HIS J 99 0.94 -12.08 -48.57
N TYR J 100 -0.30 -12.42 -48.27
CA TYR J 100 -1.13 -11.56 -47.45
C TYR J 100 -0.95 -11.94 -45.98
N VAL J 101 -0.81 -10.94 -45.12
CA VAL J 101 -0.53 -11.16 -43.70
C VAL J 101 -1.57 -10.42 -42.87
N PHE J 102 -2.30 -11.16 -42.05
CA PHE J 102 -3.15 -10.57 -41.02
C PHE J 102 -2.39 -10.43 -39.72
N GLY J 103 -2.90 -9.57 -38.84
CA GLY J 103 -2.37 -9.46 -37.50
C GLY J 103 -2.87 -10.58 -36.60
N THR J 104 -2.34 -10.58 -35.38
CA THR J 104 -2.72 -11.61 -34.41
C THR J 104 -4.11 -11.38 -33.83
N GLY J 105 -4.64 -10.17 -33.93
CA GLY J 105 -5.98 -9.85 -33.46
C GLY J 105 -5.97 -9.31 -32.05
N THR J 106 -6.90 -8.39 -31.79
CA THR J 106 -7.06 -7.79 -30.47
C THR J 106 -8.53 -7.77 -30.12
N LYS J 107 -8.88 -8.38 -28.99
CA LYS J 107 -10.24 -8.30 -28.46
C LYS J 107 -10.38 -7.02 -27.62
N VAL J 108 -11.47 -6.30 -27.85
CA VAL J 108 -11.74 -5.02 -27.20
C VAL J 108 -12.95 -5.20 -26.28
N THR J 109 -12.76 -4.93 -24.99
CA THR J 109 -13.80 -5.13 -23.99
C THR J 109 -14.25 -3.80 -23.41
N VAL J 110 -15.55 -3.65 -23.23
CA VAL J 110 -16.11 -2.48 -22.56
C VAL J 110 -16.12 -2.70 -21.06
N LEU J 111 -15.55 -1.76 -20.30
CA LEU J 111 -15.52 -1.82 -18.84
C LEU J 111 -16.76 -1.14 -18.28
N ARG J 112 -17.59 -1.90 -17.59
CA ARG J 112 -18.85 -1.40 -17.05
C ARG J 112 -18.90 -1.67 -15.54
N THR J 113 -20.01 -1.27 -14.93
CA THR J 113 -20.19 -1.49 -13.50
C THR J 113 -20.54 -2.95 -13.24
N VAL J 114 -20.47 -3.34 -11.96
CA VAL J 114 -20.75 -4.71 -11.59
C VAL J 114 -22.25 -4.96 -11.63
N ALA J 115 -22.64 -6.14 -12.12
CA ALA J 115 -24.04 -6.53 -12.21
C ALA J 115 -24.15 -7.99 -11.77
N ALA J 116 -25.00 -8.25 -10.79
CA ALA J 116 -25.21 -9.61 -10.32
C ALA J 116 -26.03 -10.40 -11.35
N PRO J 117 -25.91 -11.72 -11.33
CA PRO J 117 -26.68 -12.53 -12.28
C PRO J 117 -28.00 -13.01 -11.70
N SER J 118 -28.97 -13.16 -12.60
CA SER J 118 -30.17 -13.95 -12.29
C SER J 118 -29.86 -15.44 -12.48
N VAL J 119 -30.24 -16.26 -11.51
CA VAL J 119 -29.85 -17.67 -11.51
C VAL J 119 -31.11 -18.53 -11.63
N PHE J 120 -31.19 -19.30 -12.71
CA PHE J 120 -32.27 -20.27 -12.92
C PHE J 120 -31.70 -21.68 -13.01
N ILE J 121 -32.54 -22.67 -12.71
CA ILE J 121 -32.15 -24.08 -12.83
C ILE J 121 -33.29 -24.84 -13.49
N PHE J 122 -32.94 -25.75 -14.39
CA PHE J 122 -33.90 -26.52 -15.19
C PHE J 122 -33.72 -28.01 -14.93
N PRO J 123 -34.73 -28.72 -14.44
CA PRO J 123 -34.63 -30.17 -14.33
C PRO J 123 -34.53 -30.80 -15.70
N PRO J 124 -34.14 -32.06 -15.76
CA PRO J 124 -34.15 -32.75 -17.06
C PRO J 124 -35.56 -32.95 -17.56
N SER J 125 -35.72 -32.81 -18.88
CA SER J 125 -36.98 -33.12 -19.53
C SER J 125 -37.38 -34.55 -19.23
N ASP J 126 -38.67 -34.78 -19.13
CA ASP J 126 -39.12 -36.17 -19.14
C ASP J 126 -38.85 -36.83 -20.49
N GLU J 127 -38.82 -36.02 -21.56
CA GLU J 127 -38.46 -36.53 -22.89
C GLU J 127 -37.07 -37.14 -22.90
N GLN J 128 -36.08 -36.38 -22.42
CA GLN J 128 -34.70 -36.85 -22.41
C GLN J 128 -34.52 -37.99 -21.41
N LEU J 129 -35.28 -37.96 -20.31
CA LEU J 129 -35.20 -39.03 -19.33
C LEU J 129 -35.56 -40.38 -19.96
N LYS J 130 -36.55 -40.40 -20.84
CA LYS J 130 -36.94 -41.65 -21.48
C LYS J 130 -35.91 -42.12 -22.52
N SER J 131 -35.01 -41.24 -22.97
CA SER J 131 -33.93 -41.66 -23.86
C SER J 131 -32.72 -42.18 -23.08
N GLY J 132 -32.71 -42.03 -21.75
CA GLY J 132 -31.70 -42.63 -20.91
C GLY J 132 -30.67 -41.71 -20.27
N THR J 133 -30.86 -40.40 -20.32
CA THR J 133 -29.86 -39.48 -19.80
C THR J 133 -30.57 -38.28 -19.17
N ALA J 134 -29.90 -37.64 -18.22
CA ALA J 134 -30.43 -36.45 -17.56
C ALA J 134 -29.42 -35.31 -17.66
N SER J 135 -29.84 -34.23 -18.31
CA SER J 135 -29.08 -32.98 -18.28
C SER J 135 -29.77 -31.98 -17.36
N VAL J 136 -29.08 -31.54 -16.30
CA VAL J 136 -29.56 -30.45 -15.45
C VAL J 136 -28.81 -29.18 -15.82
N VAL J 137 -29.53 -28.07 -16.04
CA VAL J 137 -28.99 -26.86 -16.63
C VAL J 137 -29.10 -25.70 -15.65
N CYS J 138 -27.97 -25.03 -15.39
CA CYS J 138 -27.95 -23.82 -14.59
C CYS J 138 -27.64 -22.62 -15.48
N LEU J 139 -28.39 -21.53 -15.31
CA LEU J 139 -28.27 -20.35 -16.17
C LEU J 139 -27.96 -19.12 -15.33
N LEU J 140 -26.90 -18.41 -15.71
CA LEU J 140 -26.52 -17.14 -15.11
C LEU J 140 -26.71 -16.05 -16.15
N ASN J 141 -27.76 -15.25 -16.00
CA ASN J 141 -28.16 -14.30 -17.01
C ASN J 141 -27.62 -12.90 -16.69
N ASN J 142 -26.94 -12.30 -17.66
CA ASN J 142 -26.71 -10.84 -17.74
C ASN J 142 -25.94 -10.29 -16.54
N PHE J 143 -24.71 -10.75 -16.39
CA PHE J 143 -23.88 -10.35 -15.25
C PHE J 143 -22.55 -9.79 -15.76
N TYR J 144 -21.79 -9.21 -14.82
CA TYR J 144 -20.49 -8.60 -15.09
C TYR J 144 -19.78 -8.40 -13.77
N PRO J 145 -18.48 -8.68 -13.67
CA PRO J 145 -17.60 -9.19 -14.72
C PRO J 145 -17.82 -10.65 -15.07
N ARG J 146 -17.00 -11.13 -16.00
CA ARG J 146 -17.18 -12.48 -16.51
C ARG J 146 -16.85 -13.54 -15.47
N GLU J 147 -15.86 -13.29 -14.62
CA GLU J 147 -15.41 -14.28 -13.63
C GLU J 147 -16.56 -14.72 -12.74
N ALA J 148 -16.85 -16.02 -12.73
CA ALA J 148 -17.95 -16.55 -11.93
C ALA J 148 -17.64 -17.99 -11.52
N LYS J 149 -17.98 -18.34 -10.28
CA LYS J 149 -17.79 -19.69 -9.77
C LYS J 149 -19.15 -20.34 -9.60
N VAL J 150 -19.40 -21.40 -10.37
CA VAL J 150 -20.65 -22.13 -10.34
C VAL J 150 -20.34 -23.57 -9.94
N GLN J 151 -21.02 -24.05 -8.89
CA GLN J 151 -20.71 -25.35 -8.30
C GLN J 151 -21.96 -26.17 -8.10
N TRP J 152 -21.97 -27.39 -8.64
CA TRP J 152 -23.10 -28.29 -8.52
C TRP J 152 -23.05 -29.06 -7.20
N LYS J 153 -24.23 -29.30 -6.62
CA LYS J 153 -24.34 -30.10 -5.41
C LYS J 153 -25.57 -30.97 -5.51
N VAL J 154 -25.39 -32.26 -5.29
CA VAL J 154 -26.46 -33.24 -5.30
C VAL J 154 -26.50 -33.87 -3.91
N ASP J 155 -27.56 -33.57 -3.14
CA ASP J 155 -27.65 -33.91 -1.71
C ASP J 155 -26.48 -33.31 -0.93
N ASN J 156 -26.11 -32.07 -1.28
CA ASN J 156 -24.99 -31.36 -0.65
C ASN J 156 -23.65 -32.03 -0.93
N ALA J 157 -23.56 -32.81 -2.00
CA ALA J 157 -22.32 -33.45 -2.42
C ALA J 157 -21.77 -32.67 -3.63
N LEU J 158 -20.69 -31.92 -3.41
CA LEU J 158 -20.11 -31.13 -4.49
C LEU J 158 -19.67 -32.03 -5.62
N GLN J 159 -20.21 -31.79 -6.82
CA GLN J 159 -19.88 -32.59 -7.98
C GLN J 159 -18.55 -32.14 -8.58
N SER J 160 -17.90 -33.08 -9.27
CA SER J 160 -16.63 -32.85 -9.96
C SER J 160 -16.63 -33.64 -11.26
N GLY J 161 -16.36 -32.96 -12.37
CA GLY J 161 -16.00 -33.64 -13.59
C GLY J 161 -17.14 -34.01 -14.53
N ASN J 162 -18.40 -33.91 -14.10
CA ASN J 162 -19.53 -34.19 -14.98
C ASN J 162 -20.32 -32.93 -15.32
N SER J 163 -19.64 -31.79 -15.42
CA SER J 163 -20.25 -30.50 -15.70
C SER J 163 -19.44 -29.77 -16.76
N GLN J 164 -20.15 -28.94 -17.54
CA GLN J 164 -19.52 -28.15 -18.60
C GLN J 164 -20.14 -26.76 -18.62
N GLU J 165 -19.30 -25.76 -18.88
CA GLU J 165 -19.69 -24.35 -18.81
C GLU J 165 -19.56 -23.67 -20.17
N SER J 166 -20.48 -22.74 -20.45
CA SER J 166 -20.44 -21.97 -21.69
C SER J 166 -20.76 -20.52 -21.38
N VAL J 167 -19.89 -19.61 -21.85
CA VAL J 167 -20.02 -18.18 -21.61
C VAL J 167 -20.31 -17.49 -22.95
N THR J 168 -21.27 -16.57 -22.94
CA THR J 168 -21.48 -15.72 -24.09
C THR J 168 -20.35 -14.71 -24.21
N GLU J 169 -20.23 -14.14 -25.40
CA GLU J 169 -19.42 -12.94 -25.56
C GLU J 169 -20.16 -11.75 -24.97
N GLN J 170 -19.41 -10.67 -24.74
CA GLN J 170 -20.00 -9.47 -24.15
C GLN J 170 -21.16 -8.95 -24.98
N ASP J 171 -22.27 -8.63 -24.30
CA ASP J 171 -23.48 -8.19 -24.99
C ASP J 171 -23.32 -6.77 -25.54
N SER J 172 -23.71 -6.58 -26.80
CA SER J 172 -23.42 -5.30 -27.47
C SER J 172 -24.26 -4.13 -26.97
N LYS J 173 -25.28 -4.38 -26.15
CA LYS J 173 -26.15 -3.35 -25.60
C LYS J 173 -25.79 -3.00 -24.16
N ASP J 174 -25.74 -4.00 -23.26
CA ASP J 174 -25.57 -3.79 -21.82
C ASP J 174 -24.23 -4.27 -21.30
N SER J 175 -23.36 -4.79 -22.18
CA SER J 175 -21.98 -5.14 -21.86
C SER J 175 -21.85 -6.24 -20.79
N THR J 176 -22.88 -7.08 -20.65
CA THR J 176 -22.85 -8.15 -19.66
C THR J 176 -22.50 -9.48 -20.34
N TYR J 177 -22.41 -10.52 -19.53
CA TYR J 177 -22.19 -11.87 -19.97
C TYR J 177 -23.32 -12.75 -19.47
N SER J 178 -23.47 -13.90 -20.09
CA SER J 178 -24.34 -14.94 -19.59
C SER J 178 -23.59 -16.27 -19.67
N LEU J 179 -23.75 -17.07 -18.64
CA LEU J 179 -23.00 -18.31 -18.50
C LEU J 179 -23.99 -19.46 -18.41
N SER J 180 -23.59 -20.58 -18.99
CA SER J 180 -24.34 -21.83 -18.97
C SER J 180 -23.52 -22.88 -18.24
N SER J 181 -24.17 -23.67 -17.38
CA SER J 181 -23.56 -24.82 -16.73
C SER J 181 -24.49 -26.03 -16.80
N THR J 182 -24.00 -27.11 -17.39
CA THR J 182 -24.80 -28.28 -17.73
C THR J 182 -24.22 -29.48 -16.99
N LEU J 183 -25.02 -30.07 -16.11
CA LEU J 183 -24.64 -31.26 -15.36
C LEU J 183 -25.32 -32.46 -15.99
N THR J 184 -24.53 -33.47 -16.35
CA THR J 184 -25.01 -34.59 -17.15
C THR J 184 -24.82 -35.89 -16.38
N LEU J 185 -25.91 -36.64 -16.22
CA LEU J 185 -25.86 -37.95 -15.59
C LEU J 185 -26.72 -38.92 -16.38
N SER J 186 -26.34 -40.20 -16.32
CA SER J 186 -27.23 -41.27 -16.73
C SER J 186 -28.54 -41.17 -15.98
N LYS J 187 -29.59 -41.73 -16.60
CA LYS J 187 -30.88 -41.78 -15.92
C LYS J 187 -30.78 -42.60 -14.64
N ALA J 188 -29.99 -43.67 -14.67
CA ALA J 188 -29.75 -44.46 -13.47
C ALA J 188 -29.19 -43.60 -12.35
N ASP J 189 -28.13 -42.85 -12.63
CA ASP J 189 -27.54 -42.00 -11.60
C ASP J 189 -28.51 -40.90 -11.19
N TYR J 190 -29.30 -40.38 -12.13
CA TYR J 190 -30.18 -39.27 -11.80
C TYR J 190 -31.23 -39.67 -10.76
N GLU J 191 -31.62 -40.94 -10.75
CA GLU J 191 -32.66 -41.38 -9.84
C GLU J 191 -32.12 -41.86 -8.49
N LYS J 192 -30.81 -41.75 -8.25
CA LYS J 192 -30.24 -42.09 -6.94
C LYS J 192 -30.39 -40.97 -5.91
N HIS J 193 -30.87 -39.78 -6.29
CA HIS J 193 -30.81 -38.63 -5.40
C HIS J 193 -32.04 -37.75 -5.58
N LYS J 194 -32.28 -36.88 -4.60
CA LYS J 194 -33.45 -36.01 -4.59
C LYS J 194 -33.15 -34.55 -4.92
N VAL J 195 -32.27 -33.88 -4.18
CA VAL J 195 -32.07 -32.44 -4.36
C VAL J 195 -30.91 -32.16 -5.31
N TYR J 196 -31.19 -31.38 -6.35
CA TYR J 196 -30.17 -30.90 -7.28
C TYR J 196 -30.05 -29.39 -7.11
N ALA J 197 -28.86 -28.94 -6.72
CA ALA J 197 -28.63 -27.57 -6.31
C ALA J 197 -27.54 -26.95 -7.17
N CYS J 198 -27.79 -25.74 -7.64
CA CYS J 198 -26.80 -24.93 -8.34
C CYS J 198 -26.41 -23.78 -7.43
N GLU J 199 -25.12 -23.65 -7.13
CA GLU J 199 -24.61 -22.63 -6.22
C GLU J 199 -23.67 -21.71 -6.98
N VAL J 200 -23.88 -20.40 -6.82
CA VAL J 200 -23.27 -19.37 -7.69
C VAL J 200 -22.55 -18.33 -6.83
N THR J 201 -21.25 -18.16 -7.09
CA THR J 201 -20.43 -17.14 -6.44
C THR J 201 -20.08 -16.05 -7.45
N HIS J 202 -20.51 -14.82 -7.19
CA HIS J 202 -20.23 -13.71 -8.10
C HIS J 202 -19.98 -12.44 -7.29
N GLN J 203 -19.07 -11.60 -7.81
CA GLN J 203 -18.69 -10.38 -7.12
C GLN J 203 -19.86 -9.41 -7.01
N GLY J 204 -20.83 -9.50 -7.92
CA GLY J 204 -22.05 -8.72 -7.81
C GLY J 204 -23.05 -9.24 -6.80
N LEU J 205 -22.78 -10.40 -6.20
CA LEU J 205 -23.61 -10.92 -5.12
C LEU J 205 -22.92 -10.70 -3.78
N SER J 206 -23.69 -10.24 -2.79
CA SER J 206 -23.19 -10.20 -1.42
C SER J 206 -23.04 -11.61 -0.86
N SER J 207 -24.08 -12.44 -1.00
CA SER J 207 -24.06 -13.83 -0.63
C SER J 207 -24.12 -14.71 -1.88
N PRO J 208 -23.37 -15.80 -1.93
CA PRO J 208 -23.60 -16.80 -2.99
C PRO J 208 -25.04 -17.30 -2.97
N VAL J 209 -25.59 -17.46 -4.18
CA VAL J 209 -26.98 -17.84 -4.40
C VAL J 209 -27.06 -19.33 -4.71
N THR J 210 -28.12 -19.99 -4.23
CA THR J 210 -28.38 -21.38 -4.55
C THR J 210 -29.80 -21.56 -5.05
N LYS J 211 -29.93 -22.19 -6.22
CA LYS J 211 -31.21 -22.57 -6.79
C LYS J 211 -31.30 -24.08 -6.87
N SER J 212 -32.45 -24.64 -6.50
CA SER J 212 -32.55 -26.07 -6.31
C SER J 212 -33.89 -26.59 -6.80
N PHE J 213 -33.99 -27.91 -6.84
CA PHE J 213 -35.25 -28.59 -7.01
C PHE J 213 -35.08 -29.99 -6.49
N ASN J 214 -36.20 -30.63 -6.17
CA ASN J 214 -36.18 -32.04 -5.83
C ASN J 214 -36.75 -32.85 -6.98
N ARG J 215 -36.08 -33.96 -7.29
CA ARG J 215 -36.41 -34.78 -8.45
C ARG J 215 -37.86 -35.26 -8.39
N GLY J 216 -38.61 -35.00 -9.47
CA GLY J 216 -40.02 -35.32 -9.52
C GLY J 216 -40.87 -34.51 -8.57
N GLU J 217 -40.96 -33.19 -8.80
CA GLU J 217 -41.65 -32.28 -7.89
C GLU J 217 -43.08 -31.98 -8.34
N GLN K 1 31.49 -8.44 -39.16
CA GLN K 1 32.43 -8.81 -38.11
C GLN K 1 33.22 -10.06 -38.50
N VAL K 2 34.53 -10.00 -38.24
CA VAL K 2 35.41 -11.11 -38.57
C VAL K 2 35.03 -12.32 -37.73
N GLN K 3 34.95 -13.49 -38.37
CA GLN K 3 34.73 -14.74 -37.66
C GLN K 3 35.73 -15.80 -38.13
N LEU K 4 36.29 -16.51 -37.16
CA LEU K 4 37.16 -17.64 -37.40
C LEU K 4 36.69 -18.76 -36.50
N VAL K 5 36.29 -19.88 -37.08
CA VAL K 5 35.81 -21.04 -36.32
C VAL K 5 36.66 -22.23 -36.69
N GLU K 6 37.48 -22.67 -35.74
CA GLU K 6 38.25 -23.91 -35.89
C GLU K 6 37.41 -25.13 -35.57
N SER K 7 37.61 -26.21 -36.33
CA SER K 7 37.06 -27.52 -35.98
C SER K 7 38.07 -28.60 -36.33
N GLY K 8 37.71 -29.84 -35.98
CA GLY K 8 38.51 -31.01 -36.24
C GLY K 8 39.25 -31.54 -35.03
N GLY K 9 39.16 -30.83 -33.89
CA GLY K 9 39.83 -31.24 -32.68
C GLY K 9 39.10 -32.37 -31.96
N GLY K 10 39.65 -32.74 -30.81
CA GLY K 10 39.18 -33.88 -30.07
C GLY K 10 40.32 -34.77 -29.63
N SER K 11 40.07 -36.06 -29.45
CA SER K 11 41.09 -36.97 -28.98
C SER K 11 41.68 -37.78 -30.14
N VAL K 12 42.99 -37.98 -30.10
CA VAL K 12 43.66 -38.79 -31.12
C VAL K 12 44.80 -39.53 -30.45
N GLN K 13 45.13 -40.72 -31.00
CA GLN K 13 46.17 -41.56 -30.43
C GLN K 13 47.54 -41.10 -30.90
N PRO K 14 48.55 -41.17 -30.03
CA PRO K 14 49.92 -40.89 -30.49
C PRO K 14 50.26 -41.75 -31.70
N GLY K 15 50.95 -41.13 -32.66
CA GLY K 15 51.35 -41.76 -33.90
C GLY K 15 50.41 -41.49 -35.05
N ARG K 16 49.15 -41.22 -34.75
CA ARG K 16 48.14 -41.11 -35.79
C ARG K 16 48.08 -39.66 -36.30
N SER K 17 47.14 -39.42 -37.21
CA SER K 17 47.00 -38.17 -37.95
C SER K 17 45.71 -37.47 -37.61
N LEU K 18 45.68 -36.15 -37.84
CA LEU K 18 44.49 -35.35 -37.55
C LEU K 18 44.50 -34.11 -38.43
N ARG K 19 43.35 -33.78 -39.01
CA ARG K 19 43.26 -32.65 -39.93
C ARG K 19 42.33 -31.59 -39.32
N LEU K 20 42.87 -30.41 -39.10
CA LEU K 20 42.13 -29.29 -38.55
C LEU K 20 41.67 -28.37 -39.66
N SER K 21 40.64 -27.58 -39.36
CA SER K 21 40.02 -26.69 -40.32
C SER K 21 39.55 -25.41 -39.63
N CYS K 22 39.50 -24.35 -40.42
CA CYS K 22 39.11 -23.03 -39.93
C CYS K 22 38.22 -22.41 -41.00
N GLU K 23 37.02 -21.99 -40.61
CA GLU K 23 36.11 -21.35 -41.54
C GLU K 23 36.10 -19.85 -41.28
N ALA K 24 36.43 -19.06 -42.29
CA ALA K 24 36.51 -17.62 -42.18
C ALA K 24 35.32 -16.97 -42.86
N SER K 25 34.86 -15.87 -42.24
CA SER K 25 33.84 -15.02 -42.81
C SER K 25 34.08 -13.62 -42.27
N GLY K 26 33.43 -12.62 -42.87
CA GLY K 26 33.52 -11.27 -42.36
C GLY K 26 34.68 -10.46 -42.88
N PHE K 27 35.50 -11.01 -43.76
CA PHE K 27 36.58 -10.27 -44.40
C PHE K 27 36.91 -10.96 -45.72
N THR K 28 37.84 -10.34 -46.47
CA THR K 28 38.23 -10.86 -47.78
C THR K 28 39.36 -11.87 -47.57
N PHE K 29 38.95 -13.14 -47.37
CA PHE K 29 39.87 -14.22 -47.01
C PHE K 29 41.07 -14.30 -47.95
N GLU K 30 40.85 -14.13 -49.25
CA GLU K 30 41.91 -14.31 -50.24
C GLU K 30 42.97 -13.21 -50.23
N ALA K 31 42.80 -12.16 -49.43
CA ALA K 31 43.77 -11.06 -49.41
C ALA K 31 44.77 -11.17 -48.27
N TYR K 32 44.57 -12.08 -47.32
CA TYR K 32 45.34 -12.09 -46.08
C TYR K 32 46.06 -13.42 -45.89
N ALA K 33 47.30 -13.33 -45.44
CA ALA K 33 47.99 -14.51 -44.95
C ALA K 33 47.26 -15.05 -43.73
N MET K 34 47.31 -16.37 -43.55
CA MET K 34 46.67 -17.00 -42.40
C MET K 34 47.70 -17.85 -41.66
N HIS K 35 47.44 -18.07 -40.38
CA HIS K 35 48.41 -18.68 -39.49
C HIS K 35 47.75 -19.64 -38.51
N TRP K 36 48.58 -20.52 -37.96
CA TRP K 36 48.21 -21.44 -36.90
C TRP K 36 49.15 -21.23 -35.72
N VAL K 37 48.55 -21.05 -34.55
CA VAL K 37 49.28 -20.95 -33.30
C VAL K 37 48.62 -21.90 -32.33
N ARG K 38 49.42 -22.56 -31.52
CA ARG K 38 48.92 -23.55 -30.59
C ARG K 38 49.33 -23.18 -29.16
N GLN K 39 48.55 -23.68 -28.21
CA GLN K 39 48.74 -23.41 -26.80
C GLN K 39 48.41 -24.65 -25.99
N PRO K 40 49.42 -25.34 -25.43
CA PRO K 40 49.14 -26.44 -24.50
C PRO K 40 48.33 -25.93 -23.31
N PRO K 41 47.30 -26.65 -22.90
CA PRO K 41 46.52 -26.23 -21.71
C PRO K 41 47.40 -25.83 -20.54
N GLY K 42 47.12 -24.65 -19.99
CA GLY K 42 47.88 -24.10 -18.89
C GLY K 42 49.21 -23.49 -19.25
N LYS K 43 49.69 -23.67 -20.48
CA LYS K 43 51.04 -23.21 -20.78
C LYS K 43 50.99 -22.04 -21.78
N GLY K 44 52.11 -21.79 -22.46
CA GLY K 44 52.27 -20.59 -23.28
C GLY K 44 51.86 -20.77 -24.72
N LEU K 45 52.32 -19.84 -25.56
CA LEU K 45 51.93 -19.77 -26.96
C LEU K 45 53.09 -20.17 -27.87
N GLU K 46 52.77 -20.90 -28.93
CA GLU K 46 53.78 -21.34 -29.90
C GLU K 46 53.21 -21.20 -31.30
N TRP K 47 53.86 -20.37 -32.13
CA TRP K 47 53.52 -20.30 -33.53
C TRP K 47 53.78 -21.64 -34.21
N VAL K 48 52.88 -22.05 -35.10
CA VAL K 48 52.99 -23.34 -35.77
C VAL K 48 53.35 -23.17 -37.25
N SER K 49 52.49 -22.50 -38.02
CA SER K 49 52.64 -22.48 -39.47
C SER K 49 52.02 -21.21 -40.04
N SER K 50 52.36 -20.94 -41.31
CA SER K 50 51.93 -19.72 -41.97
C SER K 50 51.71 -19.99 -43.45
N ILE K 51 50.72 -19.34 -44.03
CA ILE K 51 50.46 -19.46 -45.47
C ILE K 51 49.91 -18.12 -45.97
N ASN K 52 50.53 -17.59 -47.01
CA ASN K 52 50.12 -16.32 -47.58
C ASN K 52 48.87 -16.49 -48.45
N TRP K 53 48.40 -15.35 -48.98
CA TRP K 53 47.08 -15.26 -49.60
C TRP K 53 46.89 -16.26 -50.74
N ASN K 54 47.95 -16.61 -51.47
CA ASN K 54 47.79 -17.46 -52.64
C ASN K 54 48.58 -18.75 -52.52
N SER K 55 48.91 -19.15 -51.29
CA SER K 55 49.69 -20.35 -51.02
C SER K 55 51.08 -20.31 -51.68
N GLY K 56 51.55 -19.12 -52.07
CA GLY K 56 52.87 -19.03 -52.66
C GLY K 56 54.01 -19.27 -51.68
N ARG K 57 53.87 -18.79 -50.43
CA ARG K 57 54.89 -18.99 -49.41
C ARG K 57 54.30 -19.63 -48.17
N ILE K 58 55.08 -20.53 -47.57
CA ILE K 58 54.62 -21.38 -46.49
C ILE K 58 55.78 -21.56 -45.51
N ALA K 59 55.51 -21.35 -44.22
CA ALA K 59 56.51 -21.45 -43.18
C ALA K 59 56.02 -22.37 -42.06
N TYR K 60 56.98 -23.03 -41.42
CA TYR K 60 56.70 -23.95 -40.33
C TYR K 60 57.70 -23.72 -39.21
N ALA K 61 57.23 -23.87 -37.96
CA ALA K 61 58.13 -23.99 -36.83
C ALA K 61 58.89 -25.32 -36.88
N ASP K 62 60.14 -25.30 -36.41
CA ASP K 62 60.97 -26.49 -36.44
C ASP K 62 60.31 -27.68 -35.76
N SER K 63 59.51 -27.43 -34.73
CA SER K 63 58.91 -28.50 -33.94
C SER K 63 57.81 -29.25 -34.69
N VAL K 64 57.48 -28.88 -35.94
CA VAL K 64 56.42 -29.53 -36.70
C VAL K 64 56.82 -29.74 -38.16
N LYS K 65 57.99 -29.23 -38.54
CA LYS K 65 58.40 -29.26 -39.94
C LYS K 65 58.61 -30.71 -40.40
N GLY K 66 57.90 -31.10 -41.45
CA GLY K 66 57.94 -32.46 -41.93
C GLY K 66 56.80 -33.32 -41.45
N ARG K 67 56.08 -32.89 -40.43
CA ARG K 67 54.91 -33.60 -39.94
C ARG K 67 53.61 -32.90 -40.30
N PHE K 68 53.59 -31.57 -40.23
CA PHE K 68 52.40 -30.78 -40.45
C PHE K 68 52.41 -30.16 -41.84
N THR K 69 51.21 -29.93 -42.37
CA THR K 69 51.04 -29.43 -43.73
C THR K 69 49.92 -28.41 -43.71
N ILE K 70 50.25 -27.17 -43.97
CA ILE K 70 49.27 -26.10 -43.99
C ILE K 70 48.81 -25.91 -45.42
N SER K 71 47.53 -25.55 -45.57
CA SER K 71 46.97 -25.24 -46.87
C SER K 71 45.70 -24.43 -46.64
N ARG K 72 45.13 -23.97 -47.75
CA ARG K 72 43.97 -23.12 -47.75
C ARG K 72 43.21 -23.36 -49.04
N ASP K 73 41.91 -23.08 -49.00
CA ASP K 73 41.07 -23.11 -50.20
C ASP K 73 40.34 -21.78 -50.24
N ASN K 74 40.82 -20.84 -51.06
CA ASN K 74 40.24 -19.50 -51.08
C ASN K 74 38.79 -19.52 -51.51
N ALA K 75 38.40 -20.44 -52.39
CA ALA K 75 37.01 -20.47 -52.81
C ALA K 75 36.08 -20.98 -51.70
N ARG K 76 36.60 -21.64 -50.69
CA ARG K 76 35.76 -22.13 -49.61
C ARG K 76 35.94 -21.35 -48.31
N ASN K 77 36.79 -20.31 -48.31
CA ASN K 77 37.09 -19.50 -47.12
C ASN K 77 37.60 -20.37 -45.97
N SER K 78 38.56 -21.25 -46.30
CA SER K 78 38.95 -22.28 -45.34
C SER K 78 40.45 -22.45 -45.28
N LEU K 79 40.97 -22.48 -44.05
CA LEU K 79 42.36 -22.78 -43.75
C LEU K 79 42.41 -24.17 -43.12
N TYR K 80 43.48 -24.92 -43.43
CA TYR K 80 43.60 -26.32 -43.02
C TYR K 80 44.98 -26.59 -42.42
N LEU K 81 45.03 -27.65 -41.61
CA LEU K 81 46.29 -28.11 -41.01
C LEU K 81 46.26 -29.63 -40.95
N GLN K 82 47.02 -30.28 -41.82
CA GLN K 82 47.15 -31.73 -41.78
C GLN K 82 48.32 -32.08 -40.85
N MET K 83 48.02 -32.82 -39.78
CA MET K 83 49.01 -33.13 -38.75
C MET K 83 49.23 -34.62 -38.71
N ASN K 84 50.46 -35.07 -38.95
CA ASN K 84 50.82 -36.48 -38.92
C ASN K 84 51.76 -36.80 -37.78
N SER K 85 51.79 -38.08 -37.39
CA SER K 85 52.69 -38.58 -36.35
C SER K 85 52.59 -37.73 -35.08
N LEU K 86 51.36 -37.58 -34.59
CA LEU K 86 51.14 -36.73 -33.43
C LEU K 86 51.76 -37.36 -32.20
N ARG K 87 52.24 -36.50 -31.31
CA ARG K 87 52.87 -36.88 -30.06
C ARG K 87 52.10 -36.21 -28.94
N LEU K 88 52.29 -36.71 -27.71
CA LEU K 88 51.57 -36.11 -26.58
C LEU K 88 51.83 -34.62 -26.48
N GLU K 89 53.08 -34.20 -26.71
CA GLU K 89 53.42 -32.79 -26.63
C GLU K 89 52.76 -31.95 -27.73
N ASP K 90 52.07 -32.57 -28.70
CA ASP K 90 51.29 -31.80 -29.65
C ASP K 90 49.92 -31.39 -29.08
N THR K 91 49.57 -31.88 -27.89
CA THR K 91 48.30 -31.57 -27.23
C THR K 91 48.21 -30.07 -26.99
N ALA K 92 47.17 -29.42 -27.52
CA ALA K 92 47.09 -27.97 -27.43
C ALA K 92 45.78 -27.47 -28.01
N PHE K 93 45.35 -26.30 -27.53
CA PHE K 93 44.43 -25.48 -28.28
C PHE K 93 45.12 -24.98 -29.56
N TYR K 94 44.48 -25.21 -30.69
CA TYR K 94 45.00 -24.80 -31.99
C TYR K 94 44.18 -23.61 -32.49
N TYR K 95 44.85 -22.48 -32.64
CA TYR K 95 44.21 -21.24 -33.03
C TYR K 95 44.54 -20.91 -34.47
N CYS K 96 43.52 -20.43 -35.15
CA CYS K 96 43.61 -19.91 -36.51
C CYS K 96 43.57 -18.38 -36.43
N ALA K 97 44.52 -17.71 -37.10
CA ALA K 97 44.62 -16.26 -36.99
C ALA K 97 44.83 -15.60 -38.34
N LYS K 98 44.09 -14.51 -38.55
CA LYS K 98 44.21 -13.67 -39.73
C LYS K 98 45.33 -12.64 -39.53
N ASP K 99 46.02 -12.32 -40.62
CA ASP K 99 47.12 -11.36 -40.56
C ASP K 99 46.60 -9.92 -40.57
N ILE K 100 47.45 -9.00 -40.13
CA ILE K 100 47.15 -7.57 -40.23
C ILE K 100 47.31 -7.10 -41.67
N ARG K 101 48.39 -7.51 -42.32
CA ARG K 101 48.73 -6.99 -43.63
C ARG K 101 47.95 -7.73 -44.71
N ARG K 102 47.55 -6.99 -45.75
CA ARG K 102 47.08 -7.63 -46.96
C ARG K 102 48.28 -8.02 -47.83
N PHE K 103 48.18 -9.19 -48.45
CA PHE K 103 49.13 -9.64 -49.47
C PHE K 103 50.58 -9.65 -48.98
N SER K 104 50.77 -9.78 -47.67
CA SER K 104 52.10 -10.00 -47.14
C SER K 104 52.65 -11.32 -47.65
N THR K 105 53.97 -11.48 -47.52
CA THR K 105 54.62 -12.70 -47.94
C THR K 105 55.55 -13.31 -46.89
N GLY K 106 55.91 -12.58 -45.83
CA GLY K 106 56.82 -13.11 -44.83
C GLY K 106 56.33 -12.78 -43.44
N GLY K 107 57.02 -13.36 -42.46
CA GLY K 107 56.76 -13.16 -41.04
C GLY K 107 55.31 -13.41 -40.71
N ALA K 108 54.82 -12.68 -39.71
CA ALA K 108 53.47 -12.90 -39.23
C ALA K 108 53.08 -11.77 -38.30
N GLU K 109 51.83 -11.30 -38.45
CA GLU K 109 51.23 -10.36 -37.50
C GLU K 109 49.79 -10.79 -37.25
N PHE K 110 49.60 -11.53 -36.15
CA PHE K 110 48.30 -12.11 -35.80
C PHE K 110 47.34 -11.03 -35.33
N GLU K 111 46.32 -10.73 -36.13
CA GLU K 111 45.37 -9.67 -35.79
C GLU K 111 44.16 -10.21 -35.05
N TYR K 112 43.44 -11.16 -35.64
CA TYR K 112 42.26 -11.76 -35.02
C TYR K 112 42.42 -13.28 -34.95
N TRP K 113 41.94 -13.87 -33.86
CA TRP K 113 42.13 -15.28 -33.57
C TRP K 113 40.80 -15.97 -33.41
N GLY K 114 40.67 -17.16 -33.99
CA GLY K 114 39.55 -18.02 -33.67
C GLY K 114 39.58 -18.46 -32.22
N GLN K 115 38.42 -18.89 -31.70
CA GLN K 115 38.42 -19.26 -30.29
C GLN K 115 39.15 -20.57 -30.02
N GLY K 116 39.51 -21.34 -31.04
CA GLY K 116 40.42 -22.45 -30.95
C GLY K 116 39.74 -23.81 -30.85
N THR K 117 40.40 -24.84 -31.37
CA THR K 117 39.95 -26.21 -31.20
C THR K 117 40.98 -27.00 -30.40
N LEU K 118 40.51 -27.81 -29.45
CA LEU K 118 41.40 -28.51 -28.54
C LEU K 118 41.75 -29.88 -29.10
N VAL K 119 43.05 -30.14 -29.21
CA VAL K 119 43.55 -31.43 -29.66
C VAL K 119 44.19 -32.12 -28.47
N THR K 120 43.65 -33.27 -28.10
CA THR K 120 44.21 -34.08 -27.02
C THR K 120 44.84 -35.31 -27.64
N VAL K 121 46.16 -35.43 -27.52
CA VAL K 121 46.87 -36.61 -27.98
C VAL K 121 47.01 -37.55 -26.78
N SER K 122 46.29 -38.67 -26.83
CA SER K 122 46.18 -39.58 -25.71
C SER K 122 46.00 -41.01 -26.19
N SER K 123 46.41 -41.95 -25.36
CA SER K 123 46.02 -43.33 -25.58
C SER K 123 44.65 -43.65 -25.00
N ALA K 124 44.07 -42.76 -24.21
CA ALA K 124 42.75 -42.99 -23.64
C ALA K 124 41.68 -42.75 -24.70
N SER K 125 40.57 -43.43 -24.57
CA SER K 125 39.54 -43.31 -25.59
C SER K 125 38.43 -42.38 -25.13
N THR K 126 37.71 -41.86 -26.11
CA THR K 126 36.66 -40.88 -25.84
C THR K 126 35.54 -41.51 -25.03
N LYS K 127 35.01 -40.74 -24.08
CA LYS K 127 33.92 -41.20 -23.22
C LYS K 127 33.08 -39.99 -22.83
N GLY K 128 31.79 -40.05 -23.12
CA GLY K 128 30.85 -39.01 -22.74
C GLY K 128 30.61 -38.98 -21.25
N PRO K 129 30.10 -37.85 -20.75
CA PRO K 129 30.02 -37.62 -19.30
C PRO K 129 28.71 -38.09 -18.69
N SER K 130 28.76 -38.22 -17.36
CA SER K 130 27.59 -38.52 -16.55
C SER K 130 27.27 -37.29 -15.73
N VAL K 131 26.03 -36.81 -15.82
CA VAL K 131 25.62 -35.58 -15.16
C VAL K 131 24.71 -35.94 -14.00
N PHE K 132 25.13 -35.57 -12.79
CA PHE K 132 24.34 -35.76 -11.59
C PHE K 132 23.98 -34.40 -11.00
N PRO K 133 22.87 -34.30 -10.27
CA PRO K 133 22.49 -33.01 -9.70
C PRO K 133 23.23 -32.73 -8.40
N LEU K 134 23.45 -31.45 -8.15
CA LEU K 134 23.92 -30.95 -6.85
C LEU K 134 22.78 -30.12 -6.25
N ALA K 135 21.80 -30.79 -5.67
CA ALA K 135 20.58 -30.10 -5.27
C ALA K 135 20.78 -29.33 -3.95
N PRO K 136 20.06 -28.22 -3.76
CA PRO K 136 20.06 -27.47 -2.50
C PRO K 136 19.22 -28.15 -1.39
N GLY K 144 19.29 -15.88 2.71
CA GLY K 144 18.33 -15.89 1.62
C GLY K 144 18.92 -16.40 0.33
N THR K 145 20.08 -17.05 0.45
CA THR K 145 20.89 -17.48 -0.69
C THR K 145 21.11 -18.98 -0.62
N ALA K 146 20.77 -19.69 -1.70
CA ALA K 146 20.99 -21.13 -1.81
C ALA K 146 22.02 -21.43 -2.89
N ALA K 147 22.66 -22.58 -2.77
CA ALA K 147 23.57 -23.08 -3.80
C ALA K 147 22.96 -24.30 -4.48
N LEU K 148 23.33 -24.51 -5.75
CA LEU K 148 22.96 -25.70 -6.49
C LEU K 148 23.88 -25.82 -7.70
N GLY K 149 23.82 -26.98 -8.36
CA GLY K 149 24.56 -27.15 -9.59
C GLY K 149 24.42 -28.55 -10.13
N CYS K 150 25.23 -28.85 -11.13
CA CYS K 150 25.35 -30.23 -11.52
CA CYS K 150 25.37 -30.20 -11.68
C CYS K 150 26.81 -30.65 -11.56
N LEU K 151 27.00 -31.93 -11.40
CA LEU K 151 28.30 -32.54 -11.41
C LEU K 151 28.46 -33.29 -12.71
N VAL K 152 29.52 -32.98 -13.45
CA VAL K 152 29.79 -33.57 -14.76
C VAL K 152 31.03 -34.43 -14.62
N LYS K 153 30.85 -35.74 -14.66
CA LYS K 153 31.89 -36.64 -14.19
C LYS K 153 32.22 -37.68 -15.25
N ASP K 154 33.50 -38.09 -15.23
CA ASP K 154 33.96 -39.30 -15.93
C ASP K 154 33.85 -39.16 -17.44
N TYR K 155 34.37 -38.07 -17.98
CA TYR K 155 34.40 -37.86 -19.41
C TYR K 155 35.84 -37.72 -19.87
N PHE K 156 36.02 -37.92 -21.17
CA PHE K 156 37.31 -37.77 -21.82
C PHE K 156 37.07 -37.68 -23.31
N PRO K 157 37.73 -36.76 -24.04
CA PRO K 157 38.66 -35.77 -23.48
C PRO K 157 37.95 -34.49 -23.07
N GLU K 158 38.73 -33.51 -22.60
CA GLU K 158 38.24 -32.15 -22.56
C GLU K 158 37.88 -31.71 -23.98
N PRO K 159 36.99 -30.71 -24.11
CA PRO K 159 36.34 -29.95 -23.05
C PRO K 159 34.87 -30.27 -22.91
N VAL K 160 34.25 -29.72 -21.88
CA VAL K 160 32.81 -29.73 -21.71
C VAL K 160 32.38 -28.29 -21.49
N THR K 161 31.22 -27.92 -22.02
CA THR K 161 30.63 -26.60 -21.75
C THR K 161 29.33 -26.78 -21.00
N VAL K 162 29.06 -25.87 -20.06
CA VAL K 162 27.85 -25.93 -19.24
C VAL K 162 27.17 -24.58 -19.29
N SER K 163 25.87 -24.58 -19.56
CA SER K 163 25.04 -23.40 -19.39
C SER K 163 23.90 -23.72 -18.44
N TRP K 164 23.11 -22.70 -18.14
CA TRP K 164 22.01 -22.80 -17.19
C TRP K 164 20.78 -22.14 -17.79
N ASN K 165 19.67 -22.89 -17.82
CA ASN K 165 18.43 -22.45 -18.46
C ASN K 165 18.70 -21.97 -19.89
N SER K 166 19.55 -22.70 -20.61
CA SER K 166 19.82 -22.44 -22.02
C SER K 166 20.38 -21.03 -22.23
N GLY K 167 21.24 -20.58 -21.30
CA GLY K 167 21.81 -19.25 -21.38
C GLY K 167 21.03 -18.18 -20.65
N ALA K 168 19.80 -18.46 -20.21
CA ALA K 168 19.02 -17.44 -19.53
C ALA K 168 19.56 -17.12 -18.14
N LEU K 169 20.39 -17.99 -17.57
CA LEU K 169 20.90 -17.80 -16.22
C LEU K 169 22.42 -17.78 -16.28
N THR K 170 23.00 -16.60 -16.06
CA THR K 170 24.43 -16.41 -16.02
C THR K 170 24.92 -15.85 -14.68
N SER K 171 24.10 -15.05 -14.01
CA SER K 171 24.49 -14.42 -12.76
C SER K 171 24.78 -15.46 -11.69
N GLY K 172 25.93 -15.31 -11.02
CA GLY K 172 26.28 -16.20 -9.93
C GLY K 172 26.64 -17.62 -10.33
N VAL K 173 26.91 -17.87 -11.62
CA VAL K 173 27.29 -19.19 -12.08
C VAL K 173 28.79 -19.36 -11.93
N HIS K 174 29.21 -20.55 -11.52
CA HIS K 174 30.64 -20.86 -11.42
C HIS K 174 30.85 -22.24 -12.02
N THR K 175 31.48 -22.31 -13.18
CA THR K 175 31.83 -23.59 -13.79
C THR K 175 33.32 -23.83 -13.57
N PHE K 176 33.62 -24.74 -12.65
CA PHE K 176 35.01 -24.93 -12.26
C PHE K 176 35.81 -25.54 -13.39
N PRO K 177 37.10 -25.23 -13.46
CA PRO K 177 37.97 -25.95 -14.40
C PRO K 177 37.97 -27.45 -14.13
N ALA K 178 38.07 -28.23 -15.20
CA ALA K 178 38.03 -29.67 -15.07
C ALA K 178 39.34 -30.17 -14.45
N VAL K 179 39.23 -31.27 -13.70
CA VAL K 179 40.41 -31.90 -13.12
C VAL K 179 40.44 -33.35 -13.58
N LEU K 180 41.65 -33.83 -13.76
CA LEU K 180 41.90 -35.18 -14.21
C LEU K 180 41.91 -36.07 -12.98
N GLN K 181 40.95 -36.99 -12.88
CA GLN K 181 40.92 -37.89 -11.75
C GLN K 181 41.95 -39.00 -11.93
N SER K 182 42.14 -39.79 -10.87
CA SER K 182 43.04 -40.94 -10.91
C SER K 182 42.65 -41.94 -11.99
N SER K 183 41.37 -42.09 -12.27
CA SER K 183 40.89 -43.01 -13.29
C SER K 183 41.40 -42.65 -14.68
N GLY K 184 41.95 -41.44 -14.85
CA GLY K 184 42.27 -40.92 -16.17
C GLY K 184 41.12 -40.23 -16.87
N LEU K 185 40.03 -39.94 -16.16
CA LEU K 185 38.88 -39.27 -16.72
C LEU K 185 38.71 -37.93 -16.05
N TYR K 186 38.13 -37.00 -16.78
CA TYR K 186 37.93 -35.67 -16.23
C TYR K 186 36.61 -35.60 -15.48
N SER K 187 36.50 -34.57 -14.64
CA SER K 187 35.26 -34.34 -13.95
C SER K 187 35.27 -32.88 -13.51
N LEU K 188 34.09 -32.26 -13.51
CA LEU K 188 33.94 -30.91 -12.97
C LEU K 188 32.54 -30.73 -12.41
N SER K 189 32.32 -29.56 -11.85
CA SER K 189 31.00 -29.13 -11.39
C SER K 189 30.76 -27.72 -11.89
N SER K 190 29.49 -27.43 -12.12
CA SER K 190 29.05 -26.05 -12.32
C SER K 190 27.97 -25.76 -11.28
N VAL K 191 28.18 -24.70 -10.49
CA VAL K 191 27.25 -24.28 -9.46
C VAL K 191 26.74 -22.88 -9.76
N VAL K 192 25.57 -22.58 -9.21
CA VAL K 192 25.01 -21.24 -9.30
C VAL K 192 24.38 -20.91 -7.96
N THR K 193 24.46 -19.63 -7.60
CA THR K 193 23.89 -19.12 -6.36
C THR K 193 22.64 -18.33 -6.71
N VAL K 194 21.51 -18.73 -6.13
CA VAL K 194 20.20 -18.17 -6.44
C VAL K 194 19.52 -17.76 -5.13
N PRO K 195 18.43 -16.99 -5.17
CA PRO K 195 17.66 -16.75 -3.95
C PRO K 195 16.81 -17.95 -3.56
N SER K 196 16.77 -18.23 -2.25
CA SER K 196 15.98 -19.35 -1.75
C SER K 196 14.49 -19.19 -2.02
N SER K 197 14.03 -17.96 -2.22
CA SER K 197 12.61 -17.72 -2.52
C SER K 197 12.19 -18.46 -3.79
N SER K 198 13.11 -18.68 -4.70
CA SER K 198 12.80 -19.07 -6.07
C SER K 198 12.69 -20.57 -6.28
N LEU K 199 12.92 -21.38 -5.25
CA LEU K 199 12.97 -22.84 -5.43
C LEU K 199 11.60 -23.47 -5.61
N GLY K 200 10.53 -22.76 -5.28
CA GLY K 200 9.19 -23.25 -5.57
C GLY K 200 8.72 -22.81 -6.94
N THR K 201 9.18 -21.65 -7.38
CA THR K 201 8.75 -21.08 -8.64
C THR K 201 9.67 -21.44 -9.81
N GLN K 202 10.97 -21.36 -9.59
CA GLN K 202 11.93 -21.31 -10.70
C GLN K 202 12.47 -22.70 -10.99
N THR K 203 12.36 -23.10 -12.26
CA THR K 203 13.03 -24.30 -12.76
C THR K 203 14.50 -24.00 -13.04
N TYR K 204 15.37 -24.95 -12.68
CA TYR K 204 16.80 -24.83 -12.96
C TYR K 204 17.25 -26.06 -13.73
N ILE K 205 17.75 -25.85 -14.93
CA ILE K 205 18.25 -26.95 -15.76
C ILE K 205 19.64 -26.59 -16.21
N CYS K 206 20.63 -27.44 -15.92
CA CYS K 206 21.94 -27.23 -16.47
C CYS K 206 22.02 -28.03 -17.78
N ASN K 207 22.73 -27.47 -18.75
CA ASN K 207 22.86 -27.98 -20.11
C ASN K 207 24.33 -28.30 -20.30
N VAL K 208 24.61 -29.58 -20.49
CA VAL K 208 25.97 -30.09 -20.61
C VAL K 208 26.20 -30.51 -22.04
N ASN K 209 27.26 -29.99 -22.64
CA ASN K 209 27.63 -30.28 -24.01
C ASN K 209 29.03 -30.86 -24.01
N HIS K 210 29.19 -32.02 -24.65
CA HIS K 210 30.51 -32.66 -24.83
C HIS K 210 30.64 -33.08 -26.29
N LYS K 211 31.16 -32.17 -27.12
CA LYS K 211 31.27 -32.45 -28.56
C LYS K 211 32.12 -33.67 -28.92
N PRO K 212 33.23 -34.00 -28.24
CA PRO K 212 34.05 -35.13 -28.69
C PRO K 212 33.32 -36.47 -28.71
N SER K 213 32.47 -36.74 -27.74
CA SER K 213 31.67 -37.95 -27.67
C SER K 213 30.30 -37.73 -28.25
N ASN K 214 29.97 -36.47 -28.51
CA ASN K 214 28.75 -36.01 -29.16
C ASN K 214 27.54 -36.12 -28.23
N THR K 215 27.75 -35.78 -26.97
CA THR K 215 26.76 -35.87 -25.91
C THR K 215 26.15 -34.50 -25.64
N LYS K 216 24.82 -34.43 -25.60
CA LYS K 216 24.10 -33.26 -25.11
C LYS K 216 23.20 -33.76 -23.99
N VAL K 217 23.33 -33.16 -22.82
CA VAL K 217 22.51 -33.56 -21.67
C VAL K 217 21.98 -32.32 -20.98
N ASP K 218 20.66 -32.24 -20.82
CA ASP K 218 20.00 -31.27 -19.94
C ASP K 218 19.52 -31.98 -18.69
N LYS K 219 19.86 -31.45 -17.52
CA LYS K 219 19.57 -32.09 -16.25
C LYS K 219 18.78 -31.16 -15.35
N ARG K 220 17.58 -31.59 -14.93
CA ARG K 220 16.71 -30.89 -14.02
C ARG K 220 17.27 -30.97 -12.59
N VAL K 221 17.60 -29.82 -12.00
CA VAL K 221 18.16 -29.79 -10.64
C VAL K 221 17.04 -29.29 -9.72
N GLU K 222 16.46 -30.21 -8.96
CA GLU K 222 15.37 -29.88 -8.05
C GLU K 222 15.78 -30.18 -6.62
N PRO K 223 15.29 -29.40 -5.65
CA PRO K 223 15.56 -29.72 -4.25
C PRO K 223 14.71 -30.92 -3.85
N LYS K 224 15.38 -31.95 -3.33
CA LYS K 224 14.70 -33.23 -3.12
C LYS K 224 14.15 -33.35 -1.70
N SER K 225 13.17 -34.26 -1.55
CA SER K 225 12.37 -34.51 -0.33
C SER K 225 12.72 -33.75 0.95
N GLN L 1 64.21 -23.26 -26.89
CA GLN L 1 64.56 -22.39 -28.02
C GLN L 1 65.10 -21.06 -27.49
N SER L 2 65.11 -20.03 -28.33
CA SER L 2 65.45 -18.69 -27.86
C SER L 2 64.21 -18.04 -27.24
N VAL L 3 64.44 -17.19 -26.24
CA VAL L 3 63.42 -16.85 -25.25
C VAL L 3 63.19 -15.35 -25.21
N LEU L 4 61.93 -14.95 -24.97
CA LEU L 4 61.59 -13.59 -24.57
C LEU L 4 61.14 -13.65 -23.12
N THR L 5 62.02 -13.25 -22.21
CA THR L 5 61.72 -13.40 -20.79
C THR L 5 60.68 -12.38 -20.35
N GLN L 6 59.78 -12.81 -19.48
CA GLN L 6 58.72 -12.01 -18.88
C GLN L 6 58.56 -12.42 -17.42
N PRO L 7 58.22 -11.49 -16.54
CA PRO L 7 57.93 -11.86 -15.16
C PRO L 7 56.69 -12.74 -15.10
N PRO L 8 56.71 -13.85 -14.35
CA PRO L 8 55.55 -14.74 -14.36
C PRO L 8 54.31 -14.13 -13.74
N SER L 9 54.43 -13.11 -12.90
CA SER L 9 53.22 -12.48 -12.39
C SER L 9 53.44 -11.00 -12.23
N ALA L 10 52.32 -10.28 -12.14
CA ALA L 10 52.28 -8.86 -11.84
C ALA L 10 50.90 -8.58 -11.26
N SER L 11 50.83 -7.62 -10.33
CA SER L 11 49.58 -7.37 -9.62
C SER L 11 49.42 -5.89 -9.37
N GLY L 12 48.22 -5.50 -8.97
CA GLY L 12 47.96 -4.14 -8.55
C GLY L 12 46.52 -3.99 -8.12
N THR L 13 46.26 -2.84 -7.51
CA THR L 13 45.01 -2.30 -7.00
C THR L 13 44.21 -1.62 -8.11
N PRO L 14 42.87 -1.67 -8.06
CA PRO L 14 42.08 -0.91 -9.04
C PRO L 14 42.51 0.54 -9.13
N GLY L 15 42.71 1.01 -10.36
CA GLY L 15 43.20 2.35 -10.59
C GLY L 15 44.71 2.49 -10.59
N GLN L 16 45.43 1.47 -10.10
CA GLN L 16 46.88 1.51 -10.13
C GLN L 16 47.38 1.33 -11.57
N ARG L 17 48.69 1.45 -11.73
CA ARG L 17 49.33 1.33 -13.04
C ARG L 17 50.33 0.19 -12.97
N VAL L 18 50.07 -0.87 -13.76
CA VAL L 18 50.94 -2.05 -13.81
C VAL L 18 51.78 -2.00 -15.09
N THR L 19 53.05 -2.38 -14.99
CA THR L 19 53.92 -2.49 -16.14
C THR L 19 54.52 -3.89 -16.20
N ILE L 20 54.72 -4.38 -17.41
CA ILE L 20 55.20 -5.72 -17.66
C ILE L 20 56.46 -5.63 -18.52
N SER L 21 57.55 -6.18 -18.02
CA SER L 21 58.80 -6.20 -18.77
C SER L 21 58.85 -7.37 -19.75
N CYS L 22 59.59 -7.17 -20.84
CA CYS L 22 59.80 -8.21 -21.84
C CYS L 22 61.20 -8.01 -22.39
N SER L 23 62.12 -8.92 -22.09
CA SER L 23 63.51 -8.75 -22.49
C SER L 23 63.90 -9.83 -23.50
N GLY L 24 64.62 -9.41 -24.54
CA GLY L 24 65.02 -10.29 -25.63
C GLY L 24 66.49 -10.12 -25.95
N SER L 25 66.80 -10.11 -27.24
CA SER L 25 68.18 -10.07 -27.68
C SER L 25 68.28 -9.22 -28.94
N SER L 26 69.51 -9.12 -29.45
CA SER L 26 69.81 -8.30 -30.61
C SER L 26 69.11 -8.77 -31.88
N SER L 27 68.73 -10.05 -31.98
CA SER L 27 68.17 -10.54 -33.23
C SER L 27 66.66 -10.57 -33.26
N ASN L 28 65.99 -10.52 -32.11
CA ASN L 28 64.52 -10.43 -32.15
C ASN L 28 64.05 -9.01 -31.79
N ILE L 29 63.95 -8.70 -30.50
CA ILE L 29 63.53 -7.34 -30.11
C ILE L 29 64.50 -6.32 -30.66
N GLY L 30 65.79 -6.66 -30.70
CA GLY L 30 66.81 -5.76 -31.21
C GLY L 30 66.67 -5.40 -32.67
N SER L 31 65.83 -6.11 -33.42
CA SER L 31 65.71 -5.86 -34.85
C SER L 31 64.27 -5.72 -35.35
N ASN L 32 63.29 -6.29 -34.67
CA ASN L 32 61.95 -6.42 -35.22
C ASN L 32 60.91 -5.79 -34.30
N PHE L 33 59.69 -5.69 -34.83
CA PHE L 33 58.56 -5.12 -34.10
C PHE L 33 58.12 -6.02 -32.97
N VAL L 34 57.56 -5.39 -31.94
CA VAL L 34 57.11 -6.09 -30.73
C VAL L 34 55.59 -6.02 -30.65
N TYR L 35 54.97 -7.15 -30.33
CA TYR L 35 53.52 -7.28 -30.25
C TYR L 35 53.10 -7.70 -28.84
N TRP L 36 51.89 -7.28 -28.45
CA TRP L 36 51.33 -7.65 -27.15
C TRP L 36 49.93 -8.20 -27.34
N TYR L 37 49.63 -9.29 -26.63
CA TYR L 37 48.33 -9.94 -26.68
C TYR L 37 47.78 -10.12 -25.27
N GLN L 38 46.48 -9.89 -25.12
CA GLN L 38 45.75 -10.12 -23.89
C GLN L 38 44.85 -11.34 -24.04
N GLN L 39 44.95 -12.28 -23.09
CA GLN L 39 44.13 -13.50 -23.09
C GLN L 39 43.29 -13.56 -21.82
N LEU L 40 42.00 -13.27 -21.93
CA LEU L 40 41.10 -13.48 -20.81
C LEU L 40 40.90 -14.97 -20.60
N PRO L 41 40.52 -15.36 -19.38
CA PRO L 41 40.34 -16.79 -19.09
C PRO L 41 39.29 -17.44 -19.99
N GLY L 42 39.60 -18.66 -20.44
CA GLY L 42 38.69 -19.40 -21.31
C GLY L 42 38.48 -18.80 -22.68
N THR L 43 39.44 -18.04 -23.20
CA THR L 43 39.29 -17.36 -24.48
C THR L 43 40.60 -17.35 -25.23
N ALA L 44 40.51 -17.09 -26.52
CA ALA L 44 41.69 -16.97 -27.35
C ALA L 44 42.42 -15.65 -27.08
N PRO L 45 43.71 -15.59 -27.40
CA PRO L 45 44.43 -14.32 -27.32
C PRO L 45 43.78 -13.26 -28.21
N LYS L 46 43.98 -12.01 -27.82
CA LYS L 46 43.45 -10.87 -28.54
C LYS L 46 44.55 -9.81 -28.68
N LEU L 47 44.74 -9.31 -29.89
CA LEU L 47 45.79 -8.33 -30.11
C LEU L 47 45.53 -7.07 -29.30
N LEU L 48 46.53 -6.67 -28.52
CA LEU L 48 46.46 -5.48 -27.68
C LEU L 48 47.40 -4.38 -28.16
N ILE L 49 48.64 -4.72 -28.47
CA ILE L 49 49.62 -3.78 -29.00
C ILE L 49 50.32 -4.43 -30.17
N TYR L 50 50.54 -3.65 -31.23
CA TYR L 50 51.29 -4.13 -32.38
C TYR L 50 52.30 -3.07 -32.82
N ARG L 51 53.41 -3.54 -33.39
CA ARG L 51 54.52 -2.69 -33.81
C ARG L 51 54.92 -1.74 -32.70
N ASN L 52 55.37 -2.34 -31.59
CA ASN L 52 55.93 -1.60 -30.47
C ASN L 52 54.85 -0.84 -29.70
N ASN L 53 54.08 0.04 -30.36
CA ASN L 53 53.24 0.95 -29.59
C ASN L 53 51.90 1.27 -30.22
N GLN L 54 51.49 0.55 -31.27
CA GLN L 54 50.25 0.89 -31.93
C GLN L 54 49.07 0.21 -31.23
N ARG L 55 47.97 0.94 -31.14
CA ARG L 55 46.80 0.42 -30.43
C ARG L 55 45.68 0.05 -31.40
N PRO L 56 45.33 -1.23 -31.54
CA PRO L 56 44.12 -1.60 -32.28
C PRO L 56 42.90 -0.85 -31.76
N SER L 57 41.92 -0.67 -32.64
CA SER L 57 40.67 -0.04 -32.24
C SER L 57 39.95 -0.91 -31.23
N GLY L 58 39.19 -0.27 -30.35
CA GLY L 58 38.50 -0.99 -29.30
C GLY L 58 39.36 -1.41 -28.15
N VAL L 59 40.67 -1.19 -28.21
CA VAL L 59 41.56 -1.27 -27.05
C VAL L 59 41.62 0.13 -26.47
N PRO L 60 41.33 0.35 -25.19
CA PRO L 60 41.34 1.72 -24.66
C PRO L 60 42.75 2.24 -24.42
N ASP L 61 42.83 3.57 -24.26
CA ASP L 61 44.11 4.27 -24.18
C ASP L 61 44.95 3.90 -22.96
N ARG L 62 44.35 3.24 -21.96
CA ARG L 62 45.08 2.87 -20.75
C ARG L 62 46.22 1.90 -21.03
N PHE L 63 46.17 1.18 -22.13
CA PHE L 63 47.25 0.30 -22.52
C PHE L 63 48.24 1.04 -23.41
N SER L 64 49.52 0.69 -23.26
CA SER L 64 50.60 1.47 -23.87
C SER L 64 51.84 0.60 -24.00
N GLY L 65 52.50 0.69 -25.15
CA GLY L 65 53.68 -0.13 -25.41
C GLY L 65 54.92 0.70 -25.66
N SER L 66 56.10 0.07 -25.55
CA SER L 66 57.35 0.77 -25.80
C SER L 66 58.46 -0.25 -25.99
N ARG L 67 59.51 0.17 -26.71
CA ARG L 67 60.67 -0.67 -27.04
C ARG L 67 61.93 0.09 -26.66
N SER L 68 63.01 -0.66 -26.39
CA SER L 68 64.27 -0.04 -25.99
C SER L 68 65.39 -1.06 -26.25
N GLY L 69 65.98 -1.00 -27.44
CA GLY L 69 67.04 -1.91 -27.82
C GLY L 69 66.61 -3.36 -27.84
N THR L 70 67.05 -4.14 -26.83
CA THR L 70 66.72 -5.56 -26.77
C THR L 70 65.53 -5.84 -25.87
N SER L 71 64.84 -4.81 -25.38
CA SER L 71 63.75 -4.97 -24.43
C SER L 71 62.54 -4.13 -24.82
N ALA L 72 61.36 -4.65 -24.51
CA ALA L 72 60.09 -3.96 -24.64
C ALA L 72 59.39 -3.95 -23.28
N SER L 73 58.29 -3.21 -23.18
CA SER L 73 57.50 -3.28 -21.97
C SER L 73 56.09 -2.80 -22.26
N LEU L 74 55.13 -3.29 -21.46
CA LEU L 74 53.73 -2.92 -21.57
C LEU L 74 53.26 -2.31 -20.25
N ALA L 75 52.51 -1.21 -20.36
CA ALA L 75 51.96 -0.50 -19.22
C ALA L 75 50.44 -0.54 -19.29
N ILE L 76 49.82 -1.01 -18.22
CA ILE L 76 48.38 -0.97 -18.03
C ILE L 76 48.11 0.10 -17.01
N SER L 77 47.65 1.26 -17.46
CA SER L 77 47.25 2.32 -16.56
C SER L 77 45.77 2.16 -16.19
N GLY L 78 45.40 2.73 -15.04
CA GLY L 78 44.03 2.68 -14.55
C GLY L 78 43.46 1.28 -14.44
N LEU L 79 44.04 0.46 -13.55
CA LEU L 79 43.75 -0.96 -13.53
C LEU L 79 42.30 -1.23 -13.16
N ARG L 80 41.70 -2.18 -13.87
CA ARG L 80 40.32 -2.60 -13.69
C ARG L 80 40.30 -4.12 -13.55
N SER L 81 39.19 -4.65 -13.05
CA SER L 81 39.11 -6.10 -12.82
C SER L 81 38.94 -6.87 -14.12
N GLU L 82 38.28 -6.28 -15.11
CA GLU L 82 38.24 -6.88 -16.43
C GLU L 82 39.63 -7.01 -17.05
N ASP L 83 40.65 -6.41 -16.45
CA ASP L 83 42.01 -6.53 -16.95
C ASP L 83 42.73 -7.77 -16.45
N GLU L 84 42.16 -8.52 -15.52
CA GLU L 84 42.75 -9.78 -15.08
C GLU L 84 42.82 -10.77 -16.24
N ALA L 85 44.04 -11.06 -16.69
CA ALA L 85 44.27 -11.88 -17.87
C ALA L 85 45.73 -12.26 -17.86
N ASP L 86 46.11 -13.11 -18.81
CA ASP L 86 47.51 -13.27 -19.14
C ASP L 86 47.87 -12.32 -20.28
N TYR L 87 49.09 -11.83 -20.25
CA TYR L 87 49.60 -10.93 -21.28
C TYR L 87 50.89 -11.51 -21.87
N TYR L 88 50.99 -11.46 -23.19
CA TYR L 88 52.10 -12.03 -23.92
C TYR L 88 52.73 -10.95 -24.79
N CYS L 89 54.06 -10.89 -24.79
CA CYS L 89 54.82 -10.14 -25.79
C CYS L 89 55.30 -11.09 -26.89
N ALA L 90 55.64 -10.53 -28.05
CA ALA L 90 56.10 -11.37 -29.16
C ALA L 90 56.82 -10.54 -30.21
N ALA L 91 57.72 -11.21 -30.93
CA ALA L 91 58.47 -10.61 -32.02
C ALA L 91 59.09 -11.72 -32.87
N TRP L 92 59.61 -11.32 -34.03
CA TRP L 92 60.32 -12.23 -34.94
C TRP L 92 61.81 -12.21 -34.63
N ASP L 93 62.44 -13.38 -34.70
CA ASP L 93 63.87 -13.54 -34.41
C ASP L 93 64.54 -14.06 -35.68
N ASP L 94 65.47 -13.28 -36.22
CA ASP L 94 66.12 -13.66 -37.48
C ASP L 94 67.16 -14.76 -37.31
N SER L 95 67.43 -15.19 -36.06
CA SER L 95 68.20 -16.39 -35.77
C SER L 95 67.82 -17.54 -36.69
N LEU L 96 68.85 -18.25 -37.17
CA LEU L 96 68.69 -19.60 -37.72
C LEU L 96 67.79 -19.65 -38.95
N GLY L 97 67.70 -18.54 -39.67
CA GLY L 97 66.78 -18.43 -40.78
C GLY L 97 65.42 -17.86 -40.44
N GLY L 98 65.27 -17.27 -39.26
CA GLY L 98 63.99 -16.67 -38.90
C GLY L 98 63.01 -17.62 -38.25
N HIS L 99 62.40 -17.17 -37.16
CA HIS L 99 61.32 -17.87 -36.49
C HIS L 99 60.61 -16.87 -35.58
N TYR L 100 59.30 -17.06 -35.41
CA TYR L 100 58.51 -16.22 -34.53
C TYR L 100 58.67 -16.69 -33.08
N VAL L 101 58.70 -15.73 -32.15
CA VAL L 101 58.93 -16.02 -30.74
C VAL L 101 57.86 -15.33 -29.90
N PHE L 102 57.19 -16.11 -29.05
CA PHE L 102 56.32 -15.53 -28.04
C PHE L 102 57.08 -15.37 -26.73
N GLY L 103 56.57 -14.50 -25.87
CA GLY L 103 57.11 -14.38 -24.53
C GLY L 103 56.58 -15.44 -23.58
N THR L 104 57.24 -15.54 -22.41
CA THR L 104 56.83 -16.50 -21.39
C THR L 104 55.43 -16.20 -20.84
N GLY L 105 54.98 -14.94 -20.93
CA GLY L 105 53.66 -14.54 -20.44
C GLY L 105 53.64 -14.08 -19.00
N THR L 106 52.81 -13.08 -18.71
CA THR L 106 52.63 -12.58 -17.35
C THR L 106 51.16 -12.61 -16.98
N LYS L 107 50.86 -13.17 -15.82
CA LYS L 107 49.49 -13.19 -15.32
C LYS L 107 49.28 -11.98 -14.43
N VAL L 108 48.16 -11.31 -14.64
CA VAL L 108 47.84 -10.07 -13.95
C VAL L 108 46.73 -10.36 -12.95
N THR L 109 47.00 -10.08 -11.69
CA THR L 109 46.04 -10.24 -10.61
C THR L 109 45.64 -8.88 -10.06
N VAL L 110 44.36 -8.71 -9.74
CA VAL L 110 43.85 -7.51 -9.11
C VAL L 110 43.81 -7.72 -7.61
N LEU L 111 44.41 -6.78 -6.86
CA LEU L 111 44.46 -6.85 -5.41
C LEU L 111 43.23 -6.19 -4.82
N ARG L 112 42.44 -6.96 -4.07
CA ARG L 112 41.20 -6.49 -3.46
C ARG L 112 41.26 -6.77 -1.97
N THR L 113 40.15 -6.49 -1.28
CA THR L 113 40.11 -6.69 0.16
C THR L 113 39.77 -8.14 0.49
N VAL L 114 40.18 -8.56 1.68
CA VAL L 114 39.89 -9.91 2.14
C VAL L 114 38.38 -10.11 2.14
N ALA L 115 37.93 -11.25 1.58
CA ALA L 115 36.53 -11.65 1.62
C ALA L 115 36.45 -13.12 1.99
N ALA L 116 35.61 -13.45 2.95
CA ALA L 116 35.52 -14.83 3.44
C ALA L 116 34.63 -15.66 2.53
N PRO L 117 34.85 -16.95 2.47
CA PRO L 117 34.01 -17.79 1.62
C PRO L 117 32.69 -18.14 2.30
N SER L 118 31.66 -18.27 1.47
CA SER L 118 30.44 -18.96 1.87
C SER L 118 30.60 -20.44 1.54
N VAL L 119 30.34 -21.29 2.51
CA VAL L 119 30.68 -22.69 2.42
C VAL L 119 29.40 -23.50 2.37
N PHE L 120 29.29 -24.36 1.36
CA PHE L 120 28.17 -25.28 1.20
C PHE L 120 28.70 -26.69 1.00
N ILE L 121 27.83 -27.67 1.24
CA ILE L 121 28.21 -29.08 1.15
C ILE L 121 27.06 -29.85 0.51
N PHE L 122 27.38 -30.69 -0.46
CA PHE L 122 26.38 -31.47 -1.19
C PHE L 122 26.63 -32.96 -1.00
N PRO L 123 25.73 -33.68 -0.36
CA PRO L 123 25.83 -35.14 -0.31
C PRO L 123 25.66 -35.70 -1.71
N PRO L 124 26.07 -36.93 -1.95
CA PRO L 124 25.93 -37.50 -3.29
C PRO L 124 24.48 -37.73 -3.67
N SER L 125 24.19 -37.54 -4.94
CA SER L 125 22.88 -37.84 -5.47
C SER L 125 22.60 -39.35 -5.39
N ASP L 126 21.32 -39.69 -5.36
CA ASP L 126 20.95 -41.10 -5.34
C ASP L 126 21.21 -41.77 -6.67
N GLU L 127 21.09 -41.02 -7.79
CA GLU L 127 21.42 -41.60 -9.10
C GLU L 127 22.86 -42.05 -9.16
N GLN L 128 23.79 -41.22 -8.68
CA GLN L 128 25.19 -41.64 -8.65
C GLN L 128 25.37 -42.81 -7.71
N LEU L 129 24.66 -42.82 -6.58
CA LEU L 129 24.77 -43.93 -5.66
C LEU L 129 24.32 -45.23 -6.31
N LYS L 130 23.31 -45.15 -7.17
CA LYS L 130 22.83 -46.34 -7.87
C LYS L 130 23.88 -46.91 -8.82
N SER L 131 24.88 -46.11 -9.22
CA SER L 131 25.94 -46.57 -10.09
C SER L 131 27.19 -47.01 -9.34
N GLY L 132 27.24 -46.88 -8.02
CA GLY L 132 28.30 -47.45 -7.23
C GLY L 132 29.39 -46.51 -6.73
N THR L 133 29.26 -45.20 -6.96
CA THR L 133 30.25 -44.27 -6.44
C THR L 133 29.55 -43.09 -5.78
N ALA L 134 30.21 -42.52 -4.78
CA ALA L 134 29.71 -41.39 -4.03
C ALA L 134 30.67 -40.22 -4.16
N SER L 135 30.22 -39.14 -4.77
CA SER L 135 30.97 -37.89 -4.76
C SER L 135 30.30 -36.96 -3.75
N VAL L 136 31.10 -36.47 -2.81
CA VAL L 136 30.70 -35.40 -1.90
C VAL L 136 31.41 -34.13 -2.33
N VAL L 137 30.68 -33.02 -2.42
CA VAL L 137 31.24 -31.77 -2.89
C VAL L 137 31.13 -30.71 -1.80
N CYS L 138 32.25 -30.05 -1.53
CA CYS L 138 32.31 -28.84 -0.71
C CYS L 138 32.56 -27.65 -1.65
N LEU L 139 31.81 -26.58 -1.45
CA LEU L 139 31.92 -25.40 -2.30
C LEU L 139 32.31 -24.19 -1.46
N LEU L 140 33.31 -23.46 -1.95
CA LEU L 140 33.78 -22.22 -1.33
C LEU L 140 33.55 -21.12 -2.35
N ASN L 141 32.66 -20.20 -2.03
CA ASN L 141 32.17 -19.24 -3.01
C ASN L 141 32.68 -17.84 -2.73
N ASN L 142 33.27 -17.22 -3.76
CA ASN L 142 33.58 -15.79 -3.79
C ASN L 142 34.39 -15.30 -2.58
N PHE L 143 35.70 -15.61 -2.56
CA PHE L 143 36.56 -15.36 -1.42
C PHE L 143 37.89 -14.79 -1.87
N TYR L 144 38.68 -14.32 -0.90
CA TYR L 144 39.97 -13.70 -1.21
C TYR L 144 40.79 -13.54 0.06
N PRO L 145 42.09 -13.91 0.05
CA PRO L 145 42.82 -14.34 -1.14
C PRO L 145 42.52 -15.77 -1.54
N ARG L 146 43.31 -16.29 -2.47
CA ARG L 146 43.01 -17.57 -3.07
C ARG L 146 43.47 -18.72 -2.18
N GLU L 147 44.53 -18.51 -1.40
CA GLU L 147 44.97 -19.53 -0.46
C GLU L 147 43.83 -19.91 0.47
N ALA L 148 43.54 -21.20 0.55
CA ALA L 148 42.50 -21.68 1.46
C ALA L 148 42.76 -23.14 1.76
N LYS L 149 42.47 -23.52 3.00
CA LYS L 149 42.71 -24.87 3.49
C LYS L 149 41.36 -25.56 3.62
N VAL L 150 41.19 -26.65 2.87
CA VAL L 150 39.99 -27.48 2.93
C VAL L 150 40.40 -28.88 3.35
N GLN L 151 39.69 -29.44 4.34
CA GLN L 151 39.99 -30.77 4.83
C GLN L 151 38.69 -31.53 5.01
N TRP L 152 38.70 -32.80 4.61
CA TRP L 152 37.54 -33.66 4.77
C TRP L 152 37.67 -34.51 6.03
N LYS L 153 36.56 -34.62 6.76
CA LYS L 153 36.48 -35.48 7.93
C LYS L 153 35.27 -36.39 7.78
N VAL L 154 35.50 -37.69 8.00
CA VAL L 154 34.46 -38.71 7.91
C VAL L 154 34.43 -39.43 9.24
N ASP L 155 33.32 -39.27 9.98
CA ASP L 155 33.26 -39.70 11.37
C ASP L 155 34.43 -39.14 12.15
N ASN L 156 34.75 -37.88 11.87
CA ASN L 156 35.83 -37.11 12.49
C ASN L 156 37.22 -37.66 12.19
N ALA L 157 37.33 -38.61 11.26
CA ALA L 157 38.62 -39.08 10.78
C ALA L 157 39.02 -38.27 9.56
N LEU L 158 40.26 -37.80 9.55
CA LEU L 158 40.73 -36.93 8.47
C LEU L 158 40.98 -37.76 7.23
N GLN L 159 40.32 -37.39 6.14
CA GLN L 159 40.55 -38.06 4.87
C GLN L 159 41.87 -37.62 4.27
N SER L 160 42.50 -38.53 3.52
CA SER L 160 43.79 -38.24 2.92
C SER L 160 43.92 -39.03 1.64
N GLY L 161 44.18 -38.34 0.53
CA GLY L 161 44.44 -39.01 -0.74
C GLY L 161 43.23 -39.37 -1.58
N ASN L 162 42.03 -38.95 -1.18
CA ASN L 162 40.81 -39.29 -1.90
C ASN L 162 39.99 -38.05 -2.25
N SER L 163 40.62 -36.88 -2.27
CA SER L 163 39.97 -35.62 -2.57
C SER L 163 40.72 -34.90 -3.70
N GLN L 164 39.97 -34.12 -4.49
CA GLN L 164 40.56 -33.18 -5.42
C GLN L 164 39.87 -31.83 -5.33
N GLU L 165 40.64 -30.77 -5.50
CA GLU L 165 40.03 -29.45 -5.55
C GLU L 165 40.29 -28.77 -6.88
N SER L 166 39.40 -27.83 -7.20
CA SER L 166 39.47 -27.00 -8.39
C SER L 166 39.15 -25.57 -7.98
N VAL L 167 39.79 -24.62 -8.64
CA VAL L 167 39.67 -23.20 -8.33
C VAL L 167 39.40 -22.42 -9.61
N THR L 168 38.46 -21.49 -9.54
CA THR L 168 38.21 -20.63 -10.68
C THR L 168 39.34 -19.63 -10.86
N GLU L 169 39.34 -18.99 -12.02
CA GLU L 169 40.16 -17.81 -12.20
C GLU L 169 39.51 -16.64 -11.49
N GLN L 170 40.30 -15.59 -11.26
CA GLN L 170 39.77 -14.41 -10.61
C GLN L 170 38.54 -13.91 -11.35
N ASP L 171 37.46 -13.71 -10.62
CA ASP L 171 36.24 -13.22 -11.24
C ASP L 171 36.49 -11.84 -11.84
N SER L 172 35.88 -11.59 -13.01
CA SER L 172 36.15 -10.38 -13.77
C SER L 172 35.47 -9.13 -13.21
N LYS L 173 34.45 -9.29 -12.37
CA LYS L 173 33.76 -8.18 -11.71
C LYS L 173 34.29 -7.90 -10.30
N ASP L 174 34.23 -8.89 -9.40
CA ASP L 174 34.55 -8.63 -8.01
C ASP L 174 35.92 -9.15 -7.59
N SER L 175 36.67 -9.77 -8.50
CA SER L 175 38.02 -10.25 -8.23
C SER L 175 38.08 -11.28 -7.10
N THR L 176 36.97 -11.96 -6.82
CA THR L 176 36.97 -13.07 -5.87
C THR L 176 37.34 -14.37 -6.58
N TYR L 177 37.55 -15.42 -5.79
CA TYR L 177 37.77 -16.77 -6.30
C TYR L 177 36.69 -17.69 -5.76
N SER L 178 36.55 -18.84 -6.42
CA SER L 178 35.71 -19.91 -5.90
C SER L 178 36.44 -21.24 -6.01
N LEU L 179 36.05 -22.18 -5.14
CA LEU L 179 36.79 -23.42 -4.98
C LEU L 179 35.84 -24.57 -4.67
N SER L 180 36.00 -25.67 -5.41
CA SER L 180 35.31 -26.92 -5.16
C SER L 180 36.27 -27.95 -4.57
N SER L 181 35.78 -28.77 -3.67
CA SER L 181 36.55 -29.92 -3.20
C SER L 181 35.65 -31.14 -3.28
N THR L 182 36.11 -32.17 -3.97
CA THR L 182 35.29 -33.35 -4.21
C THR L 182 35.93 -34.54 -3.49
N LEU L 183 35.20 -35.08 -2.52
CA LEU L 183 35.57 -36.32 -1.85
C LEU L 183 34.93 -37.47 -2.61
N THR L 184 35.74 -38.44 -3.04
CA THR L 184 35.24 -39.59 -3.78
C THR L 184 35.45 -40.88 -3.00
N LEU L 185 34.35 -41.57 -2.71
CA LEU L 185 34.36 -42.88 -2.07
C LEU L 185 33.49 -43.83 -2.88
N SER L 186 33.75 -45.12 -2.73
CA SER L 186 32.81 -46.11 -3.22
C SER L 186 31.49 -45.99 -2.48
N LYS L 187 30.42 -46.51 -3.10
CA LYS L 187 29.15 -46.63 -2.39
C LYS L 187 29.30 -47.47 -1.13
N ALA L 188 30.05 -48.57 -1.23
CA ALA L 188 30.23 -49.45 -0.09
C ALA L 188 30.84 -48.72 1.10
N ASP L 189 31.80 -47.83 0.84
CA ASP L 189 32.41 -47.08 1.93
C ASP L 189 31.55 -45.90 2.37
N TYR L 190 30.85 -45.28 1.43
CA TYR L 190 30.00 -44.16 1.81
C TYR L 190 28.87 -44.61 2.72
N GLU L 191 28.45 -45.86 2.62
CA GLU L 191 27.40 -46.36 3.50
C GLU L 191 27.96 -46.87 4.82
N LYS L 192 29.27 -47.09 4.91
CA LYS L 192 29.90 -47.50 6.16
C LYS L 192 30.04 -46.36 7.18
N HIS L 193 29.57 -45.15 6.88
CA HIS L 193 29.83 -43.98 7.73
C HIS L 193 28.61 -43.07 7.77
N LYS L 194 28.62 -42.15 8.75
CA LYS L 194 27.47 -41.28 9.06
C LYS L 194 27.73 -39.80 8.83
N VAL L 195 28.77 -39.24 9.46
CA VAL L 195 28.96 -37.80 9.48
C VAL L 195 30.07 -37.43 8.49
N TYR L 196 29.68 -36.75 7.41
CA TYR L 196 30.60 -36.21 6.41
C TYR L 196 30.71 -34.71 6.60
N ALA L 197 31.92 -34.23 6.91
CA ALA L 197 32.15 -32.82 7.20
C ALA L 197 33.31 -32.28 6.38
N CYS L 198 33.16 -31.05 5.88
CA CYS L 198 34.26 -30.34 5.23
CA CYS L 198 34.23 -30.31 5.20
C CYS L 198 34.61 -29.12 6.07
N GLU L 199 35.87 -29.05 6.48
CA GLU L 199 36.37 -28.01 7.36
C GLU L 199 37.27 -27.06 6.57
N VAL L 200 36.97 -25.77 6.65
CA VAL L 200 37.57 -24.74 5.82
C VAL L 200 38.29 -23.74 6.70
N THR L 201 39.54 -23.43 6.34
CA THR L 201 40.31 -22.38 6.98
C THR L 201 40.67 -21.33 5.95
N HIS L 202 40.51 -20.06 6.31
CA HIS L 202 40.78 -19.00 5.38
C HIS L 202 41.11 -17.73 6.14
N GLN L 203 41.88 -16.85 5.51
CA GLN L 203 42.26 -15.59 6.12
C GLN L 203 41.03 -14.74 6.46
N GLY L 204 39.92 -14.92 5.74
CA GLY L 204 38.71 -14.15 5.97
C GLY L 204 37.79 -14.64 7.08
N LEU L 205 38.07 -15.79 7.68
CA LEU L 205 37.22 -16.32 8.75
C LEU L 205 37.92 -16.16 10.10
N SER L 206 37.19 -15.61 11.07
CA SER L 206 37.77 -15.48 12.41
C SER L 206 38.15 -16.83 12.99
N SER L 207 37.36 -17.87 12.72
CA SER L 207 37.71 -19.22 13.11
C SER L 207 37.34 -20.17 11.97
N PRO L 208 37.99 -21.33 11.89
CA PRO L 208 37.63 -22.33 10.89
C PRO L 208 36.15 -22.67 10.91
N VAL L 209 35.61 -22.96 9.73
CA VAL L 209 34.19 -23.21 9.54
C VAL L 209 33.99 -24.63 9.03
N THR L 210 33.02 -25.33 9.60
CA THR L 210 32.74 -26.71 9.26
C THR L 210 31.31 -26.83 8.76
N LYS L 211 31.12 -27.35 7.55
CA LYS L 211 29.81 -27.75 7.06
C LYS L 211 29.76 -29.26 7.01
N SER L 212 28.64 -29.82 7.45
CA SER L 212 28.55 -31.27 7.50
C SER L 212 27.13 -31.71 7.22
N PHE L 213 26.98 -33.01 7.05
CA PHE L 213 25.68 -33.64 7.00
C PHE L 213 25.82 -35.03 7.62
N ASN L 214 24.69 -35.57 8.07
CA ASN L 214 24.58 -36.95 8.51
C ASN L 214 23.90 -37.75 7.40
N ARG L 215 24.55 -38.82 6.95
CA ARG L 215 24.08 -39.58 5.80
C ARG L 215 22.65 -40.04 5.99
N GLY L 216 21.75 -39.54 5.15
CA GLY L 216 20.32 -39.75 5.32
C GLY L 216 19.71 -38.73 6.28
N GLU L 217 19.44 -37.52 5.79
CA GLU L 217 18.87 -36.47 6.65
C GLU L 217 17.89 -35.58 5.88
#